data_9EV8
#
_entry.id   9EV8
#
_cell.length_a   1.00
_cell.length_b   1.00
_cell.length_c   1.00
_cell.angle_alpha   90.00
_cell.angle_beta   90.00
_cell.angle_gamma   90.00
#
_symmetry.space_group_name_H-M   'P 1'
#
loop_
_entity.id
_entity.type
_entity.pdbx_description
1 polymer 'Neur_chan_LBD domain-containing protein'
2 non-polymer 'CALCIUM ION'
3 non-polymer N-OCTANE
4 non-polymer DODECANE
5 non-polymer DECANE
6 non-polymer TETRADECANE
7 non-polymer 1,2-DIPALMITOYL-SN-GLYCERO-3-PHOSPHATE
8 water water
#
_entity_poly.entity_id   1
_entity_poly.type   'polypeptide(L)'
_entity_poly.pdbx_seq_one_letter_code
;MHNLQQLLPTRSLIWIFSFLTSISIWCTVAHAETEGRVQHFTGYIEDGRGIFYSLPDMKQGDIIYASMQNTGGNLDPLVG
IMAEEIDPAVSLGQVLEKALASENDLISELTAVADRIFLGWDDDGGKGYSASLEFTIPRDGTYHIFAGSTITNQRLDKFQ
PTYTTGSFQLILGLNAPQVISGEGEPEGEVFASLASLEIKPEAHVQELEIRLDKDTRYLTQHTRNLQPGDTFHALVEPIG
EAPLPRLRLTDSGGKPLAFGLIDQPGESVELNYTCDQDICELVVHVDGTDGQKDSGEAVYRLLVGINAPNLRESGQTPVG
SSVFLESDLVTVGLAVDQIVGVDQRSENFSVVGTLKLSWHDPKLGFSPDQCGCTVKSFEDASIRAVAGEINLPLPSFSFY
NQQGNRWSQNQVIFVTPDGRASYFERFTVTLQAPDFDFLAYPFDRQKFSIKVDLAVPTNMFIFNEIERFQQVVGDQLGEE
EWVVTSYSQEITEVPFERGSTNSRFTTTLLVKRNLEYYILRIFVPLFLIISVSWVIFFLKDYGRQLEVASGNLLVFVAFN
FTISGDLPRLGYLTVLDRFMIVSFCLTAIVVLISVCQKRLGAVGKQAVAAQIDTWVLVIYPLVYSLYIIWVYLRFFTDHI
GW
;
_entity_poly.pdbx_strand_id   A,B,C,D,E
#
loop_
_chem_comp.id
_chem_comp.type
_chem_comp.name
_chem_comp.formula
C14 non-polymer TETRADECANE 'C14 H30'
CA non-polymer 'CALCIUM ION' 'Ca 2'
D10 non-polymer DECANE 'C10 H22'
D12 non-polymer DODECANE 'C12 H26'
OCT non-polymer N-OCTANE 'C8 H18'
PX6 non-polymer 1,2-DIPALMITOYL-SN-GLYCERO-3-PHOSPHATE 'C35 H68 O8 P -1'
#
# COMPACT_ATOMS: atom_id res chain seq x y z
N ARG A 37 22.02 19.13 55.96
CA ARG A 37 22.92 19.86 55.07
C ARG A 37 23.15 19.06 53.79
N VAL A 38 22.45 19.43 52.72
CA VAL A 38 22.47 18.71 51.46
C VAL A 38 22.78 19.69 50.33
N GLN A 39 23.64 19.26 49.40
CA GLN A 39 24.03 20.09 48.28
C GLN A 39 24.06 19.25 47.01
N HIS A 40 23.73 19.86 45.88
CA HIS A 40 23.69 19.19 44.58
C HIS A 40 24.76 19.75 43.65
N PHE A 41 25.29 18.87 42.81
CA PHE A 41 26.27 19.24 41.80
C PHE A 41 26.01 18.44 40.53
N THR A 42 26.37 19.02 39.38
CA THR A 42 26.26 18.35 38.09
C THR A 42 27.51 18.64 37.28
N GLY A 43 27.98 17.64 36.53
CA GLY A 43 29.18 17.80 35.76
C GLY A 43 29.23 16.85 34.59
N TYR A 44 30.39 16.82 33.94
CA TYR A 44 30.63 15.96 32.77
C TYR A 44 32.03 15.38 32.87
N ILE A 45 32.17 14.10 32.54
CA ILE A 45 33.43 13.39 32.58
C ILE A 45 33.84 13.01 31.17
N GLU A 46 35.09 13.31 30.82
CA GLU A 46 35.61 13.03 29.48
C GLU A 46 36.86 12.18 29.59
N ASP A 47 36.77 10.94 29.11
CA ASP A 47 37.91 10.04 28.98
C ASP A 47 38.66 9.87 30.31
N GLY A 48 37.90 9.72 31.39
CA GLY A 48 38.49 9.49 32.70
C GLY A 48 39.29 10.65 33.24
N ARG A 49 38.74 11.86 33.13
CA ARG A 49 39.33 13.06 33.73
C ARG A 49 38.37 13.51 34.83
N GLY A 50 38.80 13.32 36.08
CA GLY A 50 37.93 13.56 37.22
C GLY A 50 37.80 15.01 37.61
N ILE A 51 36.91 15.26 38.55
CA ILE A 51 36.62 16.58 39.08
C ILE A 51 36.80 16.57 40.59
N PHE A 52 37.54 17.53 41.11
CA PHE A 52 37.77 17.66 42.54
C PHE A 52 36.78 18.65 43.15
N TYR A 53 36.30 18.32 44.35
CA TYR A 53 35.45 19.19 45.13
C TYR A 53 36.08 19.38 46.51
N SER A 54 36.05 20.62 47.00
CA SER A 54 36.72 20.98 48.24
C SER A 54 35.72 21.05 49.38
N LEU A 55 36.08 20.46 50.52
CA LEU A 55 35.29 20.50 51.74
C LEU A 55 36.06 21.26 52.82
N PRO A 56 35.92 22.58 52.86
CA PRO A 56 36.78 23.38 53.76
C PRO A 56 36.41 23.21 55.22
N ASP A 57 37.43 22.94 56.04
CA ASP A 57 37.33 22.94 57.49
C ASP A 57 36.20 22.10 58.05
N MET A 58 36.25 20.79 57.80
CA MET A 58 35.36 19.89 58.52
C MET A 58 35.86 19.69 59.94
N LYS A 59 34.95 19.28 60.82
CA LYS A 59 35.27 19.05 62.22
C LYS A 59 35.26 17.55 62.53
N GLN A 60 36.12 17.14 63.46
CA GLN A 60 36.16 15.75 63.88
C GLN A 60 34.82 15.32 64.46
N GLY A 61 34.38 14.13 64.07
CA GLY A 61 33.10 13.61 64.46
C GLY A 61 32.00 13.76 63.44
N ASP A 62 32.22 14.53 62.38
CA ASP A 62 31.23 14.68 61.33
C ASP A 62 31.18 13.43 60.46
N ILE A 63 30.02 13.21 59.83
CA ILE A 63 29.80 12.09 58.92
C ILE A 63 29.51 12.64 57.53
N ILE A 64 30.30 12.23 56.55
CA ILE A 64 30.09 12.62 55.17
C ILE A 64 29.30 11.54 54.44
N TYR A 65 28.41 11.96 53.56
CA TYR A 65 27.66 11.05 52.71
C TYR A 65 27.81 11.48 51.25
N ALA A 66 27.91 10.50 50.35
CA ALA A 66 28.07 10.78 48.93
C ALA A 66 27.25 9.80 48.12
N SER A 67 26.75 10.28 46.98
CA SER A 67 26.04 9.44 46.03
C SER A 67 26.20 10.03 44.63
N MET A 68 26.48 9.17 43.66
CA MET A 68 26.73 9.61 42.29
C MET A 68 25.97 8.70 41.34
N GLN A 69 25.16 9.31 40.48
CA GLN A 69 24.30 8.58 39.55
C GLN A 69 24.56 9.01 38.11
N ASN A 70 24.42 8.06 37.20
CA ASN A 70 24.59 8.33 35.78
C ASN A 70 23.33 8.94 35.20
N THR A 71 23.48 10.04 34.46
CA THR A 71 22.36 10.73 33.84
C THR A 71 22.46 10.79 32.32
N GLY A 72 23.45 10.15 31.73
CA GLY A 72 23.61 10.16 30.28
C GLY A 72 24.93 9.55 29.85
N GLY A 73 24.93 8.80 28.76
CA GLY A 73 26.12 8.12 28.32
C GLY A 73 26.33 6.79 29.02
N ASN A 74 27.58 6.32 28.94
CA ASN A 74 27.97 5.04 29.51
C ASN A 74 28.83 5.19 30.77
N LEU A 75 28.73 6.32 31.46
CA LEU A 75 29.58 6.59 32.61
C LEU A 75 29.35 5.59 33.73
N ASP A 76 30.44 5.13 34.34
CA ASP A 76 30.39 4.27 35.52
C ASP A 76 30.96 5.02 36.72
N PRO A 77 30.12 5.51 37.63
CA PRO A 77 30.61 6.42 38.68
C PRO A 77 31.60 5.77 39.63
N LEU A 78 32.52 6.61 40.14
CA LEU A 78 33.44 6.28 41.21
C LEU A 78 33.68 7.50 42.07
N VAL A 79 33.73 7.32 43.38
CA VAL A 79 33.91 8.42 44.33
C VAL A 79 34.97 8.05 45.35
N GLY A 80 35.81 9.02 45.71
CA GLY A 80 36.83 8.82 46.72
C GLY A 80 37.09 10.10 47.48
N ILE A 81 37.58 9.96 48.71
CA ILE A 81 37.81 11.08 49.61
C ILE A 81 39.24 11.02 50.12
N MET A 82 39.89 12.19 50.20
CA MET A 82 41.29 12.26 50.60
C MET A 82 41.57 13.64 51.18
N ALA A 83 42.70 13.74 51.90
CA ALA A 83 43.09 14.99 52.53
C ALA A 83 43.82 15.91 51.55
N GLU A 84 44.98 15.47 51.06
CA GLU A 84 45.78 16.29 50.15
C GLU A 84 45.38 16.03 48.70
N GLU A 85 45.13 17.09 47.95
CA GLU A 85 44.67 16.98 46.58
C GLU A 85 45.83 16.58 45.67
N ILE A 86 45.75 15.38 45.11
CA ILE A 86 46.70 14.89 44.12
C ILE A 86 45.92 14.23 43.00
N ASP A 87 46.37 14.43 41.76
CA ASP A 87 45.67 13.88 40.61
C ASP A 87 45.88 12.37 40.53
N PRO A 88 44.80 11.58 40.58
CA PRO A 88 44.97 10.11 40.52
C PRO A 88 45.30 9.59 39.13
N ALA A 89 45.37 10.45 38.11
CA ALA A 89 45.50 9.98 36.74
C ALA A 89 46.77 9.16 36.54
N VAL A 90 47.90 9.63 37.08
CA VAL A 90 49.17 8.94 36.88
C VAL A 90 49.14 7.56 37.52
N SER A 91 48.54 7.43 38.71
CA SER A 91 48.51 6.14 39.38
C SER A 91 47.50 5.20 38.74
N LEU A 92 46.32 5.70 38.39
CA LEU A 92 45.29 4.86 37.78
C LEU A 92 45.69 4.40 36.38
N GLY A 93 46.49 5.20 35.67
CA GLY A 93 46.92 4.80 34.34
C GLY A 93 47.73 3.52 34.33
N GLN A 94 48.55 3.30 35.37
CA GLN A 94 49.33 2.08 35.44
C GLN A 94 48.45 0.84 35.58
N VAL A 95 47.26 0.98 36.15
CA VAL A 95 46.33 -0.14 36.22
C VAL A 95 45.85 -0.54 34.83
N LEU A 96 45.53 0.45 34.00
CA LEU A 96 45.18 0.16 32.61
C LEU A 96 46.38 -0.38 31.83
N GLU A 97 47.59 0.06 32.20
CA GLU A 97 48.79 -0.44 31.52
C GLU A 97 49.04 -1.91 31.79
N LYS A 98 48.55 -2.45 32.91
CA LYS A 98 48.77 -3.85 33.25
C LYS A 98 47.62 -4.70 32.72
N ALA A 99 47.29 -4.45 31.45
CA ALA A 99 46.21 -5.20 30.81
C ALA A 99 46.77 -6.33 29.95
N ASN A 104 43.82 -12.05 39.36
CA ASN A 104 42.80 -11.02 39.46
C ASN A 104 43.32 -9.73 38.85
N ASP A 105 43.56 -9.75 37.54
CA ASP A 105 44.36 -8.73 36.86
C ASP A 105 43.72 -7.34 36.91
N LEU A 106 42.43 -7.26 37.21
CA LEU A 106 41.78 -5.95 37.21
C LEU A 106 41.26 -5.57 38.59
N ILE A 107 40.43 -6.42 39.19
CA ILE A 107 39.74 -6.05 40.43
C ILE A 107 40.73 -5.92 41.58
N SER A 108 41.64 -6.88 41.74
CA SER A 108 42.61 -6.81 42.83
C SER A 108 43.53 -5.62 42.68
N GLU A 109 44.01 -5.37 41.46
CA GLU A 109 44.89 -4.24 41.23
C GLU A 109 44.19 -2.91 41.51
N LEU A 110 42.94 -2.77 41.04
CA LEU A 110 42.20 -1.55 41.30
C LEU A 110 41.97 -1.36 42.79
N THR A 111 41.62 -2.43 43.51
CA THR A 111 41.40 -2.31 44.94
C THR A 111 42.68 -1.93 45.68
N ALA A 112 43.80 -2.54 45.30
CA ALA A 112 45.07 -2.23 45.94
C ALA A 112 45.49 -0.78 45.70
N VAL A 113 45.29 -0.29 44.49
CA VAL A 113 45.67 1.09 44.19
C VAL A 113 44.71 2.07 44.88
N ALA A 114 43.42 1.76 44.91
CA ALA A 114 42.45 2.65 45.54
C ALA A 114 42.67 2.73 47.04
N ASP A 115 42.99 1.60 47.69
CA ASP A 115 43.23 1.61 49.12
C ASP A 115 44.46 2.42 49.50
N ARG A 116 45.31 2.75 48.54
CA ARG A 116 46.46 3.62 48.76
C ARG A 116 46.14 5.08 48.44
N ILE A 117 45.46 5.31 47.31
CA ILE A 117 45.19 6.69 46.89
C ILE A 117 44.20 7.35 47.83
N PHE A 118 43.12 6.67 48.19
CA PHE A 118 42.02 7.27 48.92
C PHE A 118 41.94 6.73 50.34
N LEU A 119 41.42 7.56 51.24
CA LEU A 119 41.09 7.09 52.58
C LEU A 119 39.79 6.30 52.59
N GLY A 120 38.89 6.59 51.65
CA GLY A 120 37.63 5.88 51.54
C GLY A 120 37.03 6.01 50.15
N TRP A 121 36.32 5.00 49.69
CA TRP A 121 35.84 4.97 48.32
C TRP A 121 34.73 3.95 48.18
N ASP A 122 34.01 4.02 47.06
CA ASP A 122 32.95 3.07 46.76
C ASP A 122 32.74 3.04 45.25
N ASP A 123 32.51 1.85 44.71
CA ASP A 123 32.31 1.67 43.27
C ASP A 123 30.84 1.46 42.93
N ASP A 124 30.19 0.44 43.48
CA ASP A 124 28.87 0.00 43.02
C ASP A 124 27.93 -0.22 44.19
N GLY A 125 28.02 0.63 45.22
CA GLY A 125 27.21 0.43 46.41
C GLY A 125 25.75 0.82 46.28
N GLY A 126 25.36 1.47 45.18
CA GLY A 126 24.02 1.95 45.00
C GLY A 126 23.23 1.11 44.01
N LYS A 127 22.15 1.71 43.52
CA LYS A 127 21.27 1.03 42.56
C LYS A 127 21.99 0.94 41.22
N GLY A 128 22.31 -0.27 40.79
CA GLY A 128 23.06 -0.46 39.57
C GLY A 128 24.54 -0.24 39.80
N TYR A 129 25.16 0.57 38.94
CA TYR A 129 26.58 0.88 39.03
C TYR A 129 26.86 2.18 39.78
N SER A 130 25.84 2.75 40.42
CA SER A 130 25.99 4.00 41.15
C SER A 130 26.71 3.76 42.48
N ALA A 131 27.44 4.77 42.92
CA ALA A 131 28.23 4.69 44.14
C ALA A 131 27.54 5.39 45.31
N SER A 132 27.83 4.90 46.52
CA SER A 132 27.34 5.52 47.74
C SER A 132 28.38 5.30 48.84
N LEU A 133 28.66 6.35 49.60
CA LEU A 133 29.79 6.34 50.52
C LEU A 133 29.42 6.99 51.85
N GLU A 134 29.82 6.37 52.95
CA GLU A 134 29.76 6.93 54.28
C GLU A 134 31.17 7.02 54.86
N PHE A 135 31.54 8.18 55.39
CA PHE A 135 32.90 8.40 55.85
C PHE A 135 32.87 9.29 57.08
N THR A 136 33.37 8.76 58.21
CA THR A 136 33.48 9.54 59.43
C THR A 136 34.77 10.36 59.41
N ILE A 137 34.65 11.66 59.64
CA ILE A 137 35.77 12.58 59.57
C ILE A 137 36.78 12.25 60.66
N PRO A 138 38.00 11.81 60.29
CA PRO A 138 38.95 11.33 61.30
C PRO A 138 39.36 12.37 62.33
N ARG A 139 39.98 13.46 61.87
CA ARG A 139 40.47 14.54 62.69
C ARG A 139 39.89 15.87 62.17
N ASP A 140 40.38 16.99 62.69
CA ASP A 140 39.92 18.30 62.30
C ASP A 140 40.78 18.84 61.16
N GLY A 141 40.13 19.38 60.14
CA GLY A 141 40.82 19.92 58.98
C GLY A 141 39.91 19.92 57.77
N THR A 142 40.54 20.10 56.60
CA THR A 142 39.83 20.11 55.33
C THR A 142 40.17 18.86 54.52
N TYR A 143 39.26 18.48 53.61
CA TYR A 143 39.44 17.30 52.80
C TYR A 143 38.96 17.58 51.38
N HIS A 144 39.24 16.62 50.49
CA HIS A 144 38.88 16.71 49.08
C HIS A 144 38.05 15.49 48.67
N ILE A 145 37.06 15.72 47.80
CA ILE A 145 36.22 14.68 47.24
C ILE A 145 36.54 14.55 45.75
N PHE A 146 36.76 13.33 45.29
CA PHE A 146 37.14 13.06 43.90
C PHE A 146 36.03 12.27 43.22
N ALA A 147 35.51 12.81 42.11
CA ALA A 147 34.50 12.14 41.31
C ALA A 147 35.08 11.86 39.93
N GLY A 148 34.75 10.69 39.38
CA GLY A 148 35.33 10.29 38.12
C GLY A 148 34.79 8.98 37.63
N SER A 149 35.59 8.31 36.81
CA SER A 149 35.21 7.06 36.15
C SER A 149 36.12 5.93 36.61
N THR A 150 35.53 4.77 36.87
CA THR A 150 36.30 3.58 37.17
C THR A 150 36.74 2.88 35.88
N ILE A 151 37.49 1.79 36.04
CA ILE A 151 37.95 0.98 34.93
C ILE A 151 37.07 -0.26 34.84
N THR A 152 36.40 -0.44 33.70
CA THR A 152 35.43 -1.51 33.55
C THR A 152 35.52 -2.10 32.14
N ASN A 153 34.90 -3.26 31.98
CA ASN A 153 34.72 -3.90 30.69
C ASN A 153 33.23 -3.93 30.35
N GLN A 154 32.90 -3.64 29.09
CA GLN A 154 31.50 -3.57 28.66
C GLN A 154 31.27 -4.35 27.38
N ARG A 155 31.99 -5.46 27.18
CA ARG A 155 31.85 -6.27 25.98
C ARG A 155 31.85 -7.75 26.34
N LEU A 156 31.23 -8.56 25.50
CA LEU A 156 31.19 -10.00 25.68
C LEU A 156 31.94 -10.76 24.60
N ASP A 157 32.36 -10.11 23.51
CA ASP A 157 33.12 -10.78 22.48
C ASP A 157 34.61 -10.84 22.82
N LYS A 158 35.13 -9.80 23.48
CA LYS A 158 36.52 -9.78 23.91
C LYS A 158 36.61 -8.94 25.17
N PHE A 159 37.73 -9.09 25.88
CA PHE A 159 37.96 -8.38 27.12
C PHE A 159 38.87 -7.18 26.86
N GLN A 160 38.39 -5.99 27.21
CA GLN A 160 39.14 -4.76 26.99
C GLN A 160 38.73 -3.73 28.03
N PRO A 161 39.51 -3.57 29.10
CA PRO A 161 39.19 -2.54 30.09
C PRO A 161 39.42 -1.13 29.55
N THR A 162 38.50 -0.24 29.88
CA THR A 162 38.52 1.13 29.37
C THR A 162 37.88 2.06 30.39
N TYR A 163 38.03 3.36 30.15
CA TYR A 163 37.33 4.38 30.93
C TYR A 163 35.93 4.59 30.36
N THR A 164 35.19 5.52 30.95
CA THR A 164 33.82 5.81 30.54
C THR A 164 33.60 7.31 30.52
N THR A 165 32.59 7.74 29.76
CA THR A 165 32.28 9.15 29.57
C THR A 165 30.78 9.38 29.74
N GLY A 166 30.42 10.55 30.24
CA GLY A 166 29.03 10.90 30.38
C GLY A 166 28.81 11.97 31.42
N SER A 167 27.54 12.30 31.62
CA SER A 167 27.13 13.28 32.63
C SER A 167 26.73 12.57 33.91
N PHE A 168 26.76 13.32 35.03
CA PHE A 168 26.50 12.73 36.32
C PHE A 168 25.82 13.74 37.24
N GLN A 169 25.15 13.21 38.26
CA GLN A 169 24.54 13.98 39.33
C GLN A 169 25.16 13.55 40.65
N LEU A 170 25.65 14.50 41.43
CA LEU A 170 26.34 14.23 42.69
C LEU A 170 25.60 14.89 43.84
N ILE A 171 25.26 14.11 44.86
CA ILE A 171 24.59 14.60 46.06
C ILE A 171 25.51 14.39 47.24
N LEU A 172 25.85 15.47 47.94
CA LEU A 172 26.71 15.41 49.12
C LEU A 172 25.92 15.84 50.35
N GLY A 173 26.15 15.14 51.46
CA GLY A 173 25.48 15.44 52.71
C GLY A 173 26.46 15.47 53.87
N LEU A 174 26.11 16.25 54.89
CA LEU A 174 26.89 16.34 56.12
C LEU A 174 25.97 16.05 57.29
N ASN A 175 26.21 14.93 57.98
CA ASN A 175 25.38 14.50 59.10
C ASN A 175 23.91 14.40 58.68
N ALA A 176 23.68 13.89 57.47
CA ALA A 176 22.34 13.70 56.92
C ALA A 176 22.24 12.27 56.43
N PRO A 177 21.81 11.34 57.29
CA PRO A 177 21.83 9.92 56.92
C PRO A 177 20.88 9.54 55.80
N GLN A 178 20.02 10.45 55.35
CA GLN A 178 19.11 10.12 54.26
C GLN A 178 19.77 10.24 52.89
N VAL A 179 21.01 10.71 52.83
CA VAL A 179 21.68 10.89 51.53
C VAL A 179 21.97 9.55 50.88
N ILE A 180 22.33 8.53 51.66
CA ILE A 180 22.72 7.23 51.11
C ILE A 180 21.54 6.56 50.43
N SER A 181 20.33 7.04 50.70
CA SER A 181 19.17 6.56 49.94
C SER A 181 19.12 7.13 48.54
N GLY A 182 19.88 8.19 48.27
CA GLY A 182 19.91 8.82 46.96
C GLY A 182 18.82 9.81 46.69
N GLU A 183 17.99 10.14 47.70
CA GLU A 183 16.85 11.02 47.52
C GLU A 183 16.93 12.28 48.37
N GLY A 184 18.12 12.67 48.82
CA GLY A 184 18.24 13.82 49.70
C GLY A 184 17.97 15.13 48.97
N GLU A 185 16.99 15.90 49.45
CA GLU A 185 16.66 17.21 48.93
C GLU A 185 17.57 18.27 49.57
N PRO A 186 17.94 19.31 48.81
CA PRO A 186 18.85 20.33 49.38
C PRO A 186 18.25 21.00 50.62
N GLU A 187 19.10 21.22 51.61
CA GLU A 187 18.68 21.80 52.87
C GLU A 187 19.87 22.44 53.56
N GLY A 188 19.57 23.35 54.50
CA GLY A 188 20.62 23.94 55.30
C GLY A 188 21.48 24.92 54.52
N GLU A 189 22.67 25.18 55.08
CA GLU A 189 23.63 26.11 54.51
C GLU A 189 24.79 25.34 53.91
N VAL A 190 25.24 25.76 52.72
CA VAL A 190 26.23 25.04 51.93
C VAL A 190 27.52 24.85 52.71
N PHE A 191 28.29 23.82 52.34
CA PHE A 191 29.54 23.51 53.01
C PHE A 191 30.68 23.13 52.08
N ALA A 192 30.41 22.82 50.81
CA ALA A 192 31.43 22.44 49.85
C ALA A 192 31.27 23.25 48.58
N SER A 193 32.37 23.37 47.83
CA SER A 193 32.38 24.18 46.62
C SER A 193 33.31 23.56 45.59
N LEU A 194 33.18 24.01 44.35
CA LEU A 194 34.04 23.54 43.28
C LEU A 194 35.49 23.95 43.53
N ALA A 195 36.40 23.00 43.35
CA ALA A 195 37.82 23.26 43.58
C ALA A 195 38.46 24.02 42.42
N SER A 196 38.00 23.80 41.19
CA SER A 196 38.66 24.40 40.04
C SER A 196 38.53 25.91 40.03
N LEU A 197 37.54 26.46 40.73
CA LEU A 197 37.33 27.91 40.77
C LEU A 197 38.45 28.65 41.51
N GLU A 198 39.31 27.93 42.25
CA GLU A 198 40.35 28.57 43.02
C GLU A 198 41.55 29.00 42.18
N ILE A 199 41.65 28.48 40.95
CA ILE A 199 42.80 28.77 40.09
C ILE A 199 42.42 29.19 38.68
N LYS A 200 43.41 29.33 37.81
CA LYS A 200 43.15 29.69 36.41
C LYS A 200 42.62 28.52 35.60
N PRO A 201 41.65 28.77 34.71
CA PRO A 201 41.08 27.70 33.87
C PRO A 201 42.03 27.15 32.81
N GLU A 202 41.78 25.92 32.37
CA GLU A 202 42.65 25.30 31.38
C GLU A 202 42.34 25.84 29.98
N ALA A 203 43.39 26.26 29.28
CA ALA A 203 43.23 26.85 27.96
C ALA A 203 43.17 25.78 26.88
N HIS A 204 42.43 26.09 25.80
CA HIS A 204 42.40 25.28 24.60
C HIS A 204 42.76 26.16 23.42
N VAL A 205 43.65 25.69 22.56
CA VAL A 205 44.11 26.46 21.41
C VAL A 205 44.08 25.57 20.18
N GLN A 206 43.59 26.13 19.07
CA GLN A 206 43.52 25.38 17.82
C GLN A 206 43.84 26.33 16.66
N GLU A 207 44.55 25.81 15.67
CA GLU A 207 44.96 26.57 14.51
C GLU A 207 44.47 25.88 13.24
N LEU A 208 43.98 26.67 12.29
CA LEU A 208 43.47 26.16 11.02
C LEU A 208 43.97 27.03 9.88
N GLU A 209 44.22 26.39 8.73
CA GLU A 209 44.56 27.08 7.50
C GLU A 209 43.36 27.05 6.58
N ILE A 210 42.93 28.22 6.09
CA ILE A 210 41.73 28.32 5.28
C ILE A 210 42.06 29.10 4.01
N ARG A 211 41.33 28.80 2.94
CA ARG A 211 41.53 29.42 1.64
C ARG A 211 40.19 29.89 1.09
N LEU A 212 40.17 31.12 0.57
CA LEU A 212 38.95 31.71 0.00
C LEU A 212 39.06 31.68 -1.52
N ASP A 213 38.48 30.63 -2.11
CA ASP A 213 38.45 30.52 -3.58
C ASP A 213 37.55 31.59 -4.17
N LYS A 214 37.51 31.62 -5.51
CA LYS A 214 36.72 32.63 -6.21
C LYS A 214 35.24 32.53 -5.88
N ASP A 215 34.71 31.30 -5.82
CA ASP A 215 33.30 31.08 -5.52
C ASP A 215 33.03 30.76 -4.06
N THR A 216 34.06 30.79 -3.20
CA THR A 216 33.91 30.42 -1.80
C THR A 216 34.53 31.50 -0.91
N ARG A 217 34.12 32.74 -1.16
CA ARG A 217 34.68 33.89 -0.43
C ARG A 217 34.12 34.03 0.98
N TYR A 218 33.14 33.22 1.39
CA TYR A 218 32.54 33.31 2.71
C TYR A 218 32.68 31.96 3.41
N LEU A 219 33.11 32.00 4.67
CA LEU A 219 33.34 30.79 5.45
C LEU A 219 32.84 30.98 6.88
N THR A 220 32.24 29.91 7.43
CA THR A 220 31.71 29.93 8.79
C THR A 220 32.11 28.64 9.51
N GLN A 221 32.34 28.77 10.82
CA GLN A 221 32.69 27.64 11.66
C GLN A 221 31.94 27.72 12.98
N HIS A 222 31.57 26.56 13.52
CA HIS A 222 30.83 26.46 14.76
C HIS A 222 31.74 26.03 15.90
N THR A 223 31.54 26.63 17.07
CA THR A 223 32.34 26.37 18.25
C THR A 223 31.58 25.47 19.22
N ARG A 224 32.32 24.81 20.10
CA ARG A 224 31.70 24.06 21.19
C ARG A 224 31.08 25.03 22.20
N ASN A 225 30.26 24.48 23.09
CA ASN A 225 29.56 25.30 24.07
C ASN A 225 30.54 25.93 25.05
N LEU A 226 30.22 27.15 25.46
CA LEU A 226 31.00 27.89 26.45
C LEU A 226 30.19 28.08 27.73
N GLN A 227 30.84 27.85 28.87
CA GLN A 227 30.22 28.05 30.16
C GLN A 227 30.28 29.53 30.56
N PRO A 228 29.40 29.97 31.45
CA PRO A 228 29.43 31.38 31.87
C PRO A 228 30.75 31.73 32.56
N GLY A 229 31.23 32.94 32.28
CA GLY A 229 32.50 33.39 32.78
C GLY A 229 33.69 33.11 31.88
N ASP A 230 33.51 32.29 30.84
CA ASP A 230 34.60 31.97 29.94
C ASP A 230 34.88 33.14 29.00
N THR A 231 36.01 33.03 28.28
CA THR A 231 36.42 34.07 27.35
C THR A 231 36.84 33.42 26.03
N PHE A 232 36.73 34.18 24.95
CA PHE A 232 36.99 33.70 23.61
C PHE A 232 37.91 34.67 22.89
N HIS A 233 38.92 34.14 22.20
CA HIS A 233 39.88 34.94 21.45
C HIS A 233 40.09 34.33 20.08
N ALA A 234 40.30 35.19 19.08
CA ALA A 234 40.54 34.76 17.72
C ALA A 234 41.37 35.81 16.99
N LEU A 235 42.18 35.34 16.04
CA LEU A 235 42.99 36.24 15.23
C LEU A 235 43.26 35.58 13.88
N VAL A 236 43.51 36.41 12.87
CA VAL A 236 43.75 35.95 11.50
C VAL A 236 44.98 36.66 10.95
N GLU A 237 45.86 35.90 10.31
CA GLU A 237 47.06 36.43 9.67
C GLU A 237 47.25 35.76 8.32
N PRO A 238 47.40 36.53 7.25
CA PRO A 238 47.52 35.93 5.92
C PRO A 238 48.85 35.21 5.72
N LEU A 244 43.74 41.70 3.83
CA LEU A 244 43.14 41.36 5.11
C LEU A 244 41.64 41.23 4.98
N PRO A 245 41.05 40.09 5.34
CA PRO A 245 39.60 39.94 5.29
C PRO A 245 38.93 40.46 6.55
N ARG A 246 37.60 40.52 6.51
CA ARG A 246 36.81 40.95 7.66
C ARG A 246 36.48 39.75 8.54
N LEU A 247 36.42 40.00 9.85
CA LEU A 247 36.18 38.96 10.84
C LEU A 247 35.11 39.43 11.82
N ARG A 248 34.20 38.54 12.18
CA ARG A 248 33.14 38.86 13.12
C ARG A 248 32.65 37.60 13.81
N LEU A 249 31.97 37.79 14.95
CA LEU A 249 31.48 36.70 15.77
C LEU A 249 29.99 36.86 16.01
N THR A 250 29.22 35.79 15.77
CA THR A 250 27.79 35.77 16.01
C THR A 250 27.40 34.49 16.72
N ASP A 251 26.24 34.51 17.38
CA ASP A 251 25.71 33.31 17.99
C ASP A 251 25.06 32.42 16.93
N SER A 252 24.41 31.35 17.38
CA SER A 252 23.79 30.39 16.47
C SER A 252 22.55 30.94 15.76
N GLY A 253 22.01 32.07 16.22
CA GLY A 253 20.87 32.67 15.55
C GLY A 253 21.27 33.75 14.56
N GLY A 254 22.52 34.18 14.60
CA GLY A 254 23.00 35.25 13.77
C GLY A 254 23.14 36.59 14.46
N LYS A 255 22.83 36.69 15.74
CA LYS A 255 22.96 37.95 16.46
C LYS A 255 24.45 38.30 16.62
N PRO A 256 24.87 39.49 16.21
CA PRO A 256 26.28 39.86 16.37
C PRO A 256 26.66 40.05 17.82
N LEU A 257 27.89 39.69 18.15
CA LEU A 257 28.44 39.80 19.50
C LEU A 257 29.75 40.56 19.56
N ALA A 258 30.61 40.42 18.56
CA ALA A 258 31.87 41.14 18.52
C ALA A 258 32.31 41.32 17.08
N PHE A 259 33.19 42.29 16.86
CA PHE A 259 33.71 42.60 15.53
C PHE A 259 35.22 42.74 15.61
N GLY A 260 35.89 42.39 14.51
CA GLY A 260 37.35 42.36 14.50
C GLY A 260 37.95 43.75 14.39
N LEU A 261 39.08 43.94 15.09
CA LEU A 261 39.80 45.20 15.08
C LEU A 261 41.15 45.01 14.39
N VAL A 269 44.01 40.81 12.24
CA VAL A 269 42.75 41.25 12.84
C VAL A 269 42.44 40.34 14.03
N GLU A 270 41.96 40.93 15.12
CA GLU A 270 41.75 40.19 16.36
C GLU A 270 40.37 40.51 16.91
N LEU A 271 39.87 39.61 17.77
CA LEU A 271 38.52 39.69 18.31
C LEU A 271 38.53 39.13 19.73
N ASN A 272 37.59 39.59 20.55
CA ASN A 272 37.50 39.17 21.94
C ASN A 272 36.05 39.19 22.40
N TYR A 273 35.70 38.27 23.29
CA TYR A 273 34.35 38.18 23.81
C TYR A 273 34.38 37.48 25.17
N THR A 274 33.32 37.70 25.95
CA THR A 274 33.15 37.08 27.26
C THR A 274 31.71 36.60 27.41
N CYS A 275 31.55 35.47 28.08
CA CYS A 275 30.28 34.74 28.09
C CYS A 275 29.41 35.19 29.26
N ASP A 276 28.17 35.58 28.95
CA ASP A 276 27.23 36.00 29.97
C ASP A 276 26.11 34.99 30.21
N GLN A 277 25.62 34.32 29.17
CA GLN A 277 24.50 33.42 29.29
C GLN A 277 24.92 32.09 29.90
N ASP A 278 23.92 31.28 30.27
CA ASP A 278 24.20 29.97 30.83
C ASP A 278 24.89 29.06 29.82
N ILE A 279 24.44 29.07 28.56
CA ILE A 279 25.09 28.33 27.48
C ILE A 279 25.22 29.25 26.28
N CYS A 280 26.44 29.37 25.76
CA CYS A 280 26.71 30.19 24.58
C CYS A 280 27.24 29.31 23.46
N GLU A 281 26.60 29.39 22.31
CA GLU A 281 27.03 28.70 21.09
C GLU A 281 27.42 29.78 20.09
N LEU A 282 28.67 29.73 19.62
CA LEU A 282 29.24 30.81 18.83
C LEU A 282 29.58 30.35 17.42
N VAL A 283 29.54 31.28 16.48
CA VAL A 283 29.89 31.05 15.09
C VAL A 283 30.89 32.13 14.66
N VAL A 284 32.00 31.70 14.09
CA VAL A 284 33.05 32.61 13.62
C VAL A 284 32.88 32.81 12.12
N HIS A 285 32.80 34.07 11.70
CA HIS A 285 32.66 34.42 10.29
C HIS A 285 33.96 35.03 9.80
N VAL A 286 34.46 34.50 8.68
CA VAL A 286 35.59 35.08 7.98
C VAL A 286 35.20 35.24 6.51
N ASP A 287 35.25 36.48 6.02
CA ASP A 287 34.80 36.76 4.66
C ASP A 287 35.74 37.75 4.00
N GLY A 288 35.92 37.56 2.70
CA GLY A 288 36.71 38.49 1.89
C GLY A 288 35.93 39.03 0.73
N ALA A 298 43.83 33.11 -2.46
CA ALA A 298 44.24 33.68 -1.19
C ALA A 298 44.07 32.68 -0.05
N VAL A 299 45.05 32.62 0.84
CA VAL A 299 45.08 31.64 1.91
C VAL A 299 45.49 32.34 3.19
N TYR A 300 44.80 32.01 4.29
CA TYR A 300 44.98 32.70 5.56
C TYR A 300 45.15 31.68 6.68
N ARG A 301 45.76 32.13 7.77
CA ARG A 301 45.90 31.34 8.99
C ARG A 301 44.95 31.87 10.04
N LEU A 302 44.14 30.98 10.60
CA LEU A 302 43.18 31.32 11.64
C LEU A 302 43.59 30.65 12.93
N LEU A 303 43.72 31.44 14.00
CA LEU A 303 44.07 30.94 15.32
C LEU A 303 42.95 31.28 16.29
N VAL A 304 42.55 30.29 17.09
CA VAL A 304 41.40 30.42 17.98
C VAL A 304 41.73 29.78 19.31
N GLY A 305 41.22 30.36 20.39
CA GLY A 305 41.47 29.83 21.72
C GLY A 305 40.36 30.14 22.69
N ILE A 306 40.22 29.26 23.69
CA ILE A 306 39.29 29.44 24.79
C ILE A 306 40.10 29.55 26.07
N ASN A 307 39.83 30.61 26.84
CA ASN A 307 40.57 30.91 28.07
C ASN A 307 42.07 30.99 27.82
N ALA A 308 42.43 31.54 26.65
CA ALA A 308 43.82 31.65 26.24
C ALA A 308 44.08 33.05 25.70
N PRO A 309 44.32 34.03 26.56
CA PRO A 309 44.62 35.39 26.09
C PRO A 309 46.00 35.52 25.45
N ASN A 310 46.84 34.49 25.53
CA ASN A 310 48.20 34.53 25.00
C ASN A 310 48.30 34.03 23.57
N LEU A 311 47.23 34.14 22.78
CA LEU A 311 47.28 33.67 21.40
C LEU A 311 48.28 34.44 20.56
N ARG A 312 48.67 35.65 20.96
CA ARG A 312 49.69 36.39 20.23
C ARG A 312 51.00 35.61 20.20
N GLU A 313 51.43 35.10 21.36
CA GLU A 313 52.62 34.27 21.46
C GLU A 313 52.26 33.02 22.27
N SER A 314 51.71 32.02 21.58
CA SER A 314 51.29 30.80 22.25
C SER A 314 52.48 30.02 22.77
N GLY A 315 53.41 29.67 21.88
CA GLY A 315 54.57 28.89 22.26
C GLY A 315 54.32 27.40 22.17
N GLN A 316 53.39 26.90 22.99
CA GLN A 316 53.03 25.49 22.97
C GLN A 316 52.30 25.12 21.68
N THR A 317 52.51 23.89 21.22
CA THR A 317 51.69 23.37 20.13
C THR A 317 50.24 23.29 20.59
N PRO A 318 49.26 23.39 19.68
CA PRO A 318 47.84 23.39 20.07
C PRO A 318 47.48 22.39 21.16
N VAL A 319 46.99 22.89 22.29
CA VAL A 319 46.72 22.08 23.46
C VAL A 319 45.22 21.89 23.61
N GLY A 320 44.85 21.01 24.54
CA GLY A 320 43.44 20.80 24.84
C GLY A 320 42.57 20.19 23.77
N SER A 321 41.26 20.31 23.94
CA SER A 321 40.33 19.78 22.96
C SER A 321 40.13 20.76 21.82
N SER A 322 39.64 20.26 20.69
CA SER A 322 39.38 21.13 19.55
C SER A 322 38.34 22.17 19.91
N VAL A 323 38.54 23.40 19.42
CA VAL A 323 37.61 24.49 19.66
C VAL A 323 36.40 24.39 18.73
N PHE A 324 36.64 24.12 17.46
CA PHE A 324 35.55 23.98 16.50
C PHE A 324 35.00 22.55 16.49
N LEU A 325 33.69 22.44 16.26
CA LEU A 325 33.07 21.12 16.17
C LEU A 325 33.60 20.36 14.96
N GLU A 326 33.62 19.03 15.08
CA GLU A 326 34.13 18.15 14.06
C GLU A 326 33.01 17.28 13.49
N SER A 327 33.11 16.98 12.20
CA SER A 327 32.15 16.09 11.56
C SER A 327 32.37 14.66 11.98
N ASP A 328 31.29 13.88 12.03
CA ASP A 328 31.36 12.48 12.36
C ASP A 328 31.80 11.68 11.13
N LEU A 329 32.71 10.72 11.35
CA LEU A 329 33.34 9.97 10.27
C LEU A 329 32.60 8.66 10.04
N VAL A 330 32.29 8.35 8.78
CA VAL A 330 31.53 7.17 8.40
C VAL A 330 32.38 6.28 7.51
N THR A 331 32.34 4.97 7.77
CA THR A 331 32.97 3.97 6.93
C THR A 331 31.91 3.29 6.07
N VAL A 332 32.21 3.10 4.78
CA VAL A 332 31.23 2.60 3.83
C VAL A 332 31.85 1.48 3.00
N GLY A 333 31.00 0.56 2.56
CA GLY A 333 31.43 -0.51 1.67
C GLY A 333 30.25 -1.07 0.91
N LEU A 334 30.51 -1.54 -0.32
CA LEU A 334 29.48 -2.07 -1.19
C LEU A 334 30.02 -3.24 -1.99
N ALA A 335 29.17 -4.25 -2.22
CA ALA A 335 29.51 -5.42 -3.01
C ALA A 335 28.38 -5.73 -3.98
N VAL A 336 28.75 -6.17 -5.19
CA VAL A 336 27.79 -6.51 -6.24
C VAL A 336 27.75 -8.03 -6.39
N ASP A 337 26.54 -8.59 -6.34
CA ASP A 337 26.37 -10.03 -6.47
C ASP A 337 26.02 -10.46 -7.89
N GLN A 338 25.05 -9.79 -8.50
CA GLN A 338 24.56 -10.21 -9.82
C GLN A 338 23.91 -9.04 -10.54
N ILE A 339 24.24 -8.88 -11.82
CA ILE A 339 23.51 -7.98 -12.70
C ILE A 339 22.34 -8.76 -13.30
N VAL A 340 21.11 -8.31 -13.01
CA VAL A 340 19.93 -9.10 -13.34
C VAL A 340 19.15 -8.59 -14.54
N GLY A 341 19.57 -7.48 -15.15
CA GLY A 341 18.88 -7.01 -16.33
C GLY A 341 19.44 -5.69 -16.82
N VAL A 342 19.34 -5.50 -18.13
CA VAL A 342 19.72 -4.26 -18.80
C VAL A 342 18.64 -3.91 -19.82
N ASP A 343 18.15 -2.68 -19.78
CA ASP A 343 17.13 -2.19 -20.71
C ASP A 343 17.80 -1.19 -21.66
N GLN A 344 17.93 -1.59 -22.92
CA GLN A 344 18.68 -0.78 -23.88
C GLN A 344 17.85 0.33 -24.52
N ARG A 345 16.53 0.28 -24.40
CA ARG A 345 15.70 1.36 -24.94
C ARG A 345 15.46 2.46 -23.92
N SER A 346 15.17 2.12 -22.67
CA SER A 346 14.97 3.10 -21.62
C SER A 346 16.26 3.44 -20.88
N GLU A 347 17.36 2.75 -21.17
CA GLU A 347 18.68 3.04 -20.61
C GLU A 347 18.67 2.98 -19.08
N ASN A 348 18.42 1.77 -18.57
CA ASN A 348 18.52 1.49 -17.14
C ASN A 348 18.92 0.03 -16.95
N PHE A 349 19.43 -0.27 -15.75
CA PHE A 349 19.84 -1.62 -15.41
C PHE A 349 19.51 -1.90 -13.95
N SER A 350 19.48 -3.19 -13.62
CA SER A 350 19.13 -3.65 -12.28
C SER A 350 20.24 -4.54 -11.72
N VAL A 351 20.49 -4.42 -10.41
CA VAL A 351 21.62 -5.07 -9.77
C VAL A 351 21.24 -5.52 -8.36
N VAL A 352 21.86 -6.61 -7.91
CA VAL A 352 21.67 -7.16 -6.56
C VAL A 352 23.00 -7.06 -5.82
N GLY A 353 22.96 -6.59 -4.58
CA GLY A 353 24.19 -6.42 -3.83
C GLY A 353 23.95 -6.19 -2.35
N THR A 354 25.03 -5.81 -1.66
CA THR A 354 25.04 -5.61 -0.21
C THR A 354 25.74 -4.31 0.13
N LEU A 355 25.22 -3.61 1.15
CA LEU A 355 25.75 -2.32 1.59
C LEU A 355 25.98 -2.33 3.09
N LYS A 356 27.04 -1.64 3.53
CA LYS A 356 27.41 -1.59 4.95
C LYS A 356 27.87 -0.20 5.33
N LEU A 357 27.43 0.29 6.48
CA LEU A 357 27.83 1.57 7.04
C LEU A 357 28.22 1.40 8.50
N SER A 358 29.18 2.20 8.97
CA SER A 358 29.65 2.14 10.35
C SER A 358 30.15 3.51 10.78
N TRP A 359 29.80 3.92 12.00
CA TRP A 359 30.22 5.21 12.55
C TRP A 359 30.20 5.15 14.07
N HIS A 360 30.67 6.23 14.69
CA HIS A 360 30.80 6.33 16.14
C HIS A 360 30.12 7.59 16.63
N ASP A 361 29.26 7.45 17.64
CA ASP A 361 28.52 8.58 18.20
C ASP A 361 28.32 8.39 19.70
N PRO A 362 28.97 9.20 20.54
CA PRO A 362 28.81 9.03 21.99
C PRO A 362 27.41 9.30 22.51
N LYS A 363 26.59 10.06 21.78
CA LYS A 363 25.21 10.29 22.22
C LYS A 363 24.36 9.04 22.19
N LEU A 364 24.74 8.04 21.40
CA LEU A 364 24.00 6.80 21.32
C LEU A 364 24.37 5.81 22.41
N GLY A 365 25.38 6.12 23.22
CA GLY A 365 25.82 5.17 24.23
C GLY A 365 24.77 4.97 25.32
N PHE A 366 24.81 3.79 25.95
CA PHE A 366 23.92 3.46 27.03
C PHE A 366 24.70 2.73 28.12
N SER A 367 24.03 2.48 29.24
CA SER A 367 24.63 1.78 30.38
C SER A 367 24.06 0.37 30.45
N PRO A 368 24.91 -0.66 30.44
CA PRO A 368 24.40 -2.04 30.39
C PRO A 368 23.52 -2.42 31.56
N ASP A 369 23.80 -1.87 32.75
CA ASP A 369 23.10 -2.27 33.96
C ASP A 369 21.61 -1.89 33.95
N GLN A 370 21.17 -1.19 32.91
CA GLN A 370 19.77 -0.81 32.79
C GLN A 370 19.02 -1.74 31.82
N CYS A 371 19.73 -2.62 31.14
CA CYS A 371 19.10 -3.53 30.19
C CYS A 371 19.66 -4.94 30.33
N GLY A 372 20.80 -5.08 31.01
CA GLY A 372 21.46 -6.37 31.11
C GLY A 372 21.91 -6.93 29.79
N CYS A 373 22.23 -6.06 28.82
CA CYS A 373 22.61 -6.50 27.49
C CYS A 373 23.78 -5.66 27.00
N THR A 374 24.51 -6.22 26.03
CA THR A 374 25.64 -5.53 25.42
C THR A 374 25.32 -4.97 24.04
N VAL A 375 24.25 -5.43 23.39
CA VAL A 375 23.92 -4.98 22.04
C VAL A 375 22.44 -4.63 21.97
N LYS A 376 22.15 -3.44 21.47
CA LYS A 376 20.80 -2.96 21.24
C LYS A 376 20.57 -2.86 19.73
N SER A 377 19.42 -3.34 19.26
CA SER A 377 19.22 -3.50 17.83
C SER A 377 17.87 -2.94 17.40
N PHE A 378 17.83 -2.53 16.13
CA PHE A 378 16.60 -2.11 15.45
C PHE A 378 16.52 -2.91 14.15
N GLU A 379 15.33 -3.39 13.80
CA GLU A 379 15.17 -4.27 12.67
C GLU A 379 14.05 -3.79 11.75
N ASP A 380 14.24 -4.05 10.45
CA ASP A 380 13.23 -3.81 9.42
C ASP A 380 12.79 -2.35 9.36
N ALA A 381 13.71 -1.43 9.63
CA ALA A 381 13.40 -0.01 9.60
C ALA A 381 14.53 0.74 8.91
N SER A 382 14.15 1.78 8.16
CA SER A 382 15.13 2.64 7.54
C SER A 382 15.80 3.52 8.59
N ILE A 383 16.94 4.10 8.22
CA ILE A 383 17.68 4.97 9.14
C ILE A 383 16.84 6.21 9.47
N ARG A 384 16.06 6.69 8.51
CA ARG A 384 15.20 7.85 8.75
C ARG A 384 14.16 7.56 9.83
N ALA A 385 13.54 6.38 9.75
CA ALA A 385 12.52 6.02 10.73
C ALA A 385 13.11 5.89 12.13
N VAL A 386 14.28 5.25 12.24
CA VAL A 386 14.93 5.11 13.54
C VAL A 386 15.34 6.47 14.08
N ALA A 387 15.87 7.35 13.21
CA ALA A 387 16.24 8.69 13.63
C ALA A 387 15.04 9.47 14.15
N GLY A 388 13.89 9.33 13.48
CA GLY A 388 12.68 9.99 13.96
C GLY A 388 12.12 9.39 15.23
N GLU A 389 12.36 8.10 15.46
CA GLU A 389 11.90 7.46 16.68
C GLU A 389 12.75 7.83 17.90
N ILE A 390 14.08 7.88 17.74
CA ILE A 390 14.94 8.18 18.88
C ILE A 390 15.31 9.66 18.97
N ASN A 391 14.86 10.48 18.02
CA ASN A 391 15.08 11.93 18.05
C ASN A 391 16.56 12.29 18.11
N LEU A 392 17.37 11.60 17.32
CA LEU A 392 18.78 11.93 17.16
C LEU A 392 19.16 11.89 15.68
N PRO A 393 20.06 12.78 15.25
CA PRO A 393 20.46 12.78 13.85
C PRO A 393 21.35 11.59 13.51
N LEU A 394 21.05 10.95 12.38
CA LEU A 394 21.76 9.79 11.89
C LEU A 394 22.06 9.97 10.41
N PRO A 395 23.10 9.29 9.90
CA PRO A 395 23.49 9.47 8.48
C PRO A 395 22.63 8.67 7.50
N SER A 396 21.49 9.24 7.13
CA SER A 396 20.62 8.62 6.14
C SER A 396 21.19 8.80 4.74
N PHE A 397 20.76 7.94 3.82
CA PHE A 397 21.32 7.90 2.48
C PHE A 397 20.22 7.56 1.47
N SER A 398 20.56 7.72 0.20
CA SER A 398 19.69 7.32 -0.90
C SER A 398 20.52 7.00 -2.13
N PHE A 399 19.93 6.22 -3.04
CA PHE A 399 20.52 5.96 -4.35
C PHE A 399 20.15 7.10 -5.29
N TYR A 400 21.15 7.67 -5.98
CA TYR A 400 20.91 8.88 -6.76
C TYR A 400 19.98 8.64 -7.94
N ASN A 401 20.17 7.54 -8.67
CA ASN A 401 19.41 7.27 -9.89
C ASN A 401 18.37 6.18 -9.70
N GLN A 402 17.77 6.07 -8.51
CA GLN A 402 16.82 5.00 -8.25
C GLN A 402 15.53 5.20 -9.05
N GLN A 403 15.09 4.13 -9.70
CA GLN A 403 13.83 4.12 -10.45
C GLN A 403 12.82 3.28 -9.69
N GLY A 404 11.77 3.91 -9.17
CA GLY A 404 10.76 3.20 -8.42
C GLY A 404 11.25 2.77 -7.04
N ASN A 405 10.51 1.84 -6.45
CA ASN A 405 10.78 1.38 -5.10
C ASN A 405 11.96 0.40 -5.08
N ARG A 406 12.56 0.25 -3.90
CA ARG A 406 13.69 -0.64 -3.69
C ARG A 406 13.28 -1.79 -2.77
N TRP A 407 13.68 -3.01 -3.13
CA TRP A 407 13.44 -4.19 -2.31
C TRP A 407 14.62 -4.41 -1.37
N SER A 408 14.32 -4.60 -0.08
CA SER A 408 15.34 -4.71 0.95
C SER A 408 15.10 -5.94 1.81
N GLN A 409 16.19 -6.61 2.20
CA GLN A 409 16.14 -7.76 3.08
C GLN A 409 17.24 -7.65 4.13
N ASN A 410 17.00 -8.27 5.28
CA ASN A 410 17.97 -8.36 6.38
C ASN A 410 18.41 -6.98 6.87
N GLN A 411 17.48 -6.04 6.94
CA GLN A 411 17.79 -4.67 7.36
C GLN A 411 17.90 -4.61 8.87
N VAL A 412 19.06 -4.19 9.39
CA VAL A 412 19.29 -4.18 10.83
C VAL A 412 20.25 -3.04 11.19
N ILE A 413 20.02 -2.44 12.35
CA ILE A 413 20.92 -1.49 12.98
C ILE A 413 21.18 -1.93 14.41
N PHE A 414 22.44 -2.00 14.81
CA PHE A 414 22.76 -2.35 16.19
C PHE A 414 23.88 -1.46 16.71
N VAL A 415 23.82 -1.18 18.02
CA VAL A 415 24.68 -0.21 18.69
C VAL A 415 25.31 -0.84 19.92
N THR A 416 26.58 -0.53 20.16
CA THR A 416 27.33 -0.97 21.33
C THR A 416 27.28 0.09 22.43
N PRO A 417 27.57 -0.29 23.68
CA PRO A 417 27.51 0.70 24.77
C PRO A 417 28.46 1.88 24.59
N ASP A 418 29.60 1.69 23.93
CA ASP A 418 30.51 2.80 23.70
C ASP A 418 29.95 3.80 22.69
N GLY A 419 28.95 3.39 21.92
CA GLY A 419 28.37 4.26 20.91
C GLY A 419 28.69 3.91 19.48
N ARG A 420 29.34 2.77 19.24
CA ARG A 420 29.66 2.34 17.88
C ARG A 420 28.42 1.72 17.24
N ALA A 421 28.01 2.24 16.09
CA ALA A 421 26.80 1.80 15.40
C ALA A 421 27.16 1.32 14.00
N SER A 422 26.34 0.42 13.47
CA SER A 422 26.55 -0.12 12.13
C SER A 422 25.21 -0.46 11.49
N TYR A 423 25.18 -0.39 10.16
CA TYR A 423 24.00 -0.65 9.35
C TYR A 423 24.30 -1.71 8.30
N PHE A 424 23.33 -2.58 8.04
CA PHE A 424 23.47 -3.65 7.07
C PHE A 424 22.20 -3.77 6.24
N GLU A 425 22.36 -4.04 4.95
CA GLU A 425 21.22 -4.16 4.05
C GLU A 425 21.58 -5.00 2.83
N ARG A 426 20.63 -5.82 2.38
CA ARG A 426 20.70 -6.51 1.10
C ARG A 426 19.62 -5.94 0.19
N PHE A 427 20.02 -5.48 -1.00
CA PHE A 427 19.14 -4.68 -1.84
C PHE A 427 19.05 -5.25 -3.26
N THR A 428 17.90 -5.02 -3.89
CA THR A 428 17.71 -5.20 -5.32
C THR A 428 17.09 -3.91 -5.85
N VAL A 429 17.75 -3.27 -6.82
CA VAL A 429 17.38 -1.93 -7.24
C VAL A 429 17.57 -1.77 -8.73
N THR A 430 16.79 -0.87 -9.33
CA THR A 430 16.90 -0.49 -10.73
C THR A 430 17.38 0.94 -10.85
N LEU A 431 18.45 1.17 -11.60
CA LEU A 431 19.12 2.46 -11.68
C LEU A 431 19.11 2.98 -13.10
N GLN A 432 18.78 4.26 -13.26
CA GLN A 432 18.85 4.91 -14.57
C GLN A 432 20.30 5.12 -14.99
N ALA A 433 20.54 5.03 -16.30
CA ALA A 433 21.88 5.18 -16.85
C ALA A 433 21.84 5.88 -18.21
N PRO A 434 21.59 7.20 -18.24
CA PRO A 434 21.54 7.90 -19.53
C PRO A 434 22.89 8.00 -20.24
N ASP A 435 23.99 7.62 -19.59
CA ASP A 435 25.31 7.70 -20.20
C ASP A 435 25.56 6.59 -21.22
N PHE A 436 24.65 5.63 -21.37
CA PHE A 436 24.83 4.54 -22.33
C PHE A 436 24.99 5.09 -23.75
N ASP A 437 25.85 4.44 -24.53
CA ASP A 437 26.06 4.78 -25.93
C ASP A 437 26.24 3.50 -26.72
N PHE A 438 25.27 3.16 -27.57
CA PHE A 438 25.26 1.91 -28.31
C PHE A 438 25.62 2.11 -29.79
N LEU A 439 26.37 3.16 -30.12
CA LEU A 439 26.69 3.43 -31.53
C LEU A 439 27.56 2.31 -32.12
N ALA A 440 28.55 1.83 -31.38
CA ALA A 440 29.49 0.82 -31.85
C ALA A 440 29.00 -0.61 -31.64
N TYR A 441 27.70 -0.81 -31.47
CA TYR A 441 27.14 -2.14 -31.23
C TYR A 441 27.50 -3.08 -32.37
N PRO A 442 27.89 -4.34 -32.09
CA PRO A 442 27.98 -4.97 -30.77
C PRO A 442 29.36 -4.83 -30.10
N PHE A 443 30.23 -4.02 -30.67
CA PHE A 443 31.58 -3.83 -30.13
C PHE A 443 31.64 -2.73 -29.08
N ASP A 444 30.51 -2.32 -28.52
CA ASP A 444 30.47 -1.22 -27.57
C ASP A 444 30.98 -1.65 -26.20
N ARG A 445 31.45 -0.66 -25.43
CA ARG A 445 31.84 -0.85 -24.04
C ARG A 445 31.09 0.16 -23.19
N GLN A 446 30.61 -0.28 -22.03
CA GLN A 446 29.73 0.53 -21.19
C GLN A 446 30.25 0.58 -19.76
N LYS A 447 29.70 1.52 -18.99
CA LYS A 447 30.03 1.67 -17.58
C LYS A 447 28.75 1.57 -16.74
N PHE A 448 28.79 0.75 -15.70
CA PHE A 448 27.70 0.64 -14.74
C PHE A 448 28.13 1.35 -13.46
N SER A 449 27.48 2.48 -13.16
CA SER A 449 27.86 3.33 -12.05
C SER A 449 26.78 3.30 -10.98
N ILE A 450 27.19 3.06 -9.73
CA ILE A 450 26.29 3.02 -8.58
C ILE A 450 26.74 4.12 -7.62
N LYS A 451 25.84 5.06 -7.33
CA LYS A 451 26.15 6.23 -6.52
C LYS A 451 25.31 6.22 -5.25
N VAL A 452 25.97 6.36 -4.10
CA VAL A 452 25.31 6.45 -2.80
C VAL A 452 25.62 7.82 -2.22
N ASP A 453 24.58 8.61 -1.95
CA ASP A 453 24.73 9.98 -1.44
C ASP A 453 24.11 10.08 -0.05
N LEU A 454 24.84 10.71 0.87
CA LEU A 454 24.28 11.02 2.18
C LEU A 454 23.26 12.14 2.06
N ALA A 455 22.18 12.03 2.83
CA ALA A 455 21.11 13.02 2.83
C ALA A 455 21.31 14.10 3.90
N VAL A 456 22.55 14.34 4.31
CA VAL A 456 22.83 15.32 5.37
C VAL A 456 24.01 16.19 4.94
N PRO A 457 24.09 17.40 5.49
CA PRO A 457 25.21 18.29 5.14
C PRO A 457 26.55 17.72 5.58
N THR A 458 27.60 18.16 4.89
CA THR A 458 28.94 17.61 5.11
C THR A 458 29.49 17.98 6.49
N ASN A 459 28.96 19.02 7.12
CA ASN A 459 29.42 19.40 8.44
C ASN A 459 28.84 18.50 9.54
N MET A 460 27.89 17.64 9.20
CA MET A 460 27.33 16.69 10.16
C MET A 460 27.99 15.31 10.02
N PHE A 461 27.91 14.71 8.83
CA PHE A 461 28.50 13.41 8.57
C PHE A 461 29.23 13.45 7.24
N ILE A 462 30.31 12.68 7.12
CA ILE A 462 31.11 12.63 5.91
C ILE A 462 31.71 11.24 5.77
N PHE A 463 31.71 10.71 4.53
CA PHE A 463 32.41 9.48 4.24
C PHE A 463 33.92 9.70 4.35
N ASN A 464 34.59 8.79 5.05
CA ASN A 464 36.02 8.94 5.32
C ASN A 464 36.87 7.76 4.89
N GLU A 465 36.35 6.53 4.97
CA GLU A 465 37.11 5.33 4.63
C GLU A 465 36.26 4.37 3.83
N ILE A 466 36.93 3.51 3.07
CA ILE A 466 36.27 2.48 2.26
C ILE A 466 36.65 1.12 2.81
N GLU A 467 35.65 0.30 3.11
CA GLU A 467 35.85 -1.04 3.65
C GLU A 467 35.49 -2.08 2.60
N ARG A 468 36.40 -3.04 2.39
CA ARG A 468 36.17 -4.15 1.46
C ARG A 468 35.83 -5.40 2.27
N PHE A 469 34.56 -5.53 2.65
CA PHE A 469 34.12 -6.68 3.43
C PHE A 469 34.00 -7.95 2.60
N GLN A 470 33.80 -7.82 1.29
CA GLN A 470 33.76 -8.94 0.37
C GLN A 470 34.43 -8.54 -0.93
N GLN A 471 34.49 -9.48 -1.88
CA GLN A 471 34.85 -9.13 -3.25
C GLN A 471 33.81 -8.17 -3.82
N VAL A 472 34.30 -7.10 -4.45
CA VAL A 472 33.38 -6.10 -5.00
C VAL A 472 32.51 -6.71 -6.09
N VAL A 473 33.10 -7.52 -6.95
CA VAL A 473 32.38 -8.21 -8.02
C VAL A 473 32.45 -9.70 -7.73
N GLY A 474 31.29 -10.32 -7.53
CA GLY A 474 31.23 -11.72 -7.16
C GLY A 474 31.18 -12.64 -8.37
N ASP A 475 31.84 -13.80 -8.23
CA ASP A 475 31.84 -14.80 -9.28
C ASP A 475 30.64 -15.72 -9.15
N GLN A 476 30.07 -16.12 -10.29
CA GLN A 476 28.91 -16.99 -10.33
C GLN A 476 29.14 -18.08 -11.35
N LEU A 477 28.51 -19.24 -11.13
CA LEU A 477 28.63 -20.35 -12.07
C LEU A 477 27.92 -20.03 -13.37
N GLY A 478 28.44 -20.56 -14.47
CA GLY A 478 27.87 -20.32 -15.78
C GLY A 478 28.37 -19.03 -16.41
N GLU A 479 27.91 -18.81 -17.64
CA GLU A 479 28.27 -17.60 -18.38
C GLU A 479 27.27 -16.48 -18.11
N GLU A 480 27.70 -15.26 -18.39
CA GLU A 480 26.88 -14.07 -18.27
C GLU A 480 26.91 -13.28 -19.57
N GLU A 481 25.86 -12.50 -19.80
CA GLU A 481 25.78 -11.69 -21.02
C GLU A 481 26.84 -10.59 -21.02
N TRP A 482 27.11 -10.00 -19.86
CA TRP A 482 28.10 -8.92 -19.73
C TRP A 482 29.28 -9.41 -18.92
N VAL A 483 30.48 -9.13 -19.40
CA VAL A 483 31.73 -9.53 -18.75
C VAL A 483 32.39 -8.29 -18.16
N VAL A 484 32.69 -8.34 -16.86
CA VAL A 484 33.30 -7.21 -16.17
C VAL A 484 34.81 -7.26 -16.35
N THR A 485 35.39 -6.18 -16.85
CA THR A 485 36.83 -6.09 -17.07
C THR A 485 37.58 -5.49 -15.88
N SER A 486 37.04 -4.45 -15.27
CA SER A 486 37.69 -3.80 -14.14
C SER A 486 36.64 -3.01 -13.36
N TYR A 487 37.03 -2.55 -12.17
CA TYR A 487 36.17 -1.78 -11.30
C TYR A 487 36.98 -0.78 -10.49
N SER A 488 36.30 0.20 -9.92
CA SER A 488 36.93 1.20 -9.07
C SER A 488 35.92 1.72 -8.07
N GLN A 489 36.43 2.30 -6.97
CA GLN A 489 35.62 2.92 -5.93
C GLN A 489 36.26 4.22 -5.48
N GLU A 490 35.44 5.24 -5.27
CA GLU A 490 35.95 6.58 -5.00
C GLU A 490 34.95 7.38 -4.17
N ILE A 491 35.47 8.33 -3.40
CA ILE A 491 34.67 9.25 -2.59
C ILE A 491 34.90 10.67 -3.10
N THR A 492 33.80 11.42 -3.28
CA THR A 492 33.85 12.79 -3.76
C THR A 492 32.85 13.64 -2.99
N GLU A 493 32.75 14.91 -3.37
CA GLU A 493 31.79 15.85 -2.78
C GLU A 493 30.99 16.52 -3.88
N VAL A 494 29.70 16.70 -3.64
CA VAL A 494 28.79 17.28 -4.64
C VAL A 494 27.91 18.32 -3.99
N PRO A 495 27.48 19.32 -4.77
CA PRO A 495 26.63 20.38 -4.21
C PRO A 495 25.31 19.82 -3.68
N PHE A 496 24.83 20.43 -2.60
CA PHE A 496 23.69 19.95 -1.84
C PHE A 496 22.60 21.02 -1.80
N GLU A 497 21.35 20.57 -1.72
CA GLU A 497 20.23 21.50 -1.60
C GLU A 497 20.31 22.24 -0.27
N ARG A 498 19.82 23.49 -0.27
CA ARG A 498 20.04 24.41 0.85
C ARG A 498 21.53 24.57 1.12
N GLY A 499 22.30 24.75 0.04
CA GLY A 499 23.71 25.04 0.17
C GLY A 499 24.51 23.88 0.72
N SER A 500 25.71 24.22 1.19
CA SER A 500 26.66 23.28 1.79
C SER A 500 26.99 22.19 0.77
N THR A 501 27.29 20.99 1.25
CA THR A 501 27.79 19.92 0.41
C THR A 501 27.43 18.58 1.07
N ASN A 502 27.33 17.54 0.25
CA ASN A 502 27.07 16.19 0.74
C ASN A 502 28.06 15.22 0.10
N SER A 503 28.37 14.16 0.84
CA SER A 503 29.34 13.17 0.37
C SER A 503 28.70 12.18 -0.60
N ARG A 504 29.53 11.59 -1.46
CA ARG A 504 29.09 10.62 -2.45
C ARG A 504 30.08 9.47 -2.53
N PHE A 505 29.56 8.25 -2.58
CA PHE A 505 30.36 7.04 -2.74
C PHE A 505 29.94 6.37 -4.05
N THR A 506 30.91 6.15 -4.93
CA THR A 506 30.65 5.69 -6.29
C THR A 506 31.37 4.37 -6.57
N THR A 507 30.66 3.42 -7.15
CA THR A 507 31.23 2.18 -7.65
C THR A 507 30.97 2.08 -9.15
N THR A 508 32.02 1.83 -9.93
CA THR A 508 31.94 1.80 -11.39
C THR A 508 32.46 0.47 -11.91
N LEU A 509 31.69 -0.16 -12.79
CA LEU A 509 32.06 -1.42 -13.43
C LEU A 509 32.21 -1.22 -14.92
N LEU A 510 33.34 -1.65 -15.48
CA LEU A 510 33.56 -1.63 -16.91
C LEU A 510 33.22 -2.99 -17.50
N VAL A 511 32.31 -3.01 -18.49
CA VAL A 511 31.75 -4.25 -19.00
C VAL A 511 31.83 -4.28 -20.52
N LYS A 512 31.84 -5.49 -21.07
CA LYS A 512 31.79 -5.73 -22.50
C LYS A 512 30.95 -6.96 -22.80
N ARG A 513 30.51 -7.08 -24.04
CA ARG A 513 29.70 -8.22 -24.47
C ARG A 513 30.58 -9.40 -24.86
N ASN A 514 29.94 -10.54 -25.09
CA ASN A 514 30.62 -11.74 -25.57
C ASN A 514 30.74 -11.68 -27.08
N LEU A 515 31.97 -11.55 -27.58
CA LEU A 515 32.20 -11.32 -29.00
C LEU A 515 32.04 -12.58 -29.84
N GLU A 516 32.42 -13.74 -29.29
CA GLU A 516 32.32 -14.99 -30.03
C GLU A 516 30.90 -15.27 -30.47
N TYR A 517 29.93 -15.00 -29.58
CA TYR A 517 28.53 -15.22 -29.89
C TYR A 517 28.12 -14.49 -31.17
N TYR A 518 28.38 -13.18 -31.23
CA TYR A 518 27.99 -12.40 -32.39
C TYR A 518 28.78 -12.81 -33.63
N ILE A 519 30.09 -13.00 -33.49
CA ILE A 519 30.91 -13.35 -34.64
C ILE A 519 30.41 -14.64 -35.28
N LEU A 520 30.34 -15.72 -34.49
CA LEU A 520 29.96 -17.02 -35.02
C LEU A 520 28.51 -17.03 -35.49
N ARG A 521 27.62 -16.29 -34.82
CA ARG A 521 26.21 -16.38 -35.15
C ARG A 521 25.86 -15.55 -36.38
N ILE A 522 26.55 -14.45 -36.64
CA ILE A 522 26.17 -13.52 -37.70
C ILE A 522 27.20 -13.48 -38.82
N PHE A 523 28.47 -13.23 -38.51
CA PHE A 523 29.39 -12.76 -39.54
C PHE A 523 29.83 -13.88 -40.49
N VAL A 524 30.08 -15.08 -39.97
CA VAL A 524 30.49 -16.18 -40.83
C VAL A 524 29.41 -16.58 -41.83
N PRO A 525 28.15 -16.80 -41.43
CA PRO A 525 27.12 -17.07 -42.45
C PRO A 525 26.96 -15.96 -43.46
N LEU A 526 27.07 -14.70 -43.03
CA LEU A 526 27.00 -13.57 -43.94
C LEU A 526 28.13 -13.62 -44.96
N PHE A 527 29.34 -13.96 -44.51
CA PHE A 527 30.47 -14.09 -45.42
C PHE A 527 30.23 -15.19 -46.45
N LEU A 528 29.69 -16.33 -46.02
CA LEU A 528 29.40 -17.40 -46.97
C LEU A 528 28.34 -16.99 -47.99
N ILE A 529 27.31 -16.28 -47.53
CA ILE A 529 26.27 -15.80 -48.45
C ILE A 529 26.85 -14.84 -49.47
N ILE A 530 27.72 -13.92 -49.03
CA ILE A 530 28.37 -13.00 -49.96
C ILE A 530 29.25 -13.77 -50.95
N SER A 531 29.95 -14.80 -50.47
CA SER A 531 30.80 -15.59 -51.35
C SER A 531 30.00 -16.31 -52.42
N VAL A 532 28.78 -16.75 -52.09
CA VAL A 532 27.94 -17.41 -53.09
C VAL A 532 27.65 -16.46 -54.25
N SER A 533 27.29 -15.21 -53.94
CA SER A 533 27.03 -14.23 -54.99
C SER A 533 28.29 -13.79 -55.72
N TRP A 534 29.45 -13.90 -55.08
CA TRP A 534 30.70 -13.57 -55.76
C TRP A 534 31.13 -14.66 -56.74
N VAL A 535 30.98 -15.93 -56.37
CA VAL A 535 31.59 -17.02 -57.14
C VAL A 535 30.89 -17.24 -58.47
N ILE A 536 29.61 -16.84 -58.59
CA ILE A 536 28.83 -17.19 -59.78
C ILE A 536 29.33 -16.50 -61.05
N PHE A 537 30.18 -15.48 -60.92
CA PHE A 537 30.65 -14.77 -62.11
C PHE A 537 31.69 -15.55 -62.90
N PHE A 538 32.17 -16.68 -62.40
CA PHE A 538 33.03 -17.55 -63.20
C PHE A 538 32.24 -18.27 -64.30
N LEU A 539 30.94 -18.43 -64.11
CA LEU A 539 30.11 -19.11 -65.09
C LEU A 539 30.01 -18.29 -66.38
N LYS A 540 29.91 -18.99 -67.50
CA LYS A 540 29.70 -18.36 -68.80
C LYS A 540 28.30 -18.58 -69.34
N ASP A 541 27.45 -19.33 -68.63
CA ASP A 541 26.03 -19.45 -68.95
C ASP A 541 25.28 -18.43 -68.10
N TYR A 542 24.90 -17.31 -68.70
CA TYR A 542 24.39 -16.19 -67.93
C TYR A 542 22.98 -16.42 -67.40
N GLY A 543 22.22 -17.34 -67.97
CA GLY A 543 20.93 -17.68 -67.41
C GLY A 543 21.05 -18.34 -66.04
N ARG A 544 21.98 -19.29 -65.92
CA ARG A 544 22.23 -19.91 -64.61
C ARG A 544 22.71 -18.88 -63.61
N GLN A 545 23.60 -17.98 -64.02
CA GLN A 545 24.08 -16.93 -63.13
C GLN A 545 22.94 -16.05 -62.64
N LEU A 546 22.04 -15.66 -63.56
CA LEU A 546 20.90 -14.84 -63.17
C LEU A 546 19.99 -15.56 -62.18
N GLU A 547 19.70 -16.83 -62.45
CA GLU A 547 18.83 -17.59 -61.55
C GLU A 547 19.45 -17.75 -60.17
N VAL A 548 20.75 -18.04 -60.11
CA VAL A 548 21.40 -18.24 -58.82
C VAL A 548 21.47 -16.91 -58.05
N ALA A 549 21.71 -15.81 -58.75
CA ALA A 549 21.71 -14.50 -58.08
C ALA A 549 20.34 -14.18 -57.50
N SER A 550 19.28 -14.46 -58.28
CA SER A 550 17.93 -14.21 -57.79
C SER A 550 17.63 -15.05 -56.56
N GLY A 551 18.04 -16.31 -56.55
CA GLY A 551 17.84 -17.14 -55.38
C GLY A 551 18.65 -16.68 -54.17
N ASN A 552 19.88 -16.23 -54.41
CA ASN A 552 20.74 -15.82 -53.30
C ASN A 552 20.25 -14.54 -52.65
N LEU A 553 19.61 -13.65 -53.41
CA LEU A 553 19.02 -12.46 -52.80
C LEU A 553 17.92 -12.85 -51.81
N LEU A 554 17.06 -13.78 -52.20
CA LEU A 554 16.00 -14.25 -51.30
C LEU A 554 16.59 -14.95 -50.08
N VAL A 555 17.67 -15.73 -50.27
CA VAL A 555 18.33 -16.37 -49.14
C VAL A 555 18.88 -15.31 -48.18
N PHE A 556 19.46 -14.24 -48.72
CA PHE A 556 19.98 -13.16 -47.89
C PHE A 556 18.87 -12.53 -47.06
N VAL A 557 17.73 -12.24 -47.68
CA VAL A 557 16.62 -11.62 -46.95
C VAL A 557 16.11 -12.56 -45.86
N ALA A 558 16.02 -13.86 -46.17
CA ALA A 558 15.57 -14.83 -45.17
C ALA A 558 16.51 -14.88 -43.98
N PHE A 559 17.82 -14.90 -44.24
CA PHE A 559 18.78 -14.90 -43.13
C PHE A 559 18.68 -13.62 -42.32
N ASN A 560 18.50 -12.48 -42.99
CA ASN A 560 18.40 -11.21 -42.29
C ASN A 560 17.23 -11.21 -41.31
N PHE A 561 16.06 -11.66 -41.77
CA PHE A 561 14.93 -11.66 -40.84
C PHE A 561 15.06 -12.79 -39.83
N THR A 562 15.85 -13.82 -40.12
CA THR A 562 16.11 -14.84 -39.11
C THR A 562 16.95 -14.31 -37.96
N ILE A 563 17.91 -13.43 -38.25
CA ILE A 563 18.75 -12.84 -37.21
C ILE A 563 18.16 -11.54 -36.69
N SER A 564 17.01 -11.10 -37.23
CA SER A 564 16.34 -9.91 -36.73
C SER A 564 16.17 -9.89 -35.21
N GLY A 565 16.18 -11.06 -34.57
CA GLY A 565 16.05 -11.12 -33.12
C GLY A 565 17.20 -10.52 -32.36
N ASP A 566 18.42 -10.58 -32.92
CA ASP A 566 19.59 -9.96 -32.31
C ASP A 566 19.84 -8.55 -32.84
N LEU A 567 18.79 -7.87 -33.27
CA LEU A 567 18.91 -6.53 -33.87
C LEU A 567 18.04 -5.57 -33.08
N PRO A 568 18.61 -4.91 -32.07
CA PRO A 568 17.82 -4.01 -31.23
C PRO A 568 17.24 -2.85 -32.03
N ARG A 569 16.02 -2.47 -31.68
CA ARG A 569 15.33 -1.35 -32.33
C ARG A 569 15.46 -0.13 -31.43
N LEU A 570 16.42 0.73 -31.77
CA LEU A 570 16.73 1.91 -30.97
C LEU A 570 16.30 3.22 -31.58
N GLY A 571 15.99 3.24 -32.88
CA GLY A 571 15.67 4.46 -33.58
C GLY A 571 16.84 5.15 -34.23
N TYR A 572 18.03 4.56 -34.19
CA TYR A 572 19.20 5.12 -34.85
C TYR A 572 20.13 3.97 -35.26
N LEU A 573 21.02 4.26 -36.21
CA LEU A 573 21.80 3.22 -36.86
C LEU A 573 23.02 2.81 -36.04
N THR A 574 23.28 1.51 -36.00
CA THR A 574 24.51 0.96 -35.45
C THR A 574 25.42 0.47 -36.59
N VAL A 575 26.57 -0.10 -36.20
CA VAL A 575 27.51 -0.63 -37.19
C VAL A 575 26.89 -1.79 -37.96
N LEU A 576 26.23 -2.70 -37.23
CA LEU A 576 25.68 -3.90 -37.84
C LEU A 576 24.61 -3.56 -38.88
N ASP A 577 23.76 -2.58 -38.57
CA ASP A 577 22.72 -2.17 -39.53
C ASP A 577 23.34 -1.64 -40.81
N ARG A 578 24.38 -0.81 -40.68
CA ARG A 578 25.05 -0.28 -41.86
C ARG A 578 25.66 -1.40 -42.70
N PHE A 579 26.30 -2.37 -42.06
CA PHE A 579 26.88 -3.47 -42.80
C PHE A 579 25.81 -4.28 -43.52
N MET A 580 24.68 -4.54 -42.86
CA MET A 580 23.60 -5.28 -43.49
C MET A 580 23.05 -4.54 -44.71
N ILE A 581 22.87 -3.21 -44.58
CA ILE A 581 22.36 -2.43 -45.70
C ILE A 581 23.32 -2.48 -46.89
N VAL A 582 24.62 -2.31 -46.63
CA VAL A 582 25.59 -2.34 -47.72
C VAL A 582 25.60 -3.70 -48.41
N SER A 583 25.56 -4.77 -47.61
CA SER A 583 25.56 -6.11 -48.19
C SER A 583 24.33 -6.36 -49.04
N PHE A 584 23.15 -5.94 -48.56
CA PHE A 584 21.93 -6.09 -49.36
C PHE A 584 22.02 -5.33 -50.67
N CYS A 585 22.53 -4.09 -50.61
CA CYS A 585 22.62 -3.28 -51.83
C CYS A 585 23.53 -3.94 -52.85
N LEU A 586 24.69 -4.46 -52.41
CA LEU A 586 25.60 -5.12 -53.33
C LEU A 586 24.97 -6.39 -53.90
N THR A 587 24.24 -7.14 -53.07
CA THR A 587 23.59 -8.36 -53.56
C THR A 587 22.57 -8.05 -54.65
N ALA A 588 21.81 -6.95 -54.49
CA ALA A 588 20.85 -6.57 -55.54
C ALA A 588 21.55 -6.07 -56.81
N ILE A 589 22.65 -5.34 -56.65
CA ILE A 589 23.40 -4.87 -57.81
C ILE A 589 23.95 -6.06 -58.60
N VAL A 590 24.26 -7.16 -57.92
CA VAL A 590 24.69 -8.37 -58.63
C VAL A 590 23.60 -8.84 -59.60
N VAL A 591 22.35 -8.85 -59.15
CA VAL A 591 21.24 -9.28 -60.02
C VAL A 591 21.09 -8.33 -61.20
N LEU A 592 21.20 -7.02 -60.95
CA LEU A 592 21.10 -6.06 -62.06
C LEU A 592 22.18 -6.31 -63.10
N ILE A 593 23.43 -6.51 -62.65
CA ILE A 593 24.52 -6.75 -63.59
C ILE A 593 24.31 -8.06 -64.33
N SER A 594 23.76 -9.08 -63.66
CA SER A 594 23.48 -10.35 -64.34
C SER A 594 22.46 -10.17 -65.46
N VAL A 595 21.42 -9.37 -65.22
CA VAL A 595 20.44 -9.11 -66.27
C VAL A 595 21.10 -8.41 -67.46
N CYS A 596 21.93 -7.41 -67.17
CA CYS A 596 22.62 -6.70 -68.25
C CYS A 596 23.51 -7.64 -69.06
N GLN A 597 24.24 -8.52 -68.37
CA GLN A 597 25.11 -9.46 -69.07
C GLN A 597 24.31 -10.45 -69.91
N LYS A 598 23.16 -10.90 -69.40
CA LYS A 598 22.29 -11.78 -70.17
C LYS A 598 21.84 -11.12 -71.46
N ARG A 599 21.44 -9.84 -71.37
CA ARG A 599 21.04 -9.13 -72.58
C ARG A 599 22.20 -8.98 -73.55
N LEU A 600 23.39 -8.63 -73.04
CA LEU A 600 24.55 -8.48 -73.91
C LEU A 600 24.88 -9.78 -74.62
N GLY A 601 24.80 -10.91 -73.91
CA GLY A 601 25.01 -12.19 -74.56
C GLY A 601 23.95 -12.50 -75.59
N ALA A 602 22.70 -12.09 -75.33
CA ALA A 602 21.65 -12.29 -76.30
C ALA A 602 21.90 -11.52 -77.59
N VAL A 603 22.41 -10.29 -77.50
CA VAL A 603 22.63 -9.49 -78.70
C VAL A 603 23.91 -9.87 -79.43
N GLY A 604 24.75 -10.72 -78.85
CA GLY A 604 25.95 -11.18 -79.53
C GLY A 604 27.21 -10.43 -79.22
N LYS A 605 27.36 -9.93 -77.99
CA LYS A 605 28.54 -9.21 -77.55
C LYS A 605 29.21 -9.90 -76.36
N GLN A 606 29.45 -11.21 -76.48
CA GLN A 606 29.92 -12.01 -75.35
C GLN A 606 31.25 -11.50 -74.80
N ALA A 607 32.08 -10.87 -75.63
CA ALA A 607 33.36 -10.37 -75.16
C ALA A 607 33.19 -9.30 -74.08
N VAL A 608 32.23 -8.40 -74.27
CA VAL A 608 31.97 -7.37 -73.26
C VAL A 608 31.47 -8.01 -71.97
N ALA A 609 30.66 -9.05 -72.08
CA ALA A 609 30.18 -9.75 -70.89
C ALA A 609 31.33 -10.40 -70.14
N ALA A 610 32.28 -11.01 -70.85
CA ALA A 610 33.45 -11.58 -70.19
C ALA A 610 34.30 -10.52 -69.51
N GLN A 611 34.48 -9.37 -70.16
CA GLN A 611 35.22 -8.27 -69.54
C GLN A 611 34.52 -7.77 -68.28
N ILE A 612 33.19 -7.68 -68.31
CA ILE A 612 32.45 -7.27 -67.12
C ILE A 612 32.63 -8.29 -66.01
N ASP A 613 32.63 -9.58 -66.35
CA ASP A 613 32.85 -10.62 -65.35
C ASP A 613 34.20 -10.45 -64.66
N THR A 614 35.26 -10.23 -65.45
CA THR A 614 36.58 -10.03 -64.86
C THR A 614 36.61 -8.79 -63.97
N TRP A 615 36.00 -7.70 -64.43
CA TRP A 615 35.97 -6.48 -63.64
C TRP A 615 35.26 -6.68 -62.31
N VAL A 616 34.10 -7.35 -62.32
CA VAL A 616 33.36 -7.58 -61.09
C VAL A 616 34.15 -8.45 -60.13
N LEU A 617 34.74 -9.54 -60.64
CA LEU A 617 35.51 -10.44 -59.81
C LEU A 617 36.69 -9.73 -59.16
N VAL A 618 37.30 -8.77 -59.86
CA VAL A 618 38.39 -8.03 -59.24
C VAL A 618 37.87 -7.00 -58.24
N ILE A 619 36.77 -6.32 -58.56
CA ILE A 619 36.39 -5.11 -57.83
C ILE A 619 35.70 -5.44 -56.51
N TYR A 620 34.69 -6.30 -56.53
CA TYR A 620 33.86 -6.54 -55.32
C TYR A 620 34.58 -6.75 -53.95
N PRO A 621 35.56 -7.66 -53.86
CA PRO A 621 36.27 -7.77 -52.57
C PRO A 621 37.01 -6.50 -52.17
N LEU A 622 37.53 -5.75 -53.15
CA LEU A 622 38.16 -4.47 -52.84
C LEU A 622 37.17 -3.50 -52.22
N VAL A 623 35.95 -3.45 -52.76
CA VAL A 623 34.92 -2.57 -52.21
C VAL A 623 34.59 -2.97 -50.78
N TYR A 624 34.43 -4.27 -50.54
CA TYR A 624 34.13 -4.72 -49.17
C TYR A 624 35.25 -4.36 -48.20
N SER A 625 36.51 -4.59 -48.60
CA SER A 625 37.63 -4.28 -47.72
C SER A 625 37.72 -2.78 -47.45
N LEU A 626 37.50 -1.95 -48.48
CA LEU A 626 37.54 -0.50 -48.28
C LEU A 626 36.44 -0.04 -47.34
N TYR A 627 35.23 -0.62 -47.47
CA TYR A 627 34.16 -0.24 -46.56
C TYR A 627 34.50 -0.63 -45.12
N ILE A 628 35.09 -1.80 -44.92
CA ILE A 628 35.48 -2.20 -43.56
C ILE A 628 36.52 -1.25 -42.99
N ILE A 629 37.51 -0.87 -43.80
CA ILE A 629 38.54 0.07 -43.35
C ILE A 629 37.91 1.41 -42.97
N TRP A 630 36.99 1.90 -43.81
CA TRP A 630 36.35 3.19 -43.54
C TRP A 630 35.56 3.13 -42.24
N VAL A 631 34.81 2.04 -42.02
CA VAL A 631 34.05 1.90 -40.79
C VAL A 631 34.96 1.89 -39.57
N TYR A 632 36.07 1.15 -39.66
CA TYR A 632 37.02 1.12 -38.56
C TYR A 632 37.58 2.52 -38.26
N LEU A 633 37.92 3.26 -39.31
CA LEU A 633 38.46 4.60 -39.12
C LEU A 633 37.43 5.55 -38.49
N ARG A 634 36.18 5.47 -38.93
CA ARG A 634 35.20 6.45 -38.50
C ARG A 634 34.49 6.10 -37.19
N PHE A 635 34.61 4.86 -36.70
CA PHE A 635 33.90 4.49 -35.48
C PHE A 635 34.80 4.05 -34.33
N PHE A 636 36.06 3.71 -34.58
CA PHE A 636 36.89 3.13 -33.54
C PHE A 636 38.24 3.83 -33.36
N THR A 637 38.40 5.04 -33.87
CA THR A 637 39.62 5.80 -33.67
C THR A 637 39.40 7.29 -33.90
N ARG B 37 -0.23 47.41 40.65
CA ARG B 37 -0.75 48.08 39.46
C ARG B 37 -0.17 47.46 38.19
N VAL B 38 -0.96 46.60 37.54
CA VAL B 38 -0.51 45.83 36.38
C VAL B 38 -1.52 46.03 35.25
N GLN B 39 -1.00 46.20 34.03
CA GLN B 39 -1.83 46.43 32.86
C GLN B 39 -1.28 45.61 31.69
N HIS B 40 -2.17 45.13 30.83
CA HIS B 40 -1.81 44.32 29.67
C HIS B 40 -2.11 45.07 28.38
N PHE B 41 -1.29 44.82 27.37
CA PHE B 41 -1.47 45.38 26.04
C PHE B 41 -1.05 44.36 25.00
N THR B 42 -1.68 44.43 23.82
CA THR B 42 -1.34 43.57 22.70
C THR B 42 -1.32 44.40 21.43
N GLY B 43 -0.38 44.10 20.54
CA GLY B 43 -0.25 44.85 19.31
C GLY B 43 0.42 44.05 18.22
N TYR B 44 0.74 44.74 17.13
CA TYR B 44 1.39 44.16 15.97
C TYR B 44 2.43 45.13 15.44
N ILE B 45 3.60 44.61 15.06
CA ILE B 45 4.70 45.40 14.53
C ILE B 45 4.91 45.03 13.08
N GLU B 46 5.01 46.04 12.22
CA GLU B 46 5.20 45.84 10.79
C GLU B 46 6.44 46.59 10.34
N ASP B 47 7.46 45.83 9.92
CA ASP B 47 8.66 46.38 9.30
C ASP B 47 9.32 47.46 10.15
N GLY B 48 9.41 47.20 11.45
CA GLY B 48 10.06 48.11 12.37
C GLY B 48 9.36 49.44 12.54
N ARG B 49 8.04 49.42 12.69
CA ARG B 49 7.26 50.61 13.00
C ARG B 49 6.72 50.44 14.41
N GLY B 50 7.26 51.21 15.35
CA GLY B 50 6.96 51.03 16.75
C GLY B 50 5.64 51.65 17.17
N ILE B 51 5.29 51.37 18.43
CA ILE B 51 4.06 51.87 19.04
C ILE B 51 4.42 52.59 20.32
N PHE B 52 3.89 53.81 20.49
CA PHE B 52 4.12 54.61 21.68
C PHE B 52 2.99 54.41 22.68
N TYR B 53 3.34 54.36 23.96
CA TYR B 53 2.38 54.30 25.04
C TYR B 53 2.67 55.44 26.01
N SER B 54 1.62 56.11 26.48
CA SER B 54 1.75 57.29 27.32
C SER B 54 1.56 56.94 28.79
N LEU B 55 2.43 57.46 29.64
CA LEU B 55 2.35 57.30 31.09
C LEU B 55 2.12 58.65 31.73
N PRO B 56 0.86 59.09 31.85
CA PRO B 56 0.59 60.47 32.29
C PRO B 56 0.89 60.66 33.78
N ASP B 57 1.64 61.73 34.06
CA ASP B 57 1.88 62.23 35.41
C ASP B 57 2.37 61.17 36.40
N MET B 58 3.54 60.59 36.13
CA MET B 58 4.19 59.79 37.15
C MET B 58 4.80 60.69 38.21
N LYS B 59 5.02 60.12 39.39
CA LYS B 59 5.61 60.85 40.50
C LYS B 59 7.03 60.37 40.76
N GLN B 60 7.89 61.29 41.21
CA GLN B 60 9.26 60.95 41.55
C GLN B 60 9.29 59.89 42.64
N GLY B 61 10.17 58.90 42.47
CA GLY B 61 10.27 57.79 43.38
C GLY B 61 9.56 56.53 42.93
N ASP B 62 8.73 56.61 41.89
CA ASP B 62 8.07 55.42 41.38
C ASP B 62 9.04 54.54 40.60
N ILE B 63 8.70 53.25 40.53
CA ILE B 63 9.50 52.27 39.80
C ILE B 63 8.64 51.69 38.69
N ILE B 64 9.11 51.81 37.45
CA ILE B 64 8.41 51.24 36.30
C ILE B 64 9.00 49.88 35.98
N TYR B 65 8.14 48.94 35.58
CA TYR B 65 8.56 47.63 35.12
C TYR B 65 7.95 47.35 33.76
N ALA B 66 8.72 46.69 32.88
CA ALA B 66 8.25 46.38 31.55
C ALA B 66 8.71 44.98 31.15
N SER B 67 7.90 44.31 30.35
CA SER B 67 8.24 43.01 29.79
C SER B 67 7.50 42.83 28.48
N MET B 68 8.21 42.33 27.46
CA MET B 68 7.64 42.18 26.13
C MET B 68 8.03 40.82 25.58
N GLN B 69 7.03 40.03 25.17
CA GLN B 69 7.23 38.67 24.71
C GLN B 69 6.67 38.48 23.31
N ASN B 70 7.32 37.64 22.52
CA ASN B 70 6.86 37.33 21.17
C ASN B 70 5.76 36.29 21.21
N THR B 71 4.66 36.56 20.50
CA THR B 71 3.52 35.66 20.44
C THR B 71 3.22 35.16 19.04
N GLY B 72 4.05 35.49 18.05
CA GLY B 72 3.83 35.06 16.68
C GLY B 72 4.77 35.75 15.72
N GLY B 73 5.24 35.02 14.72
CA GLY B 73 6.21 35.57 13.79
C GLY B 73 7.63 35.51 14.31
N ASN B 74 8.48 36.31 13.68
CA ASN B 74 9.91 36.37 14.01
C ASN B 74 10.30 37.63 14.76
N LEU B 75 9.35 38.28 15.45
CA LEU B 75 9.61 39.54 16.12
C LEU B 75 10.67 39.39 17.22
N ASP B 76 11.57 40.37 17.29
CA ASP B 76 12.56 40.44 18.35
C ASP B 76 12.29 41.68 19.19
N PRO B 77 11.72 41.55 20.39
CA PRO B 77 11.25 42.72 21.14
C PRO B 77 12.36 43.67 21.55
N LEU B 78 12.00 44.96 21.63
CA LEU B 78 12.84 46.02 22.17
C LEU B 78 11.94 47.03 22.87
N VAL B 79 12.37 47.53 24.02
CA VAL B 79 11.59 48.47 24.82
C VAL B 79 12.49 49.61 25.27
N GLY B 80 11.96 50.83 25.24
CA GLY B 80 12.69 52.00 25.69
C GLY B 80 11.74 53.02 26.29
N ILE B 81 12.28 53.85 27.19
CA ILE B 81 11.48 54.84 27.91
C ILE B 81 12.13 56.22 27.74
N MET B 82 11.30 57.24 27.56
CA MET B 82 11.79 58.59 27.32
C MET B 82 10.74 59.59 27.73
N ALA B 83 11.16 60.84 27.89
CA ALA B 83 10.26 61.92 28.30
C ALA B 83 9.49 62.51 27.13
N GLU B 84 10.21 63.10 26.16
CA GLU B 84 9.56 63.72 25.02
C GLU B 84 9.40 62.72 23.88
N GLU B 85 8.19 62.64 23.34
CA GLU B 85 7.89 61.66 22.29
C GLU B 85 8.48 62.10 20.97
N ILE B 86 9.46 61.36 20.48
CA ILE B 86 10.05 61.56 19.16
C ILE B 86 10.19 60.21 18.48
N ASP B 87 9.93 60.18 17.18
CA ASP B 87 9.97 58.92 16.43
C ASP B 87 11.42 58.46 16.25
N PRO B 88 11.79 57.28 16.74
CA PRO B 88 13.17 56.83 16.60
C PRO B 88 13.52 56.34 15.20
N ALA B 89 12.56 56.33 14.27
CA ALA B 89 12.79 55.72 12.96
C ALA B 89 13.95 56.38 12.21
N VAL B 90 14.00 57.71 12.22
CA VAL B 90 15.04 58.41 11.48
C VAL B 90 16.42 58.10 12.04
N SER B 91 16.56 58.02 13.36
CA SER B 91 17.86 57.75 13.98
C SER B 91 18.26 56.29 13.81
N LEU B 92 17.31 55.36 14.02
CA LEU B 92 17.62 53.95 13.91
C LEU B 92 17.91 53.55 12.46
N GLY B 93 17.33 54.24 11.49
CA GLY B 93 17.60 53.92 10.10
C GLY B 93 19.06 54.08 9.72
N GLN B 94 19.73 55.07 10.29
CA GLN B 94 21.15 55.28 10.00
C GLN B 94 22.01 54.12 10.49
N VAL B 95 21.56 53.40 11.52
CA VAL B 95 22.29 52.22 11.98
C VAL B 95 22.23 51.12 10.91
N LEU B 96 21.05 50.92 10.32
CA LEU B 96 20.95 49.96 9.23
C LEU B 96 21.70 50.44 7.99
N GLU B 97 21.80 51.76 7.80
CA GLU B 97 22.54 52.29 6.67
C GLU B 97 24.04 52.03 6.78
N LYS B 98 24.56 51.86 7.98
CA LYS B 98 26.00 51.62 8.18
C LYS B 98 26.28 50.12 8.18
N ALA B 99 25.70 49.44 7.19
CA ALA B 99 25.90 47.99 7.06
C ALA B 99 26.97 47.68 6.03
N ASN B 104 32.94 46.69 15.69
CA ASN B 104 31.66 46.28 16.24
C ASN B 104 30.53 46.99 15.49
N ASP B 105 30.40 46.67 14.19
CA ASP B 105 29.61 47.47 13.27
C ASP B 105 28.12 47.50 13.60
N LEU B 106 27.65 46.57 14.43
CA LEU B 106 26.23 46.55 14.75
C LEU B 106 25.95 46.81 16.22
N ILE B 107 26.56 46.02 17.10
CA ILE B 107 26.21 46.10 18.52
C ILE B 107 26.64 47.42 19.14
N SER B 108 27.87 47.86 18.87
CA SER B 108 28.35 49.12 19.43
C SER B 108 27.53 50.30 18.91
N GLU B 109 27.25 50.31 17.60
CA GLU B 109 26.47 51.40 17.04
C GLU B 109 25.06 51.44 17.62
N LEU B 110 24.42 50.27 17.74
CA LEU B 110 23.08 50.24 18.32
C LEU B 110 23.10 50.72 19.77
N THR B 111 24.10 50.29 20.54
CA THR B 111 24.18 50.71 21.94
C THR B 111 24.40 52.22 22.03
N ALA B 112 25.29 52.76 21.21
CA ALA B 112 25.57 54.19 21.24
C ALA B 112 24.33 55.01 20.86
N VAL B 113 23.59 54.57 19.85
CA VAL B 113 22.39 55.30 19.45
C VAL B 113 21.30 55.18 20.51
N ALA B 114 21.14 53.98 21.08
CA ALA B 114 20.10 53.78 22.10
C ALA B 114 20.38 54.58 23.35
N ASP B 115 21.64 54.66 23.77
CA ASP B 115 21.98 55.44 24.96
C ASP B 115 21.74 56.93 24.78
N ARG B 116 21.55 57.38 23.54
CA ARG B 116 21.20 58.77 23.26
C ARG B 116 19.69 58.94 23.14
N ILE B 117 19.02 58.03 22.42
CA ILE B 117 17.59 58.17 22.18
C ILE B 117 16.79 57.98 23.47
N PHE B 118 17.13 56.97 24.25
CA PHE B 118 16.32 56.57 25.39
C PHE B 118 17.06 56.85 26.70
N LEU B 119 16.28 57.11 27.75
CA LEU B 119 16.84 57.17 29.10
C LEU B 119 17.12 55.78 29.65
N GLY B 120 16.37 54.78 29.21
CA GLY B 120 16.56 53.41 29.64
C GLY B 120 15.97 52.42 28.66
N TRP B 121 16.58 51.25 28.54
CA TRP B 121 16.18 50.30 27.51
C TRP B 121 16.71 48.92 27.85
N ASP B 122 16.18 47.91 27.16
CA ASP B 122 16.64 46.54 27.33
C ASP B 122 16.30 45.75 26.07
N ASP B 123 17.22 44.87 25.66
CA ASP B 123 17.05 44.07 24.45
C ASP B 123 16.66 42.64 24.77
N ASP B 124 17.49 41.91 25.53
CA ASP B 124 17.35 40.47 25.70
C ASP B 124 17.44 40.05 27.16
N GLY B 125 16.88 40.87 28.05
CA GLY B 125 17.00 40.59 29.47
C GLY B 125 16.11 39.48 29.99
N GLY B 126 15.18 38.98 29.19
CA GLY B 126 14.24 37.98 29.62
C GLY B 126 14.55 36.60 29.06
N LYS B 127 13.54 35.74 29.09
CA LYS B 127 13.68 34.38 28.61
C LYS B 127 13.75 34.40 27.09
N GLY B 128 14.90 34.03 26.55
CA GLY B 128 15.11 34.10 25.12
C GLY B 128 15.46 35.50 24.67
N TYR B 129 14.77 36.00 23.65
CA TYR B 129 15.01 37.33 23.11
C TYR B 129 14.05 38.37 23.69
N SER B 130 13.29 38.00 24.72
CA SER B 130 12.33 38.91 25.33
C SER B 130 13.04 39.93 26.21
N ALA B 131 12.44 41.11 26.30
CA ALA B 131 13.03 42.22 27.05
C ALA B 131 12.36 42.38 28.41
N SER B 132 13.12 42.92 29.37
CA SER B 132 12.62 43.23 30.70
C SER B 132 13.37 44.44 31.23
N LEU B 133 12.65 45.39 31.81
CA LEU B 133 13.23 46.68 32.16
C LEU B 133 12.74 47.15 33.52
N GLU B 134 13.66 47.68 34.32
CA GLU B 134 13.37 48.38 35.56
C GLU B 134 13.89 49.80 35.46
N PHE B 135 13.05 50.77 35.80
CA PHE B 135 13.40 52.18 35.62
C PHE B 135 12.80 52.99 36.75
N THR B 136 13.67 53.64 37.54
CA THR B 136 13.22 54.52 38.62
C THR B 136 12.90 55.90 38.04
N ILE B 137 11.70 56.40 38.32
CA ILE B 137 11.24 57.68 37.79
C ILE B 137 12.11 58.81 38.33
N PRO B 138 12.86 59.51 37.46
CA PRO B 138 13.81 60.52 37.95
C PRO B 138 13.19 61.67 38.71
N ARG B 139 12.32 62.42 38.04
CA ARG B 139 11.64 63.58 38.58
C ARG B 139 10.13 63.41 38.39
N ASP B 140 9.37 64.47 38.66
CA ASP B 140 7.92 64.44 38.54
C ASP B 140 7.52 64.92 37.15
N GLY B 141 6.61 64.19 36.52
CA GLY B 141 6.14 64.52 35.18
C GLY B 141 5.60 63.29 34.49
N THR B 142 5.44 63.41 33.17
CA THR B 142 4.94 62.33 32.33
C THR B 142 6.06 61.80 31.43
N TYR B 143 5.92 60.54 31.01
CA TYR B 143 6.92 59.90 30.17
C TYR B 143 6.24 59.05 29.11
N HIS B 144 7.05 58.56 28.17
CA HIS B 144 6.58 57.73 27.06
C HIS B 144 7.34 56.41 27.04
N ILE B 145 6.63 55.34 26.69
CA ILE B 145 7.20 54.01 26.53
C ILE B 145 7.13 53.64 25.05
N PHE B 146 8.25 53.16 24.52
CA PHE B 146 8.38 52.81 23.10
C PHE B 146 8.58 51.31 22.97
N ALA B 147 7.71 50.66 22.20
CA ALA B 147 7.82 49.25 21.90
C ALA B 147 8.03 49.06 20.41
N GLY B 148 8.89 48.12 20.04
CA GLY B 148 9.22 47.94 18.63
C GLY B 148 10.16 46.78 18.41
N SER B 149 10.90 46.86 17.31
CA SER B 149 11.79 45.80 16.87
C SER B 149 13.24 46.29 16.86
N THR B 150 14.14 45.44 17.34
CA THR B 150 15.56 45.73 17.25
C THR B 150 16.11 45.32 15.89
N ILE B 151 17.41 45.57 15.69
CA ILE B 151 18.11 45.20 14.47
C ILE B 151 18.93 43.95 14.76
N THR B 152 18.64 42.87 14.03
CA THR B 152 19.26 41.58 14.29
C THR B 152 19.57 40.87 12.97
N ASN B 153 20.40 39.83 13.07
CA ASN B 153 20.69 38.92 11.98
C ASN B 153 20.13 37.54 12.33
N GLN B 154 19.52 36.88 11.35
CA GLN B 154 18.89 35.58 11.56
C GLN B 154 19.29 34.56 10.49
N ARG B 155 20.51 34.66 9.99
CA ARG B 155 20.99 33.74 8.96
C ARG B 155 22.42 33.32 9.26
N LEU B 156 22.79 32.14 8.75
CA LEU B 156 24.14 31.62 8.91
C LEU B 156 24.91 31.51 7.60
N ASP B 157 24.25 31.68 6.46
CA ASP B 157 24.94 31.65 5.17
C ASP B 157 25.57 33.00 4.84
N LYS B 158 24.92 34.09 5.22
CA LYS B 158 25.46 35.43 5.00
C LYS B 158 24.95 36.34 6.10
N PHE B 159 25.61 37.48 6.26
CA PHE B 159 25.27 38.45 7.29
C PHE B 159 24.43 39.57 6.68
N GLN B 160 23.23 39.78 7.22
CA GLN B 160 22.33 40.80 6.71
C GLN B 160 21.43 41.27 7.85
N PRO B 161 21.75 42.41 8.46
CA PRO B 161 20.88 42.93 9.53
C PRO B 161 19.57 43.47 8.96
N THR B 162 18.48 43.17 9.66
CA THR B 162 17.14 43.54 9.23
C THR B 162 16.25 43.77 10.44
N TYR B 163 15.06 44.32 10.18
CA TYR B 163 14.02 44.44 11.20
C TYR B 163 13.24 43.13 11.29
N THR B 164 12.23 43.12 12.17
CA THR B 164 11.42 41.93 12.40
C THR B 164 9.95 42.33 12.50
N THR B 165 9.07 41.36 12.26
CA THR B 165 7.63 41.59 12.26
C THR B 165 6.94 40.49 13.06
N GLY B 166 5.82 40.85 13.69
CA GLY B 166 5.04 39.89 14.43
C GLY B 166 4.18 40.55 15.48
N SER B 167 3.46 39.70 16.22
CA SER B 167 2.61 40.14 17.32
C SER B 167 3.36 40.04 18.64
N PHE B 168 2.88 40.79 19.63
CA PHE B 168 3.58 40.85 20.92
C PHE B 168 2.58 41.05 22.04
N GLN B 169 3.03 40.69 23.24
CA GLN B 169 2.31 40.92 24.48
C GLN B 169 3.17 41.77 25.40
N LEU B 170 2.60 42.87 25.91
CA LEU B 170 3.33 43.83 26.73
C LEU B 170 2.67 43.93 28.10
N ILE B 171 3.46 43.74 29.15
CA ILE B 171 3.00 43.85 30.53
C ILE B 171 3.74 45.00 31.19
N LEU B 172 3.00 45.97 31.69
CA LEU B 172 3.56 47.13 32.39
C LEU B 172 3.12 47.13 33.84
N GLY B 173 4.04 47.48 34.72
CA GLY B 173 3.76 47.54 36.14
C GLY B 173 4.29 48.82 36.76
N LEU B 174 3.65 49.25 37.84
CA LEU B 174 4.06 50.42 38.61
C LEU B 174 4.22 50.00 40.07
N ASN B 175 5.46 50.04 40.56
CA ASN B 175 5.78 49.60 41.92
C ASN B 175 5.28 48.19 42.18
N ALA B 176 5.45 47.32 41.19
CA ALA B 176 5.04 45.92 41.27
C ALA B 176 6.25 45.07 40.85
N PRO B 177 7.11 44.69 41.80
CA PRO B 177 8.35 44.00 41.44
C PRO B 177 8.16 42.63 40.83
N GLN B 178 6.94 42.09 40.82
CA GLN B 178 6.73 40.77 40.23
C GLN B 178 6.60 40.83 38.71
N VAL B 179 6.58 42.01 38.12
CA VAL B 179 6.41 42.14 36.67
C VAL B 179 7.63 41.60 35.92
N ILE B 180 8.84 41.79 36.46
CA ILE B 180 10.05 41.39 35.76
C ILE B 180 10.15 39.88 35.65
N SER B 181 9.33 39.17 36.44
CA SER B 181 9.24 37.72 36.26
C SER B 181 8.43 37.36 35.02
N GLY B 182 7.67 38.30 34.47
CA GLY B 182 6.87 38.04 33.29
C GLY B 182 5.51 37.41 33.54
N GLU B 183 5.11 37.27 34.81
CA GLU B 183 3.87 36.59 35.16
C GLU B 183 2.90 37.48 35.92
N GLY B 184 3.03 38.80 35.80
CA GLY B 184 2.18 39.71 36.55
C GLY B 184 0.75 39.70 36.05
N GLU B 185 -0.21 39.39 36.92
CA GLU B 185 -1.63 39.43 36.62
C GLU B 185 -2.16 40.85 36.80
N PRO B 186 -3.13 41.27 35.99
CA PRO B 186 -3.64 42.64 36.12
C PRO B 186 -4.24 42.90 37.50
N GLU B 187 -3.96 44.08 38.03
CA GLU B 187 -4.40 44.46 39.36
C GLU B 187 -4.46 45.97 39.47
N GLY B 188 -5.23 46.45 40.45
CA GLY B 188 -5.26 47.87 40.74
C GLY B 188 -6.01 48.67 39.67
N GLU B 189 -5.72 49.97 39.66
CA GLU B 189 -6.35 50.91 38.75
C GLU B 189 -5.34 51.34 37.69
N VAL B 190 -5.80 51.41 36.44
CA VAL B 190 -4.94 51.63 35.28
C VAL B 190 -4.17 52.94 35.41
N PHE B 191 -3.03 53.03 34.72
CA PHE B 191 -2.19 54.21 34.78
C PHE B 191 -1.62 54.64 33.44
N ALA B 192 -1.66 53.78 32.41
CA ALA B 192 -1.13 54.11 31.09
C ALA B 192 -2.16 53.79 30.03
N SER B 193 -2.03 54.47 28.89
CA SER B 193 -3.00 54.31 27.81
C SER B 193 -2.29 54.43 26.46
N LEU B 194 -2.99 54.01 25.41
CA LEU B 194 -2.45 54.11 24.06
C LEU B 194 -2.28 55.58 23.67
N ALA B 195 -1.12 55.89 23.09
CA ALA B 195 -0.83 57.26 22.68
C ALA B 195 -1.52 57.64 21.38
N SER B 196 -1.69 56.68 20.46
CA SER B 196 -2.24 57.01 19.14
C SER B 196 -3.67 57.50 19.22
N LEU B 197 -4.39 57.17 20.29
CA LEU B 197 -5.78 57.58 20.44
C LEU B 197 -5.93 59.08 20.63
N GLU B 198 -4.85 59.80 20.90
CA GLU B 198 -4.93 61.24 21.16
C GLU B 198 -5.07 62.06 19.88
N ILE B 199 -4.79 61.46 18.73
CA ILE B 199 -4.80 62.19 17.46
C ILE B 199 -5.58 61.47 16.36
N LYS B 200 -5.53 62.02 15.15
CA LYS B 200 -6.21 61.39 14.01
C LYS B 200 -5.46 60.17 13.50
N PRO B 201 -6.19 59.11 13.12
CA PRO B 201 -5.56 57.89 12.61
C PRO B 201 -4.94 58.04 11.23
N GLU B 202 -3.97 57.18 10.91
CA GLU B 202 -3.28 57.26 9.63
C GLU B 202 -4.14 56.66 8.51
N ALA B 203 -4.30 57.43 7.44
CA ALA B 203 -5.14 57.00 6.33
C ALA B 203 -4.37 56.11 5.36
N HIS B 204 -5.11 55.19 4.72
CA HIS B 204 -4.60 54.37 3.64
C HIS B 204 -5.51 54.55 2.43
N VAL B 205 -4.92 54.76 1.26
CA VAL B 205 -5.67 55.00 0.04
C VAL B 205 -5.10 54.14 -1.07
N GLN B 206 -5.98 53.52 -1.85
CA GLN B 206 -5.57 52.66 -2.96
C GLN B 206 -6.53 52.85 -4.11
N GLU B 207 -5.98 52.84 -5.33
CA GLU B 207 -6.77 53.02 -6.54
C GLU B 207 -6.53 51.84 -7.48
N LEU B 208 -7.60 51.37 -8.11
CA LEU B 208 -7.54 50.25 -9.04
C LEU B 208 -8.38 50.55 -10.27
N GLU B 209 -7.92 50.05 -11.41
CA GLU B 209 -8.67 50.13 -12.66
C GLU B 209 -9.22 48.75 -12.98
N ILE B 210 -10.54 48.67 -13.20
CA ILE B 210 -11.21 47.39 -13.42
C ILE B 210 -12.04 47.46 -14.68
N ARG B 211 -12.21 46.31 -15.33
CA ARG B 211 -12.95 46.21 -16.58
C ARG B 211 -13.95 45.07 -16.49
N LEU B 212 -15.17 45.33 -16.93
CA LEU B 212 -16.25 44.33 -16.89
C LEU B 212 -16.47 43.80 -18.31
N ASP B 213 -15.81 42.68 -18.62
CA ASP B 213 -16.00 42.03 -19.91
C ASP B 213 -17.41 41.47 -20.04
N LYS B 214 -17.69 40.91 -21.22
CA LYS B 214 -19.02 40.39 -21.50
C LYS B 214 -19.38 39.24 -20.56
N ASP B 215 -18.43 38.35 -20.29
CA ASP B 215 -18.66 37.21 -19.42
C ASP B 215 -18.19 37.44 -17.99
N THR B 216 -17.71 38.64 -17.65
CA THR B 216 -17.15 38.93 -16.34
C THR B 216 -17.77 40.22 -15.79
N ARG B 217 -19.11 40.27 -15.81
CA ARG B 217 -19.82 41.47 -15.38
C ARG B 217 -19.89 41.62 -13.86
N TYR B 218 -19.41 40.64 -13.10
CA TYR B 218 -19.45 40.69 -11.63
C TYR B 218 -18.04 40.57 -11.08
N LEU B 219 -17.69 41.43 -10.14
CA LEU B 219 -16.35 41.46 -9.56
C LEU B 219 -16.44 41.67 -8.06
N THR B 220 -15.57 40.99 -7.32
CA THR B 220 -15.51 41.09 -5.86
C THR B 220 -14.06 41.20 -5.41
N GLN B 221 -13.85 41.94 -4.32
CA GLN B 221 -12.53 42.14 -3.75
C GLN B 221 -12.62 42.05 -2.23
N HIS B 222 -11.59 41.50 -1.60
CA HIS B 222 -11.53 41.35 -0.16
C HIS B 222 -10.60 42.38 0.45
N THR B 223 -11.00 42.91 1.61
CA THR B 223 -10.26 43.94 2.31
C THR B 223 -9.53 43.33 3.52
N ARG B 224 -8.49 44.04 3.97
CA ARG B 224 -7.82 43.67 5.21
C ARG B 224 -8.74 43.93 6.41
N ASN B 225 -8.36 43.38 7.55
CA ASN B 225 -9.16 43.50 8.75
C ASN B 225 -9.24 44.95 9.23
N LEU B 226 -10.39 45.34 9.75
CA LEU B 226 -10.62 46.66 10.32
C LEU B 226 -10.83 46.57 11.82
N GLN B 227 -10.19 47.46 12.55
CA GLN B 227 -10.35 47.55 14.00
C GLN B 227 -11.61 48.34 14.35
N PRO B 228 -12.17 48.12 15.54
CA PRO B 228 -13.37 48.87 15.93
C PRO B 228 -13.10 50.37 15.98
N GLY B 229 -14.11 51.14 15.54
CA GLY B 229 -13.99 52.58 15.44
C GLY B 229 -13.47 53.09 14.11
N ASP B 230 -12.97 52.20 13.24
CA ASP B 230 -12.47 52.63 11.95
C ASP B 230 -13.62 52.95 11.00
N THR B 231 -13.27 53.57 9.87
CA THR B 231 -14.25 53.95 8.86
C THR B 231 -13.75 53.52 7.49
N PHE B 232 -14.69 53.30 6.57
CA PHE B 232 -14.40 52.80 5.24
C PHE B 232 -15.10 53.66 4.21
N HIS B 233 -14.40 54.02 3.14
CA HIS B 233 -14.94 54.83 2.07
C HIS B 233 -14.56 54.22 0.72
N ALA B 234 -15.46 54.35 -0.25
CA ALA B 234 -15.23 53.83 -1.59
C ALA B 234 -16.03 54.65 -2.58
N LEU B 235 -15.51 54.77 -3.81
CA LEU B 235 -16.19 55.47 -4.88
C LEU B 235 -15.75 54.90 -6.22
N VAL B 236 -16.62 55.04 -7.23
CA VAL B 236 -16.37 54.53 -8.56
C VAL B 236 -16.69 55.61 -9.58
N GLU B 237 -15.80 55.78 -10.56
CA GLU B 237 -15.99 56.73 -11.64
C GLU B 237 -15.55 56.09 -12.95
N PRO B 238 -16.42 56.10 -13.96
CA PRO B 238 -16.06 55.43 -15.23
C PRO B 238 -14.97 56.19 -15.99
N LEU B 244 -23.07 53.75 -15.37
CA LEU B 244 -22.72 53.62 -13.96
C LEU B 244 -23.15 52.26 -13.43
N PRO B 245 -22.24 51.48 -12.86
CA PRO B 245 -22.61 50.19 -12.29
C PRO B 245 -23.10 50.34 -10.85
N ARG B 246 -23.62 49.24 -10.31
CA ARG B 246 -24.08 49.21 -8.92
C ARG B 246 -22.93 48.81 -7.99
N LEU B 247 -22.93 49.38 -6.79
CA LEU B 247 -21.87 49.16 -5.81
C LEU B 247 -22.50 48.84 -4.46
N ARG B 248 -21.93 47.86 -3.75
CA ARG B 248 -22.43 47.49 -2.43
C ARG B 248 -21.30 46.87 -1.62
N LEU B 249 -21.51 46.82 -0.30
CA LEU B 249 -20.51 46.31 0.64
C LEU B 249 -21.15 45.23 1.50
N THR B 250 -20.47 44.09 1.61
CA THR B 250 -20.91 42.98 2.44
C THR B 250 -19.73 42.43 3.23
N ASP B 251 -20.03 41.73 4.33
CA ASP B 251 -18.99 41.06 5.09
C ASP B 251 -18.60 39.76 4.40
N SER B 252 -17.68 39.04 5.02
CA SER B 252 -17.15 37.79 4.45
C SER B 252 -18.19 36.71 4.27
N GLY B 253 -19.19 36.66 5.13
CA GLY B 253 -20.28 35.72 4.93
C GLY B 253 -20.98 36.32 3.74
N GLY B 254 -21.45 37.56 3.91
CA GLY B 254 -22.09 38.27 2.82
C GLY B 254 -23.19 39.19 3.29
N LYS B 255 -23.60 39.13 4.55
CA LYS B 255 -24.62 40.02 5.08
C LYS B 255 -24.35 41.46 4.67
N PRO B 256 -25.31 42.09 3.95
CA PRO B 256 -25.13 43.46 3.49
C PRO B 256 -24.90 44.42 4.64
N LEU B 257 -24.07 45.45 4.38
CA LEU B 257 -23.73 46.46 5.37
C LEU B 257 -23.98 47.88 4.86
N ALA B 258 -23.73 48.15 3.58
CA ALA B 258 -23.95 49.47 3.01
C ALA B 258 -24.24 49.33 1.53
N PHE B 259 -24.86 50.36 0.96
CA PHE B 259 -25.21 50.39 -0.46
C PHE B 259 -24.80 51.73 -1.05
N GLY B 260 -24.46 51.71 -2.33
CA GLY B 260 -23.91 52.91 -2.96
C GLY B 260 -25.00 53.91 -3.31
N LEU B 261 -24.67 55.19 -3.16
CA LEU B 261 -25.58 56.29 -3.47
C LEU B 261 -25.06 57.06 -4.68
N VAL B 269 -20.60 56.92 -7.93
CA VAL B 269 -21.33 56.30 -6.84
C VAL B 269 -20.38 56.16 -5.65
N GLU B 270 -20.89 56.42 -4.45
CA GLU B 270 -20.05 56.44 -3.25
C GLU B 270 -20.72 55.64 -2.14
N LEU B 271 -19.91 55.22 -1.17
CA LEU B 271 -20.35 54.33 -0.10
C LEU B 271 -19.57 54.67 1.17
N ASN B 272 -20.17 54.41 2.32
CA ASN B 272 -19.57 54.71 3.61
C ASN B 272 -20.00 53.70 4.65
N TYR B 273 -19.10 53.40 5.59
CA TYR B 273 -19.39 52.44 6.65
C TYR B 273 -18.50 52.72 7.85
N THR B 274 -18.92 52.25 9.01
CA THR B 274 -18.17 52.38 10.25
C THR B 274 -18.19 51.06 11.00
N CYS B 275 -17.09 50.74 11.67
CA CYS B 275 -16.86 49.40 12.22
C CYS B 275 -17.36 49.33 13.65
N ASP B 276 -18.20 48.33 13.93
CA ASP B 276 -18.72 48.10 15.26
C ASP B 276 -18.14 46.87 15.94
N GLN B 277 -17.89 45.79 15.20
CA GLN B 277 -17.44 44.55 15.80
C GLN B 277 -15.95 44.62 16.13
N ASP B 278 -15.49 43.62 16.89
CA ASP B 278 -14.08 43.55 17.24
C ASP B 278 -13.19 43.37 16.03
N ILE B 279 -13.59 42.51 15.09
CA ILE B 279 -12.88 42.34 13.83
C ILE B 279 -13.90 42.33 12.70
N CYS B 280 -13.69 43.18 11.71
CA CYS B 280 -14.56 43.27 10.54
C CYS B 280 -13.79 42.93 9.28
N GLU B 281 -14.29 41.96 8.52
CA GLU B 281 -13.73 41.57 7.23
C GLU B 281 -14.78 41.93 6.17
N LEU B 282 -14.38 42.75 5.20
CA LEU B 282 -15.32 43.35 4.27
C LEU B 282 -15.04 42.88 2.85
N VAL B 283 -16.10 42.84 2.04
CA VAL B 283 -16.01 42.50 0.62
C VAL B 283 -16.72 43.58 -0.17
N VAL B 284 -16.06 44.11 -1.19
CA VAL B 284 -16.61 45.15 -2.05
C VAL B 284 -17.13 44.51 -3.32
N HIS B 285 -18.40 44.76 -3.65
CA HIS B 285 -19.04 44.23 -4.84
C HIS B 285 -19.22 45.35 -5.85
N VAL B 286 -18.78 45.11 -7.08
CA VAL B 286 -19.04 46.01 -8.20
C VAL B 286 -19.60 45.17 -9.34
N ASP B 287 -20.80 45.50 -9.79
CA ASP B 287 -21.47 44.70 -10.80
C ASP B 287 -22.18 45.61 -11.79
N GLY B 288 -22.19 45.18 -13.05
CA GLY B 288 -22.91 45.88 -14.10
C GLY B 288 -23.90 44.98 -14.81
N ALA B 298 -16.29 47.95 -21.20
CA ALA B 298 -16.45 49.03 -20.23
C ALA B 298 -15.38 48.93 -19.16
N VAL B 299 -14.82 50.08 -18.79
CA VAL B 299 -13.71 50.14 -17.85
C VAL B 299 -13.98 51.27 -16.86
N TYR B 300 -13.71 51.00 -15.57
CA TYR B 300 -14.04 51.91 -14.49
C TYR B 300 -12.85 52.10 -13.58
N ARG B 301 -12.84 53.22 -12.87
CA ARG B 301 -11.84 53.50 -11.85
C ARG B 301 -12.46 53.34 -10.46
N LEU B 302 -11.82 52.53 -9.63
CA LEU B 302 -12.29 52.28 -8.26
C LEU B 302 -11.28 52.87 -7.29
N LEU B 303 -11.77 53.70 -6.37
CA LEU B 303 -10.94 54.32 -5.35
C LEU B 303 -11.45 53.90 -3.98
N VAL B 304 -10.54 53.49 -3.10
CA VAL B 304 -10.90 52.95 -1.80
C VAL B 304 -9.94 53.50 -0.75
N GLY B 305 -10.46 53.73 0.45
CA GLY B 305 -9.64 54.26 1.53
C GLY B 305 -10.13 53.84 2.90
N ILE B 306 -9.18 53.77 3.82
CA ILE B 306 -9.46 53.50 5.23
C ILE B 306 -9.06 54.72 6.04
N ASN B 307 -9.97 55.22 6.86
CA ASN B 307 -9.76 56.43 7.66
C ASN B 307 -9.37 57.61 6.77
N ALA B 308 -9.96 57.67 5.58
CA ALA B 308 -9.66 58.72 4.60
C ALA B 308 -10.96 59.25 4.03
N PRO B 309 -11.61 60.18 4.72
CA PRO B 309 -12.84 60.79 4.17
C PRO B 309 -12.60 61.72 3.00
N ASN B 310 -11.34 62.05 2.69
CA ASN B 310 -11.01 62.98 1.63
C ASN B 310 -10.78 62.31 0.29
N LEU B 311 -11.41 61.15 0.05
CA LEU B 311 -11.22 60.45 -1.23
C LEU B 311 -11.72 61.26 -2.42
N ARG B 312 -12.63 62.22 -2.19
CA ARG B 312 -13.09 63.07 -3.29
C ARG B 312 -11.93 63.85 -3.90
N GLU B 313 -11.08 64.45 -3.06
CA GLU B 313 -9.89 65.16 -3.49
C GLU B 313 -8.72 64.68 -2.62
N SER B 314 -8.12 63.56 -3.03
CA SER B 314 -7.01 62.99 -2.26
C SER B 314 -5.78 63.89 -2.32
N GLY B 315 -5.31 64.16 -3.53
CA GLY B 315 -4.12 64.98 -3.71
C GLY B 315 -2.85 64.14 -3.70
N GLN B 316 -2.57 63.49 -2.57
CA GLN B 316 -1.39 62.64 -2.47
C GLN B 316 -1.55 61.38 -3.31
N THR B 317 -0.44 60.88 -3.82
CA THR B 317 -0.43 59.58 -4.46
C THR B 317 -0.79 58.52 -3.42
N PRO B 318 -1.39 57.37 -3.81
CA PRO B 318 -1.81 56.36 -2.84
C PRO B 318 -0.81 56.10 -1.72
N VAL B 319 -1.24 56.33 -0.48
CA VAL B 319 -0.37 56.25 0.68
C VAL B 319 -0.69 54.98 1.46
N GLY B 320 0.16 54.70 2.45
CA GLY B 320 -0.08 53.56 3.33
C GLY B 320 -0.01 52.18 2.74
N SER B 321 -0.55 51.22 3.45
CA SER B 321 -0.57 49.85 2.97
C SER B 321 -1.75 49.62 2.05
N SER B 322 -1.67 48.57 1.24
CA SER B 322 -2.76 48.23 0.34
C SER B 322 -4.02 47.92 1.13
N VAL B 323 -5.16 48.38 0.62
CA VAL B 323 -6.44 48.13 1.25
C VAL B 323 -6.95 46.73 0.95
N PHE B 324 -6.85 46.31 -0.30
CA PHE B 324 -7.28 44.97 -0.70
C PHE B 324 -6.16 43.96 -0.48
N LEU B 325 -6.55 42.73 -0.12
CA LEU B 325 -5.58 41.66 0.05
C LEU B 325 -4.92 41.32 -1.28
N GLU B 326 -3.66 40.87 -1.20
CA GLU B 326 -2.87 40.54 -2.37
C GLU B 326 -2.56 39.05 -2.40
N SER B 327 -2.49 38.49 -3.62
CA SER B 327 -2.14 37.10 -3.79
C SER B 327 -0.65 36.88 -3.53
N ASP B 328 -0.31 35.70 -3.02
CA ASP B 328 1.08 35.34 -2.78
C ASP B 328 1.74 34.91 -4.08
N LEU B 329 2.96 35.37 -4.31
CA LEU B 329 3.67 35.17 -5.57
C LEU B 329 4.59 33.95 -5.47
N VAL B 330 4.52 33.09 -6.48
CA VAL B 330 5.27 31.83 -6.50
C VAL B 330 6.22 31.83 -7.69
N THR B 331 7.46 31.40 -7.46
CA THR B 331 8.45 31.19 -8.52
C THR B 331 8.55 29.70 -8.83
N VAL B 332 8.58 29.36 -10.12
CA VAL B 332 8.52 27.98 -10.56
C VAL B 332 9.61 27.72 -11.60
N GLY B 333 10.09 26.48 -11.64
CA GLY B 333 11.06 26.07 -12.65
C GLY B 333 11.02 24.57 -12.83
N LEU B 334 11.32 24.13 -14.05
CA LEU B 334 11.29 22.71 -14.39
C LEU B 334 12.40 22.38 -15.37
N ALA B 335 12.98 21.19 -15.22
CA ALA B 335 14.04 20.70 -16.10
C ALA B 335 13.75 19.26 -16.50
N VAL B 336 14.06 18.91 -17.74
CA VAL B 336 13.85 17.57 -18.28
C VAL B 336 15.20 16.88 -18.42
N ASP B 337 15.31 15.67 -17.86
CA ASP B 337 16.55 14.91 -17.91
C ASP B 337 16.56 13.88 -19.05
N GLN B 338 15.49 13.10 -19.18
CA GLN B 338 15.47 12.02 -20.15
C GLN B 338 14.03 11.66 -20.50
N ILE B 339 13.76 11.49 -21.79
CA ILE B 339 12.51 10.89 -22.25
C ILE B 339 12.72 9.37 -22.29
N VAL B 340 11.94 8.64 -21.50
CA VAL B 340 12.19 7.22 -21.28
C VAL B 340 11.22 6.31 -22.02
N GLY B 341 10.24 6.84 -22.73
CA GLY B 341 9.35 5.98 -23.49
C GLY B 341 8.24 6.78 -24.15
N VAL B 342 7.78 6.25 -25.28
CA VAL B 342 6.65 6.79 -26.03
C VAL B 342 5.77 5.62 -26.47
N ASP B 343 4.48 5.73 -26.21
CA ASP B 343 3.49 4.71 -26.59
C ASP B 343 2.64 5.27 -27.72
N GLN B 344 2.82 4.73 -28.92
CA GLN B 344 2.15 5.29 -30.10
C GLN B 344 0.72 4.78 -30.28
N ARG B 345 0.33 3.72 -29.60
CA ARG B 345 -1.04 3.24 -29.71
C ARG B 345 -1.97 3.87 -28.67
N SER B 346 -1.50 3.99 -27.43
CA SER B 346 -2.28 4.63 -26.38
C SER B 346 -2.02 6.12 -26.26
N GLU B 347 -1.05 6.65 -27.02
CA GLU B 347 -0.75 8.08 -27.09
C GLU B 347 -0.42 8.66 -25.71
N ASN B 348 0.70 8.18 -25.16
CA ASN B 348 1.26 8.71 -23.92
C ASN B 348 2.77 8.55 -23.94
N PHE B 349 3.45 9.32 -23.10
CA PHE B 349 4.90 9.28 -22.99
C PHE B 349 5.32 9.45 -21.54
N SER B 350 6.55 9.05 -21.24
CA SER B 350 7.10 9.12 -19.89
C SER B 350 8.41 9.91 -19.89
N VAL B 351 8.62 10.68 -18.82
CA VAL B 351 9.73 11.63 -18.75
C VAL B 351 10.27 11.68 -17.32
N VAL B 352 11.57 11.95 -17.20
CA VAL B 352 12.26 12.11 -15.92
C VAL B 352 12.77 13.53 -15.82
N GLY B 353 12.55 14.18 -14.68
CA GLY B 353 12.96 15.56 -14.54
C GLY B 353 12.94 16.04 -13.10
N THR B 354 13.09 17.35 -12.95
CA THR B 354 13.19 18.02 -11.65
C THR B 354 12.29 19.24 -11.62
N LEU B 355 11.66 19.49 -10.46
CA LEU B 355 10.74 20.61 -10.28
C LEU B 355 11.10 21.39 -9.03
N LYS B 356 10.92 22.71 -9.07
CA LYS B 356 11.27 23.60 -7.96
C LYS B 356 10.21 24.68 -7.81
N LEU B 357 9.83 24.96 -6.55
CA LEU B 357 8.89 26.03 -6.21
C LEU B 357 9.45 26.85 -5.06
N SER B 358 9.13 28.15 -5.05
CA SER B 358 9.61 29.06 -4.02
C SER B 358 8.60 30.18 -3.82
N TRP B 359 8.34 30.54 -2.55
CA TRP B 359 7.40 31.60 -2.23
C TRP B 359 7.72 32.17 -0.86
N HIS B 360 7.00 33.23 -0.49
CA HIS B 360 7.23 33.95 0.76
C HIS B 360 5.92 34.07 1.52
N ASP B 361 5.95 33.70 2.80
CA ASP B 361 4.75 33.75 3.65
C ASP B 361 5.13 34.10 5.08
N PRO B 362 4.77 35.29 5.57
CA PRO B 362 5.14 35.66 6.95
C PRO B 362 4.50 34.81 8.03
N LYS B 363 3.38 34.14 7.74
CA LYS B 363 2.76 33.27 8.74
C LYS B 363 3.61 32.05 9.05
N LEU B 364 4.53 31.67 8.16
CA LEU B 364 5.40 30.53 8.39
C LEU B 364 6.64 30.88 9.20
N GLY B 365 6.85 32.16 9.50
CA GLY B 365 8.06 32.55 10.20
C GLY B 365 8.09 32.02 11.63
N PHE B 366 9.29 31.85 12.16
CA PHE B 366 9.49 31.40 13.53
C PHE B 366 10.64 32.20 14.14
N SER B 367 10.84 31.98 15.44
CA SER B 367 11.90 32.66 16.19
C SER B 367 13.01 31.66 16.49
N PRO B 368 14.25 31.95 16.09
CA PRO B 368 15.33 30.97 16.24
C PRO B 368 15.60 30.55 17.68
N ASP B 369 15.41 31.46 18.62
CA ASP B 369 15.75 31.20 20.02
C ASP B 369 14.89 30.12 20.66
N GLN B 370 13.90 29.61 19.93
CA GLN B 370 13.04 28.55 20.42
C GLN B 370 13.45 27.18 19.88
N CYS B 371 14.38 27.16 18.94
CA CYS B 371 14.82 25.90 18.35
C CYS B 371 16.35 25.86 18.21
N GLY B 372 16.98 27.02 18.32
CA GLY B 372 18.42 27.11 18.10
C GLY B 372 18.85 26.74 16.71
N CYS B 373 17.99 26.96 15.70
CA CYS B 373 18.28 26.58 14.34
C CYS B 373 17.82 27.69 13.39
N THR B 374 18.40 27.70 12.20
CA THR B 374 18.06 28.65 11.17
C THR B 374 17.17 28.07 10.07
N VAL B 375 17.11 26.74 9.94
CA VAL B 375 16.33 26.11 8.88
C VAL B 375 15.48 25.00 9.48
N LYS B 376 14.19 25.03 9.17
CA LYS B 376 13.23 24.00 9.56
C LYS B 376 12.79 23.26 8.31
N SER B 377 12.74 21.92 8.37
CA SER B 377 12.56 21.12 7.17
C SER B 377 11.50 20.05 7.37
N PHE B 378 10.86 19.69 6.26
CA PHE B 378 9.93 18.56 6.18
C PHE B 378 10.39 17.68 5.04
N GLU B 379 10.35 16.36 5.24
CA GLU B 379 10.91 15.42 4.27
C GLU B 379 9.91 14.33 3.94
N ASP B 380 9.97 13.87 2.69
CA ASP B 380 9.21 12.72 2.20
C ASP B 380 7.70 12.90 2.36
N ALA B 381 7.22 14.13 2.21
CA ALA B 381 5.80 14.42 2.35
C ALA B 381 5.37 15.37 1.25
N SER B 382 4.16 15.18 0.76
CA SER B 382 3.59 16.10 -0.21
C SER B 382 3.20 17.41 0.46
N ILE B 383 3.00 18.44 -0.36
CA ILE B 383 2.62 19.74 0.16
C ILE B 383 1.26 19.68 0.83
N ARG B 384 0.37 18.83 0.32
CA ARG B 384 -0.96 18.68 0.94
C ARG B 384 -0.85 18.12 2.34
N ALA B 385 0.00 17.11 2.54
CA ALA B 385 0.16 16.51 3.86
C ALA B 385 0.75 17.50 4.86
N VAL B 386 1.76 18.26 4.43
CA VAL B 386 2.35 19.26 5.31
C VAL B 386 1.34 20.36 5.64
N ALA B 387 0.56 20.79 4.66
CA ALA B 387 -0.46 21.80 4.89
C ALA B 387 -1.50 21.31 5.88
N GLY B 388 -1.90 20.04 5.78
CA GLY B 388 -2.83 19.49 6.75
C GLY B 388 -2.24 19.27 8.13
N GLU B 389 -0.93 19.07 8.21
CA GLU B 389 -0.27 18.91 9.51
C GLU B 389 -0.09 20.23 10.23
N ILE B 390 0.29 21.30 9.52
CA ILE B 390 0.53 22.60 10.17
C ILE B 390 -0.68 23.51 10.12
N ASN B 391 -1.78 23.09 9.47
CA ASN B 391 -3.03 23.85 9.43
C ASN B 391 -2.83 25.25 8.84
N LEU B 392 -2.06 25.33 7.76
CA LEU B 392 -1.90 26.57 7.01
C LEU B 392 -2.02 26.29 5.51
N PRO B 393 -2.60 27.21 4.75
CA PRO B 393 -2.72 27.00 3.30
C PRO B 393 -1.37 27.13 2.60
N LEU B 394 -1.11 26.19 1.71
CA LEU B 394 0.13 26.12 0.93
C LEU B 394 -0.21 25.86 -0.53
N PRO B 395 0.68 26.25 -1.45
CA PRO B 395 0.39 26.09 -2.90
C PRO B 395 0.64 24.67 -3.41
N SER B 396 -0.35 23.81 -3.23
CA SER B 396 -0.27 22.44 -3.76
C SER B 396 -0.49 22.45 -5.27
N PHE B 397 -0.01 21.38 -5.92
CA PHE B 397 -0.03 21.29 -7.38
C PHE B 397 -0.29 19.86 -7.80
N SER B 398 -0.56 19.69 -9.11
CA SER B 398 -0.70 18.38 -9.72
C SER B 398 -0.34 18.46 -11.19
N PHE B 399 0.01 17.30 -11.76
CA PHE B 399 0.20 17.18 -13.21
C PHE B 399 -1.14 16.95 -13.88
N TYR B 400 -1.44 17.73 -14.92
CA TYR B 400 -2.78 17.70 -15.50
C TYR B 400 -3.11 16.37 -16.16
N ASN B 401 -2.17 15.81 -16.91
CA ASN B 401 -2.40 14.60 -17.69
C ASN B 401 -1.73 13.36 -17.08
N GLN B 402 -1.62 13.30 -15.76
CA GLN B 402 -0.92 12.19 -15.11
C GLN B 402 -1.70 10.89 -15.28
N GLN B 403 -0.99 9.84 -15.68
CA GLN B 403 -1.55 8.50 -15.81
C GLN B 403 -0.98 7.62 -14.71
N GLY B 404 -1.85 7.20 -13.77
CA GLY B 404 -1.40 6.39 -12.67
C GLY B 404 -0.58 7.17 -11.64
N ASN B 405 0.13 6.41 -10.81
CA ASN B 405 0.90 7.00 -9.73
C ASN B 405 2.21 7.60 -10.23
N ARG B 406 2.77 8.50 -9.43
CA ARG B 406 4.03 9.17 -9.74
C ARG B 406 5.11 8.75 -8.76
N TRP B 407 6.30 8.46 -9.27
CA TRP B 407 7.45 8.12 -8.45
C TRP B 407 8.24 9.38 -8.12
N SER B 408 8.55 9.56 -6.84
CA SER B 408 9.19 10.78 -6.36
C SER B 408 10.40 10.44 -5.49
N GLN B 409 11.47 11.22 -5.64
CA GLN B 409 12.67 11.09 -4.84
C GLN B 409 13.14 12.46 -4.37
N ASN B 410 13.86 12.46 -3.24
CA ASN B 410 14.47 13.66 -2.68
C ASN B 410 13.44 14.76 -2.40
N GLN B 411 12.26 14.38 -1.92
CA GLN B 411 11.20 15.35 -1.65
C GLN B 411 11.46 16.07 -0.33
N VAL B 412 11.57 17.39 -0.37
CA VAL B 412 11.90 18.16 0.82
C VAL B 412 11.27 19.55 0.74
N ILE B 413 10.85 20.06 1.91
CA ILE B 413 10.39 21.43 2.08
C ILE B 413 11.16 22.01 3.26
N PHE B 414 11.73 23.21 3.07
CA PHE B 414 12.42 23.88 4.16
C PHE B 414 12.09 25.36 4.17
N VAL B 415 12.07 25.95 5.37
CA VAL B 415 11.59 27.31 5.61
C VAL B 415 12.61 28.07 6.44
N THR B 416 12.81 29.33 6.11
CA THR B 416 13.69 30.25 6.82
C THR B 416 12.90 31.05 7.85
N PRO B 417 13.58 31.64 8.85
CA PRO B 417 12.85 32.41 9.86
C PRO B 417 12.06 33.58 9.32
N ASP B 418 12.52 34.20 8.22
CA ASP B 418 11.76 35.31 7.64
C ASP B 418 10.46 34.83 7.00
N GLY B 419 10.34 33.53 6.71
CA GLY B 419 9.17 32.99 6.08
C GLY B 419 9.34 32.56 4.65
N ARG B 420 10.56 32.56 4.13
CA ARG B 420 10.81 32.11 2.76
C ARG B 420 10.84 30.59 2.71
N ALA B 421 10.00 30.01 1.88
CA ALA B 421 9.86 28.55 1.76
C ALA B 421 10.16 28.10 0.34
N SER B 422 10.62 26.86 0.20
CA SER B 422 10.94 26.29 -1.10
C SER B 422 10.67 24.80 -1.10
N TYR B 423 10.35 24.28 -2.28
CA TYR B 423 10.02 22.87 -2.49
C TYR B 423 10.91 22.30 -3.59
N PHE B 424 11.32 21.04 -3.42
CA PHE B 424 12.18 20.36 -4.38
C PHE B 424 11.70 18.93 -4.57
N GLU B 425 11.75 18.44 -5.80
CA GLU B 425 11.30 17.08 -6.11
C GLU B 425 11.98 16.58 -7.39
N ARG B 426 12.32 15.29 -7.39
CA ARG B 426 12.74 14.58 -8.59
C ARG B 426 11.67 13.55 -8.93
N PHE B 427 11.17 13.59 -10.15
CA PHE B 427 9.98 12.84 -10.52
C PHE B 427 10.21 11.98 -11.77
N THR B 428 9.47 10.86 -11.83
CA THR B 428 9.30 10.07 -13.04
C THR B 428 7.82 9.85 -13.23
N VAL B 429 7.28 10.28 -14.37
CA VAL B 429 5.83 10.33 -14.57
C VAL B 429 5.48 9.96 -16.00
N THR B 430 4.27 9.44 -16.18
CA THR B 430 3.70 9.12 -17.49
C THR B 430 2.53 10.03 -17.77
N LEU B 431 2.56 10.71 -18.91
CA LEU B 431 1.59 11.75 -19.25
C LEU B 431 0.83 11.38 -20.52
N GLN B 432 -0.49 11.55 -20.50
CA GLN B 432 -1.30 11.35 -21.70
C GLN B 432 -1.07 12.47 -22.71
N ALA B 433 -1.14 12.12 -23.99
CA ALA B 433 -0.92 13.07 -25.07
C ALA B 433 -1.82 12.78 -26.26
N PRO B 434 -3.13 13.08 -26.15
CA PRO B 434 -4.03 12.80 -27.28
C PRO B 434 -3.78 13.68 -28.50
N ASP B 435 -2.94 14.70 -28.40
CA ASP B 435 -2.66 15.58 -29.53
C ASP B 435 -1.74 14.96 -30.58
N PHE B 436 -1.20 13.77 -30.32
CA PHE B 436 -0.31 13.11 -31.29
C PHE B 436 -1.02 12.89 -32.62
N ASP B 437 -0.27 13.04 -33.71
CA ASP B 437 -0.78 12.81 -35.06
C ASP B 437 0.33 12.14 -35.87
N PHE B 438 0.13 10.86 -36.22
CA PHE B 438 1.14 10.08 -36.91
C PHE B 438 0.82 9.86 -38.39
N LEU B 439 0.05 10.76 -39.00
CA LEU B 439 -0.34 10.58 -40.40
C LEU B 439 0.87 10.63 -41.33
N ALA B 440 1.79 11.56 -41.09
CA ALA B 440 2.96 11.75 -41.94
C ALA B 440 4.15 10.87 -41.57
N TYR B 441 3.91 9.78 -40.85
CA TYR B 441 4.99 8.90 -40.41
C TYR B 441 5.76 8.36 -41.61
N PRO B 442 7.11 8.30 -41.55
CA PRO B 442 7.97 8.66 -40.42
C PRO B 442 8.44 10.11 -40.41
N PHE B 443 7.89 10.94 -41.29
CA PHE B 443 8.28 12.34 -41.39
C PHE B 443 7.48 13.24 -40.45
N ASP B 444 6.81 12.68 -39.45
CA ASP B 444 5.97 13.45 -38.55
C ASP B 444 6.80 14.25 -37.54
N ARG B 445 6.20 15.34 -37.05
CA ARG B 445 6.76 16.13 -35.97
C ARG B 445 5.72 16.25 -34.85
N GLN B 446 6.18 16.13 -33.61
CA GLN B 446 5.28 16.04 -32.47
C GLN B 446 5.69 17.07 -31.41
N LYS B 447 4.78 17.28 -30.46
CA LYS B 447 5.00 18.16 -29.32
C LYS B 447 4.80 17.40 -28.02
N PHE B 448 5.78 17.52 -27.11
CA PHE B 448 5.67 16.94 -25.77
C PHE B 448 5.40 18.09 -24.79
N SER B 449 4.20 18.11 -24.23
CA SER B 449 3.76 19.20 -23.38
C SER B 449 3.60 18.72 -21.94
N ILE B 450 4.19 19.45 -21.01
CA ILE B 450 4.13 19.16 -19.57
C ILE B 450 3.45 20.33 -18.89
N LYS B 451 2.33 20.07 -18.22
CA LYS B 451 1.51 21.11 -17.61
C LYS B 451 1.46 20.91 -16.09
N VAL B 452 1.78 21.96 -15.35
CA VAL B 452 1.70 21.97 -13.89
C VAL B 452 0.66 22.99 -13.47
N ASP B 453 -0.38 22.54 -12.77
CA ASP B 453 -1.48 23.40 -12.36
C ASP B 453 -1.53 23.48 -10.83
N LEU B 454 -1.69 24.70 -10.31
CA LEU B 454 -1.93 24.88 -8.89
C LEU B 454 -3.34 24.41 -8.53
N ALA B 455 -3.47 23.77 -7.37
CA ALA B 455 -4.75 23.28 -6.89
C ALA B 455 -5.47 24.29 -5.99
N VAL B 456 -5.20 25.58 -6.15
CA VAL B 456 -5.80 26.61 -5.32
C VAL B 456 -6.26 27.77 -6.19
N PRO B 457 -7.25 28.53 -5.72
CA PRO B 457 -7.74 29.67 -6.51
C PRO B 457 -6.68 30.73 -6.70
N THR B 458 -6.83 31.51 -7.78
CA THR B 458 -5.82 32.48 -8.16
C THR B 458 -5.71 33.63 -7.16
N ASN B 459 -6.75 33.85 -6.35
CA ASN B 459 -6.68 34.91 -5.34
C ASN B 459 -5.86 34.50 -4.12
N MET B 460 -5.46 33.24 -4.03
CA MET B 460 -4.60 32.78 -2.94
C MET B 460 -3.13 32.73 -3.37
N PHE B 461 -2.83 31.96 -4.41
CA PHE B 461 -1.48 31.83 -4.93
C PHE B 461 -1.51 31.93 -6.45
N ILE B 462 -0.44 32.48 -7.03
CA ILE B 462 -0.35 32.64 -8.47
C ILE B 462 1.12 32.54 -8.89
N PHE B 463 1.37 31.85 -10.00
CA PHE B 463 2.70 31.83 -10.59
C PHE B 463 3.04 33.21 -11.15
N ASN B 464 4.24 33.69 -10.83
CA ASN B 464 4.64 35.03 -11.20
C ASN B 464 5.94 35.10 -11.98
N GLU B 465 6.90 34.22 -11.71
CA GLU B 465 8.21 34.26 -12.36
C GLU B 465 8.64 32.85 -12.72
N ILE B 466 9.53 32.77 -13.72
CA ILE B 466 10.10 31.50 -14.17
C ILE B 466 11.58 31.50 -13.86
N GLU B 467 12.05 30.45 -13.18
CA GLU B 467 13.45 30.32 -12.81
C GLU B 467 14.09 29.19 -13.61
N ARG B 468 15.25 29.49 -14.20
CA ARG B 468 16.02 28.48 -14.96
C ARG B 468 17.20 28.04 -14.10
N PHE B 469 16.94 27.09 -13.21
CA PHE B 469 17.99 26.58 -12.33
C PHE B 469 18.95 25.64 -13.05
N GLN B 470 18.53 25.02 -14.15
CA GLN B 470 19.38 24.17 -14.97
C GLN B 470 19.00 24.38 -16.43
N GLN B 471 19.71 23.68 -17.31
CA GLN B 471 19.26 23.58 -18.70
C GLN B 471 17.93 22.87 -18.75
N VAL B 472 16.99 23.44 -19.51
CA VAL B 472 15.64 22.86 -19.58
C VAL B 472 15.70 21.47 -20.20
N VAL B 473 16.49 21.30 -21.25
CA VAL B 473 16.67 20.01 -21.90
C VAL B 473 18.12 19.59 -21.70
N GLY B 474 18.33 18.46 -21.02
CA GLY B 474 19.67 18.01 -20.69
C GLY B 474 20.27 17.14 -21.77
N ASP B 475 21.58 17.28 -21.95
CA ASP B 475 22.31 16.47 -22.92
C ASP B 475 22.78 15.16 -22.30
N GLN B 476 22.71 14.09 -23.08
CA GLN B 476 23.11 12.76 -22.62
C GLN B 476 24.01 12.11 -23.66
N LEU B 477 24.89 11.23 -23.21
CA LEU B 477 25.78 10.52 -24.11
C LEU B 477 25.00 9.54 -24.97
N GLY B 478 25.47 9.34 -26.20
CA GLY B 478 24.81 8.44 -27.13
C GLY B 478 23.68 9.12 -27.89
N GLU B 479 23.08 8.33 -28.79
CA GLU B 479 21.97 8.81 -29.59
C GLU B 479 20.64 8.53 -28.90
N GLU B 480 19.61 9.26 -29.32
CA GLU B 480 18.26 9.09 -28.83
C GLU B 480 17.31 8.90 -30.01
N GLU B 481 16.17 8.25 -29.74
CA GLU B 481 15.18 8.03 -30.79
C GLU B 481 14.53 9.33 -31.24
N TRP B 482 14.29 10.26 -30.30
CA TRP B 482 13.68 11.54 -30.60
C TRP B 482 14.68 12.66 -30.39
N VAL B 483 14.76 13.59 -31.35
CA VAL B 483 15.68 14.72 -31.30
C VAL B 483 14.88 15.98 -31.04
N VAL B 484 15.26 16.72 -30.00
CA VAL B 484 14.57 17.95 -29.63
C VAL B 484 15.11 19.11 -30.45
N THR B 485 14.22 19.83 -31.13
CA THR B 485 14.61 20.96 -31.95
C THR B 485 14.53 22.29 -31.21
N SER B 486 13.50 22.50 -30.39
CA SER B 486 13.33 23.73 -29.65
C SER B 486 12.39 23.49 -28.48
N TYR B 487 12.33 24.46 -27.58
CA TYR B 487 11.46 24.39 -26.40
C TYR B 487 10.99 25.78 -26.02
N SER B 488 9.95 25.82 -25.19
CA SER B 488 9.41 27.08 -24.67
C SER B 488 8.76 26.84 -23.32
N GLN B 489 8.61 27.92 -22.56
CA GLN B 489 7.96 27.89 -21.26
C GLN B 489 7.07 29.12 -21.11
N GLU B 490 5.88 28.92 -20.54
CA GLU B 490 4.87 29.99 -20.50
C GLU B 490 3.95 29.80 -19.30
N ILE B 491 3.40 30.91 -18.81
CA ILE B 491 2.42 30.92 -17.73
C ILE B 491 1.10 31.47 -18.26
N THR B 492 0.00 30.78 -17.93
CA THR B 492 -1.33 31.17 -18.37
C THR B 492 -2.31 30.98 -17.22
N GLU B 493 -3.59 31.24 -17.50
CA GLU B 493 -4.68 31.05 -16.54
C GLU B 493 -5.78 30.21 -17.17
N VAL B 494 -6.35 29.30 -16.38
CA VAL B 494 -7.38 28.38 -16.89
C VAL B 494 -8.52 28.32 -15.89
N PRO B 495 -9.73 28.05 -16.40
CA PRO B 495 -10.90 27.98 -15.50
C PRO B 495 -10.75 26.88 -14.46
N PHE B 496 -11.28 27.14 -13.27
CA PHE B 496 -11.09 26.30 -12.10
C PHE B 496 -12.43 25.83 -11.56
N GLU B 497 -12.45 24.65 -10.96
CA GLU B 497 -13.67 24.14 -10.35
C GLU B 497 -14.08 25.02 -9.18
N ARG B 498 -15.39 25.10 -8.94
CA ARG B 498 -15.96 26.08 -8.02
C ARG B 498 -15.55 27.49 -8.42
N GLY B 499 -15.63 27.78 -9.72
CA GLY B 499 -15.39 29.11 -10.22
C GLY B 499 -13.94 29.54 -10.09
N SER B 500 -13.75 30.85 -10.18
CA SER B 500 -12.45 31.51 -10.07
C SER B 500 -11.52 30.95 -11.15
N THR B 501 -10.22 30.92 -10.86
CA THR B 501 -9.21 30.59 -11.86
C THR B 501 -8.00 30.03 -11.13
N ASN B 502 -7.22 29.20 -11.84
CA ASN B 502 -5.98 28.66 -11.31
C ASN B 502 -4.86 28.84 -12.33
N SER B 503 -3.64 28.97 -11.82
CA SER B 503 -2.48 29.20 -12.68
C SER B 503 -1.97 27.90 -13.28
N ARG B 504 -1.31 28.01 -14.44
CA ARG B 504 -0.75 26.88 -15.16
C ARG B 504 0.64 27.21 -15.68
N PHE B 505 1.57 26.29 -15.51
CA PHE B 505 2.93 26.40 -16.03
C PHE B 505 3.16 25.29 -17.03
N THR B 506 3.53 25.65 -18.26
CA THR B 506 3.61 24.72 -19.38
C THR B 506 5.02 24.70 -19.95
N THR B 507 5.54 23.49 -20.18
CA THR B 507 6.79 23.28 -20.91
C THR B 507 6.51 22.44 -22.15
N THR B 508 6.97 22.91 -23.30
CA THR B 508 6.69 22.25 -24.58
C THR B 508 8.00 21.95 -25.30
N LEU B 509 8.16 20.72 -25.77
CA LEU B 509 9.33 20.29 -26.52
C LEU B 509 8.91 19.89 -27.93
N LEU B 510 9.61 20.44 -28.93
CA LEU B 510 9.39 20.07 -30.32
C LEU B 510 10.42 19.02 -30.73
N VAL B 511 9.93 17.87 -31.21
CA VAL B 511 10.79 16.71 -31.45
C VAL B 511 10.56 16.16 -32.86
N LYS B 512 11.58 15.48 -33.37
CA LYS B 512 11.51 14.78 -34.65
C LYS B 512 12.30 13.47 -34.56
N ARG B 513 12.03 12.57 -35.50
CA ARG B 513 12.71 11.29 -35.55
C ARG B 513 14.03 11.40 -36.30
N ASN B 514 14.82 10.32 -36.24
CA ASN B 514 16.06 10.24 -36.99
C ASN B 514 15.77 9.76 -38.40
N LEU B 515 15.99 10.63 -39.39
CA LEU B 515 15.59 10.35 -40.76
C LEU B 515 16.54 9.39 -41.46
N GLU B 516 17.84 9.47 -41.15
CA GLU B 516 18.82 8.60 -41.81
C GLU B 516 18.50 7.13 -41.58
N TYR B 517 18.08 6.79 -40.36
CA TYR B 517 17.74 5.41 -40.03
C TYR B 517 16.69 4.86 -40.99
N TYR B 518 15.56 5.57 -41.13
CA TYR B 518 14.49 5.09 -42.00
C TYR B 518 14.92 5.10 -43.46
N ILE B 519 15.57 6.17 -43.90
CA ILE B 519 15.97 6.26 -45.31
C ILE B 519 16.87 5.10 -45.69
N LEU B 520 17.98 4.93 -44.96
CA LEU B 520 18.94 3.88 -45.31
C LEU B 520 18.37 2.49 -45.09
N ARG B 521 17.51 2.30 -44.09
CA ARG B 521 17.03 0.97 -43.77
C ARG B 521 15.92 0.51 -44.71
N ILE B 522 15.09 1.42 -45.23
CA ILE B 522 13.91 1.06 -46.00
C ILE B 522 14.02 1.47 -47.47
N PHE B 523 14.29 2.76 -47.73
CA PHE B 523 13.99 3.29 -49.05
C PHE B 523 15.00 2.85 -50.11
N VAL B 524 16.28 2.79 -49.78
CA VAL B 524 17.28 2.36 -50.75
C VAL B 524 17.08 0.91 -51.19
N PRO B 525 16.92 -0.07 -50.28
CA PRO B 525 16.63 -1.44 -50.75
C PRO B 525 15.36 -1.53 -51.57
N LEU B 526 14.33 -0.77 -51.21
CA LEU B 526 13.09 -0.75 -51.99
C LEU B 526 13.34 -0.23 -53.39
N PHE B 527 14.16 0.83 -53.52
CA PHE B 527 14.50 1.35 -54.84
C PHE B 527 15.24 0.31 -55.67
N LEU B 528 16.18 -0.42 -55.07
CA LEU B 528 16.89 -1.45 -55.82
C LEU B 528 15.95 -2.58 -56.27
N ILE B 529 15.02 -2.97 -55.39
CA ILE B 529 14.06 -4.01 -55.76
C ILE B 529 13.18 -3.55 -56.91
N ILE B 530 12.72 -2.29 -56.89
CA ILE B 530 11.94 -1.76 -57.99
C ILE B 530 12.76 -1.72 -59.27
N SER B 531 14.03 -1.34 -59.17
CA SER B 531 14.90 -1.30 -60.33
C SER B 531 15.08 -2.68 -60.96
N VAL B 532 15.13 -3.74 -60.15
CA VAL B 532 15.26 -5.08 -60.69
C VAL B 532 14.06 -5.41 -61.60
N SER B 533 12.85 -5.09 -61.14
CA SER B 533 11.67 -5.35 -61.95
C SER B 533 11.57 -4.41 -63.15
N TRP B 534 12.19 -3.24 -63.08
CA TRP B 534 12.19 -2.35 -64.24
C TRP B 534 13.16 -2.79 -65.32
N VAL B 535 14.34 -3.27 -64.94
CA VAL B 535 15.41 -3.49 -65.91
C VAL B 535 15.13 -4.69 -66.82
N ILE B 536 14.29 -5.63 -66.37
CA ILE B 536 14.12 -6.90 -67.10
C ILE B 536 13.43 -6.71 -68.44
N PHE B 537 12.81 -5.55 -68.68
CA PHE B 537 12.10 -5.35 -69.94
C PHE B 537 13.03 -5.12 -71.13
N PHE B 538 14.34 -4.96 -70.89
CA PHE B 538 15.28 -4.91 -72.01
C PHE B 538 15.46 -6.26 -72.66
N LEU B 539 15.20 -7.35 -71.92
CA LEU B 539 15.35 -8.69 -72.47
C LEU B 539 14.33 -8.95 -73.57
N LYS B 540 14.72 -9.76 -74.55
CA LYS B 540 13.84 -10.20 -75.62
C LYS B 540 13.44 -11.67 -75.49
N ASP B 541 13.97 -12.37 -74.50
CA ASP B 541 13.53 -13.73 -74.18
C ASP B 541 12.50 -13.62 -73.05
N TYR B 542 11.22 -13.73 -73.42
CA TYR B 542 10.15 -13.41 -72.48
C TYR B 542 9.97 -14.46 -71.38
N GLY B 543 10.45 -15.68 -71.60
CA GLY B 543 10.43 -16.67 -70.53
C GLY B 543 11.32 -16.28 -69.36
N ARG B 544 12.54 -15.84 -69.66
CA ARG B 544 13.44 -15.36 -68.62
C ARG B 544 12.85 -14.15 -67.90
N GLN B 545 12.24 -13.24 -68.65
CA GLN B 545 11.62 -12.07 -68.04
C GLN B 545 10.50 -12.48 -67.09
N LEU B 546 9.67 -13.43 -67.51
CA LEU B 546 8.58 -13.90 -66.66
C LEU B 546 9.11 -14.55 -65.38
N GLU B 547 10.13 -15.40 -65.52
CA GLU B 547 10.69 -16.06 -64.34
C GLU B 547 11.30 -15.06 -63.37
N VAL B 548 12.05 -14.07 -63.88
CA VAL B 548 12.68 -13.10 -63.01
C VAL B 548 11.64 -12.21 -62.33
N ALA B 549 10.57 -11.85 -63.05
CA ALA B 549 9.49 -11.08 -62.43
C ALA B 549 8.83 -11.87 -61.30
N SER B 550 8.57 -13.16 -61.54
CA SER B 550 7.96 -14.00 -60.51
C SER B 550 8.86 -14.09 -59.28
N GLY B 551 10.17 -14.24 -59.48
CA GLY B 551 11.08 -14.27 -58.34
C GLY B 551 11.15 -12.95 -57.61
N ASN B 552 11.13 -11.83 -58.35
CA ASN B 552 11.26 -10.52 -57.72
C ASN B 552 10.03 -10.17 -56.90
N LEU B 553 8.84 -10.64 -57.30
CA LEU B 553 7.66 -10.43 -56.46
C LEU B 553 7.81 -11.10 -55.10
N LEU B 554 8.31 -12.34 -55.08
CA LEU B 554 8.54 -13.05 -53.83
C LEU B 554 9.61 -12.34 -53.00
N VAL B 555 10.66 -11.84 -53.65
CA VAL B 555 11.69 -11.09 -52.93
C VAL B 555 11.08 -9.85 -52.29
N PHE B 556 10.21 -9.15 -53.01
CA PHE B 556 9.55 -7.97 -52.48
C PHE B 556 8.73 -8.32 -51.23
N VAL B 557 7.95 -9.40 -51.29
CA VAL B 557 7.14 -9.78 -50.14
C VAL B 557 8.02 -10.14 -48.95
N ALA B 558 9.13 -10.86 -49.21
CA ALA B 558 10.04 -11.21 -48.14
C ALA B 558 10.65 -9.98 -47.47
N PHE B 559 11.07 -9.00 -48.27
CA PHE B 559 11.61 -7.77 -47.70
C PHE B 559 10.55 -7.02 -46.90
N ASN B 560 9.31 -6.99 -47.41
CA ASN B 560 8.23 -6.30 -46.71
C ASN B 560 8.02 -6.89 -45.32
N PHE B 561 7.93 -8.22 -45.23
CA PHE B 561 7.72 -8.79 -43.91
C PHE B 561 8.98 -8.74 -43.06
N THR B 562 10.15 -8.60 -43.69
CA THR B 562 11.38 -8.38 -42.91
C THR B 562 11.39 -7.02 -42.24
N ILE B 563 10.85 -6.00 -42.90
CA ILE B 563 10.80 -4.66 -42.32
C ILE B 563 9.49 -4.43 -41.57
N SER B 564 8.60 -5.42 -41.55
CA SER B 564 7.35 -5.31 -40.79
C SER B 564 7.56 -4.85 -39.35
N GLY B 565 8.76 -5.05 -38.80
CA GLY B 565 9.04 -4.61 -37.43
C GLY B 565 9.02 -3.11 -37.24
N ASP B 566 9.40 -2.34 -38.28
CA ASP B 566 9.35 -0.89 -38.23
C ASP B 566 8.05 -0.34 -38.79
N LEU B 567 6.97 -1.11 -38.71
CA LEU B 567 5.68 -0.72 -39.28
C LEU B 567 4.63 -0.75 -38.17
N PRO B 568 4.41 0.38 -37.51
CA PRO B 568 3.46 0.40 -36.39
C PRO B 568 2.05 0.07 -36.83
N ARG B 569 1.34 -0.65 -35.98
CA ARG B 569 -0.05 -1.05 -36.25
C ARG B 569 -0.96 -0.10 -35.49
N LEU B 570 -1.49 0.90 -36.18
CA LEU B 570 -2.30 1.93 -35.57
C LEU B 570 -3.78 1.85 -35.93
N GLY B 571 -4.14 1.09 -36.96
CA GLY B 571 -5.51 1.03 -37.42
C GLY B 571 -5.85 2.01 -38.52
N TYR B 572 -4.88 2.79 -39.01
CA TYR B 572 -5.11 3.71 -40.10
C TYR B 572 -3.82 3.87 -40.89
N LEU B 573 -3.95 4.35 -42.12
CA LEU B 573 -2.84 4.34 -43.07
C LEU B 573 -1.90 5.51 -42.87
N THR B 574 -0.59 5.24 -42.97
CA THR B 574 0.44 6.26 -43.02
C THR B 574 1.00 6.36 -44.44
N VAL B 575 1.98 7.24 -44.60
CA VAL B 575 2.62 7.43 -45.92
C VAL B 575 3.34 6.16 -46.35
N LEU B 576 4.08 5.54 -45.43
CA LEU B 576 4.87 4.36 -45.76
C LEU B 576 3.99 3.21 -46.22
N ASP B 577 2.85 3.01 -45.56
CA ASP B 577 1.94 1.93 -45.95
C ASP B 577 1.43 2.14 -47.38
N ARG B 578 1.06 3.38 -47.70
CA ARG B 578 0.58 3.69 -49.04
C ARG B 578 1.66 3.41 -50.09
N PHE B 579 2.90 3.83 -49.80
CA PHE B 579 3.98 3.58 -50.75
C PHE B 579 4.22 2.08 -50.93
N MET B 580 4.19 1.31 -49.85
CA MET B 580 4.37 -0.13 -49.96
C MET B 580 3.27 -0.77 -50.80
N ILE B 581 2.02 -0.35 -50.59
CA ILE B 581 0.91 -0.91 -51.36
C ILE B 581 1.06 -0.60 -52.85
N VAL B 582 1.41 0.64 -53.18
CA VAL B 582 1.58 1.02 -54.59
C VAL B 582 2.71 0.22 -55.23
N SER B 583 3.82 0.06 -54.52
CA SER B 583 4.95 -0.67 -55.06
C SER B 583 4.59 -2.14 -55.29
N PHE B 584 3.88 -2.76 -54.35
CA PHE B 584 3.46 -4.15 -54.53
C PHE B 584 2.54 -4.30 -55.74
N CYS B 585 1.58 -3.36 -55.89
CA CYS B 585 0.65 -3.44 -57.01
C CYS B 585 1.39 -3.35 -58.34
N LEU B 586 2.34 -2.42 -58.45
CA LEU B 586 3.10 -2.29 -59.69
C LEU B 586 3.95 -3.53 -59.95
N THR B 587 4.54 -4.11 -58.89
CA THR B 587 5.34 -5.32 -59.07
C THR B 587 4.50 -6.48 -59.60
N ALA B 588 3.26 -6.62 -59.11
CA ALA B 588 2.38 -7.68 -59.64
C ALA B 588 1.93 -7.39 -61.07
N ILE B 589 1.66 -6.12 -61.39
CA ILE B 589 1.29 -5.78 -62.75
C ILE B 589 2.41 -6.11 -63.72
N VAL B 590 3.66 -6.02 -63.27
CA VAL B 590 4.79 -6.41 -64.12
C VAL B 590 4.68 -7.88 -64.52
N VAL B 591 4.32 -8.75 -63.57
CA VAL B 591 4.17 -10.17 -63.87
C VAL B 591 3.04 -10.40 -64.86
N LEU B 592 1.91 -9.70 -64.66
CA LEU B 592 0.79 -9.84 -65.59
C LEU B 592 1.20 -9.45 -67.02
N ILE B 593 1.89 -8.32 -67.15
CA ILE B 593 2.34 -7.87 -68.47
C ILE B 593 3.32 -8.86 -69.08
N SER B 594 4.18 -9.45 -68.25
CA SER B 594 5.12 -10.44 -68.75
C SER B 594 4.41 -11.66 -69.31
N VAL B 595 3.35 -12.12 -68.63
CA VAL B 595 2.58 -13.25 -69.14
C VAL B 595 1.94 -12.90 -70.49
N CYS B 596 1.38 -11.69 -70.59
CA CYS B 596 0.76 -11.28 -71.84
C CYS B 596 1.78 -11.22 -72.97
N GLN B 597 2.98 -10.69 -72.69
CA GLN B 597 4.02 -10.62 -73.71
C GLN B 597 4.49 -12.01 -74.12
N LYS B 598 4.60 -12.93 -73.18
CA LYS B 598 4.97 -14.30 -73.51
C LYS B 598 3.94 -14.92 -74.46
N ARG B 599 2.66 -14.71 -74.19
CA ARG B 599 1.64 -15.25 -75.08
C ARG B 599 1.73 -14.61 -76.47
N LEU B 600 1.91 -13.29 -76.52
CA LEU B 600 2.02 -12.60 -77.81
C LEU B 600 3.19 -13.12 -78.61
N GLY B 601 4.34 -13.34 -77.96
CA GLY B 601 5.47 -13.93 -78.65
C GLY B 601 5.19 -15.35 -79.12
N ALA B 602 4.44 -16.11 -78.34
CA ALA B 602 4.07 -17.46 -78.76
C ALA B 602 3.22 -17.45 -80.02
N VAL B 603 2.28 -16.51 -80.13
CA VAL B 603 1.40 -16.48 -81.30
C VAL B 603 2.06 -15.86 -82.52
N GLY B 604 3.24 -15.27 -82.38
CA GLY B 604 3.95 -14.73 -83.52
C GLY B 604 3.76 -13.25 -83.78
N LYS B 605 3.58 -12.46 -82.73
CA LYS B 605 3.40 -11.01 -82.83
C LYS B 605 4.49 -10.26 -82.06
N GLN B 606 5.75 -10.63 -82.29
CA GLN B 606 6.86 -10.10 -81.50
C GLN B 606 6.97 -8.58 -81.57
N ALA B 607 6.51 -7.97 -82.67
CA ALA B 607 6.58 -6.52 -82.80
C ALA B 607 5.75 -5.82 -81.74
N VAL B 608 4.55 -6.34 -81.47
CA VAL B 608 3.70 -5.75 -80.44
C VAL B 608 4.35 -5.91 -79.07
N ALA B 609 5.01 -7.04 -78.83
CA ALA B 609 5.70 -7.24 -77.57
C ALA B 609 6.84 -6.23 -77.39
N ALA B 610 7.59 -5.97 -78.46
CA ALA B 610 8.65 -4.97 -78.38
C ALA B 610 8.09 -3.57 -78.12
N GLN B 611 6.98 -3.23 -78.77
CA GLN B 611 6.34 -1.94 -78.52
C GLN B 611 5.87 -1.82 -77.07
N ILE B 612 5.32 -2.90 -76.51
CA ILE B 612 4.91 -2.90 -75.11
C ILE B 612 6.11 -2.71 -74.20
N ASP B 613 7.24 -3.35 -74.54
CA ASP B 613 8.46 -3.17 -73.75
C ASP B 613 8.88 -1.71 -73.72
N THR B 614 8.92 -1.06 -74.89
CA THR B 614 9.30 0.35 -74.93
C THR B 614 8.33 1.21 -74.12
N TRP B 615 7.03 0.95 -74.24
CA TRP B 615 6.05 1.72 -73.50
C TRP B 615 6.23 1.57 -71.99
N VAL B 616 6.44 0.34 -71.52
CA VAL B 616 6.62 0.13 -70.09
C VAL B 616 7.88 0.82 -69.58
N LEU B 617 8.99 0.68 -70.32
CA LEU B 617 10.24 1.30 -69.92
C LEU B 617 10.11 2.81 -69.83
N VAL B 618 9.31 3.42 -70.71
CA VAL B 618 9.13 4.86 -70.62
C VAL B 618 8.18 5.22 -69.47
N ILE B 619 7.12 4.45 -69.27
CA ILE B 619 6.01 4.90 -68.43
C ILE B 619 6.31 4.72 -66.95
N TYR B 620 6.76 3.53 -66.55
CA TYR B 620 6.91 3.23 -65.10
C TYR B 620 7.60 4.28 -64.18
N PRO B 621 8.80 4.78 -64.54
CA PRO B 621 9.38 5.84 -63.69
C PRO B 621 8.54 7.10 -63.63
N LEU B 622 7.86 7.43 -64.72
CA LEU B 622 6.96 8.60 -64.70
C LEU B 622 5.83 8.40 -63.70
N VAL B 623 5.26 7.19 -63.65
CA VAL B 623 4.21 6.89 -62.70
C VAL B 623 4.72 7.02 -61.27
N TYR B 624 5.91 6.48 -61.00
CA TYR B 624 6.47 6.59 -59.65
C TYR B 624 6.70 8.05 -59.26
N SER B 625 7.28 8.85 -60.17
CA SER B 625 7.54 10.24 -59.86
C SER B 625 6.24 11.02 -59.64
N LEU B 626 5.22 10.76 -60.45
CA LEU B 626 3.94 11.43 -60.26
C LEU B 626 3.30 11.07 -58.93
N TYR B 627 3.39 9.80 -58.53
CA TYR B 627 2.85 9.41 -57.23
C TYR B 627 3.58 10.11 -56.09
N ILE B 628 4.91 10.22 -56.20
CA ILE B 628 5.66 10.91 -55.15
C ILE B 628 5.25 12.38 -55.07
N ILE B 629 5.09 13.03 -56.23
CA ILE B 629 4.67 14.43 -56.25
C ILE B 629 3.29 14.59 -55.62
N TRP B 630 2.36 13.68 -55.97
CA TRP B 630 1.01 13.76 -55.42
C TRP B 630 1.03 13.61 -53.90
N VAL B 631 1.81 12.64 -53.40
CA VAL B 631 1.89 12.43 -51.95
C VAL B 631 2.45 13.67 -51.26
N TYR B 632 3.49 14.27 -51.84
CA TYR B 632 4.06 15.48 -51.25
C TYR B 632 3.03 16.61 -51.21
N LEU B 633 2.26 16.76 -52.30
CA LEU B 633 1.26 17.82 -52.33
C LEU B 633 0.15 17.59 -51.31
N ARG B 634 -0.30 16.34 -51.16
CA ARG B 634 -1.46 16.08 -50.32
C ARG B 634 -1.14 15.88 -48.85
N PHE B 635 0.13 15.68 -48.48
CA PHE B 635 0.45 15.43 -47.08
C PHE B 635 1.38 16.45 -46.44
N PHE B 636 2.08 17.27 -47.21
CA PHE B 636 3.10 18.15 -46.65
C PHE B 636 2.96 19.60 -47.07
N THR B 637 1.80 20.01 -47.57
CA THR B 637 1.57 21.41 -47.91
C THR B 637 0.08 21.72 -48.00
N ARG C 37 -35.71 35.04 37.49
CA ARG C 37 -36.74 34.38 36.68
C ARG C 37 -36.22 34.09 35.28
N VAL C 38 -35.83 32.85 35.03
CA VAL C 38 -35.21 32.44 33.77
C VAL C 38 -35.95 31.23 33.23
N GLN C 39 -36.18 31.22 31.91
CA GLN C 39 -36.89 30.15 31.25
C GLN C 39 -36.19 29.81 29.94
N HIS C 40 -36.21 28.53 29.56
CA HIS C 40 -35.58 28.05 28.35
C HIS C 40 -36.62 27.56 27.35
N PHE C 41 -36.32 27.73 26.07
CA PHE C 41 -37.16 27.25 24.98
C PHE C 41 -36.28 26.77 23.84
N THR C 42 -36.79 25.81 23.08
CA THR C 42 -36.10 25.28 21.91
C THR C 42 -37.12 25.10 20.78
N GLY C 43 -36.70 25.40 19.56
CA GLY C 43 -37.59 25.30 18.43
C GLY C 43 -36.85 25.09 17.13
N TYR C 44 -37.60 25.19 16.03
CA TYR C 44 -37.06 25.02 14.68
C TYR C 44 -37.72 26.04 13.76
N ILE C 45 -36.91 26.64 12.89
CA ILE C 45 -37.38 27.65 11.94
C ILE C 45 -37.25 27.08 10.53
N GLU C 46 -38.32 27.21 9.75
CA GLU C 46 -38.36 26.70 8.39
C GLU C 46 -38.71 27.83 7.43
N ASP C 47 -37.75 28.21 6.58
CA ASP C 47 -37.98 29.16 5.49
C ASP C 47 -38.58 30.47 5.99
N GLY C 48 -38.06 30.97 7.11
CA GLY C 48 -38.49 32.24 7.64
C GLY C 48 -39.92 32.26 8.15
N ARG C 49 -40.31 31.22 8.88
CA ARG C 49 -41.61 31.16 9.54
C ARG C 49 -41.36 31.23 11.04
N GLY C 50 -41.70 32.37 11.65
CA GLY C 50 -41.36 32.61 13.03
C GLY C 50 -42.29 31.94 14.02
N ILE C 51 -41.91 32.05 15.30
CA ILE C 51 -42.65 31.49 16.41
C ILE C 51 -42.95 32.59 17.41
N PHE C 52 -44.20 32.69 17.83
CA PHE C 52 -44.63 33.67 18.80
C PHE C 52 -44.64 33.07 20.20
N TYR C 53 -44.21 33.86 21.18
CA TYR C 53 -44.28 33.50 22.59
C TYR C 53 -45.03 34.59 23.34
N SER C 54 -45.89 34.17 24.26
CA SER C 54 -46.78 35.08 24.98
C SER C 54 -46.23 35.37 26.36
N LEU C 55 -46.25 36.65 26.74
CA LEU C 55 -45.83 37.10 28.06
C LEU C 55 -47.04 37.71 28.78
N PRO C 56 -47.83 36.90 29.46
CA PRO C 56 -49.11 37.39 30.01
C PRO C 56 -48.90 38.31 31.19
N ASP C 57 -49.57 39.47 31.15
CA ASP C 57 -49.68 40.41 32.25
C ASP C 57 -48.35 40.80 32.88
N MET C 58 -47.47 41.44 32.10
CA MET C 58 -46.31 42.07 32.69
C MET C 58 -46.72 43.38 33.38
N LYS C 59 -45.89 43.81 34.31
CA LYS C 59 -46.14 45.04 35.06
C LYS C 59 -45.17 46.12 34.63
N GLN C 60 -45.64 47.37 34.67
CA GLN C 60 -44.79 48.51 34.35
C GLN C 60 -43.60 48.58 35.27
N GLY C 61 -42.43 48.85 34.69
CA GLY C 61 -41.18 48.86 35.43
C GLY C 61 -40.36 47.60 35.32
N ASP C 62 -40.91 46.52 34.77
CA ASP C 62 -40.15 45.30 34.59
C ASP C 62 -39.16 45.44 33.44
N ILE C 63 -38.09 44.64 33.49
CA ILE C 63 -37.07 44.61 32.45
C ILE C 63 -37.05 43.22 31.84
N ILE C 64 -37.25 43.14 30.52
CA ILE C 64 -37.19 41.88 29.79
C ILE C 64 -35.79 41.70 29.21
N TYR C 65 -35.31 40.47 29.22
CA TYR C 65 -34.04 40.12 28.59
C TYR C 65 -34.26 38.94 27.64
N ALA C 66 -33.57 38.96 26.50
CA ALA C 66 -33.70 37.91 25.51
C ALA C 66 -32.35 37.59 24.90
N SER C 67 -32.16 36.32 24.55
CA SER C 67 -30.96 35.86 23.86
C SER C 67 -31.30 34.65 23.03
N MET C 68 -30.81 34.63 21.78
CA MET C 68 -31.13 33.56 20.85
C MET C 68 -29.85 33.11 20.15
N GLN C 69 -29.54 31.82 20.22
CA GLN C 69 -28.31 31.27 19.68
C GLN C 69 -28.61 30.16 18.68
N ASN C 70 -27.76 30.04 17.67
CA ASN C 70 -27.90 29.00 16.66
C ASN C 70 -27.31 27.69 17.17
N THR C 71 -28.07 26.61 17.04
CA THR C 71 -27.63 25.29 17.49
C THR C 71 -27.56 24.27 16.36
N GLY C 72 -27.78 24.68 15.11
CA GLY C 72 -27.73 23.77 13.98
C GLY C 72 -28.23 24.42 12.71
N GLY C 73 -27.60 24.13 11.59
CA GLY C 73 -27.97 24.75 10.33
C GLY C 73 -27.33 26.11 10.15
N ASN C 74 -27.91 26.88 9.23
CA ASN C 74 -27.41 28.20 8.87
C ASN C 74 -28.30 29.33 9.40
N LEU C 75 -29.07 29.08 10.46
CA LEU C 75 -30.02 30.06 10.98
C LEU C 75 -29.30 31.32 11.47
N ASP C 76 -29.88 32.48 11.15
CA ASP C 76 -29.41 33.76 11.65
C ASP C 76 -30.47 34.37 12.55
N PRO C 77 -30.30 34.33 13.88
CA PRO C 77 -31.39 34.70 14.78
C PRO C 77 -31.81 36.16 14.67
N LEU C 78 -33.10 36.40 14.94
CA LEU C 78 -33.69 37.72 15.07
C LEU C 78 -34.78 37.67 16.12
N VAL C 79 -34.86 38.69 16.97
CA VAL C 79 -35.84 38.74 18.05
C VAL C 79 -36.50 40.12 18.08
N GLY C 80 -37.80 40.13 18.33
CA GLY C 80 -38.54 41.37 18.43
C GLY C 80 -39.68 41.23 19.42
N ILE C 81 -40.10 42.37 19.99
CA ILE C 81 -41.13 42.39 21.02
C ILE C 81 -42.20 43.39 20.61
N MET C 82 -43.47 43.04 20.86
CA MET C 82 -44.59 43.87 20.44
C MET C 82 -45.79 43.55 21.32
N ALA C 83 -46.76 44.46 21.30
CA ALA C 83 -47.97 44.31 22.11
C ALA C 83 -49.01 43.42 21.42
N GLU C 84 -49.50 43.85 20.26
CA GLU C 84 -50.52 43.09 19.54
C GLU C 84 -49.87 42.10 18.58
N GLU C 85 -50.31 40.85 18.64
CA GLU C 85 -49.73 39.79 17.83
C GLU C 85 -50.20 39.91 16.38
N ILE C 86 -49.27 40.23 15.48
CA ILE C 86 -49.53 40.26 14.05
C ILE C 86 -48.37 39.56 13.34
N ASP C 87 -48.69 38.81 12.30
CA ASP C 87 -47.67 38.04 11.58
C ASP C 87 -46.80 38.99 10.76
N PRO C 88 -45.49 39.04 11.00
CA PRO C 88 -44.62 39.94 10.22
C PRO C 88 -44.34 39.46 8.81
N ALA C 89 -44.85 38.29 8.41
CA ALA C 89 -44.46 37.70 7.14
C ALA C 89 -44.82 38.61 5.97
N VAL C 90 -46.03 39.18 5.98
CA VAL C 90 -46.46 40.01 4.85
C VAL C 90 -45.61 41.26 4.73
N SER C 91 -45.23 41.88 5.84
CA SER C 91 -44.42 43.08 5.79
C SER C 91 -42.97 42.78 5.43
N LEU C 92 -42.40 41.73 6.02
CA LEU C 92 -41.01 41.38 5.74
C LEU C 92 -40.83 40.88 4.31
N GLY C 93 -41.86 40.27 3.73
CA GLY C 93 -41.75 39.80 2.36
C GLY C 93 -41.48 40.92 1.36
N GLN C 94 -42.06 42.10 1.59
CA GLN C 94 -41.82 43.22 0.70
C GLN C 94 -40.37 43.67 0.71
N VAL C 95 -39.66 43.45 1.81
CA VAL C 95 -38.23 43.77 1.85
C VAL C 95 -37.45 42.87 0.91
N LEU C 96 -37.78 41.57 0.91
CA LEU C 96 -37.16 40.66 -0.04
C LEU C 96 -37.58 40.97 -1.47
N GLU C 97 -38.80 41.48 -1.64
CA GLU C 97 -39.26 41.84 -2.98
C GLU C 97 -38.50 43.01 -3.58
N LYS C 98 -37.92 43.88 -2.74
CA LYS C 98 -37.18 45.05 -3.22
C LYS C 98 -35.71 44.69 -3.39
N ALA C 99 -35.47 43.55 -4.02
CA ALA C 99 -34.10 43.09 -4.27
C ALA C 99 -33.66 43.43 -5.68
N ASN C 104 -28.82 51.93 0.20
CA ASN C 104 -28.76 50.93 1.26
C ASN C 104 -29.94 49.98 1.12
N ASP C 105 -29.95 49.21 0.01
CA ASP C 105 -31.13 48.50 -0.43
C ASP C 105 -31.59 47.42 0.54
N LEU C 106 -30.74 47.01 1.47
CA LEU C 106 -31.14 45.95 2.40
C LEU C 106 -31.18 46.42 3.84
N ILE C 107 -30.07 46.98 4.33
CA ILE C 107 -29.98 47.30 5.76
C ILE C 107 -30.93 48.42 6.14
N SER C 108 -30.96 49.50 5.36
CA SER C 108 -31.85 50.61 5.68
C SER C 108 -33.32 50.19 5.61
N GLU C 109 -33.68 49.42 4.58
CA GLU C 109 -35.06 48.97 4.44
C GLU C 109 -35.46 48.06 5.60
N LEU C 110 -34.59 47.13 5.98
CA LEU C 110 -34.89 46.26 7.10
C LEU C 110 -35.03 47.04 8.39
N THR C 111 -34.15 48.02 8.62
CA THR C 111 -34.24 48.82 9.84
C THR C 111 -35.52 49.63 9.86
N ALA C 112 -35.89 50.23 8.74
CA ALA C 112 -37.11 51.03 8.67
C ALA C 112 -38.35 50.18 8.93
N VAL C 113 -38.39 48.98 8.35
CA VAL C 113 -39.56 48.12 8.55
C VAL C 113 -39.60 47.59 9.98
N ALA C 114 -38.43 47.24 10.54
CA ALA C 114 -38.40 46.71 11.90
C ALA C 114 -38.80 47.77 12.92
N ASP C 115 -38.35 49.01 12.73
CA ASP C 115 -38.72 50.08 13.64
C ASP C 115 -40.20 50.40 13.63
N ARG C 116 -40.94 49.91 12.64
CA ARG C 116 -42.38 50.04 12.59
C ARG C 116 -43.08 48.81 13.15
N ILE C 117 -42.61 47.61 12.79
CA ILE C 117 -43.27 46.38 13.24
C ILE C 117 -43.11 46.19 14.73
N PHE C 118 -41.91 46.38 15.26
CA PHE C 118 -41.58 46.03 16.63
C PHE C 118 -41.34 47.28 17.47
N LEU C 119 -41.63 47.18 18.77
CA LEU C 119 -41.23 48.21 19.71
C LEU C 119 -39.75 48.12 20.05
N GLY C 120 -39.17 46.93 19.96
CA GLY C 120 -37.75 46.73 20.23
C GLY C 120 -37.24 45.46 19.60
N TRP C 121 -35.98 45.45 19.18
CA TRP C 121 -35.45 44.33 18.42
C TRP C 121 -33.93 44.37 18.45
N ASP C 122 -33.32 43.26 18.04
CA ASP C 122 -31.87 43.16 17.96
C ASP C 122 -31.50 42.07 16.97
N ASP C 123 -30.47 42.32 16.16
CA ASP C 123 -30.03 41.38 15.14
C ASP C 123 -28.77 40.63 15.56
N ASP C 124 -27.68 41.33 15.84
CA ASP C 124 -26.36 40.73 16.02
C ASP C 124 -25.66 41.23 17.27
N GLY C 125 -26.42 41.46 18.34
CA GLY C 125 -25.85 42.02 19.54
C GLY C 125 -25.02 41.07 20.38
N GLY C 126 -25.03 39.78 20.08
CA GLY C 126 -24.35 38.79 20.86
C GLY C 126 -23.08 38.28 20.19
N LYS C 127 -22.62 37.12 20.65
CA LYS C 127 -21.41 36.51 20.12
C LYS C 127 -21.72 35.96 18.74
N GLY C 128 -21.09 36.54 17.72
CA GLY C 128 -21.37 36.15 16.35
C GLY C 128 -22.62 36.81 15.83
N TYR C 129 -23.52 36.01 15.24
CA TYR C 129 -24.78 36.51 14.70
C TYR C 129 -25.93 36.36 15.68
N SER C 130 -25.65 36.00 16.93
CA SER C 130 -26.69 35.81 17.93
C SER C 130 -27.22 37.16 18.42
N ALA C 131 -28.48 37.18 18.80
CA ALA C 131 -29.16 38.39 19.23
C ALA C 131 -29.26 38.46 20.76
N SER C 132 -29.30 39.68 21.28
CA SER C 132 -29.50 39.94 22.69
C SER C 132 -30.26 41.25 22.85
N LEU C 133 -31.26 41.26 23.73
CA LEU C 133 -32.19 42.38 23.80
C LEU C 133 -32.52 42.73 25.25
N GLU C 134 -32.53 44.02 25.56
CA GLU C 134 -33.03 44.54 26.82
C GLU C 134 -34.18 45.49 26.53
N PHE C 135 -35.30 45.31 27.24
CA PHE C 135 -36.51 46.09 26.95
C PHE C 135 -37.23 46.37 28.26
N THR C 136 -37.38 47.65 28.59
CA THR C 136 -38.13 48.07 29.76
C THR C 136 -39.62 48.12 29.44
N ILE C 137 -40.42 47.44 30.24
CA ILE C 137 -41.86 47.32 30.01
C ILE C 137 -42.51 48.71 30.12
N PRO C 138 -43.07 49.26 29.03
CA PRO C 138 -43.57 50.63 29.05
C PRO C 138 -44.69 50.88 30.05
N ARG C 139 -45.81 50.18 29.86
CA ARG C 139 -47.00 50.29 30.69
C ARG C 139 -47.39 48.91 31.20
N ASP C 140 -48.57 48.80 31.81
CA ASP C 140 -49.05 47.54 32.35
C ASP C 140 -49.91 46.82 31.30
N GLY C 141 -49.67 45.53 31.14
CA GLY C 141 -50.40 44.74 30.18
C GLY C 141 -49.58 43.52 29.77
N THR C 142 -50.01 42.89 28.67
CA THR C 142 -49.34 41.73 28.12
C THR C 142 -48.67 42.08 26.80
N TYR C 143 -47.64 41.29 26.45
CA TYR C 143 -46.87 41.53 25.23
C TYR C 143 -46.54 40.20 24.58
N HIS C 144 -45.99 40.29 23.36
CA HIS C 144 -45.61 39.13 22.57
C HIS C 144 -44.14 39.22 22.16
N ILE C 145 -43.47 38.07 22.15
CA ILE C 145 -42.08 37.96 21.72
C ILE C 145 -42.05 37.17 20.42
N PHE C 146 -41.33 37.68 19.42
CA PHE C 146 -41.26 37.07 18.10
C PHE C 146 -39.83 36.60 17.85
N ALA C 147 -39.68 35.32 17.54
CA ALA C 147 -38.40 34.73 17.18
C ALA C 147 -38.46 34.22 15.76
N GLY C 148 -37.37 34.41 15.01
CA GLY C 148 -37.38 34.04 13.61
C GLY C 148 -36.04 34.28 12.95
N SER C 149 -36.08 34.46 11.64
CA SER C 149 -34.89 34.60 10.82
C SER C 149 -34.85 35.98 10.17
N THR C 150 -33.68 36.61 10.16
CA THR C 150 -33.49 37.85 9.44
C THR C 150 -33.18 37.58 7.96
N ILE C 151 -33.02 38.67 7.21
CA ILE C 151 -32.68 38.61 5.80
C ILE C 151 -31.20 38.91 5.65
N THR C 152 -30.45 37.95 5.09
CA THR C 152 -29.00 38.07 5.02
C THR C 152 -28.50 37.51 3.69
N ASN C 153 -27.25 37.83 3.38
CA ASN C 153 -26.53 37.26 2.25
C ASN C 153 -25.38 36.42 2.78
N GLN C 154 -25.17 35.25 2.16
CA GLN C 154 -24.15 34.31 2.60
C GLN C 154 -23.29 33.80 1.44
N ARG C 155 -23.06 34.65 0.44
CA ARG C 155 -22.26 34.27 -0.72
C ARG C 155 -21.32 35.40 -1.11
N LEU C 156 -20.22 35.04 -1.76
CA LEU C 156 -19.25 36.01 -2.25
C LEU C 156 -19.16 36.07 -3.76
N ASP C 157 -19.76 35.12 -4.47
CA ASP C 157 -19.75 35.16 -5.94
C ASP C 157 -20.85 36.07 -6.49
N LYS C 158 -22.00 36.12 -5.82
CA LYS C 158 -23.09 36.99 -6.22
C LYS C 158 -23.88 37.38 -4.99
N PHE C 159 -24.67 38.43 -5.12
CA PHE C 159 -25.48 38.95 -4.02
C PHE C 159 -26.91 38.45 -4.16
N GLN C 160 -27.40 37.76 -3.13
CA GLN C 160 -28.75 37.19 -3.14
C GLN C 160 -29.26 37.11 -1.71
N PRO C 161 -30.08 38.06 -1.28
CA PRO C 161 -30.65 37.99 0.07
C PRO C 161 -31.69 36.88 0.18
N THR C 162 -31.65 36.15 1.29
CA THR C 162 -32.53 35.01 1.52
C THR C 162 -32.80 34.86 3.02
N TYR C 163 -33.76 34.00 3.34
CA TYR C 163 -34.01 33.60 4.70
C TYR C 163 -33.05 32.48 5.12
N THR C 164 -33.20 32.00 6.36
CA THR C 164 -32.34 30.97 6.90
C THR C 164 -33.18 29.95 7.67
N THR C 165 -32.64 28.75 7.83
CA THR C 165 -33.33 27.64 8.48
C THR C 165 -32.40 26.97 9.48
N GLY C 166 -32.98 26.46 10.56
CA GLY C 166 -32.21 25.74 11.54
C GLY C 166 -32.90 25.71 12.90
N SER C 167 -32.22 25.09 13.85
CA SER C 167 -32.68 25.01 15.22
C SER C 167 -32.07 26.12 16.06
N PHE C 168 -32.74 26.44 17.18
CA PHE C 168 -32.31 27.56 18.01
C PHE C 168 -32.60 27.27 19.47
N GLN C 169 -31.87 27.98 20.34
CA GLN C 169 -32.08 27.99 21.77
C GLN C 169 -32.40 29.41 22.22
N LEU C 170 -33.50 29.58 22.96
CA LEU C 170 -33.97 30.88 23.39
C LEU C 170 -34.02 30.94 24.91
N ILE C 171 -33.37 31.95 25.48
CA ILE C 171 -33.35 32.17 26.92
C ILE C 171 -34.03 33.50 27.21
N LEU C 172 -35.09 33.47 28.01
CA LEU C 172 -35.82 34.67 28.40
C LEU C 172 -35.68 34.90 29.90
N GLY C 173 -35.51 36.17 30.28
CA GLY C 173 -35.39 36.54 31.67
C GLY C 173 -36.26 37.73 32.02
N LEU C 174 -36.66 37.80 33.28
CA LEU C 174 -37.44 38.91 33.81
C LEU C 174 -36.71 39.48 35.02
N ASN C 175 -36.23 40.72 34.91
CA ASN C 175 -35.46 41.37 35.95
C ASN C 175 -34.26 40.52 36.38
N ALA C 176 -33.61 39.91 35.39
CA ALA C 176 -32.44 39.06 35.61
C ALA C 176 -31.33 39.55 34.67
N PRO C 177 -30.52 40.50 35.12
CA PRO C 177 -29.52 41.11 34.21
C PRO C 177 -28.45 40.16 33.72
N GLN C 178 -28.36 38.95 34.25
CA GLN C 178 -27.34 38.02 33.79
C GLN C 178 -27.73 37.31 32.49
N VAL C 179 -28.96 37.51 32.01
CA VAL C 179 -29.40 36.83 30.80
C VAL C 179 -28.65 37.32 29.56
N ILE C 180 -28.32 38.61 29.50
CA ILE C 180 -27.68 39.18 28.33
C ILE C 180 -26.28 38.62 28.15
N SER C 181 -25.74 37.98 29.19
CA SER C 181 -24.48 37.27 29.04
C SER C 181 -24.65 35.96 28.29
N GLY C 182 -25.89 35.47 28.17
CA GLY C 182 -26.16 34.22 27.48
C GLY C 182 -25.99 32.97 28.29
N GLU C 183 -25.73 33.09 29.60
CA GLU C 183 -25.46 31.95 30.46
C GLU C 183 -26.46 31.81 31.60
N GLY C 184 -27.65 32.39 31.47
CA GLY C 184 -28.63 32.35 32.55
C GLY C 184 -29.20 30.96 32.75
N GLU C 185 -29.05 30.41 33.95
CA GLU C 185 -29.63 29.12 34.33
C GLU C 185 -31.09 29.30 34.77
N PRO C 186 -31.96 28.34 34.50
CA PRO C 186 -33.37 28.50 34.88
C PRO C 186 -33.53 28.68 36.38
N GLU C 187 -34.43 29.59 36.76
CA GLU C 187 -34.65 29.91 38.16
C GLU C 187 -36.04 30.49 38.33
N GLY C 188 -36.55 30.46 39.56
CA GLY C 188 -37.81 31.10 39.86
C GLY C 188 -39.01 30.36 39.27
N GLU C 189 -40.12 31.09 39.17
CA GLU C 189 -41.38 30.57 38.66
C GLU C 189 -41.64 31.13 37.28
N VAL C 190 -42.11 30.27 36.36
CA VAL C 190 -42.25 30.60 34.96
C VAL C 190 -43.17 31.79 34.75
N PHE C 191 -43.00 32.49 33.63
CA PHE C 191 -43.79 33.68 33.33
C PHE C 191 -44.25 33.77 31.87
N ALA C 192 -43.70 32.98 30.96
CA ALA C 192 -44.07 33.00 29.56
C ALA C 192 -44.34 31.58 29.07
N SER C 193 -45.14 31.48 28.01
CA SER C 193 -45.54 30.19 27.48
C SER C 193 -45.68 30.28 25.96
N LEU C 194 -45.73 29.11 25.33
CA LEU C 194 -45.92 29.04 23.89
C LEU C 194 -47.28 29.59 23.50
N ALA C 195 -47.30 30.43 22.47
CA ALA C 195 -48.54 31.04 22.02
C ALA C 195 -49.38 30.09 21.17
N SER C 196 -48.73 29.19 20.41
CA SER C 196 -49.48 28.34 19.48
C SER C 196 -50.41 27.38 20.21
N LEU C 197 -50.12 27.09 21.49
CA LEU C 197 -50.95 26.16 22.26
C LEU C 197 -52.35 26.70 22.54
N GLU C 198 -52.59 27.99 22.32
CA GLU C 198 -53.88 28.59 22.62
C GLU C 198 -54.94 28.27 21.57
N ILE C 199 -54.52 27.80 20.40
CA ILE C 199 -55.45 27.55 19.30
C ILE C 199 -55.27 26.18 18.65
N LYS C 200 -55.99 25.94 17.55
CA LYS C 200 -55.88 24.67 16.83
C LYS C 200 -54.60 24.60 15.99
N PRO C 201 -53.95 23.43 15.98
CA PRO C 201 -52.71 23.26 15.20
C PRO C 201 -52.90 23.28 13.68
N GLU C 202 -51.86 23.60 12.94
CA GLU C 202 -51.95 23.69 11.49
C GLU C 202 -51.92 22.29 10.88
N ALA C 203 -52.88 22.02 10.00
CA ALA C 203 -52.99 20.70 9.39
C ALA C 203 -52.10 20.59 8.16
N HIS C 204 -51.63 19.37 7.90
CA HIS C 204 -50.92 19.02 6.67
C HIS C 204 -51.64 17.85 6.02
N VAL C 205 -51.87 17.94 4.72
CA VAL C 205 -52.58 16.91 3.98
C VAL C 205 -51.81 16.59 2.71
N GLN C 206 -51.69 15.31 2.40
CA GLN C 206 -50.99 14.86 1.19
C GLN C 206 -51.71 13.67 0.60
N GLU C 207 -51.77 13.62 -0.72
CA GLU C 207 -52.42 12.55 -1.44
C GLU C 207 -51.45 11.90 -2.41
N LEU C 208 -51.51 10.57 -2.50
CA LEU C 208 -50.63 9.80 -3.38
C LEU C 208 -51.43 8.73 -4.09
N GLU C 209 -51.05 8.45 -5.33
CA GLU C 209 -51.62 7.34 -6.11
C GLU C 209 -50.59 6.22 -6.17
N ILE C 210 -51.01 5.01 -5.78
CA ILE C 210 -50.11 3.88 -5.70
C ILE C 210 -50.71 2.70 -6.44
N ARG C 211 -49.84 1.84 -6.97
CA ARG C 211 -50.24 0.68 -7.76
C ARG C 211 -49.50 -0.54 -7.26
N LEU C 212 -50.24 -1.64 -7.07
CA LEU C 212 -49.68 -2.90 -6.59
C LEU C 212 -49.54 -3.86 -7.77
N ASP C 213 -48.35 -3.89 -8.36
CA ASP C 213 -48.07 -4.82 -9.46
C ASP C 213 -48.06 -6.26 -8.95
N LYS C 214 -47.89 -7.20 -9.89
CA LYS C 214 -47.89 -8.61 -9.54
C LYS C 214 -46.78 -8.96 -8.57
N ASP C 215 -45.58 -8.42 -8.79
CA ASP C 215 -44.44 -8.69 -7.93
C ASP C 215 -44.20 -7.63 -6.86
N THR C 216 -45.08 -6.63 -6.76
CA THR C 216 -44.90 -5.52 -5.83
C THR C 216 -46.18 -5.32 -5.03
N ARG C 217 -46.69 -6.39 -4.45
CA ARG C 217 -47.94 -6.35 -3.69
C ARG C 217 -47.80 -5.72 -2.32
N TYR C 218 -46.59 -5.39 -1.87
CA TYR C 218 -46.37 -4.81 -0.55
C TYR C 218 -45.66 -3.48 -0.70
N LEU C 219 -46.16 -2.45 0.01
CA LEU C 219 -45.62 -1.11 -0.08
C LEU C 219 -45.54 -0.48 1.30
N THR C 220 -44.47 0.28 1.55
CA THR C 220 -44.25 0.96 2.81
C THR C 220 -43.78 2.38 2.57
N GLN C 221 -44.18 3.29 3.46
CA GLN C 221 -43.80 4.69 3.38
C GLN C 221 -43.46 5.20 4.77
N HIS C 222 -42.47 6.09 4.84
CA HIS C 222 -42.02 6.67 6.10
C HIS C 222 -42.55 8.09 6.25
N THR C 223 -42.94 8.44 7.48
CA THR C 223 -43.49 9.73 7.80
C THR C 223 -42.45 10.60 8.52
N ARG C 224 -42.67 11.90 8.48
CA ARG C 224 -41.84 12.82 9.26
C ARG C 224 -42.16 12.66 10.75
N ASN C 225 -41.29 13.24 11.58
CA ASN C 225 -41.45 13.10 13.03
C ASN C 225 -42.71 13.81 13.51
N LEU C 226 -43.35 13.21 14.52
CA LEU C 226 -44.54 13.77 15.15
C LEU C 226 -44.21 14.18 16.59
N GLN C 227 -44.68 15.36 16.98
CA GLN C 227 -44.53 15.85 18.33
C GLN C 227 -45.61 15.26 19.24
N PRO C 228 -45.36 15.20 20.55
CA PRO C 228 -46.38 14.66 21.46
C PRO C 228 -47.66 15.48 21.42
N GLY C 229 -48.79 14.79 21.50
CA GLY C 229 -50.09 15.40 21.40
C GLY C 229 -50.65 15.47 20.00
N ASP C 230 -49.85 15.19 18.98
CA ASP C 230 -50.33 15.25 17.61
C ASP C 230 -51.20 14.03 17.29
N THR C 231 -51.87 14.10 16.15
CA THR C 231 -52.75 13.03 15.70
C THR C 231 -52.46 12.72 14.23
N PHE C 232 -52.76 11.48 13.84
CA PHE C 232 -52.47 10.98 12.51
C PHE C 232 -53.71 10.31 11.94
N HIS C 233 -54.00 10.60 10.66
CA HIS C 233 -55.14 10.02 9.98
C HIS C 233 -54.73 9.56 8.60
N ALA C 234 -55.34 8.46 8.14
CA ALA C 234 -55.05 7.91 6.82
C ALA C 234 -56.27 7.16 6.32
N LEU C 235 -56.43 7.13 5.00
CA LEU C 235 -57.54 6.40 4.37
C LEU C 235 -57.13 6.00 2.97
N VAL C 236 -57.75 4.93 2.47
CA VAL C 236 -57.44 4.39 1.15
C VAL C 236 -58.76 4.13 0.41
N GLU C 237 -58.81 4.53 -0.86
CA GLU C 237 -59.97 4.30 -1.71
C GLU C 237 -59.49 3.88 -3.09
N PRO C 238 -59.98 2.75 -3.60
CA PRO C 238 -59.51 2.27 -4.91
C PRO C 238 -59.98 3.14 -6.06
N LEU C 244 -60.34 -4.23 -1.90
CA LEU C 244 -59.83 -3.41 -0.81
C LEU C 244 -58.62 -4.08 -0.17
N PRO C 245 -57.47 -3.41 -0.09
CA PRO C 245 -56.30 -3.98 0.56
C PRO C 245 -56.32 -3.74 2.06
N ARG C 246 -55.37 -4.37 2.75
CA ARG C 246 -55.23 -4.19 4.18
C ARG C 246 -54.29 -3.03 4.48
N LEU C 247 -54.57 -2.32 5.57
CA LEU C 247 -53.82 -1.13 5.95
C LEU C 247 -53.47 -1.21 7.43
N ARG C 248 -52.25 -0.83 7.79
CA ARG C 248 -51.81 -0.85 9.18
C ARG C 248 -50.69 0.16 9.37
N LEU C 249 -50.45 0.51 10.63
CA LEU C 249 -49.46 1.51 11.01
C LEU C 249 -48.51 0.94 12.04
N THR C 250 -47.20 1.08 11.80
CA THR C 250 -46.17 0.63 12.72
C THR C 250 -45.11 1.71 12.87
N ASP C 251 -44.36 1.64 13.96
CA ASP C 251 -43.24 2.55 14.15
C ASP C 251 -42.04 2.08 13.33
N SER C 252 -40.94 2.82 13.44
CA SER C 252 -39.74 2.53 12.65
C SER C 252 -39.12 1.19 12.94
N GLY C 253 -39.24 0.71 14.17
CA GLY C 253 -38.78 -0.64 14.46
C GLY C 253 -39.80 -1.47 13.74
N GLY C 254 -41.07 -1.32 14.13
CA GLY C 254 -42.14 -2.02 13.46
C GLY C 254 -43.28 -2.38 14.40
N LYS C 255 -43.11 -2.22 15.71
CA LYS C 255 -44.17 -2.50 16.66
C LYS C 255 -45.49 -1.88 16.21
N PRO C 256 -46.53 -2.73 16.02
CA PRO C 256 -47.84 -2.23 15.57
C PRO C 256 -48.41 -1.19 16.51
N LEU C 257 -49.12 -0.22 15.94
CA LEU C 257 -49.75 0.84 16.69
C LEU C 257 -51.24 1.00 16.39
N ALA C 258 -51.66 0.78 15.14
CA ALA C 258 -53.06 0.88 14.77
C ALA C 258 -53.32 -0.01 13.57
N PHE C 259 -54.59 -0.36 13.38
CA PHE C 259 -55.01 -1.21 12.28
C PHE C 259 -56.23 -0.59 11.60
N GLY C 260 -56.36 -0.83 10.30
CA GLY C 260 -57.40 -0.19 9.52
C GLY C 260 -58.75 -0.83 9.73
N LEU C 261 -59.79 0.00 9.74
CA LEU C 261 -61.17 -0.44 9.90
C LEU C 261 -61.94 -0.21 8.61
N VAL C 269 -60.97 2.09 3.70
CA VAL C 269 -60.41 1.69 4.98
C VAL C 269 -59.73 2.90 5.60
N GLU C 270 -59.91 3.08 6.91
CA GLU C 270 -59.40 4.26 7.60
C GLU C 270 -58.67 3.85 8.87
N LEU C 271 -57.81 4.75 9.36
CA LEU C 271 -56.94 4.49 10.49
C LEU C 271 -56.74 5.78 11.27
N ASN C 272 -56.47 5.64 12.57
CA ASN C 272 -56.29 6.79 13.45
C ASN C 272 -55.29 6.46 14.54
N TYR C 273 -54.53 7.46 14.97
CA TYR C 273 -53.54 7.29 16.01
C TYR C 273 -53.26 8.63 16.69
N THR C 274 -52.73 8.58 17.91
CA THR C 274 -52.36 9.75 18.68
C THR C 274 -51.00 9.52 19.32
N CYS C 275 -50.20 10.58 19.40
CA CYS C 275 -48.78 10.47 19.75
C CYS C 275 -48.59 10.62 21.25
N ASP C 276 -47.91 9.64 21.85
CA ASP C 276 -47.61 9.67 23.28
C ASP C 276 -46.15 9.96 23.59
N GLN C 277 -45.23 9.43 22.79
CA GLN C 277 -43.80 9.57 23.07
C GLN C 277 -43.31 10.96 22.71
N ASP C 278 -42.08 11.25 23.14
CA ASP C 278 -41.47 12.54 22.82
C ASP C 278 -41.25 12.70 21.32
N ILE C 279 -40.77 11.65 20.65
CA ILE C 279 -40.63 11.66 19.20
C ILE C 279 -41.18 10.35 18.66
N CYS C 280 -42.09 10.45 17.69
CA CYS C 280 -42.70 9.28 17.06
C CYS C 280 -42.36 9.28 15.57
N GLU C 281 -41.80 8.17 15.11
CA GLU C 281 -41.51 7.96 13.69
C GLU C 281 -42.39 6.81 13.22
N LEU C 282 -43.21 7.06 12.21
CA LEU C 282 -44.26 6.13 11.81
C LEU C 282 -44.02 5.60 10.41
N VAL C 283 -44.50 4.39 10.16
CA VAL C 283 -44.44 3.74 8.86
C VAL C 283 -45.83 3.24 8.50
N VAL C 284 -46.30 3.59 7.31
CA VAL C 284 -47.62 3.19 6.82
C VAL C 284 -47.45 1.98 5.90
N HIS C 285 -48.18 0.91 6.20
CA HIS C 285 -48.13 -0.31 5.41
C HIS C 285 -49.43 -0.45 4.62
N VAL C 286 -49.31 -0.66 3.31
CA VAL C 286 -50.44 -1.00 2.47
C VAL C 286 -50.08 -2.25 1.69
N ASP C 287 -50.88 -3.30 1.84
CA ASP C 287 -50.58 -4.57 1.21
C ASP C 287 -51.84 -5.21 0.67
N GLY C 288 -51.70 -5.90 -0.45
CA GLY C 288 -52.80 -6.65 -1.03
C GLY C 288 -52.44 -8.11 -1.25
N ALA C 298 -53.87 -3.29 -10.32
CA ALA C 298 -54.73 -2.60 -9.35
C ALA C 298 -54.07 -1.31 -8.88
N VAL C 299 -54.87 -0.25 -8.78
CA VAL C 299 -54.36 1.08 -8.44
C VAL C 299 -55.29 1.69 -7.41
N TYR C 300 -54.70 2.34 -6.40
CA TYR C 300 -55.44 2.86 -5.27
C TYR C 300 -55.03 4.29 -4.99
N ARG C 301 -55.91 5.03 -4.31
CA ARG C 301 -55.63 6.38 -3.85
C ARG C 301 -55.42 6.37 -2.35
N LEU C 302 -54.30 6.92 -1.91
CA LEU C 302 -53.94 7.00 -0.50
C LEU C 302 -53.95 8.46 -0.06
N LEU C 303 -54.71 8.76 0.99
CA LEU C 303 -54.80 10.10 1.55
C LEU C 303 -54.31 10.06 2.98
N VAL C 304 -53.46 11.02 3.35
CA VAL C 304 -52.82 11.05 4.65
C VAL C 304 -52.79 12.48 5.16
N GLY C 305 -52.93 12.64 6.48
CA GLY C 305 -52.93 13.95 7.08
C GLY C 305 -52.45 13.94 8.50
N ILE C 306 -51.88 15.08 8.91
CA ILE C 306 -51.44 15.31 10.28
C ILE C 306 -52.27 16.47 10.85
N ASN C 307 -52.88 16.23 12.01
CA ASN C 307 -53.77 17.21 12.65
C ASN C 307 -54.90 17.63 11.71
N ALA C 308 -55.38 16.67 10.93
CA ALA C 308 -56.44 16.94 9.94
C ALA C 308 -57.49 15.83 10.03
N PRO C 309 -58.42 15.95 10.97
CA PRO C 309 -59.50 14.94 11.05
C PRO C 309 -60.51 15.03 9.93
N ASN C 310 -60.45 16.06 9.09
CA ASN C 310 -61.41 16.27 8.02
C ASN C 310 -60.98 15.63 6.70
N LEU C 311 -60.17 14.58 6.74
CA LEU C 311 -59.72 13.95 5.50
C LEU C 311 -60.87 13.36 4.70
N ARG C 312 -62.01 13.08 5.33
CA ARG C 312 -63.16 12.58 4.57
C ARG C 312 -63.61 13.59 3.53
N GLU C 313 -63.72 14.87 3.92
CA GLU C 313 -64.05 15.96 3.00
C GLU C 313 -63.04 17.08 3.23
N SER C 314 -61.89 16.99 2.57
CA SER C 314 -60.85 17.98 2.75
C SER C 314 -61.26 19.32 2.16
N GLY C 315 -61.60 19.32 0.87
CA GLY C 315 -61.97 20.56 0.19
C GLY C 315 -60.78 21.27 -0.41
N GLN C 316 -59.87 21.72 0.45
CA GLN C 316 -58.67 22.40 0.00
C GLN C 316 -57.73 21.44 -0.71
N THR C 317 -57.00 21.95 -1.69
CA THR C 317 -55.92 21.17 -2.29
C THR C 317 -54.85 20.91 -1.23
N PRO C 318 -54.08 19.80 -1.34
CA PRO C 318 -53.10 19.45 -0.31
C PRO C 318 -52.31 20.63 0.24
N VAL C 319 -52.42 20.87 1.53
CA VAL C 319 -51.82 22.03 2.17
C VAL C 319 -50.60 21.60 2.99
N GLY C 320 -49.86 22.59 3.48
CA GLY C 320 -48.72 22.31 4.33
C GLY C 320 -47.54 21.59 3.73
N SER C 321 -46.69 21.05 4.60
CA SER C 321 -45.53 20.31 4.13
C SER C 321 -45.90 18.87 3.84
N SER C 322 -45.07 18.19 3.06
CA SER C 322 -45.31 16.80 2.75
C SER C 322 -45.28 15.95 4.02
N VAL C 323 -46.20 14.98 4.09
CA VAL C 323 -46.28 14.09 5.23
C VAL C 323 -45.21 13.00 5.16
N PHE C 324 -45.04 12.41 3.98
CA PHE C 324 -44.03 11.37 3.79
C PHE C 324 -42.68 11.99 3.45
N LEU C 325 -41.62 11.33 3.91
CA LEU C 325 -40.26 11.78 3.59
C LEU C 325 -40.00 11.67 2.10
N GLU C 326 -39.14 12.54 1.59
CA GLU C 326 -38.80 12.59 0.18
C GLU C 326 -37.33 12.25 -0.03
N SER C 327 -37.04 11.61 -1.15
CA SER C 327 -35.67 11.28 -1.50
C SER C 327 -34.91 12.53 -1.95
N ASP C 328 -33.61 12.56 -1.68
CA ASP C 328 -32.76 13.66 -2.10
C ASP C 328 -32.40 13.50 -3.58
N LEU C 329 -32.46 14.60 -4.32
CA LEU C 329 -32.29 14.59 -5.77
C LEU C 329 -30.84 14.91 -6.14
N VAL C 330 -30.26 14.10 -7.03
CA VAL C 330 -28.86 14.23 -7.41
C VAL C 330 -28.78 14.53 -8.91
N THR C 331 -27.91 15.47 -9.28
CA THR C 331 -27.60 15.78 -10.66
C THR C 331 -26.26 15.15 -11.03
N VAL C 332 -26.19 14.52 -12.20
CA VAL C 332 -25.02 13.75 -12.61
C VAL C 332 -24.63 14.13 -14.03
N GLY C 333 -23.33 14.03 -14.32
CA GLY C 333 -22.83 14.24 -15.66
C GLY C 333 -21.50 13.56 -15.84
N LEU C 334 -21.23 13.13 -17.08
CA LEU C 334 -20.00 12.41 -17.41
C LEU C 334 -19.52 12.80 -18.79
N ALA C 335 -18.19 12.88 -18.95
CA ALA C 335 -17.57 13.20 -20.23
C ALA C 335 -16.41 12.23 -20.49
N VAL C 336 -16.23 11.85 -21.74
CA VAL C 336 -15.18 10.93 -22.16
C VAL C 336 -14.12 11.71 -22.92
N ASP C 337 -12.85 11.57 -22.50
CA ASP C 337 -11.75 12.28 -23.14
C ASP C 337 -11.03 11.41 -24.17
N GLN C 338 -10.69 10.17 -23.83
CA GLN C 338 -9.89 9.34 -24.71
C GLN C 338 -10.11 7.87 -24.38
N ILE C 339 -10.29 7.05 -25.41
CA ILE C 339 -10.27 5.60 -25.27
C ILE C 339 -8.81 5.16 -25.43
N VAL C 340 -8.25 4.55 -24.39
CA VAL C 340 -6.81 4.29 -24.35
C VAL C 340 -6.43 2.84 -24.60
N GLY C 341 -7.40 1.95 -24.76
CA GLY C 341 -7.07 0.56 -25.07
C GLY C 341 -8.30 -0.31 -25.13
N VAL C 342 -8.19 -1.35 -25.94
CA VAL C 342 -9.22 -2.38 -26.08
C VAL C 342 -8.53 -3.74 -26.11
N ASP C 343 -9.01 -4.66 -25.28
CA ASP C 343 -8.48 -6.02 -25.21
C ASP C 343 -9.51 -6.97 -25.81
N GLN C 344 -9.19 -7.53 -26.97
CA GLN C 344 -10.16 -8.34 -27.71
C GLN C 344 -10.21 -9.79 -27.24
N ARG C 345 -9.23 -10.25 -26.48
CA ARG C 345 -9.28 -11.62 -25.96
C ARG C 345 -9.96 -11.71 -24.60
N SER C 346 -9.67 -10.77 -23.71
CA SER C 346 -10.31 -10.73 -22.40
C SER C 346 -11.58 -9.89 -22.38
N GLU C 347 -11.88 -9.19 -23.47
CA GLU C 347 -13.11 -8.42 -23.64
C GLU C 347 -13.26 -7.35 -22.54
N ASN C 348 -12.33 -6.39 -22.58
CA ASN C 348 -12.38 -5.22 -21.71
C ASN C 348 -11.73 -4.05 -22.42
N PHE C 349 -12.04 -2.83 -21.95
CA PHE C 349 -11.49 -1.62 -22.52
C PHE C 349 -11.23 -0.61 -21.41
N SER C 350 -10.39 0.38 -21.71
CA SER C 350 -9.99 1.40 -20.76
C SER C 350 -10.28 2.80 -21.32
N VAL C 351 -10.71 3.71 -20.45
CA VAL C 351 -11.19 5.02 -20.86
C VAL C 351 -10.77 6.07 -19.84
N VAL C 352 -10.57 7.30 -20.32
CA VAL C 352 -10.22 8.45 -19.48
C VAL C 352 -11.35 9.47 -19.59
N GLY C 353 -11.78 10.00 -18.46
CA GLY C 353 -12.89 10.94 -18.48
C GLY C 353 -13.04 11.69 -17.17
N THR C 354 -14.18 12.40 -17.07
CA THR C 354 -14.49 13.27 -15.94
C THR C 354 -15.93 13.01 -15.48
N LEU C 355 -16.14 13.07 -14.16
CA LEU C 355 -17.44 12.82 -13.54
C LEU C 355 -17.79 13.94 -12.57
N LYS C 356 -19.07 14.28 -12.50
CA LYS C 356 -19.56 15.36 -11.64
C LYS C 356 -20.88 14.98 -11.00
N LEU C 357 -21.02 15.28 -9.70
CA LEU C 357 -22.24 15.07 -8.94
C LEU C 357 -22.59 16.33 -8.16
N SER C 358 -23.88 16.57 -7.96
CA SER C 358 -24.35 17.74 -7.24
C SER C 358 -25.69 17.43 -6.58
N TRP C 359 -25.86 17.86 -5.33
CA TRP C 359 -27.09 17.64 -4.58
C TRP C 359 -27.23 18.69 -3.49
N HIS C 360 -28.37 18.66 -2.80
CA HIS C 360 -28.71 19.64 -1.78
C HIS C 360 -29.12 18.92 -0.50
N ASP C 361 -28.51 19.31 0.62
CA ASP C 361 -28.79 18.70 1.91
C ASP C 361 -28.70 19.73 3.03
N PRO C 362 -29.82 20.10 3.66
CA PRO C 362 -29.77 21.11 4.73
C PRO C 362 -28.99 20.69 5.96
N LYS C 363 -28.80 19.39 6.19
CA LYS C 363 -28.01 18.95 7.34
C LYS C 363 -26.54 19.31 7.20
N LEU C 364 -26.05 19.54 5.99
CA LEU C 364 -24.67 19.90 5.76
C LEU C 364 -24.41 21.41 5.93
N GLY C 365 -25.46 22.20 6.14
CA GLY C 365 -25.27 23.64 6.22
C GLY C 365 -24.50 24.03 7.47
N PHE C 366 -23.82 25.18 7.39
CA PHE C 366 -23.08 25.73 8.50
C PHE C 366 -23.30 27.23 8.56
N SER C 367 -22.78 27.85 9.62
CA SER C 367 -22.89 29.29 9.82
C SER C 367 -21.54 29.94 9.55
N PRO C 368 -21.47 30.91 8.64
CA PRO C 368 -20.17 31.49 8.27
C PRO C 368 -19.40 32.13 9.41
N ASP C 369 -20.12 32.72 10.38
CA ASP C 369 -19.50 33.47 11.45
C ASP C 369 -18.67 32.60 12.38
N GLN C 370 -18.67 31.28 12.17
CA GLN C 370 -17.89 30.36 12.97
C GLN C 370 -16.60 29.94 12.26
N CYS C 371 -16.45 30.32 11.00
CA CYS C 371 -15.26 29.95 10.24
C CYS C 371 -14.74 31.13 9.43
N GLY C 372 -15.58 32.16 9.26
CA GLY C 372 -15.20 33.29 8.42
C GLY C 372 -15.01 32.93 6.97
N CYS C 373 -15.69 31.90 6.49
CA CYS C 373 -15.52 31.42 5.12
C CYS C 373 -16.88 31.11 4.52
N THR C 374 -16.93 31.09 3.18
CA THR C 374 -18.13 30.77 2.44
C THR C 374 -18.11 29.35 1.85
N VAL C 375 -16.93 28.73 1.74
CA VAL C 375 -16.82 27.41 1.13
C VAL C 375 -15.97 26.52 2.02
N LYS C 376 -16.50 25.33 2.33
CA LYS C 376 -15.78 24.31 3.08
C LYS C 376 -15.51 23.13 2.15
N SER C 377 -14.28 22.60 2.19
CA SER C 377 -13.84 21.65 1.19
C SER C 377 -13.17 20.44 1.83
N PHE C 378 -13.27 19.31 1.12
CA PHE C 378 -12.57 18.08 1.44
C PHE C 378 -11.82 17.64 0.19
N GLU C 379 -10.58 17.18 0.34
CA GLU C 379 -9.73 16.88 -0.80
C GLU C 379 -9.12 15.49 -0.67
N ASP C 380 -8.92 14.85 -1.82
CA ASP C 380 -8.22 13.57 -1.94
C ASP C 380 -8.86 12.47 -1.10
N ALA C 381 -10.19 12.50 -0.98
CA ALA C 381 -10.91 11.50 -0.22
C ALA C 381 -12.14 11.06 -0.98
N SER C 382 -12.48 9.78 -0.87
CA SER C 382 -13.70 9.27 -1.45
C SER C 382 -14.91 9.74 -0.65
N ILE C 383 -16.09 9.65 -1.26
CA ILE C 383 -17.31 10.05 -0.59
C ILE C 383 -17.58 9.18 0.62
N ARG C 384 -17.21 7.89 0.55
CA ARG C 384 -17.38 7.00 1.70
C ARG C 384 -16.55 7.45 2.89
N ALA C 385 -15.30 7.83 2.65
CA ALA C 385 -14.42 8.27 3.73
C ALA C 385 -14.95 9.54 4.39
N VAL C 386 -15.40 10.50 3.57
CA VAL C 386 -15.93 11.74 4.11
C VAL C 386 -17.22 11.48 4.90
N ALA C 387 -18.07 10.59 4.38
CA ALA C 387 -19.30 10.24 5.08
C ALA C 387 -19.01 9.59 6.42
N GLY C 388 -17.99 8.73 6.49
CA GLY C 388 -17.61 8.13 7.75
C GLY C 388 -16.94 9.11 8.70
N GLU C 389 -16.29 10.15 8.17
CA GLU C 389 -15.67 11.15 9.03
C GLU C 389 -16.68 12.12 9.63
N ILE C 390 -17.68 12.56 8.85
CA ILE C 390 -18.65 13.52 9.36
C ILE C 390 -19.92 12.86 9.88
N ASN C 391 -20.02 11.53 9.79
CA ASN C 391 -21.16 10.77 10.34
C ASN C 391 -22.50 11.24 9.76
N LEU C 392 -22.52 11.47 8.44
CA LEU C 392 -23.76 11.78 7.74
C LEU C 392 -23.84 10.96 6.45
N PRO C 393 -25.03 10.53 6.07
CA PRO C 393 -25.16 9.76 4.82
C PRO C 393 -24.97 10.63 3.59
N LEU C 394 -24.19 10.12 2.65
CA LEU C 394 -23.87 10.80 1.40
C LEU C 394 -24.03 9.82 0.24
N PRO C 395 -24.27 10.33 -0.98
CA PRO C 395 -24.50 9.43 -2.13
C PRO C 395 -23.23 8.87 -2.75
N SER C 396 -22.72 7.80 -2.16
CA SER C 396 -21.55 7.11 -2.70
C SER C 396 -21.91 6.32 -3.95
N PHE C 397 -20.91 6.03 -4.77
CA PHE C 397 -21.13 5.38 -6.06
C PHE C 397 -19.97 4.44 -6.36
N SER C 398 -20.17 3.61 -7.40
CA SER C 398 -19.13 2.74 -7.92
C SER C 398 -19.38 2.47 -9.40
N PHE C 399 -18.31 2.06 -10.09
CA PHE C 399 -18.41 1.59 -11.47
C PHE C 399 -18.78 0.12 -11.46
N TYR C 400 -19.81 -0.25 -12.23
CA TYR C 400 -20.36 -1.60 -12.14
C TYR C 400 -19.37 -2.67 -12.62
N ASN C 401 -18.68 -2.41 -13.73
CA ASN C 401 -17.80 -3.40 -14.34
C ASN C 401 -16.32 -3.07 -14.14
N GLN C 402 -15.96 -2.47 -13.01
CA GLN C 402 -14.58 -2.06 -12.79
C GLN C 402 -13.67 -3.28 -12.61
N GLN C 403 -12.54 -3.27 -13.32
CA GLN C 403 -11.53 -4.31 -13.22
C GLN C 403 -10.31 -3.73 -12.50
N GLY C 404 -10.03 -4.22 -11.30
CA GLY C 404 -8.91 -3.71 -10.54
C GLY C 404 -9.15 -2.32 -9.98
N ASN C 405 -8.05 -1.69 -9.58
CA ASN C 405 -8.12 -0.38 -8.94
C ASN C 405 -8.33 0.72 -9.97
N ARG C 406 -8.80 1.87 -9.49
CA ARG C 406 -9.07 3.04 -10.32
C ARG C 406 -8.12 4.17 -9.95
N TRP C 407 -7.55 4.82 -10.95
CA TRP C 407 -6.69 5.98 -10.75
C TRP C 407 -7.51 7.26 -10.78
N SER C 408 -7.33 8.11 -9.78
CA SER C 408 -8.13 9.31 -9.61
C SER C 408 -7.24 10.53 -9.39
N GLN C 409 -7.64 11.66 -9.98
CA GLN C 409 -6.94 12.93 -9.82
C GLN C 409 -7.95 14.03 -9.57
N ASN C 410 -7.49 15.09 -8.90
CA ASN C 410 -8.28 16.29 -8.64
C ASN C 410 -9.58 15.99 -7.91
N GLN C 411 -9.55 15.07 -6.95
CA GLN C 411 -10.73 14.68 -6.21
C GLN C 411 -11.04 15.71 -5.13
N VAL C 412 -12.23 16.30 -5.18
CA VAL C 412 -12.59 17.37 -4.25
C VAL C 412 -14.10 17.35 -3.99
N ILE C 413 -14.48 17.67 -2.75
CA ILE C 413 -15.86 17.91 -2.35
C ILE C 413 -15.91 19.25 -1.64
N PHE C 414 -16.85 20.11 -2.04
CA PHE C 414 -17.02 21.39 -1.35
C PHE C 414 -18.50 21.69 -1.16
N VAL C 415 -18.80 22.39 -0.07
CA VAL C 415 -20.17 22.62 0.40
C VAL C 415 -20.36 24.10 0.69
N THR C 416 -21.52 24.63 0.34
CA THR C 416 -21.92 26.00 0.60
C THR C 416 -22.73 26.09 1.89
N PRO C 417 -22.85 27.29 2.49
CA PRO C 417 -23.59 27.40 3.75
C PRO C 417 -25.05 26.98 3.65
N ASP C 418 -25.68 27.14 2.48
CA ASP C 418 -27.07 26.72 2.32
C ASP C 418 -27.20 25.20 2.34
N GLY C 419 -26.10 24.49 2.10
CA GLY C 419 -26.13 23.04 2.06
C GLY C 419 -25.95 22.43 0.69
N ARG C 420 -25.64 23.23 -0.32
CA ARG C 420 -25.41 22.70 -1.67
C ARG C 420 -24.02 22.11 -1.76
N ALA C 421 -23.92 20.84 -2.15
CA ALA C 421 -22.66 20.12 -2.22
C ALA C 421 -22.43 19.61 -3.64
N SER C 422 -21.16 19.44 -3.99
CA SER C 422 -20.79 18.96 -5.31
C SER C 422 -19.50 18.14 -5.23
N TYR C 423 -19.37 17.19 -6.15
CA TYR C 423 -18.22 16.29 -6.23
C TYR C 423 -17.61 16.35 -7.62
N PHE C 424 -16.28 16.27 -7.69
CA PHE C 424 -15.56 16.32 -8.95
C PHE C 424 -14.43 15.29 -8.94
N GLU C 425 -14.21 14.65 -10.08
CA GLU C 425 -13.18 13.61 -10.18
C GLU C 425 -12.75 13.46 -11.63
N ARG C 426 -11.44 13.22 -11.82
CA ARG C 426 -10.88 12.81 -13.11
C ARG C 426 -10.36 11.39 -12.95
N PHE C 427 -10.81 10.49 -13.81
CA PHE C 427 -10.59 9.05 -13.62
C PHE C 427 -9.97 8.41 -14.86
N THR C 428 -9.21 7.35 -14.60
CA THR C 428 -8.78 6.40 -15.62
C THR C 428 -9.11 5.00 -15.12
N VAL C 429 -9.91 4.26 -15.89
CA VAL C 429 -10.48 3.01 -15.41
C VAL C 429 -10.54 1.99 -16.53
N THR C 430 -10.51 0.71 -16.16
CA THR C 430 -10.66 -0.42 -17.07
C THR C 430 -11.96 -1.14 -16.76
N LEU C 431 -12.80 -1.32 -17.78
CA LEU C 431 -14.15 -1.86 -17.62
C LEU C 431 -14.32 -3.14 -18.42
N GLN C 432 -14.91 -4.15 -17.80
CA GLN C 432 -15.24 -5.39 -18.49
C GLN C 432 -16.38 -5.18 -19.47
N ALA C 433 -16.34 -5.89 -20.59
CA ALA C 433 -17.36 -5.78 -21.63
C ALA C 433 -17.63 -7.14 -22.28
N PRO C 434 -18.32 -8.06 -21.60
CA PRO C 434 -18.60 -9.36 -22.20
C PRO C 434 -19.56 -9.31 -23.38
N ASP C 435 -20.19 -8.17 -23.65
CA ASP C 435 -21.14 -8.07 -24.75
C ASP C 435 -20.47 -7.98 -26.12
N PHE C 436 -19.14 -7.89 -26.17
CA PHE C 436 -18.43 -7.82 -27.45
C PHE C 436 -18.72 -9.03 -28.32
N ASP C 437 -18.83 -8.79 -29.62
CA ASP C 437 -19.04 -9.85 -30.60
C ASP C 437 -18.22 -9.53 -31.85
N PHE C 438 -17.18 -10.33 -32.10
CA PHE C 438 -16.25 -10.10 -33.19
C PHE C 438 -16.46 -11.04 -34.38
N LEU C 439 -17.67 -11.58 -34.54
CA LEU C 439 -17.91 -12.54 -35.62
C LEU C 439 -17.73 -11.91 -36.99
N ALA C 440 -18.22 -10.68 -37.18
CA ALA C 440 -18.19 -9.99 -38.46
C ALA C 440 -16.89 -9.21 -38.69
N TYR C 441 -15.83 -9.53 -37.96
CA TYR C 441 -14.57 -8.81 -38.08
C TYR C 441 -14.06 -8.87 -39.52
N PRO C 442 -13.53 -7.77 -40.08
CA PRO C 442 -13.34 -6.45 -39.45
C PRO C 442 -14.52 -5.49 -39.62
N PHE C 443 -15.64 -5.98 -40.13
CA PHE C 443 -16.82 -5.15 -40.36
C PHE C 443 -17.73 -5.06 -39.14
N ASP C 444 -17.24 -5.43 -37.96
CA ASP C 444 -18.06 -5.46 -36.76
C ASP C 444 -18.32 -4.06 -36.21
N ARG C 445 -19.41 -3.92 -35.47
CA ARG C 445 -19.75 -2.71 -34.74
C ARG C 445 -19.98 -3.06 -33.28
N GLN C 446 -19.47 -2.22 -32.38
CA GLN C 446 -19.47 -2.53 -30.96
C GLN C 446 -20.07 -1.37 -30.17
N LYS C 447 -20.38 -1.64 -28.91
CA LYS C 447 -20.90 -0.65 -27.97
C LYS C 447 -20.00 -0.57 -26.75
N PHE C 448 -19.60 0.64 -26.37
CA PHE C 448 -18.84 0.88 -25.14
C PHE C 448 -19.79 1.50 -24.12
N SER C 449 -20.11 0.74 -23.08
CA SER C 449 -21.09 1.15 -22.08
C SER C 449 -20.41 1.43 -20.74
N ILE C 450 -20.70 2.59 -20.17
CA ILE C 450 -20.16 3.00 -18.88
C ILE C 450 -21.34 3.18 -17.92
N LYS C 451 -21.35 2.43 -16.82
CA LYS C 451 -22.46 2.40 -15.88
C LYS C 451 -21.99 2.91 -14.51
N VAL C 452 -22.70 3.88 -13.96
CA VAL C 452 -22.44 4.41 -12.63
C VAL C 452 -23.66 4.12 -11.76
N ASP C 453 -23.46 3.39 -10.68
CA ASP C 453 -24.54 2.97 -9.79
C ASP C 453 -24.33 3.59 -8.40
N LEU C 454 -25.39 4.14 -7.84
CA LEU C 454 -25.36 4.59 -6.45
C LEU C 454 -25.34 3.40 -5.50
N ALA C 455 -24.56 3.52 -4.43
CA ALA C 455 -24.44 2.46 -3.43
C ALA C 455 -25.44 2.63 -2.29
N VAL C 456 -26.56 3.30 -2.52
CA VAL C 456 -27.55 3.55 -1.48
C VAL C 456 -28.95 3.25 -2.01
N PRO C 457 -29.88 2.92 -1.12
CA PRO C 457 -31.25 2.65 -1.57
C PRO C 457 -31.91 3.87 -2.20
N THR C 458 -32.89 3.59 -3.08
CA THR C 458 -33.52 4.65 -3.84
C THR C 458 -34.35 5.59 -2.97
N ASN C 459 -34.74 5.16 -1.77
CA ASN C 459 -35.49 6.04 -0.88
C ASN C 459 -34.61 7.05 -0.18
N MET C 460 -33.28 6.93 -0.30
CA MET C 460 -32.36 7.91 0.26
C MET C 460 -31.90 8.93 -0.79
N PHE C 461 -31.30 8.45 -1.88
CA PHE C 461 -30.82 9.31 -2.95
C PHE C 461 -31.23 8.70 -4.29
N ILE C 462 -31.49 9.55 -5.28
CA ILE C 462 -31.89 9.10 -6.61
C ILE C 462 -31.39 10.09 -7.64
N PHE C 463 -30.88 9.58 -8.77
CA PHE C 463 -30.54 10.43 -9.89
C PHE C 463 -31.80 11.02 -10.51
N ASN C 464 -31.78 12.33 -10.75
CA ASN C 464 -32.96 13.04 -11.23
C ASN C 464 -32.73 13.83 -12.51
N GLU C 465 -31.54 14.38 -12.73
CA GLU C 465 -31.27 15.20 -13.90
C GLU C 465 -29.90 14.86 -14.46
N ILE C 466 -29.72 15.16 -15.75
CA ILE C 466 -28.45 14.94 -16.45
C ILE C 466 -27.88 16.30 -16.85
N GLU C 467 -26.64 16.56 -16.47
CA GLU C 467 -25.96 17.81 -16.77
C GLU C 467 -24.87 17.58 -17.81
N ARG C 468 -24.86 18.40 -18.86
CA ARG C 468 -23.84 18.33 -19.91
C ARG C 468 -22.87 19.49 -19.69
N PHE C 469 -21.89 19.27 -18.80
CA PHE C 469 -20.89 20.29 -18.51
C PHE C 469 -19.85 20.43 -19.61
N GLN C 470 -19.63 19.38 -20.41
CA GLN C 470 -18.73 19.42 -21.56
C GLN C 470 -19.33 18.59 -22.67
N GLN C 471 -18.64 18.54 -23.80
CA GLN C 471 -18.97 17.57 -24.84
C GLN C 471 -18.78 16.17 -24.30
N VAL C 472 -19.77 15.30 -24.53
CA VAL C 472 -19.71 13.95 -24.00
C VAL C 472 -18.53 13.19 -24.61
N VAL C 473 -18.31 13.36 -25.91
CA VAL C 473 -17.19 12.74 -26.61
C VAL C 473 -16.27 13.85 -27.10
N GLY C 474 -15.03 13.85 -26.61
CA GLY C 474 -14.10 14.92 -26.94
C GLY C 474 -13.30 14.63 -28.20
N ASP C 475 -13.02 15.70 -28.95
CA ASP C 475 -12.23 15.59 -30.17
C ASP C 475 -10.74 15.72 -29.84
N GLN C 476 -9.93 14.93 -30.55
CA GLN C 476 -8.49 14.92 -30.36
C GLN C 476 -7.80 14.99 -31.71
N LEU C 477 -6.59 15.56 -31.72
CA LEU C 477 -5.82 15.65 -32.96
C LEU C 477 -5.35 14.26 -33.39
N GLY C 478 -5.26 14.07 -34.70
CA GLY C 478 -4.84 12.79 -35.25
C GLY C 478 -5.98 11.82 -35.41
N GLU C 479 -5.65 10.66 -35.96
CA GLU C 479 -6.63 9.59 -36.15
C GLU C 479 -6.67 8.66 -34.94
N GLU C 480 -7.78 7.93 -34.83
CA GLU C 480 -7.97 6.95 -33.78
C GLU C 480 -8.36 5.61 -34.41
N GLU C 481 -8.09 4.53 -33.67
CA GLU C 481 -8.42 3.19 -34.16
C GLU C 481 -9.94 2.99 -34.23
N TRP C 482 -10.68 3.53 -33.27
CA TRP C 482 -12.13 3.40 -33.22
C TRP C 482 -12.78 4.76 -33.45
N VAL C 483 -13.79 4.78 -34.32
CA VAL C 483 -14.51 6.01 -34.67
C VAL C 483 -15.89 5.95 -34.04
N VAL C 484 -16.24 6.98 -33.27
CA VAL C 484 -17.53 7.03 -32.59
C VAL C 484 -18.58 7.60 -33.54
N THR C 485 -19.68 6.87 -33.72
CA THR C 485 -20.76 7.29 -34.60
C THR C 485 -21.86 8.05 -33.87
N SER C 486 -22.23 7.61 -32.67
CA SER C 486 -23.28 8.27 -31.90
C SER C 486 -23.14 7.87 -30.43
N TYR C 487 -23.88 8.57 -29.58
CA TYR C 487 -23.87 8.30 -28.14
C TYR C 487 -25.23 8.61 -27.55
N SER C 488 -25.46 8.11 -26.34
CA SER C 488 -26.70 8.36 -25.61
C SER C 488 -26.43 8.29 -24.11
N GLN C 489 -27.31 8.90 -23.33
CA GLN C 489 -27.25 8.89 -21.88
C GLN C 489 -28.65 8.69 -21.31
N GLU C 490 -28.77 7.86 -20.27
CA GLU C 490 -30.07 7.46 -19.75
C GLU C 490 -29.97 7.11 -18.28
N ILE C 491 -31.07 7.29 -17.56
CA ILE C 491 -31.20 6.93 -16.15
C ILE C 491 -32.25 5.84 -16.01
N THR C 492 -31.93 4.80 -15.23
CA THR C 492 -32.83 3.68 -15.01
C THR C 492 -32.75 3.26 -13.55
N GLU C 493 -33.48 2.20 -13.20
CA GLU C 493 -33.48 1.62 -11.87
C GLU C 493 -33.21 0.12 -11.95
N VAL C 494 -32.40 -0.39 -11.01
CA VAL C 494 -32.00 -1.80 -11.02
C VAL C 494 -32.14 -2.35 -9.62
N PRO C 495 -32.39 -3.67 -9.52
CA PRO C 495 -32.55 -4.29 -8.20
C PRO C 495 -31.28 -4.17 -7.37
N PHE C 496 -31.46 -4.03 -6.06
CA PHE C 496 -30.39 -3.72 -5.13
C PHE C 496 -30.31 -4.80 -4.05
N GLU C 497 -29.10 -5.02 -3.53
CA GLU C 497 -28.93 -5.97 -2.45
C GLU C 497 -29.64 -5.49 -1.20
N ARG C 498 -30.12 -6.44 -0.39
CA ARG C 498 -31.03 -6.15 0.72
C ARG C 498 -32.27 -5.42 0.19
N GLY C 499 -32.81 -5.92 -0.90
CA GLY C 499 -34.06 -5.40 -1.43
C GLY C 499 -33.94 -3.98 -1.96
N SER C 500 -35.10 -3.36 -2.09
CA SER C 500 -35.24 -1.98 -2.56
C SER C 500 -34.63 -1.86 -3.96
N THR C 501 -34.11 -0.70 -4.30
CA THR C 501 -33.66 -0.39 -5.65
C THR C 501 -32.58 0.69 -5.58
N ASN C 502 -31.71 0.72 -6.57
CA ASN C 502 -30.68 1.74 -6.68
C ASN C 502 -30.67 2.32 -8.09
N SER C 503 -30.29 3.59 -8.18
CA SER C 503 -30.28 4.28 -9.47
C SER C 503 -29.02 3.95 -10.28
N ARG C 504 -29.13 4.06 -11.60
CA ARG C 504 -28.04 3.79 -12.52
C ARG C 504 -28.00 4.86 -13.61
N PHE C 505 -26.79 5.33 -13.90
CA PHE C 505 -26.54 6.29 -14.97
C PHE C 505 -25.64 5.63 -16.00
N THR C 506 -26.09 5.58 -17.26
CA THR C 506 -25.42 4.82 -18.31
C THR C 506 -25.05 5.75 -19.47
N THR C 507 -23.81 5.61 -19.94
CA THR C 507 -23.33 6.26 -21.16
C THR C 507 -22.90 5.20 -22.16
N THR C 508 -23.41 5.29 -23.38
CA THR C 508 -23.14 4.29 -24.41
C THR C 508 -22.58 4.95 -25.66
N LEU C 509 -21.48 4.41 -26.17
CA LEU C 509 -20.84 4.89 -27.38
C LEU C 509 -20.89 3.82 -28.46
N LEU C 510 -21.36 4.20 -29.65
CA LEU C 510 -21.36 3.30 -30.80
C LEU C 510 -20.13 3.57 -31.66
N VAL C 511 -19.33 2.54 -31.90
CA VAL C 511 -18.03 2.69 -32.54
C VAL C 511 -17.88 1.71 -33.70
N LYS C 512 -17.01 2.08 -34.63
CA LYS C 512 -16.64 1.23 -35.76
C LYS C 512 -15.16 1.40 -36.07
N ARG C 513 -14.60 0.44 -36.81
CA ARG C 513 -13.20 0.49 -37.19
C ARG C 513 -13.01 1.31 -38.46
N ASN C 514 -11.74 1.57 -38.79
CA ASN C 514 -11.38 2.25 -40.02
C ASN C 514 -11.33 1.24 -41.16
N LEU C 515 -12.26 1.37 -42.12
CA LEU C 515 -12.40 0.36 -43.17
C LEU C 515 -11.33 0.49 -44.25
N GLU C 516 -10.91 1.71 -44.56
CA GLU C 516 -9.91 1.92 -45.61
C GLU C 516 -8.62 1.18 -45.30
N TYR C 517 -8.21 1.20 -44.04
CA TYR C 517 -6.99 0.51 -43.62
C TYR C 517 -7.03 -0.96 -44.02
N TYR C 518 -8.08 -1.68 -43.61
CA TYR C 518 -8.18 -3.10 -43.91
C TYR C 518 -8.33 -3.34 -45.41
N ILE C 519 -9.18 -2.56 -46.07
CA ILE C 519 -9.41 -2.78 -47.50
C ILE C 519 -8.11 -2.65 -48.28
N LEU C 520 -7.43 -1.50 -48.13
CA LEU C 520 -6.22 -1.26 -48.91
C LEU C 520 -5.09 -2.19 -48.48
N ARG C 521 -5.02 -2.56 -47.21
CA ARG C 521 -3.88 -3.34 -46.74
C ARG C 521 -4.02 -4.83 -47.09
N ILE C 522 -5.23 -5.35 -47.16
CA ILE C 522 -5.45 -6.78 -47.31
C ILE C 522 -6.09 -7.13 -48.66
N PHE C 523 -7.23 -6.51 -48.98
CA PHE C 523 -8.09 -7.09 -50.01
C PHE C 523 -7.54 -6.87 -51.42
N VAL C 524 -6.99 -5.70 -51.71
CA VAL C 524 -6.46 -5.44 -53.04
C VAL C 524 -5.28 -6.35 -53.38
N PRO C 525 -4.24 -6.49 -52.52
CA PRO C 525 -3.18 -7.46 -52.84
C PRO C 525 -3.69 -8.87 -53.00
N LEU C 526 -4.67 -9.28 -52.20
CA LEU C 526 -5.25 -10.61 -52.33
C LEU C 526 -5.92 -10.78 -53.67
N PHE C 527 -6.64 -9.74 -54.13
CA PHE C 527 -7.27 -9.80 -55.45
C PHE C 527 -6.23 -9.94 -56.55
N LEU C 528 -5.12 -9.20 -56.46
CA LEU C 528 -4.08 -9.32 -57.48
C LEU C 528 -3.46 -10.71 -57.47
N ILE C 529 -3.24 -11.28 -56.29
CA ILE C 529 -2.67 -12.63 -56.20
C ILE C 529 -3.62 -13.64 -56.83
N ILE C 530 -4.92 -13.52 -56.56
CA ILE C 530 -5.91 -14.42 -57.17
C ILE C 530 -5.91 -14.25 -58.69
N SER C 531 -5.81 -13.00 -59.16
CA SER C 531 -5.79 -12.75 -60.59
C SER C 531 -4.58 -13.39 -61.27
N VAL C 532 -3.43 -13.44 -60.58
CA VAL C 532 -2.26 -14.07 -61.18
C VAL C 532 -2.53 -15.56 -61.45
N SER C 533 -3.15 -16.24 -60.48
CA SER C 533 -3.47 -17.65 -60.67
C SER C 533 -4.60 -17.86 -61.67
N TRP C 534 -5.46 -16.86 -61.86
CA TRP C 534 -6.52 -16.99 -62.87
C TRP C 534 -5.99 -16.80 -64.29
N VAL C 535 -5.07 -15.86 -64.50
CA VAL C 535 -4.70 -15.46 -65.85
C VAL C 535 -3.87 -16.54 -66.56
N ILE C 536 -3.19 -17.41 -65.80
CA ILE C 536 -2.25 -18.34 -66.41
C ILE C 536 -2.90 -19.39 -67.29
N PHE C 537 -4.23 -19.54 -67.19
CA PHE C 537 -4.92 -20.56 -67.99
C PHE C 537 -5.05 -20.18 -69.46
N PHE C 538 -4.70 -18.96 -69.84
CA PHE C 538 -4.66 -18.61 -71.27
C PHE C 538 -3.47 -19.25 -71.96
N LEU C 539 -2.42 -19.59 -71.21
CA LEU C 539 -1.24 -20.22 -71.80
C LEU C 539 -1.55 -21.61 -72.32
N LYS C 540 -0.87 -22.00 -73.40
CA LYS C 540 -0.99 -23.33 -73.95
C LYS C 540 0.26 -24.19 -73.71
N ASP C 541 1.29 -23.63 -73.08
CA ASP C 541 2.45 -24.39 -72.63
C ASP C 541 2.21 -24.73 -71.16
N TYR C 542 1.82 -25.97 -70.90
CA TYR C 542 1.35 -26.35 -69.58
C TYR C 542 2.47 -26.46 -68.55
N GLY C 543 3.72 -26.63 -68.99
CA GLY C 543 4.83 -26.60 -68.03
C GLY C 543 5.00 -25.23 -67.40
N ARG C 544 4.95 -24.18 -68.21
CA ARG C 544 5.01 -22.82 -67.68
C ARG C 544 3.85 -22.54 -66.73
N GLN C 545 2.65 -22.99 -67.11
CA GLN C 545 1.49 -22.80 -66.25
C GLN C 545 1.68 -23.50 -64.90
N LEU C 546 2.19 -24.73 -64.93
CA LEU C 546 2.42 -25.46 -63.69
C LEU C 546 3.46 -24.76 -62.81
N GLU C 547 4.55 -24.30 -63.42
CA GLU C 547 5.59 -23.62 -62.64
C GLU C 547 5.06 -22.32 -62.03
N VAL C 548 4.30 -21.54 -62.79
CA VAL C 548 3.80 -20.27 -62.27
C VAL C 548 2.77 -20.51 -61.18
N ALA C 549 1.93 -21.54 -61.32
CA ALA C 549 0.98 -21.88 -60.27
C ALA C 549 1.70 -22.27 -58.98
N SER C 550 2.75 -23.09 -59.11
CA SER C 550 3.52 -23.50 -57.94
C SER C 550 4.16 -22.30 -57.24
N GLY C 551 4.69 -21.35 -58.02
CA GLY C 551 5.25 -20.15 -57.43
C GLY C 551 4.20 -19.26 -56.77
N ASN C 552 3.03 -19.16 -57.39
CA ASN C 552 1.99 -18.29 -56.85
C ASN C 552 1.42 -18.83 -55.55
N LEU C 553 1.37 -20.15 -55.38
CA LEU C 553 0.94 -20.71 -54.10
C LEU C 553 1.88 -20.28 -52.97
N LEU C 554 3.20 -20.35 -53.21
CA LEU C 554 4.17 -19.92 -52.22
C LEU C 554 4.05 -18.43 -51.95
N VAL C 555 3.82 -17.62 -52.99
CA VAL C 555 3.61 -16.19 -52.80
C VAL C 555 2.39 -15.93 -51.92
N PHE C 556 1.31 -16.69 -52.15
CA PHE C 556 0.10 -16.56 -51.34
C PHE C 556 0.39 -16.85 -49.87
N VAL C 557 1.12 -17.94 -49.60
CA VAL C 557 1.43 -18.29 -48.21
C VAL C 557 2.29 -17.22 -47.56
N ALA C 558 3.26 -16.69 -48.31
CA ALA C 558 4.12 -15.63 -47.79
C ALA C 558 3.31 -14.39 -47.44
N PHE C 559 2.40 -13.98 -48.31
CA PHE C 559 1.56 -12.82 -48.00
C PHE C 559 0.68 -13.08 -46.79
N ASN C 560 0.13 -14.30 -46.70
CA ASN C 560 -0.73 -14.63 -45.56
C ASN C 560 0.01 -14.47 -44.25
N PHE C 561 1.23 -15.02 -44.16
CA PHE C 561 1.95 -14.89 -42.90
C PHE C 561 2.48 -13.47 -42.71
N THR C 562 2.62 -12.70 -43.79
CA THR C 562 3.01 -11.30 -43.65
C THR C 562 1.88 -10.48 -43.03
N ILE C 563 0.63 -10.80 -43.35
CA ILE C 563 -0.51 -10.08 -42.77
C ILE C 563 -1.01 -10.76 -41.50
N SER C 564 -0.40 -11.88 -41.11
CA SER C 564 -0.77 -12.56 -39.86
C SER C 564 -0.83 -11.61 -38.66
N GLY C 565 -0.14 -10.47 -38.72
CA GLY C 565 -0.18 -9.52 -37.62
C GLY C 565 -1.53 -8.87 -37.41
N ASP C 566 -2.31 -8.68 -38.47
CA ASP C 566 -3.66 -8.13 -38.37
C ASP C 566 -4.72 -9.22 -38.27
N LEU C 567 -4.36 -10.39 -37.73
CA LEU C 567 -5.26 -11.53 -37.65
C LEU C 567 -5.36 -11.95 -36.18
N PRO C 568 -6.34 -11.41 -35.46
CA PRO C 568 -6.46 -11.73 -34.03
C PRO C 568 -6.72 -13.21 -33.80
N ARG C 569 -6.13 -13.74 -32.73
CA ARG C 569 -6.28 -15.14 -32.36
C ARG C 569 -7.31 -15.21 -31.23
N LEU C 570 -8.55 -15.54 -31.59
CA LEU C 570 -9.66 -15.56 -30.65
C LEU C 570 -10.14 -16.96 -30.30
N GLY C 571 -9.76 -17.97 -31.07
CA GLY C 571 -10.27 -19.31 -30.87
C GLY C 571 -11.50 -19.66 -31.66
N TYR C 572 -11.99 -18.76 -32.52
CA TYR C 572 -13.14 -19.03 -33.37
C TYR C 572 -13.00 -18.23 -34.65
N LEU C 573 -13.73 -18.65 -35.68
CA LEU C 573 -13.53 -18.13 -37.02
C LEU C 573 -14.25 -16.81 -37.24
N THR C 574 -13.58 -15.89 -37.93
CA THR C 574 -14.19 -14.65 -38.41
C THR C 574 -14.38 -14.73 -39.93
N VAL C 575 -14.89 -13.64 -40.50
CA VAL C 575 -15.10 -13.59 -41.95
C VAL C 575 -13.78 -13.67 -42.70
N LEU C 576 -12.78 -12.92 -42.23
CA LEU C 576 -11.49 -12.86 -42.92
C LEU C 576 -10.81 -14.22 -42.96
N ASP C 577 -10.88 -14.98 -41.85
CA ASP C 577 -10.28 -16.30 -41.82
C ASP C 577 -10.93 -17.23 -42.85
N ARG C 578 -12.26 -17.18 -42.94
CA ARG C 578 -12.97 -18.01 -43.91
C ARG C 578 -12.56 -17.65 -45.34
N PHE C 579 -12.46 -16.35 -45.63
CA PHE C 579 -12.05 -15.94 -46.98
C PHE C 579 -10.64 -16.40 -47.29
N MET C 580 -9.72 -16.28 -46.33
CA MET C 580 -8.35 -16.74 -46.54
C MET C 580 -8.30 -18.24 -46.81
N ILE C 581 -9.07 -19.02 -46.05
CA ILE C 581 -9.08 -20.47 -46.25
C ILE C 581 -9.62 -20.83 -47.64
N VAL C 582 -10.70 -20.20 -48.06
CA VAL C 582 -11.28 -20.50 -49.38
C VAL C 582 -10.29 -20.13 -50.47
N SER C 583 -9.63 -18.98 -50.36
CA SER C 583 -8.67 -18.56 -51.37
C SER C 583 -7.49 -19.52 -51.45
N PHE C 584 -6.97 -19.96 -50.30
CA PHE C 584 -5.87 -20.92 -50.31
C PHE C 584 -6.30 -22.23 -50.97
N CYS C 585 -7.49 -22.72 -50.65
CA CYS C 585 -7.95 -23.98 -51.23
C CYS C 585 -8.05 -23.88 -52.75
N LEU C 586 -8.62 -22.77 -53.25
CA LEU C 586 -8.72 -22.61 -54.70
C LEU C 586 -7.34 -22.50 -55.34
N THR C 587 -6.41 -21.81 -54.69
CA THR C 587 -5.05 -21.69 -55.24
C THR C 587 -4.39 -23.05 -55.36
N ALA C 588 -4.58 -23.93 -54.36
CA ALA C 588 -4.00 -25.27 -54.46
C ALA C 588 -4.69 -26.13 -55.53
N ILE C 589 -6.02 -25.99 -55.66
CA ILE C 589 -6.73 -26.72 -56.69
C ILE C 589 -6.24 -26.32 -58.08
N VAL C 590 -5.81 -25.06 -58.24
CA VAL C 590 -5.24 -24.63 -59.51
C VAL C 590 -4.01 -25.47 -59.85
N VAL C 591 -3.13 -25.71 -58.88
CA VAL C 591 -1.93 -26.51 -59.11
C VAL C 591 -2.31 -27.94 -59.48
N LEU C 592 -3.29 -28.51 -58.77
CA LEU C 592 -3.72 -29.86 -59.10
C LEU C 592 -4.23 -29.96 -60.55
N ILE C 593 -5.06 -29.00 -60.96
CA ILE C 593 -5.59 -29.00 -62.31
C ILE C 593 -4.47 -28.82 -63.34
N SER C 594 -3.47 -28.00 -63.00
CA SER C 594 -2.33 -27.81 -63.90
C SER C 594 -1.57 -29.12 -64.10
N VAL C 595 -1.36 -29.89 -63.03
CA VAL C 595 -0.69 -31.18 -63.16
C VAL C 595 -1.49 -32.11 -64.07
N CYS C 596 -2.81 -32.16 -63.86
CA CYS C 596 -3.65 -33.01 -64.69
C CYS C 596 -3.58 -32.61 -66.16
N GLN C 597 -3.61 -31.31 -66.44
CA GLN C 597 -3.53 -30.83 -67.82
C GLN C 597 -2.18 -31.15 -68.44
N LYS C 598 -1.10 -31.03 -67.66
CA LYS C 598 0.21 -31.40 -68.17
C LYS C 598 0.27 -32.87 -68.57
N ARG C 599 -0.31 -33.75 -67.73
CA ARG C 599 -0.34 -35.16 -68.08
C ARG C 599 -1.17 -35.40 -69.34
N LEU C 600 -2.34 -34.75 -69.44
CA LEU C 600 -3.18 -34.92 -70.62
C LEU C 600 -2.47 -34.49 -71.88
N GLY C 601 -1.75 -33.37 -71.82
CA GLY C 601 -0.96 -32.94 -72.96
C GLY C 601 0.15 -33.91 -73.29
N ALA C 602 0.75 -34.52 -72.27
CA ALA C 602 1.79 -35.51 -72.51
C ALA C 602 1.24 -36.74 -73.25
N VAL C 603 0.04 -37.19 -72.90
CA VAL C 603 -0.52 -38.38 -73.55
C VAL C 603 -1.11 -38.08 -74.92
N GLY C 604 -1.23 -36.82 -75.31
CA GLY C 604 -1.71 -36.50 -76.63
C GLY C 604 -3.19 -36.18 -76.74
N LYS C 605 -3.77 -35.60 -75.70
CA LYS C 605 -5.19 -35.21 -75.68
C LYS C 605 -5.35 -33.71 -75.45
N GLN C 606 -4.64 -32.91 -76.25
CA GLN C 606 -4.60 -31.46 -76.03
C GLN C 606 -5.97 -30.81 -76.11
N ALA C 607 -6.90 -31.40 -76.86
CA ALA C 607 -8.24 -30.82 -76.97
C ALA C 607 -8.95 -30.81 -75.63
N VAL C 608 -8.83 -31.89 -74.86
CA VAL C 608 -9.45 -31.95 -73.54
C VAL C 608 -8.82 -30.90 -72.62
N ALA C 609 -7.51 -30.70 -72.74
CA ALA C 609 -6.83 -29.69 -71.93
C ALA C 609 -7.35 -28.29 -72.26
N ALA C 610 -7.54 -28.01 -73.55
CA ALA C 610 -8.10 -26.71 -73.93
C ALA C 610 -9.52 -26.52 -73.41
N GLN C 611 -10.34 -27.57 -73.48
CA GLN C 611 -11.69 -27.49 -72.94
C GLN C 611 -11.67 -27.24 -71.42
N ILE C 612 -10.75 -27.89 -70.71
CA ILE C 612 -10.62 -27.65 -69.27
C ILE C 612 -10.21 -26.21 -69.00
N ASP C 613 -9.30 -25.68 -69.83
CA ASP C 613 -8.90 -24.28 -69.68
C ASP C 613 -10.09 -23.34 -69.80
N THR C 614 -10.91 -23.54 -70.84
CA THR C 614 -12.09 -22.69 -71.01
C THR C 614 -13.04 -22.82 -69.83
N TRP C 615 -13.27 -24.05 -69.37
CA TRP C 615 -14.16 -24.26 -68.23
C TRP C 615 -13.67 -23.55 -66.98
N VAL C 616 -12.37 -23.65 -66.68
CA VAL C 616 -11.82 -23.01 -65.49
C VAL C 616 -11.94 -21.50 -65.59
N LEU C 617 -11.58 -20.94 -66.76
CA LEU C 617 -11.65 -19.49 -66.95
C LEU C 617 -13.07 -18.98 -66.77
N VAL C 618 -14.07 -19.75 -67.18
CA VAL C 618 -15.45 -19.31 -66.98
C VAL C 618 -15.87 -19.48 -65.52
N ILE C 619 -15.47 -20.58 -64.88
CA ILE C 619 -16.10 -20.97 -63.62
C ILE C 619 -15.53 -20.19 -62.45
N TYR C 620 -14.21 -20.11 -62.31
CA TYR C 620 -13.59 -19.52 -61.11
C TYR C 620 -14.15 -18.17 -60.58
N PRO C 621 -14.28 -17.12 -61.42
CA PRO C 621 -14.87 -15.89 -60.90
C PRO C 621 -16.31 -16.06 -60.44
N LEU C 622 -17.08 -16.94 -61.09
CA LEU C 622 -18.43 -17.22 -60.64
C LEU C 622 -18.43 -17.81 -59.23
N VAL C 623 -17.51 -18.75 -58.96
CA VAL C 623 -17.41 -19.35 -57.64
C VAL C 623 -17.07 -18.29 -56.59
N TYR C 624 -16.12 -17.40 -56.91
CA TYR C 624 -15.76 -16.35 -55.95
C TYR C 624 -16.95 -15.43 -55.67
N SER C 625 -17.66 -15.01 -56.73
CA SER C 625 -18.80 -14.13 -56.54
C SER C 625 -19.90 -14.80 -55.73
N LEU C 626 -20.17 -16.08 -56.00
CA LEU C 626 -21.19 -16.80 -55.23
C LEU C 626 -20.80 -16.92 -53.77
N TYR C 627 -19.52 -17.18 -53.48
CA TYR C 627 -19.09 -17.25 -52.09
C TYR C 627 -19.27 -15.91 -51.39
N ILE C 628 -18.94 -14.81 -52.08
CA ILE C 628 -19.12 -13.49 -51.47
C ILE C 628 -20.59 -13.22 -51.17
N ILE C 629 -21.47 -13.57 -52.12
CA ILE C 629 -22.90 -13.38 -51.90
C ILE C 629 -23.39 -14.20 -50.72
N TRP C 630 -22.94 -15.46 -50.63
CA TRP C 630 -23.35 -16.32 -49.53
C TRP C 630 -22.90 -15.76 -48.19
N VAL C 631 -21.66 -15.27 -48.12
CA VAL C 631 -21.15 -14.70 -46.88
C VAL C 631 -21.97 -13.48 -46.49
N TYR C 632 -22.28 -12.61 -47.46
CA TYR C 632 -23.09 -11.44 -47.17
C TYR C 632 -24.46 -11.83 -46.62
N LEU C 633 -25.08 -12.85 -47.24
CA LEU C 633 -26.40 -13.28 -46.79
C LEU C 633 -26.35 -13.85 -45.38
N ARG C 634 -25.33 -14.66 -45.07
CA ARG C 634 -25.32 -15.38 -43.81
C ARG C 634 -24.74 -14.58 -42.65
N PHE C 635 -24.05 -13.47 -42.90
CA PHE C 635 -23.43 -12.73 -41.80
C PHE C 635 -23.93 -11.30 -41.63
N PHE C 636 -24.60 -10.72 -42.62
CA PHE C 636 -24.95 -9.31 -42.55
C PHE C 636 -26.43 -9.02 -42.83
N THR C 637 -27.29 -10.02 -42.73
CA THR C 637 -28.72 -9.82 -42.89
C THR C 637 -29.53 -10.97 -42.29
N ARG D 37 -36.88 -0.34 50.44
CA ARG D 37 -36.79 -1.77 50.18
C ARG D 37 -36.63 -2.03 48.68
N VAL D 38 -35.40 -2.29 48.25
CA VAL D 38 -35.05 -2.45 46.84
C VAL D 38 -34.30 -3.75 46.66
N GLN D 39 -34.63 -4.49 45.59
CA GLN D 39 -34.02 -5.77 45.29
C GLN D 39 -33.73 -5.86 43.80
N HIS D 40 -32.63 -6.52 43.44
CA HIS D 40 -32.22 -6.69 42.06
C HIS D 40 -32.32 -8.15 41.63
N PHE D 41 -32.63 -8.35 40.35
CA PHE D 41 -32.68 -9.68 39.77
C PHE D 41 -32.18 -9.61 38.33
N THR D 42 -31.61 -10.71 37.86
CA THR D 42 -31.13 -10.84 36.49
C THR D 42 -31.53 -12.21 35.94
N GLY D 43 -31.90 -12.25 34.67
CA GLY D 43 -32.34 -13.49 34.06
C GLY D 43 -32.16 -13.47 32.56
N TYR D 44 -32.71 -14.51 31.93
CA TYR D 44 -32.64 -14.69 30.49
C TYR D 44 -33.99 -15.20 29.98
N ILE D 45 -34.45 -14.66 28.86
CA ILE D 45 -35.71 -15.05 28.25
C ILE D 45 -35.43 -15.73 26.92
N GLU D 46 -36.07 -16.89 26.71
CA GLU D 46 -35.87 -17.67 25.50
C GLU D 46 -37.23 -17.92 24.85
N ASP D 47 -37.42 -17.33 23.66
CA ASP D 47 -38.58 -17.58 22.83
C ASP D 47 -39.89 -17.36 23.58
N GLY D 48 -39.96 -16.28 24.34
CA GLY D 48 -41.17 -15.93 25.05
C GLY D 48 -41.57 -16.90 26.14
N ARG D 49 -40.60 -17.33 26.95
CA ARG D 49 -40.85 -18.15 28.13
C ARG D 49 -40.52 -17.30 29.35
N GLY D 50 -41.56 -16.88 30.07
CA GLY D 50 -41.41 -15.94 31.16
C GLY D 50 -40.90 -16.56 32.45
N ILE D 51 -40.63 -15.69 33.40
CA ILE D 51 -40.14 -16.07 34.72
C ILE D 51 -41.06 -15.47 35.78
N PHE D 52 -41.49 -16.30 36.73
CA PHE D 52 -42.35 -15.87 37.81
C PHE D 52 -41.51 -15.54 39.05
N TYR D 53 -41.91 -14.48 39.75
CA TYR D 53 -41.31 -14.10 41.02
C TYR D 53 -42.41 -13.99 42.05
N SER D 54 -42.14 -14.49 43.26
CA SER D 54 -43.14 -14.57 44.31
C SER D 54 -42.95 -13.43 45.31
N LEU D 55 -44.05 -12.80 45.69
CA LEU D 55 -44.07 -11.74 46.69
C LEU D 55 -44.89 -12.21 47.89
N PRO D 56 -44.27 -12.90 48.85
CA PRO D 56 -45.04 -13.53 49.92
C PRO D 56 -45.59 -12.51 50.91
N ASP D 57 -46.89 -12.63 51.19
CA ASP D 57 -47.57 -11.90 52.26
C ASP D 57 -47.36 -10.40 52.22
N MET D 58 -47.80 -9.75 51.15
CA MET D 58 -47.89 -8.30 51.15
C MET D 58 -49.08 -7.85 51.99
N LYS D 59 -49.02 -6.61 52.47
CA LYS D 59 -50.08 -6.03 53.27
C LYS D 59 -50.84 -4.99 52.47
N GLN D 60 -52.14 -4.87 52.75
CA GLN D 60 -52.97 -3.86 52.11
C GLN D 60 -52.44 -2.47 52.39
N GLY D 61 -52.42 -1.63 51.36
CA GLY D 61 -51.86 -0.30 51.45
C GLY D 61 -50.44 -0.15 50.94
N ASP D 62 -49.75 -1.26 50.68
CA ASP D 62 -48.39 -1.18 50.14
C ASP D 62 -48.42 -0.78 48.67
N ILE D 63 -47.32 -0.20 48.21
CA ILE D 63 -47.15 0.22 46.82
C ILE D 63 -45.99 -0.56 46.23
N ILE D 64 -46.25 -1.29 45.15
CA ILE D 64 -45.21 -2.03 44.44
C ILE D 64 -44.70 -1.19 43.28
N TYR D 65 -43.39 -1.27 43.03
CA TYR D 65 -42.76 -0.62 41.89
C TYR D 65 -41.95 -1.65 41.11
N ALA D 66 -41.97 -1.54 39.78
CA ALA D 66 -41.23 -2.46 38.94
C ALA D 66 -40.59 -1.71 37.77
N SER D 67 -39.44 -2.21 37.34
CA SER D 67 -38.75 -1.67 36.17
C SER D 67 -37.92 -2.77 35.55
N MET D 68 -37.97 -2.88 34.22
CA MET D 68 -37.27 -3.94 33.50
C MET D 68 -36.58 -3.34 32.28
N GLN D 69 -35.28 -3.57 32.18
CA GLN D 69 -34.46 -2.98 31.13
C GLN D 69 -33.73 -4.08 30.34
N ASN D 70 -33.54 -3.84 29.05
CA ASN D 70 -32.83 -4.78 28.20
C ASN D 70 -31.33 -4.57 28.34
N THR D 71 -30.61 -5.68 28.54
CA THR D 71 -29.16 -5.65 28.71
C THR D 71 -28.42 -6.45 27.64
N GLY D 72 -29.12 -6.98 26.64
CA GLY D 72 -28.49 -7.75 25.60
C GLY D 72 -29.51 -8.44 24.71
N GLY D 73 -29.24 -8.50 23.41
CA GLY D 73 -30.20 -9.07 22.48
C GLY D 73 -31.27 -8.08 22.06
N ASN D 74 -32.36 -8.63 21.52
CA ASN D 74 -33.47 -7.86 21.01
C ASN D 74 -34.71 -7.93 21.91
N LEU D 75 -34.52 -8.24 23.20
CA LEU D 75 -35.65 -8.42 24.11
C LEU D 75 -36.46 -7.14 24.26
N ASP D 76 -37.79 -7.30 24.27
CA ASP D 76 -38.72 -6.20 24.53
C ASP D 76 -39.45 -6.48 25.83
N PRO D 77 -39.10 -5.81 26.94
CA PRO D 77 -39.62 -6.19 28.25
C PRO D 77 -41.13 -6.01 28.37
N LEU D 78 -41.73 -6.88 29.21
CA LEU D 78 -43.12 -6.78 29.62
C LEU D 78 -43.23 -7.29 31.06
N VAL D 79 -44.03 -6.61 31.87
CA VAL D 79 -44.19 -6.95 33.28
C VAL D 79 -45.67 -6.94 33.64
N GLY D 80 -46.08 -7.91 34.45
CA GLY D 80 -47.45 -8.00 34.92
C GLY D 80 -47.51 -8.59 36.31
N ILE D 81 -48.58 -8.26 37.04
CA ILE D 81 -48.74 -8.68 38.42
C ILE D 81 -50.11 -9.33 38.57
N MET D 82 -50.16 -10.42 39.35
CA MET D 82 -51.39 -11.19 39.52
C MET D 82 -51.33 -11.94 40.84
N ALA D 83 -52.50 -12.40 41.29
CA ALA D 83 -52.60 -13.13 42.54
C ALA D 83 -52.27 -14.61 42.38
N GLU D 84 -53.06 -15.32 41.58
CA GLU D 84 -52.85 -16.75 41.39
C GLU D 84 -51.91 -17.00 40.21
N GLU D 85 -50.89 -17.83 40.43
CA GLU D 85 -49.88 -18.09 39.41
C GLU D 85 -50.44 -19.02 38.35
N ILE D 86 -50.60 -18.51 37.13
CA ILE D 86 -51.00 -19.28 35.97
C ILE D 86 -50.10 -18.89 34.80
N ASP D 87 -49.72 -19.87 34.00
CA ASP D 87 -48.83 -19.63 32.87
C ASP D 87 -49.56 -18.87 31.76
N PRO D 88 -49.11 -17.67 31.39
CA PRO D 88 -49.81 -16.93 30.33
C PRO D 88 -49.56 -17.46 28.93
N ALA D 89 -48.72 -18.49 28.78
CA ALA D 89 -48.31 -18.93 27.45
C ALA D 89 -49.49 -19.36 26.59
N VAL D 90 -50.42 -20.12 27.16
CA VAL D 90 -51.55 -20.62 26.39
C VAL D 90 -52.44 -19.47 25.91
N SER D 91 -52.66 -18.46 26.75
CA SER D 91 -53.51 -17.35 26.37
C SER D 91 -52.82 -16.42 25.38
N LEU D 92 -51.54 -16.12 25.63
CA LEU D 92 -50.81 -15.22 24.73
C LEU D 92 -50.57 -15.85 23.36
N GLY D 93 -50.48 -17.18 23.29
CA GLY D 93 -50.27 -17.83 22.01
C GLY D 93 -51.41 -17.58 21.03
N GLN D 94 -52.64 -17.51 21.54
CA GLN D 94 -53.78 -17.23 20.65
C GLN D 94 -53.70 -15.86 20.02
N VAL D 95 -53.03 -14.90 20.67
CA VAL D 95 -52.84 -13.58 20.08
C VAL D 95 -51.94 -13.68 18.85
N LEU D 96 -50.85 -14.45 18.97
CA LEU D 96 -49.99 -14.68 17.81
C LEU D 96 -50.71 -15.49 16.75
N GLU D 97 -51.63 -16.38 17.15
CA GLU D 97 -52.38 -17.17 16.18
C GLU D 97 -53.32 -16.31 15.34
N LYS D 98 -53.75 -15.17 15.84
CA LYS D 98 -54.67 -14.30 15.11
C LYS D 98 -53.88 -13.28 14.28
N ALA D 99 -52.87 -13.79 13.58
CA ALA D 99 -52.04 -12.94 12.73
C ALA D 99 -52.48 -13.02 11.28
N ASN D 104 -57.50 -3.32 14.53
CA ASN D 104 -56.36 -3.23 15.43
C ASN D 104 -55.91 -4.63 15.81
N ASP D 105 -55.43 -5.39 14.82
CA ASP D 105 -55.25 -6.82 14.93
C ASP D 105 -54.22 -7.23 15.99
N LEU D 106 -53.37 -6.30 16.42
CA LEU D 106 -52.35 -6.66 17.40
C LEU D 106 -52.51 -5.92 18.71
N ILE D 107 -52.56 -4.58 18.66
CA ILE D 107 -52.54 -3.80 19.89
C ILE D 107 -53.81 -3.99 20.70
N SER D 108 -54.98 -3.93 20.05
CA SER D 108 -56.24 -4.09 20.76
C SER D 108 -56.35 -5.49 21.36
N GLU D 109 -55.97 -6.51 20.58
CA GLU D 109 -56.05 -7.88 21.08
C GLU D 109 -55.12 -8.09 22.27
N LEU D 110 -53.89 -7.58 22.17
CA LEU D 110 -52.96 -7.72 23.29
C LEU D 110 -53.47 -7.00 24.53
N THR D 111 -54.03 -5.79 24.35
CA THR D 111 -54.56 -5.06 25.50
C THR D 111 -55.73 -5.80 26.13
N ALA D 112 -56.64 -6.32 25.31
CA ALA D 112 -57.79 -7.03 25.83
C ALA D 112 -57.38 -8.29 26.59
N VAL D 113 -56.40 -9.03 26.07
CA VAL D 113 -55.96 -10.24 26.75
C VAL D 113 -55.20 -9.89 28.03
N ALA D 114 -54.38 -8.85 27.99
CA ALA D 114 -53.61 -8.47 29.18
C ALA D 114 -54.51 -7.97 30.29
N ASP D 115 -55.55 -7.19 29.95
CA ASP D 115 -56.47 -6.70 30.96
C ASP D 115 -57.26 -7.81 31.63
N ARG D 116 -57.26 -9.02 31.06
CA ARG D 116 -57.88 -10.18 31.68
C ARG D 116 -56.86 -11.00 32.48
N ILE D 117 -55.68 -11.23 31.90
CA ILE D 117 -54.68 -12.06 32.57
C ILE D 117 -54.16 -11.40 33.83
N PHE D 118 -53.83 -10.11 33.75
CA PHE D 118 -53.12 -9.42 34.82
C PHE D 118 -54.03 -8.39 35.48
N LEU D 119 -53.76 -8.14 36.77
CA LEU D 119 -54.40 -7.03 37.45
C LEU D 119 -53.75 -5.69 37.07
N GLY D 120 -52.47 -5.72 36.71
CA GLY D 120 -51.76 -4.52 36.30
C GLY D 120 -50.55 -4.85 35.47
N TRP D 121 -50.19 -3.98 34.52
CA TRP D 121 -49.13 -4.30 33.58
C TRP D 121 -48.65 -3.01 32.92
N ASP D 122 -47.51 -3.11 32.24
CA ASP D 122 -46.95 -1.98 31.51
C ASP D 122 -46.01 -2.52 30.43
N ASP D 123 -46.06 -1.89 29.25
CA ASP D 123 -45.24 -2.32 28.12
C ASP D 123 -44.04 -1.40 27.91
N ASP D 124 -44.27 -0.10 27.68
CA ASP D 124 -43.23 0.81 27.23
C ASP D 124 -43.21 2.09 28.04
N GLY D 125 -43.47 2.00 29.34
CA GLY D 125 -43.56 3.18 30.16
C GLY D 125 -42.24 3.84 30.51
N GLY D 126 -41.11 3.20 30.21
CA GLY D 126 -39.81 3.71 30.57
C GLY D 126 -39.05 4.26 29.38
N LYS D 127 -37.73 4.39 29.56
CA LYS D 127 -36.86 4.93 28.53
C LYS D 127 -36.73 3.89 27.41
N GLY D 128 -37.26 4.22 26.23
CA GLY D 128 -37.28 3.28 25.14
C GLY D 128 -38.41 2.29 25.26
N TYR D 129 -38.10 1.01 25.12
CA TYR D 129 -39.08 -0.06 25.22
C TYR D 129 -39.15 -0.67 26.61
N SER D 130 -38.47 -0.07 27.59
CA SER D 130 -38.45 -0.59 28.94
C SER D 130 -39.76 -0.30 29.65
N ALA D 131 -40.13 -1.18 30.57
CA ALA D 131 -41.39 -1.10 31.30
C ALA D 131 -41.19 -0.53 32.70
N SER D 132 -42.23 0.13 33.21
CA SER D 132 -42.24 0.64 34.57
C SER D 132 -43.67 0.60 35.09
N LEU D 133 -43.84 0.13 36.33
CA LEU D 133 -45.18 -0.16 36.84
C LEU D 133 -45.31 0.28 38.29
N GLU D 134 -46.45 0.91 38.61
CA GLU D 134 -46.85 1.23 39.97
C GLU D 134 -48.17 0.52 40.26
N PHE D 135 -48.23 -0.17 41.39
CA PHE D 135 -49.41 -0.99 41.71
C PHE D 135 -49.66 -0.95 43.20
N THR D 136 -50.83 -0.43 43.59
CA THR D 136 -51.24 -0.41 45.00
C THR D 136 -51.84 -1.75 45.38
N ILE D 137 -51.33 -2.35 46.45
CA ILE D 137 -51.75 -3.68 46.89
C ILE D 137 -53.22 -3.62 47.32
N PRO D 138 -54.12 -4.32 46.61
CA PRO D 138 -55.56 -4.19 46.90
C PRO D 138 -55.97 -4.62 48.30
N ARG D 139 -55.74 -5.88 48.63
CA ARG D 139 -56.08 -6.48 49.91
C ARG D 139 -54.84 -7.14 50.49
N ASP D 140 -55.01 -7.90 51.57
CA ASP D 140 -53.91 -8.57 52.25
C ASP D 140 -53.74 -9.98 51.68
N GLY D 141 -52.51 -10.36 51.40
CA GLY D 141 -52.21 -11.67 50.84
C GLY D 141 -50.90 -11.63 50.08
N THR D 142 -50.68 -12.67 49.27
CA THR D 142 -49.49 -12.81 48.45
C THR D 142 -49.85 -12.66 46.98
N TYR D 143 -48.86 -12.25 46.19
CA TYR D 143 -49.05 -12.03 44.76
C TYR D 143 -47.84 -12.54 43.98
N HIS D 144 -47.98 -12.54 42.66
CA HIS D 144 -46.94 -13.01 41.74
C HIS D 144 -46.62 -11.93 40.72
N ILE D 145 -45.34 -11.82 40.38
CA ILE D 145 -44.85 -10.90 39.36
C ILE D 145 -44.37 -11.72 38.16
N PHE D 146 -44.80 -11.34 36.97
CA PHE D 146 -44.47 -12.05 35.74
C PHE D 146 -43.61 -11.16 34.85
N ALA D 147 -42.44 -11.66 34.48
CA ALA D 147 -41.53 -10.98 33.57
C ALA D 147 -41.37 -11.81 32.31
N GLY D 148 -41.33 -11.15 31.16
CA GLY D 148 -41.27 -11.87 29.91
C GLY D 148 -41.17 -10.94 28.72
N SER D 149 -41.61 -11.44 27.57
CA SER D 149 -41.50 -10.74 26.30
C SER D 149 -42.89 -10.43 25.74
N THR D 150 -43.06 -9.23 25.22
CA THR D 150 -44.29 -8.87 24.52
C THR D 150 -44.24 -9.33 23.07
N ILE D 151 -45.33 -9.08 22.35
CA ILE D 151 -45.43 -9.41 20.93
C ILE D 151 -45.24 -8.12 20.13
N THR D 152 -44.22 -8.11 19.27
CA THR D 152 -43.85 -6.89 18.55
C THR D 152 -43.45 -7.25 17.13
N ASN D 153 -43.37 -6.21 16.29
CA ASN D 153 -42.84 -6.30 14.94
C ASN D 153 -41.56 -5.48 14.87
N GLN D 154 -40.54 -6.01 14.20
CA GLN D 154 -39.24 -5.35 14.10
C GLN D 154 -38.72 -5.31 12.67
N ARG D 155 -39.61 -5.21 11.69
CA ARG D 155 -39.23 -5.17 10.28
C ARG D 155 -40.03 -4.11 9.54
N LEU D 156 -39.45 -3.61 8.46
CA LEU D 156 -40.12 -2.63 7.61
C LEU D 156 -40.44 -3.14 6.22
N ASP D 157 -39.92 -4.31 5.83
CA ASP D 157 -40.24 -4.89 4.52
C ASP D 157 -41.55 -5.66 4.55
N LYS D 158 -41.85 -6.32 5.67
CA LYS D 158 -43.11 -7.04 5.82
C LYS D 158 -43.48 -7.04 7.30
N PHE D 159 -44.74 -7.34 7.57
CA PHE D 159 -45.28 -7.35 8.93
C PHE D 159 -45.32 -8.78 9.44
N GLN D 160 -44.65 -9.03 10.56
CA GLN D 160 -44.59 -10.37 11.14
C GLN D 160 -44.40 -10.24 12.65
N PRO D 161 -45.46 -10.36 13.43
CA PRO D 161 -45.32 -10.31 14.89
C PRO D 161 -44.64 -11.56 15.43
N THR D 162 -43.73 -11.35 16.38
CA THR D 162 -42.93 -12.43 16.96
C THR D 162 -42.58 -12.10 18.41
N TYR D 163 -42.05 -13.10 19.11
CA TYR D 163 -41.49 -12.90 20.44
C TYR D 163 -40.06 -12.38 20.34
N THR D 164 -39.43 -12.19 21.50
CA THR D 164 -38.07 -11.65 21.56
C THR D 164 -37.27 -12.43 22.59
N THR D 165 -35.94 -12.38 22.46
CA THR D 165 -35.03 -13.12 23.33
C THR D 165 -33.90 -12.20 23.78
N GLY D 166 -33.41 -12.45 24.99
CA GLY D 166 -32.29 -11.69 25.50
C GLY D 166 -32.23 -11.72 27.02
N SER D 167 -31.24 -11.00 27.54
CA SER D 167 -31.05 -10.86 28.98
C SER D 167 -31.71 -9.58 29.48
N PHE D 168 -31.99 -9.54 30.78
CA PHE D 168 -32.72 -8.41 31.35
C PHE D 168 -32.27 -8.16 32.79
N GLN D 169 -32.51 -6.94 33.24
CA GLN D 169 -32.30 -6.52 34.62
C GLN D 169 -33.62 -6.05 35.20
N LEU D 170 -33.99 -6.59 36.35
CA LEU D 170 -35.28 -6.29 36.98
C LEU D 170 -35.04 -5.68 38.36
N ILE D 171 -35.63 -4.52 38.60
CA ILE D 171 -35.55 -3.83 39.89
C ILE D 171 -36.94 -3.75 40.48
N LEU D 172 -37.12 -4.31 41.67
CA LEU D 172 -38.38 -4.29 42.39
C LEU D 172 -38.26 -3.47 43.66
N GLY D 173 -39.30 -2.68 43.95
CA GLY D 173 -39.32 -1.86 45.14
C GLY D 173 -40.63 -1.98 45.88
N LEU D 174 -40.58 -1.75 47.19
CA LEU D 174 -41.77 -1.75 48.05
C LEU D 174 -41.79 -0.43 48.81
N ASN D 175 -42.81 0.39 48.52
CA ASN D 175 -42.93 1.72 49.12
C ASN D 175 -41.66 2.54 48.94
N ALA D 176 -41.07 2.44 47.75
CA ALA D 176 -39.86 3.17 47.38
C ALA D 176 -40.12 3.88 46.07
N PRO D 177 -40.63 5.11 46.11
CA PRO D 177 -41.05 5.80 44.87
C PRO D 177 -39.90 6.11 43.92
N GLN D 178 -38.65 5.93 44.32
CA GLN D 178 -37.54 6.21 43.43
C GLN D 178 -37.28 5.09 42.43
N VAL D 179 -37.98 3.96 42.56
CA VAL D 179 -37.74 2.82 41.67
C VAL D 179 -38.17 3.13 40.24
N ILE D 180 -39.26 3.89 40.07
CA ILE D 180 -39.81 4.16 38.74
C ILE D 180 -38.85 5.03 37.93
N SER D 181 -37.89 5.65 38.60
CA SER D 181 -36.83 6.35 37.88
C SER D 181 -35.83 5.38 37.26
N GLY D 182 -35.82 4.12 37.70
CA GLY D 182 -34.91 3.13 37.17
C GLY D 182 -33.53 3.12 37.79
N GLU D 183 -33.30 3.91 38.84
CA GLU D 183 -31.98 4.05 39.45
C GLU D 183 -31.97 3.63 40.92
N GLY D 184 -32.93 2.82 41.36
CA GLY D 184 -33.00 2.44 42.76
C GLY D 184 -31.87 1.50 43.16
N GLU D 185 -31.08 1.90 44.15
CA GLU D 185 -30.02 1.08 44.72
C GLU D 185 -30.60 0.14 45.77
N PRO D 186 -30.06 -1.08 45.90
CA PRO D 186 -30.60 -2.02 46.89
C PRO D 186 -30.52 -1.47 48.30
N GLU D 187 -31.59 -1.70 49.07
CA GLU D 187 -31.68 -1.19 50.43
C GLU D 187 -32.66 -2.04 51.22
N GLY D 188 -32.54 -1.97 52.55
CA GLY D 188 -33.50 -2.64 53.40
C GLY D 188 -33.34 -4.15 53.40
N GLU D 189 -34.41 -4.83 53.84
CA GLU D 189 -34.45 -6.27 53.94
C GLU D 189 -35.33 -6.83 52.84
N VAL D 190 -34.88 -7.93 52.22
CA VAL D 190 -35.50 -8.50 51.03
C VAL D 190 -36.96 -8.87 51.31
N PHE D 191 -37.76 -8.92 50.25
CA PHE D 191 -39.18 -9.24 50.36
C PHE D 191 -39.70 -10.17 49.29
N ALA D 192 -38.97 -10.40 48.20
CA ALA D 192 -39.41 -11.28 47.13
C ALA D 192 -38.29 -12.24 46.76
N SER D 193 -38.68 -13.37 46.19
CA SER D 193 -37.72 -14.42 45.86
C SER D 193 -38.15 -15.13 44.58
N LEU D 194 -37.21 -15.89 44.02
CA LEU D 194 -37.50 -16.65 42.81
C LEU D 194 -38.54 -17.73 43.09
N ALA D 195 -39.53 -17.84 42.20
CA ALA D 195 -40.60 -18.81 42.38
C ALA D 195 -40.17 -20.23 41.98
N SER D 196 -39.28 -20.35 40.99
CA SER D 196 -38.93 -21.68 40.48
C SER D 196 -38.21 -22.51 41.53
N LEU D 197 -37.59 -21.87 42.53
CA LEU D 197 -36.87 -22.59 43.57
C LEU D 197 -37.78 -23.42 44.46
N GLU D 198 -39.09 -23.21 44.41
CA GLU D 198 -40.02 -23.93 45.28
C GLU D 198 -40.30 -25.35 44.81
N ILE D 199 -39.95 -25.66 43.57
CA ILE D 199 -40.25 -26.98 43.00
C ILE D 199 -39.06 -27.64 42.31
N LYS D 200 -39.30 -28.77 41.65
CA LYS D 200 -38.23 -29.47 40.93
C LYS D 200 -37.91 -28.78 39.61
N PRO D 201 -36.61 -28.71 39.26
CA PRO D 201 -36.19 -28.07 38.00
C PRO D 201 -36.57 -28.85 36.74
N GLU D 202 -36.67 -28.16 35.60
CA GLU D 202 -37.06 -28.79 34.36
C GLU D 202 -35.89 -29.57 33.76
N ALA D 203 -36.14 -30.83 33.42
CA ALA D 203 -35.09 -31.68 32.89
C ALA D 203 -34.92 -31.49 31.38
N HIS D 204 -33.70 -31.69 30.91
CA HIS D 204 -33.38 -31.73 29.48
C HIS D 204 -32.67 -33.05 29.20
N VAL D 205 -33.10 -33.74 28.14
CA VAL D 205 -32.53 -35.03 27.78
C VAL D 205 -32.23 -35.04 26.29
N GLN D 206 -31.07 -35.56 25.92
CA GLN D 206 -30.67 -35.65 24.53
C GLN D 206 -29.93 -36.96 24.30
N GLU D 207 -30.16 -37.56 23.14
CA GLU D 207 -29.54 -38.82 22.77
C GLU D 207 -28.80 -38.66 21.44
N LEU D 208 -27.62 -39.26 21.36
CA LEU D 208 -26.80 -39.21 20.16
C LEU D 208 -26.22 -40.59 19.86
N GLU D 209 -26.07 -40.88 18.57
CA GLU D 209 -25.40 -42.09 18.12
C GLU D 209 -24.04 -41.71 17.57
N ILE D 210 -22.99 -42.36 18.07
CA ILE D 210 -21.62 -42.03 17.70
C ILE D 210 -20.89 -43.29 17.28
N ARG D 211 -19.91 -43.12 16.39
CA ARG D 211 -19.14 -44.23 15.84
C ARG D 211 -17.65 -43.89 15.92
N LEU D 212 -16.86 -44.86 16.39
CA LEU D 212 -15.41 -44.68 16.53
C LEU D 212 -14.72 -45.43 15.41
N ASP D 213 -14.41 -44.70 14.33
CA ASP D 213 -13.68 -45.28 13.21
C ASP D 213 -12.25 -45.62 13.61
N LYS D 214 -11.52 -46.22 12.68
CA LYS D 214 -10.15 -46.66 12.95
C LYS D 214 -9.26 -45.47 13.31
N ASP D 215 -9.39 -44.36 12.59
CA ASP D 215 -8.59 -43.17 12.81
C ASP D 215 -9.27 -42.13 13.69
N THR D 216 -10.47 -42.41 14.20
CA THR D 216 -11.24 -41.45 14.98
C THR D 216 -11.71 -42.10 16.28
N ARG D 217 -10.77 -42.71 17.00
CA ARG D 217 -11.08 -43.41 18.24
C ARG D 217 -11.34 -42.49 19.42
N TYR D 218 -11.15 -41.18 19.28
CA TYR D 218 -11.35 -40.23 20.37
C TYR D 218 -12.36 -39.19 19.95
N LEU D 219 -13.34 -38.91 20.83
CA LEU D 219 -14.41 -37.98 20.54
C LEU D 219 -14.69 -37.11 21.75
N THR D 220 -14.97 -35.82 21.51
CA THR D 220 -15.27 -34.86 22.55
C THR D 220 -16.47 -34.01 22.16
N GLN D 221 -17.27 -33.63 23.15
CA GLN D 221 -18.44 -32.79 22.95
C GLN D 221 -18.53 -31.75 24.04
N HIS D 222 -19.00 -30.56 23.68
CA HIS D 222 -19.13 -29.44 24.61
C HIS D 222 -20.58 -29.26 25.03
N THR D 223 -20.79 -28.95 26.30
CA THR D 223 -22.11 -28.76 26.87
C THR D 223 -22.40 -27.28 27.06
N ARG D 224 -23.69 -26.95 27.16
CA ARG D 224 -24.10 -25.61 27.51
C ARG D 224 -23.76 -25.32 28.97
N ASN D 225 -23.84 -24.04 29.34
CA ASN D 225 -23.49 -23.63 30.69
C ASN D 225 -24.45 -24.19 31.71
N LEU D 226 -23.93 -24.55 32.89
CA LEU D 226 -24.71 -25.04 34.00
C LEU D 226 -24.70 -24.04 35.14
N GLN D 227 -25.86 -23.80 35.74
CA GLN D 227 -25.99 -22.93 36.89
C GLN D 227 -25.64 -23.67 38.17
N PRO D 228 -25.24 -22.96 39.22
CA PRO D 228 -24.91 -23.64 40.48
C PRO D 228 -26.09 -24.39 41.05
N GLY D 229 -25.82 -25.57 41.62
CA GLY D 229 -26.85 -26.44 42.13
C GLY D 229 -27.38 -27.45 41.14
N ASP D 230 -27.06 -27.32 39.86
CA ASP D 230 -27.53 -28.25 38.86
C ASP D 230 -26.78 -29.57 38.94
N THR D 231 -27.29 -30.57 38.22
CA THR D 231 -26.69 -31.89 38.20
C THR D 231 -26.60 -32.37 36.75
N PHE D 232 -25.64 -33.26 36.51
CA PHE D 232 -25.34 -33.76 35.17
C PHE D 232 -25.26 -35.28 35.21
N HIS D 233 -25.88 -35.93 34.22
CA HIS D 233 -25.86 -37.38 34.11
C HIS D 233 -25.57 -37.78 32.68
N ALA D 234 -24.85 -38.89 32.52
CA ALA D 234 -24.51 -39.41 31.21
C ALA D 234 -24.33 -40.92 31.29
N LEU D 235 -24.62 -41.61 30.19
CA LEU D 235 -24.45 -43.05 30.10
C LEU D 235 -24.21 -43.45 28.66
N VAL D 236 -23.54 -44.58 28.47
CA VAL D 236 -23.20 -45.09 27.14
C VAL D 236 -23.55 -46.57 27.08
N GLU D 237 -24.19 -46.98 25.98
CA GLU D 237 -24.54 -48.37 25.74
C GLU D 237 -24.26 -48.71 24.28
N PRO D 238 -23.50 -49.76 24.01
CA PRO D 238 -23.14 -50.09 22.63
C PRO D 238 -24.34 -50.61 21.85
N LEU D 244 -16.85 -52.08 25.52
CA LEU D 244 -17.21 -50.90 26.28
C LEU D 244 -16.06 -49.89 26.28
N PRO D 245 -16.29 -48.67 25.85
CA PRO D 245 -15.23 -47.65 25.88
C PRO D 245 -15.17 -46.96 27.23
N ARG D 246 -14.13 -46.15 27.40
CA ARG D 246 -13.95 -45.36 28.62
C ARG D 246 -14.65 -44.01 28.49
N LEU D 247 -15.19 -43.52 29.61
CA LEU D 247 -15.95 -42.28 29.64
C LEU D 247 -15.46 -41.42 30.80
N ARG D 248 -15.33 -40.11 30.56
CA ARG D 248 -14.89 -39.20 31.60
C ARG D 248 -15.41 -37.80 31.30
N LEU D 249 -15.40 -36.95 32.33
CA LEU D 249 -15.91 -35.59 32.23
C LEU D 249 -14.85 -34.60 32.71
N THR D 250 -14.59 -33.57 31.90
CA THR D 250 -13.65 -32.52 32.23
C THR D 250 -14.27 -31.17 31.92
N ASP D 251 -13.73 -30.12 32.55
CA ASP D 251 -14.15 -28.76 32.24
C ASP D 251 -13.47 -28.30 30.94
N SER D 252 -13.75 -27.05 30.57
CA SER D 252 -13.23 -26.49 29.32
C SER D 252 -11.72 -26.42 29.29
N GLY D 253 -11.09 -26.24 30.45
CA GLY D 253 -9.63 -26.28 30.49
C GLY D 253 -9.36 -27.74 30.20
N GLY D 254 -9.85 -28.62 31.06
CA GLY D 254 -9.70 -30.03 30.84
C GLY D 254 -9.58 -30.71 32.19
N LYS D 255 -9.42 -29.97 33.27
CA LYS D 255 -9.37 -30.49 34.63
C LYS D 255 -10.42 -31.58 34.80
N PRO D 256 -10.03 -32.77 35.26
CA PRO D 256 -11.02 -33.84 35.45
C PRO D 256 -11.98 -33.53 36.58
N LEU D 257 -13.21 -33.97 36.42
CA LEU D 257 -14.27 -33.76 37.41
C LEU D 257 -14.97 -35.05 37.81
N ALA D 258 -15.16 -35.99 36.88
CA ALA D 258 -15.79 -37.26 37.20
C ALA D 258 -15.31 -38.31 36.22
N PHE D 259 -15.45 -39.58 36.62
CA PHE D 259 -15.02 -40.71 35.81
C PHE D 259 -16.14 -41.75 35.77
N GLY D 260 -16.21 -42.48 34.66
CA GLY D 260 -17.32 -43.40 34.46
C GLY D 260 -17.13 -44.70 35.24
N LEU D 261 -18.25 -45.22 35.75
CA LEU D 261 -18.28 -46.46 36.51
C LEU D 261 -19.01 -47.53 35.72
N VAL D 269 -21.77 -47.85 30.95
CA VAL D 269 -20.96 -47.02 31.84
C VAL D 269 -21.72 -45.72 32.11
N GLU D 270 -21.68 -45.26 33.36
CA GLU D 270 -22.47 -44.11 33.78
C GLU D 270 -21.59 -43.14 34.57
N LEU D 271 -22.03 -41.88 34.63
CA LEU D 271 -21.27 -40.82 35.24
C LEU D 271 -22.24 -39.82 35.88
N ASN D 272 -21.77 -39.12 36.90
CA ASN D 272 -22.59 -38.17 37.63
C ASN D 272 -21.74 -37.02 38.15
N TYR D 273 -22.32 -35.83 38.22
CA TYR D 273 -21.62 -34.64 38.69
C TYR D 273 -22.61 -33.62 39.19
N THR D 274 -22.15 -32.71 40.04
CA THR D 274 -22.95 -31.63 40.59
C THR D 274 -22.16 -30.33 40.54
N CYS D 275 -22.84 -29.23 40.27
CA CYS D 275 -22.20 -27.96 39.94
C CYS D 275 -21.97 -27.14 41.19
N ASP D 276 -20.71 -26.70 41.39
CA ASP D 276 -20.36 -25.86 42.53
C ASP D 276 -20.07 -24.42 42.14
N GLN D 277 -19.44 -24.19 41.01
CA GLN D 277 -19.03 -22.85 40.62
C GLN D 277 -20.21 -22.04 40.10
N ASP D 278 -19.98 -20.73 39.93
CA ASP D 278 -21.02 -19.86 39.41
C ASP D 278 -21.40 -20.23 37.98
N ILE D 279 -20.41 -20.52 37.13
CA ILE D 279 -20.65 -20.99 35.77
C ILE D 279 -19.73 -22.18 35.52
N CYS D 280 -20.33 -23.29 35.07
CA CYS D 280 -19.59 -24.50 34.75
C CYS D 280 -19.76 -24.83 33.28
N GLU D 281 -18.66 -24.99 32.57
CA GLU D 281 -18.64 -25.42 31.18
C GLU D 281 -17.97 -26.79 31.13
N LEU D 282 -18.68 -27.78 30.60
CA LEU D 282 -18.25 -29.17 30.70
C LEU D 282 -17.97 -29.75 29.33
N VAL D 283 -17.05 -30.73 29.30
CA VAL D 283 -16.70 -31.46 28.10
C VAL D 283 -16.78 -32.94 28.39
N VAL D 284 -17.49 -33.68 27.55
CA VAL D 284 -17.67 -35.12 27.70
C VAL D 284 -16.68 -35.83 26.78
N HIS D 285 -15.88 -36.73 27.34
CA HIS D 285 -14.90 -37.50 26.59
C HIS D 285 -15.37 -38.94 26.47
N VAL D 286 -15.39 -39.46 25.26
CA VAL D 286 -15.62 -40.87 25.00
C VAL D 286 -14.51 -41.38 24.11
N ASP D 287 -13.79 -42.39 24.58
CA ASP D 287 -12.63 -42.89 23.85
C ASP D 287 -12.58 -44.40 23.93
N GLY D 288 -12.11 -45.02 22.84
CA GLY D 288 -11.91 -46.45 22.80
C GLY D 288 -10.50 -46.81 22.42
N ALA D 298 -17.21 -49.83 15.12
CA ALA D 298 -17.94 -49.86 16.38
C ALA D 298 -18.81 -48.63 16.53
N VAL D 299 -20.04 -48.83 17.01
CA VAL D 299 -21.02 -47.76 17.12
C VAL D 299 -21.70 -47.86 18.48
N TYR D 300 -21.90 -46.71 19.12
CA TYR D 300 -22.40 -46.65 20.49
C TYR D 300 -23.52 -45.63 20.58
N ARG D 301 -24.36 -45.80 21.59
CA ARG D 301 -25.42 -44.85 21.91
C ARG D 301 -25.04 -44.07 23.16
N LEU D 302 -25.08 -42.75 23.05
CA LEU D 302 -24.75 -41.85 24.15
C LEU D 302 -26.02 -41.12 24.58
N LEU D 303 -26.34 -41.19 25.87
CA LEU D 303 -27.49 -40.51 26.44
C LEU D 303 -27.01 -39.53 27.50
N VAL D 304 -27.53 -38.31 27.46
CA VAL D 304 -27.08 -37.24 28.34
C VAL D 304 -28.30 -36.44 28.82
N GLY D 305 -28.22 -35.97 30.06
CA GLY D 305 -29.32 -35.21 30.62
C GLY D 305 -28.86 -34.23 31.67
N ILE D 306 -29.62 -33.15 31.81
CA ILE D 306 -29.43 -32.13 32.84
C ILE D 306 -30.65 -32.14 33.75
N ASN D 307 -30.41 -32.26 35.05
CA ASN D 307 -31.48 -32.35 36.05
C ASN D 307 -32.43 -33.49 35.74
N ALA D 308 -31.88 -34.60 35.23
CA ALA D 308 -32.66 -35.76 34.85
C ALA D 308 -31.99 -37.02 35.36
N PRO D 309 -32.22 -37.37 36.63
CA PRO D 309 -31.65 -38.61 37.18
C PRO D 309 -32.29 -39.88 36.64
N ASN D 310 -33.38 -39.76 35.89
CA ASN D 310 -34.11 -40.91 35.37
C ASN D 310 -33.65 -41.35 33.99
N LEU D 311 -32.39 -41.08 33.62
CA LEU D 311 -31.91 -41.45 32.30
C LEU D 311 -31.91 -42.96 32.09
N ARG D 312 -31.92 -43.75 33.16
CA ARG D 312 -31.99 -45.21 33.00
C ARG D 312 -33.28 -45.60 32.30
N GLU D 313 -34.42 -45.04 32.73
CA GLU D 313 -35.70 -45.26 32.09
C GLU D 313 -36.37 -43.90 31.87
N SER D 314 -36.01 -43.26 30.75
CA SER D 314 -36.55 -41.93 30.46
C SER D 314 -38.03 -42.00 30.16
N GLY D 315 -38.41 -42.80 29.16
CA GLY D 315 -39.80 -42.91 28.77
C GLY D 315 -40.18 -41.89 27.71
N GLN D 316 -40.11 -40.61 28.08
CA GLN D 316 -40.42 -39.54 27.14
C GLN D 316 -39.35 -39.43 26.06
N THR D 317 -39.78 -39.03 24.87
CA THR D 317 -38.83 -38.68 23.83
C THR D 317 -38.00 -37.48 24.28
N PRO D 318 -36.75 -37.32 23.80
CA PRO D 318 -35.90 -36.22 24.27
C PRO D 318 -36.60 -34.88 24.42
N VAL D 319 -36.61 -34.34 25.63
CA VAL D 319 -37.35 -33.15 25.95
C VAL D 319 -36.39 -31.97 26.12
N GLY D 320 -36.94 -30.77 26.25
CA GLY D 320 -36.13 -29.60 26.49
C GLY D 320 -35.18 -29.15 25.40
N SER D 321 -34.24 -28.30 25.77
CA SER D 321 -33.26 -27.83 24.81
C SER D 321 -32.11 -28.82 24.68
N SER D 322 -31.36 -28.71 23.58
CA SER D 322 -30.22 -29.58 23.38
C SER D 322 -29.19 -29.38 24.48
N VAL D 323 -28.59 -30.46 24.93
CA VAL D 323 -27.57 -30.41 25.97
C VAL D 323 -26.22 -29.99 25.38
N PHE D 324 -25.84 -30.56 24.24
CA PHE D 324 -24.59 -30.22 23.59
C PHE D 324 -24.77 -29.00 22.68
N LEU D 325 -23.72 -28.18 22.60
CA LEU D 325 -23.74 -27.02 21.72
C LEU D 325 -23.83 -27.47 20.26
N GLU D 326 -24.46 -26.62 19.44
CA GLU D 326 -24.67 -26.89 18.03
C GLU D 326 -23.90 -25.90 17.17
N SER D 327 -23.44 -26.38 16.03
CA SER D 327 -22.74 -25.52 15.07
C SER D 327 -23.73 -24.59 14.37
N ASP D 328 -23.26 -23.39 14.02
CA ASP D 328 -24.07 -22.44 13.28
C ASP D 328 -24.09 -22.81 11.80
N LEU D 329 -25.27 -22.73 11.20
CA LEU D 329 -25.50 -23.19 9.83
C LEU D 329 -25.38 -22.01 8.86
N VAL D 330 -24.61 -22.21 7.78
CA VAL D 330 -24.33 -21.17 6.80
C VAL D 330 -24.88 -21.59 5.44
N THR D 331 -25.53 -20.66 4.75
CA THR D 331 -25.98 -20.85 3.37
C THR D 331 -25.02 -20.15 2.42
N VAL D 332 -24.65 -20.81 1.33
CA VAL D 332 -23.64 -20.31 0.42
C VAL D 332 -24.13 -20.42 -1.02
N GLY D 333 -23.66 -19.52 -1.86
CA GLY D 333 -23.95 -19.56 -3.28
C GLY D 333 -22.91 -18.80 -4.07
N LEU D 334 -22.67 -19.26 -5.31
CA LEU D 334 -21.66 -18.66 -6.17
C LEU D 334 -22.13 -18.67 -7.61
N ALA D 335 -21.79 -17.61 -8.35
CA ALA D 335 -22.12 -17.50 -9.77
C ALA D 335 -20.90 -17.02 -10.55
N VAL D 336 -20.74 -17.54 -11.76
CA VAL D 336 -19.61 -17.20 -12.63
C VAL D 336 -20.13 -16.33 -13.77
N ASP D 337 -19.49 -15.18 -13.97
CA ASP D 337 -19.89 -14.25 -15.02
C ASP D 337 -19.06 -14.41 -16.30
N GLN D 338 -17.74 -14.47 -16.17
CA GLN D 338 -16.88 -14.50 -17.34
C GLN D 338 -15.54 -15.12 -16.98
N ILE D 339 -15.05 -16.01 -17.85
CA ILE D 339 -13.67 -16.50 -17.77
C ILE D 339 -12.81 -15.54 -18.59
N VAL D 340 -11.85 -14.88 -17.93
CA VAL D 340 -11.12 -13.78 -18.55
C VAL D 340 -9.71 -14.14 -18.98
N GLY D 341 -9.25 -15.35 -18.72
CA GLY D 341 -7.92 -15.74 -19.17
C GLY D 341 -7.55 -17.12 -18.69
N VAL D 342 -6.70 -17.77 -19.49
CA VAL D 342 -6.13 -19.08 -19.17
C VAL D 342 -4.65 -19.05 -19.54
N ASP D 343 -3.80 -19.47 -18.61
CA ASP D 343 -2.36 -19.52 -18.82
C ASP D 343 -1.95 -20.99 -18.91
N GLN D 344 -1.56 -21.43 -20.11
CA GLN D 344 -1.29 -22.85 -20.34
C GLN D 344 0.12 -23.26 -19.95
N ARG D 345 1.03 -22.32 -19.73
CA ARG D 345 2.37 -22.68 -19.28
C ARG D 345 2.49 -22.73 -17.76
N SER D 346 1.90 -21.76 -17.06
CA SER D 346 1.92 -21.72 -15.61
C SER D 346 0.72 -22.44 -15.00
N GLU D 347 -0.24 -22.87 -15.82
CA GLU D 347 -1.40 -23.65 -15.38
C GLU D 347 -2.22 -22.89 -14.32
N ASN D 348 -2.79 -21.78 -14.74
CA ASN D 348 -3.72 -21.01 -13.91
C ASN D 348 -4.73 -20.30 -14.81
N PHE D 349 -5.85 -19.90 -14.23
CA PHE D 349 -6.89 -19.20 -14.95
C PHE D 349 -7.52 -18.14 -14.05
N SER D 350 -8.19 -17.18 -14.68
CA SER D 350 -8.83 -16.06 -13.98
C SER D 350 -10.31 -15.99 -14.32
N VAL D 351 -11.12 -15.62 -13.33
CA VAL D 351 -12.58 -15.69 -13.44
C VAL D 351 -13.20 -14.50 -12.69
N VAL D 352 -14.35 -14.06 -13.17
CA VAL D 352 -15.13 -12.98 -12.56
C VAL D 352 -16.47 -13.55 -12.13
N GLY D 353 -16.88 -13.25 -10.89
CA GLY D 353 -18.12 -13.80 -10.39
C GLY D 353 -18.61 -13.11 -9.14
N THR D 354 -19.62 -13.72 -8.51
CA THR D 354 -20.30 -13.18 -7.34
C THR D 354 -20.46 -14.26 -6.28
N LEU D 355 -20.32 -13.88 -5.01
CA LEU D 355 -20.40 -14.80 -3.88
C LEU D 355 -21.36 -14.26 -2.83
N LYS D 356 -22.10 -15.15 -2.17
CA LYS D 356 -23.08 -14.77 -1.17
C LYS D 356 -23.04 -15.76 0.01
N LEU D 357 -23.12 -15.22 1.23
CA LEU D 357 -23.17 -16.00 2.46
C LEU D 357 -24.30 -15.48 3.34
N SER D 358 -24.92 -16.38 4.11
CA SER D 358 -26.02 -16.02 5.00
C SER D 358 -26.05 -16.96 6.19
N TRP D 359 -26.25 -16.41 7.39
CA TRP D 359 -26.31 -17.22 8.61
C TRP D 359 -27.11 -16.47 9.67
N HIS D 360 -27.33 -17.15 10.80
CA HIS D 360 -28.15 -16.63 11.89
C HIS D 360 -27.36 -16.72 13.19
N ASP D 361 -27.31 -15.61 13.92
CA ASP D 361 -26.57 -15.55 15.20
C ASP D 361 -27.28 -14.62 16.18
N PRO D 362 -27.86 -15.15 17.25
CA PRO D 362 -28.57 -14.27 18.20
C PRO D 362 -27.67 -13.28 18.94
N LYS D 363 -26.37 -13.54 19.02
CA LYS D 363 -25.47 -12.60 19.68
C LYS D 363 -25.33 -11.30 18.89
N LEU D 364 -25.62 -11.30 17.60
CA LEU D 364 -25.53 -10.11 16.78
C LEU D 364 -26.79 -9.25 16.85
N GLY D 365 -27.83 -9.71 17.53
CA GLY D 365 -29.08 -8.96 17.56
C GLY D 365 -28.94 -7.67 18.33
N PHE D 366 -29.78 -6.69 17.97
CA PHE D 366 -29.81 -5.40 18.65
C PHE D 366 -31.26 -4.97 18.84
N SER D 367 -31.44 -3.87 19.56
CA SER D 367 -32.76 -3.31 19.83
C SER D 367 -32.97 -2.06 19.00
N PRO D 368 -34.02 -1.99 18.18
CA PRO D 368 -34.18 -0.85 17.27
C PRO D 368 -34.28 0.50 17.96
N ASP D 369 -34.87 0.52 19.16
CA ASP D 369 -35.15 1.78 19.84
C ASP D 369 -33.88 2.51 20.28
N GLN D 370 -32.71 1.91 20.06
CA GLN D 370 -31.44 2.52 20.39
C GLN D 370 -30.77 3.12 19.17
N CYS D 371 -31.31 2.87 17.98
CA CYS D 371 -30.73 3.40 16.75
C CYS D 371 -31.80 3.96 15.83
N GLY D 372 -33.06 3.62 16.09
CA GLY D 372 -34.13 4.01 15.21
C GLY D 372 -34.03 3.44 13.80
N CYS D 373 -33.41 2.27 13.66
CA CYS D 373 -33.18 1.67 12.35
C CYS D 373 -33.46 0.18 12.42
N THR D 374 -33.74 -0.41 11.26
CA THR D 374 -33.98 -1.83 11.14
C THR D 374 -32.79 -2.60 10.57
N VAL D 375 -31.85 -1.93 9.91
CA VAL D 375 -30.72 -2.59 9.29
C VAL D 375 -29.43 -1.88 9.66
N LYS D 376 -28.46 -2.65 10.16
CA LYS D 376 -27.12 -2.16 10.47
C LYS D 376 -26.14 -2.76 9.48
N SER D 377 -25.23 -1.94 8.96
CA SER D 377 -24.40 -2.37 7.84
C SER D 377 -22.94 -2.03 8.07
N PHE D 378 -22.07 -2.83 7.46
CA PHE D 378 -20.64 -2.61 7.38
C PHE D 378 -20.23 -2.68 5.92
N GLU D 379 -19.36 -1.76 5.49
CA GLU D 379 -19.01 -1.64 4.09
C GLU D 379 -17.51 -1.63 3.89
N ASP D 380 -17.08 -2.19 2.75
CA ASP D 380 -15.69 -2.15 2.29
C ASP D 380 -14.73 -2.78 3.30
N ALA D 381 -15.17 -3.81 4.01
CA ALA D 381 -14.34 -4.48 4.99
C ALA D 381 -14.52 -5.98 4.86
N SER D 382 -13.42 -6.71 5.08
CA SER D 382 -13.48 -8.16 5.10
C SER D 382 -14.16 -8.64 6.38
N ILE D 383 -14.59 -9.91 6.36
CA ILE D 383 -15.24 -10.48 7.53
C ILE D 383 -14.29 -10.54 8.70
N ARG D 384 -13.00 -10.76 8.44
CA ARG D 384 -12.00 -10.79 9.52
C ARG D 384 -11.91 -9.44 10.21
N ALA D 385 -11.88 -8.36 9.44
CA ALA D 385 -11.78 -7.03 10.03
C ALA D 385 -12.99 -6.69 10.88
N VAL D 386 -14.19 -7.02 10.38
CA VAL D 386 -15.41 -6.76 11.14
C VAL D 386 -15.43 -7.60 12.40
N ALA D 387 -15.02 -8.86 12.31
CA ALA D 387 -14.96 -9.73 13.49
C ALA D 387 -14.00 -9.19 14.53
N GLY D 388 -12.85 -8.67 14.10
CA GLY D 388 -11.93 -8.06 15.04
C GLY D 388 -12.41 -6.74 15.61
N GLU D 389 -13.25 -6.01 14.87
CA GLU D 389 -13.79 -4.75 15.38
C GLU D 389 -14.91 -4.97 16.40
N ILE D 390 -15.81 -5.94 16.16
CA ILE D 390 -16.91 -6.16 17.08
C ILE D 390 -16.63 -7.25 18.11
N ASN D 391 -15.46 -7.90 18.04
CA ASN D 391 -15.04 -8.90 19.02
C ASN D 391 -16.03 -10.05 19.13
N LEU D 392 -16.52 -10.53 17.98
CA LEU D 392 -17.35 -11.72 17.92
C LEU D 392 -16.88 -12.63 16.79
N PRO D 393 -16.97 -13.94 16.97
CA PRO D 393 -16.54 -14.86 15.91
C PRO D 393 -17.52 -14.87 14.75
N LEU D 394 -16.99 -14.80 13.53
CA LEU D 394 -17.74 -14.79 12.29
C LEU D 394 -17.13 -15.77 11.31
N PRO D 395 -17.93 -16.27 10.35
CA PRO D 395 -17.40 -17.28 9.40
C PRO D 395 -16.59 -16.69 8.26
N SER D 396 -15.30 -16.47 8.53
CA SER D 396 -14.39 -15.98 7.49
C SER D 396 -14.03 -17.10 6.53
N PHE D 397 -13.58 -16.72 5.34
CA PHE D 397 -13.32 -17.68 4.26
C PHE D 397 -12.12 -17.23 3.45
N SER D 398 -11.63 -18.14 2.59
CA SER D 398 -10.58 -17.82 1.64
C SER D 398 -10.71 -18.74 0.42
N PHE D 399 -10.12 -18.30 -0.69
CA PHE D 399 -9.99 -19.14 -1.89
C PHE D 399 -8.75 -20.01 -1.74
N TYR D 400 -8.91 -21.32 -1.98
CA TYR D 400 -7.83 -22.26 -1.68
C TYR D 400 -6.62 -22.05 -2.59
N ASN D 401 -6.84 -21.85 -3.87
CA ASN D 401 -5.76 -21.75 -4.85
C ASN D 401 -5.52 -20.33 -5.33
N GLN D 402 -5.73 -19.33 -4.47
CA GLN D 402 -5.59 -17.94 -4.89
C GLN D 402 -4.13 -17.59 -5.18
N GLN D 403 -3.91 -16.95 -6.32
CA GLN D 403 -2.59 -16.47 -6.72
C GLN D 403 -2.56 -14.95 -6.62
N GLY D 404 -1.79 -14.42 -5.68
CA GLY D 404 -1.72 -12.99 -5.50
C GLY D 404 -2.97 -12.41 -4.86
N ASN D 405 -3.10 -11.09 -4.98
CA ASN D 405 -4.20 -10.37 -4.36
C ASN D 405 -5.50 -10.54 -5.14
N ARG D 406 -6.61 -10.29 -4.47
CA ARG D 406 -7.94 -10.40 -5.06
C ARG D 406 -8.59 -9.01 -5.13
N TRP D 407 -9.20 -8.71 -6.27
CA TRP D 407 -9.93 -7.46 -6.45
C TRP D 407 -11.39 -7.65 -6.08
N SER D 408 -11.92 -6.75 -5.23
CA SER D 408 -13.27 -6.88 -4.70
C SER D 408 -14.04 -5.58 -4.87
N GLN D 409 -15.33 -5.71 -5.19
CA GLN D 409 -16.23 -4.58 -5.32
C GLN D 409 -17.55 -4.88 -4.63
N ASN D 410 -18.22 -3.81 -4.20
CA ASN D 410 -19.54 -3.88 -3.58
C ASN D 410 -19.56 -4.78 -2.34
N GLN D 411 -18.50 -4.72 -1.54
CA GLN D 411 -18.40 -5.55 -0.34
C GLN D 411 -19.24 -4.95 0.78
N VAL D 412 -20.19 -5.73 1.30
CA VAL D 412 -21.12 -5.23 2.32
C VAL D 412 -21.55 -6.37 3.23
N ILE D 413 -21.73 -6.06 4.51
CA ILE D 413 -22.33 -6.94 5.50
C ILE D 413 -23.45 -6.17 6.20
N PHE D 414 -24.64 -6.77 6.29
CA PHE D 414 -25.74 -6.13 7.00
C PHE D 414 -26.48 -7.16 7.86
N VAL D 415 -27.00 -6.68 8.99
CA VAL D 415 -27.59 -7.52 10.03
C VAL D 415 -28.95 -6.98 10.42
N THR D 416 -29.90 -7.88 10.64
CA THR D 416 -31.24 -7.57 11.10
C THR D 416 -31.34 -7.67 12.62
N PRO D 417 -32.36 -7.06 13.22
CA PRO D 417 -32.47 -7.13 14.69
C PRO D 417 -32.59 -8.53 15.26
N ASP D 418 -33.19 -9.46 14.50
CA ASP D 418 -33.30 -10.83 14.99
C ASP D 418 -31.94 -11.53 15.01
N GLY D 419 -30.95 -11.00 14.29
CA GLY D 419 -29.64 -11.60 14.22
C GLY D 419 -29.29 -12.25 12.91
N ARG D 420 -30.12 -12.11 11.89
CA ARG D 420 -29.82 -12.67 10.58
C ARG D 420 -28.84 -11.78 9.84
N ALA D 421 -27.71 -12.37 9.42
CA ALA D 421 -26.63 -11.63 8.76
C ALA D 421 -26.37 -12.22 7.38
N SER D 422 -25.86 -11.38 6.48
CA SER D 422 -25.55 -11.81 5.13
C SER D 422 -24.35 -11.02 4.60
N TYR D 423 -23.61 -11.66 3.69
CA TYR D 423 -22.41 -11.10 3.08
C TYR D 423 -22.54 -11.15 1.57
N PHE D 424 -22.03 -10.11 0.90
CA PHE D 424 -22.08 -10.01 -0.56
C PHE D 424 -20.75 -9.47 -1.08
N GLU D 425 -20.31 -10.01 -2.22
CA GLU D 425 -19.04 -9.60 -2.80
C GLU D 425 -19.03 -9.90 -4.30
N ARG D 426 -18.43 -8.99 -5.06
CA ARG D 426 -18.10 -9.21 -6.46
C ARG D 426 -16.58 -9.27 -6.60
N PHE D 427 -16.08 -10.36 -7.18
CA PHE D 427 -14.66 -10.65 -7.16
C PHE D 427 -14.08 -10.90 -8.55
N THR D 428 -12.80 -10.57 -8.71
CA THR D 428 -11.99 -11.02 -9.84
C THR D 428 -10.72 -11.63 -9.27
N VAL D 429 -10.45 -12.88 -9.61
CA VAL D 429 -9.40 -13.65 -8.95
C VAL D 429 -8.70 -14.56 -9.96
N THR D 430 -7.44 -14.88 -9.66
CA THR D 430 -6.64 -15.81 -10.45
C THR D 430 -6.34 -17.05 -9.60
N LEU D 431 -6.66 -18.22 -10.13
CA LEU D 431 -6.59 -19.48 -9.38
C LEU D 431 -5.63 -20.44 -10.05
N GLN D 432 -4.78 -21.08 -9.26
CA GLN D 432 -3.89 -22.11 -9.76
C GLN D 432 -4.65 -23.38 -10.10
N ALA D 433 -4.20 -24.08 -11.14
CA ALA D 433 -4.86 -25.30 -11.60
C ALA D 433 -3.84 -26.33 -12.10
N PRO D 434 -3.09 -26.96 -11.19
CA PRO D 434 -2.10 -27.95 -11.64
C PRO D 434 -2.70 -29.21 -12.25
N ASP D 435 -4.02 -29.39 -12.17
CA ASP D 435 -4.66 -30.59 -12.72
C ASP D 435 -4.78 -30.56 -14.25
N PHE D 436 -4.42 -29.45 -14.89
CA PHE D 436 -4.50 -29.36 -16.35
C PHE D 436 -3.66 -30.42 -17.02
N ASP D 437 -4.18 -30.95 -18.14
CA ASP D 437 -3.47 -31.95 -18.94
C ASP D 437 -3.72 -31.66 -20.41
N PHE D 438 -2.69 -31.21 -21.12
CA PHE D 438 -2.81 -30.80 -22.51
C PHE D 438 -2.24 -31.82 -23.49
N LEU D 439 -2.19 -33.09 -23.11
CA LEU D 439 -1.60 -34.11 -23.98
C LEU D 439 -2.40 -34.28 -25.28
N ALA D 440 -3.73 -34.29 -25.18
CA ALA D 440 -4.61 -34.50 -26.33
C ALA D 440 -4.94 -33.23 -27.09
N TYR D 441 -4.13 -32.18 -26.94
CA TYR D 441 -4.39 -30.91 -27.60
C TYR D 441 -4.46 -31.10 -29.11
N PRO D 442 -5.41 -30.45 -29.83
CA PRO D 442 -6.43 -29.54 -29.31
C PRO D 442 -7.75 -30.20 -28.91
N PHE D 443 -7.77 -31.53 -28.86
CA PHE D 443 -8.98 -32.27 -28.51
C PHE D 443 -9.12 -32.49 -27.01
N ASP D 444 -8.38 -31.74 -26.19
CA ASP D 444 -8.40 -31.94 -24.75
C ASP D 444 -9.67 -31.39 -24.11
N ARG D 445 -10.01 -31.93 -22.95
CA ARG D 445 -11.10 -31.44 -22.12
C ARG D 445 -10.56 -31.17 -20.72
N GLN D 446 -10.98 -30.06 -20.12
CA GLN D 446 -10.42 -29.58 -18.86
C GLN D 446 -11.53 -29.30 -17.86
N LYS D 447 -11.13 -29.15 -16.60
CA LYS D 447 -12.04 -28.81 -15.51
C LYS D 447 -11.56 -27.54 -14.83
N PHE D 448 -12.47 -26.59 -14.64
CA PHE D 448 -12.19 -25.36 -13.88
C PHE D 448 -12.87 -25.48 -12.53
N SER D 449 -12.08 -25.62 -11.47
CA SER D 449 -12.59 -25.86 -10.12
C SER D 449 -12.35 -24.64 -9.24
N ILE D 450 -13.40 -24.20 -8.56
CA ILE D 450 -13.34 -23.06 -7.64
C ILE D 450 -13.72 -23.57 -6.26
N LYS D 451 -12.81 -23.42 -5.30
CA LYS D 451 -12.97 -23.96 -3.95
C LYS D 451 -13.00 -22.83 -2.93
N VAL D 452 -14.03 -22.81 -2.10
CA VAL D 452 -14.17 -21.83 -1.01
C VAL D 452 -14.14 -22.60 0.31
N ASP D 453 -13.18 -22.28 1.16
CA ASP D 453 -12.99 -22.95 2.43
C ASP D 453 -13.21 -21.99 3.59
N LEU D 454 -13.96 -22.42 4.59
CA LEU D 454 -14.10 -21.65 5.81
C LEU D 454 -12.80 -21.70 6.62
N ALA D 455 -12.44 -20.58 7.23
CA ALA D 455 -11.23 -20.48 8.04
C ALA D 455 -11.49 -20.77 9.51
N VAL D 456 -12.53 -21.53 9.83
CA VAL D 456 -12.89 -21.83 11.22
C VAL D 456 -13.19 -23.31 11.36
N PRO D 457 -13.03 -23.85 12.58
CA PRO D 457 -13.32 -25.27 12.80
C PRO D 457 -14.79 -25.59 12.56
N THR D 458 -15.04 -26.87 12.22
CA THR D 458 -16.38 -27.30 11.85
C THR D 458 -17.35 -27.25 13.02
N ASN D 459 -16.84 -27.25 14.25
CA ASN D 459 -17.73 -27.16 15.41
C ASN D 459 -18.23 -25.75 15.67
N MET D 460 -17.69 -24.75 14.95
CA MET D 460 -18.17 -23.37 15.06
C MET D 460 -19.16 -23.03 13.95
N PHE D 461 -18.74 -23.16 12.68
CA PHE D 461 -19.58 -22.89 11.54
C PHE D 461 -19.41 -24.01 10.52
N ILE D 462 -20.49 -24.29 9.78
CA ILE D 462 -20.48 -25.34 8.77
C ILE D 462 -21.43 -24.95 7.64
N PHE D 463 -21.01 -25.20 6.40
CA PHE D 463 -21.90 -25.05 5.25
C PHE D 463 -22.99 -26.12 5.29
N ASN D 464 -24.23 -25.69 5.10
CA ASN D 464 -25.38 -26.57 5.23
C ASN D 464 -26.28 -26.60 4.00
N GLU D 465 -26.44 -25.50 3.29
CA GLU D 465 -27.33 -25.43 2.15
C GLU D 465 -26.67 -24.66 1.01
N ILE D 466 -27.13 -24.92 -0.21
CA ILE D 466 -26.64 -24.24 -1.41
C ILE D 466 -27.78 -23.42 -1.99
N GLU D 467 -27.53 -22.13 -2.22
CA GLU D 467 -28.51 -21.21 -2.76
C GLU D 467 -28.13 -20.82 -4.19
N ARG D 468 -29.10 -20.93 -5.10
CA ARG D 468 -28.90 -20.53 -6.50
C ARG D 468 -29.59 -19.19 -6.72
N PHE D 469 -28.88 -18.11 -6.37
CA PHE D 469 -29.43 -16.77 -6.54
C PHE D 469 -29.43 -16.31 -8.00
N GLN D 470 -28.56 -16.87 -8.83
CA GLN D 470 -28.51 -16.57 -10.26
C GLN D 470 -28.16 -17.85 -11.00
N GLN D 471 -28.11 -17.75 -12.33
CA GLN D 471 -27.54 -18.83 -13.13
C GLN D 471 -26.07 -19.00 -12.76
N VAL D 472 -25.66 -20.25 -12.54
CA VAL D 472 -24.28 -20.51 -12.13
C VAL D 472 -23.31 -20.09 -13.24
N VAL D 473 -23.65 -20.38 -14.49
CA VAL D 473 -22.84 -19.97 -15.64
C VAL D 473 -23.65 -18.98 -16.46
N GLY D 474 -23.14 -17.76 -16.58
CA GLY D 474 -23.87 -16.71 -17.27
C GLY D 474 -23.59 -16.67 -18.76
N ASP D 475 -24.62 -16.35 -19.53
CA ASP D 475 -24.50 -16.22 -20.97
C ASP D 475 -24.05 -14.82 -21.37
N GLN D 476 -23.19 -14.74 -22.37
CA GLN D 476 -22.65 -13.47 -22.86
C GLN D 476 -22.76 -13.43 -24.38
N LEU D 477 -22.88 -12.22 -24.92
CA LEU D 477 -22.94 -12.06 -26.37
C LEU D 477 -21.60 -12.39 -27.01
N GLY D 478 -21.65 -12.92 -28.23
CA GLY D 478 -20.45 -13.29 -28.94
C GLY D 478 -19.96 -14.68 -28.58
N GLU D 479 -18.89 -15.09 -29.26
CA GLU D 479 -18.27 -16.38 -29.01
C GLU D 479 -17.21 -16.29 -27.93
N GLU D 480 -16.88 -17.45 -27.35
CA GLU D 480 -15.83 -17.57 -26.35
C GLU D 480 -14.85 -18.66 -26.77
N GLU D 481 -13.62 -18.55 -26.26
CA GLU D 481 -12.60 -19.56 -26.58
C GLU D 481 -12.93 -20.91 -25.96
N TRP D 482 -13.49 -20.91 -24.76
CA TRP D 482 -13.85 -22.14 -24.06
C TRP D 482 -15.36 -22.24 -23.95
N VAL D 483 -15.90 -23.42 -24.25
CA VAL D 483 -17.34 -23.69 -24.20
C VAL D 483 -17.63 -24.59 -23.01
N VAL D 484 -18.54 -24.16 -22.14
CA VAL D 484 -18.89 -24.92 -20.95
C VAL D 484 -19.95 -25.96 -21.31
N THR D 485 -19.68 -27.22 -20.99
CA THR D 485 -20.61 -28.31 -21.28
C THR D 485 -21.54 -28.62 -20.11
N SER D 486 -21.02 -28.61 -18.88
CA SER D 486 -21.82 -28.91 -17.70
C SER D 486 -21.11 -28.34 -16.47
N TYR D 487 -21.84 -28.33 -15.35
CA TYR D 487 -21.31 -27.84 -14.09
C TYR D 487 -21.93 -28.61 -12.93
N SER D 488 -21.31 -28.49 -11.76
CA SER D 488 -21.81 -29.11 -10.54
C SER D 488 -21.35 -28.30 -9.33
N GLN D 489 -22.06 -28.49 -8.22
CA GLN D 489 -21.74 -27.84 -6.95
C GLN D 489 -21.92 -28.85 -5.81
N GLU D 490 -20.99 -28.84 -4.86
CA GLU D 490 -20.95 -29.85 -3.82
C GLU D 490 -20.30 -29.30 -2.55
N ILE D 491 -20.71 -29.86 -1.41
CA ILE D 491 -20.15 -29.52 -0.10
C ILE D 491 -19.47 -30.76 0.46
N THR D 492 -18.25 -30.57 0.98
CA THR D 492 -17.46 -31.66 1.56
C THR D 492 -16.76 -31.17 2.82
N GLU D 493 -15.96 -32.04 3.42
CA GLU D 493 -15.16 -31.73 4.60
C GLU D 493 -13.71 -32.11 4.37
N VAL D 494 -12.79 -31.26 4.82
CA VAL D 494 -11.36 -31.49 4.61
C VAL D 494 -10.60 -31.25 5.89
N PRO D 495 -9.47 -31.93 6.07
CA PRO D 495 -8.68 -31.76 7.29
C PRO D 495 -8.20 -30.32 7.46
N PHE D 496 -8.14 -29.88 8.71
CA PHE D 496 -7.88 -28.50 9.07
C PHE D 496 -6.65 -28.41 9.96
N GLU D 497 -5.94 -27.29 9.86
CA GLU D 497 -4.78 -27.07 10.72
C GLU D 497 -5.21 -26.96 12.18
N ARG D 498 -4.34 -27.39 13.08
CA ARG D 498 -4.69 -27.58 14.49
C ARG D 498 -5.89 -28.53 14.62
N GLY D 499 -5.83 -29.62 13.87
CA GLY D 499 -6.83 -30.66 13.98
C GLY D 499 -8.20 -30.23 13.49
N SER D 500 -9.19 -31.00 13.92
CA SER D 500 -10.61 -30.77 13.59
C SER D 500 -10.78 -30.80 12.07
N THR D 501 -11.75 -30.04 11.56
CA THR D 501 -12.14 -30.11 10.16
C THR D 501 -12.75 -28.77 9.78
N ASN D 502 -12.69 -28.45 8.49
CA ASN D 502 -13.31 -27.24 7.96
C ASN D 502 -14.11 -27.59 6.71
N SER D 503 -15.17 -26.81 6.48
CA SER D 503 -16.06 -27.06 5.35
C SER D 503 -15.49 -26.48 4.06
N ARG D 504 -15.90 -27.07 2.94
CA ARG D 504 -15.47 -26.65 1.61
C ARG D 504 -16.64 -26.64 0.66
N PHE D 505 -16.74 -25.58 -0.15
CA PHE D 505 -17.75 -25.45 -1.20
C PHE D 505 -17.04 -25.38 -2.54
N THR D 506 -17.39 -26.28 -3.45
CA THR D 506 -16.69 -26.45 -4.71
C THR D 506 -17.63 -26.26 -5.89
N THR D 507 -17.19 -25.48 -6.88
CA THR D 507 -17.87 -25.34 -8.16
C THR D 507 -16.94 -25.80 -9.27
N THR D 508 -17.43 -26.69 -10.13
CA THR D 508 -16.62 -27.29 -11.19
C THR D 508 -17.29 -27.06 -12.55
N LEU D 509 -16.53 -26.58 -13.52
CA LEU D 509 -17.00 -26.35 -14.87
C LEU D 509 -16.24 -27.26 -15.84
N LEU D 510 -16.98 -27.99 -16.68
CA LEU D 510 -16.39 -28.81 -17.72
C LEU D 510 -16.39 -28.04 -19.04
N VAL D 511 -15.22 -27.89 -19.64
CA VAL D 511 -15.05 -27.01 -20.79
C VAL D 511 -14.33 -27.74 -21.92
N LYS D 512 -14.56 -27.26 -23.14
CA LYS D 512 -13.88 -27.75 -24.33
C LYS D 512 -13.59 -26.59 -25.27
N ARG D 513 -12.67 -26.80 -26.21
CA ARG D 513 -12.32 -25.79 -27.19
C ARG D 513 -13.27 -25.83 -28.38
N ASN D 514 -13.13 -24.82 -29.24
CA ASN D 514 -13.90 -24.77 -30.49
C ASN D 514 -13.17 -25.58 -31.56
N LEU D 515 -13.79 -26.68 -31.98
CA LEU D 515 -13.13 -27.63 -32.88
C LEU D 515 -13.10 -27.14 -34.32
N GLU D 516 -14.14 -26.43 -34.76
CA GLU D 516 -14.20 -25.97 -36.14
C GLU D 516 -13.03 -25.06 -36.47
N TYR D 517 -12.64 -24.20 -35.53
CA TYR D 517 -11.52 -23.29 -35.73
C TYR D 517 -10.26 -24.06 -36.10
N TYR D 518 -9.87 -25.04 -35.28
CA TYR D 518 -8.66 -25.79 -35.54
C TYR D 518 -8.78 -26.62 -36.81
N ILE D 519 -9.93 -27.30 -37.00
CA ILE D 519 -10.08 -28.15 -38.17
C ILE D 519 -9.92 -27.34 -39.45
N LEU D 520 -10.72 -26.28 -39.60
CA LEU D 520 -10.69 -25.50 -40.83
C LEU D 520 -9.37 -24.76 -40.99
N ARG D 521 -8.75 -24.32 -39.90
CA ARG D 521 -7.55 -23.49 -40.03
C ARG D 521 -6.30 -24.34 -40.31
N ILE D 522 -6.24 -25.58 -39.83
CA ILE D 522 -5.02 -26.37 -39.91
C ILE D 522 -5.19 -27.59 -40.83
N PHE D 523 -6.20 -28.41 -40.58
CA PHE D 523 -6.16 -29.77 -41.12
C PHE D 523 -6.46 -29.81 -42.62
N VAL D 524 -7.42 -29.02 -43.09
CA VAL D 524 -7.73 -29.02 -44.53
C VAL D 524 -6.56 -28.53 -45.38
N PRO D 525 -5.92 -27.39 -45.08
CA PRO D 525 -4.74 -27.02 -45.88
C PRO D 525 -3.64 -28.06 -45.83
N LEU D 526 -3.43 -28.70 -44.67
CA LEU D 526 -2.43 -29.75 -44.56
C LEU D 526 -2.77 -30.92 -45.46
N PHE D 527 -4.05 -31.30 -45.51
CA PHE D 527 -4.47 -32.37 -46.40
C PHE D 527 -4.22 -32.03 -47.86
N LEU D 528 -4.50 -30.79 -48.27
CA LEU D 528 -4.24 -30.39 -49.64
C LEU D 528 -2.75 -30.42 -49.97
N ILE D 529 -1.92 -29.97 -49.02
CA ILE D 529 -0.48 -30.00 -49.24
C ILE D 529 0.02 -31.43 -49.39
N ILE D 530 -0.48 -32.34 -48.56
CA ILE D 530 -0.10 -33.76 -48.68
C ILE D 530 -0.57 -34.32 -50.02
N SER D 531 -1.77 -33.94 -50.46
CA SER D 531 -2.29 -34.41 -51.74
C SER D 531 -1.42 -33.94 -52.91
N VAL D 532 -0.86 -32.73 -52.82
CA VAL D 532 0.01 -32.26 -53.89
C VAL D 532 1.22 -33.17 -54.05
N SER D 533 1.85 -33.55 -52.93
CA SER D 533 2.99 -34.45 -52.98
C SER D 533 2.61 -35.86 -53.37
N TRP D 534 1.36 -36.27 -53.12
CA TRP D 534 0.92 -37.59 -53.55
C TRP D 534 0.65 -37.67 -55.04
N VAL D 535 0.05 -36.62 -55.62
CA VAL D 535 -0.46 -36.72 -56.98
C VAL D 535 0.66 -36.74 -58.02
N ILE D 536 1.84 -36.23 -57.68
CA ILE D 536 2.91 -36.05 -58.67
C ILE D 536 3.47 -37.36 -59.18
N PHE D 537 3.19 -38.48 -58.50
CA PHE D 537 3.74 -39.76 -58.92
C PHE D 537 3.05 -40.33 -60.17
N PHE D 538 1.96 -39.71 -60.63
CA PHE D 538 1.38 -40.13 -61.91
C PHE D 538 2.23 -39.68 -63.09
N LEU D 539 3.05 -38.64 -62.90
CA LEU D 539 3.90 -38.16 -63.98
C LEU D 539 4.97 -39.17 -64.33
N LYS D 540 5.35 -39.21 -65.61
CA LYS D 540 6.43 -40.04 -66.10
C LYS D 540 7.68 -39.25 -66.46
N ASP D 541 7.63 -37.92 -66.35
CA ASP D 541 8.82 -37.07 -66.49
C ASP D 541 9.35 -36.81 -65.09
N TYR D 542 10.42 -37.51 -64.72
CA TYR D 542 10.86 -37.50 -63.33
C TYR D 542 11.55 -36.20 -62.92
N GLY D 543 12.03 -35.41 -63.88
CA GLY D 543 12.57 -34.10 -63.55
C GLY D 543 11.50 -33.15 -63.02
N ARG D 544 10.34 -33.13 -63.69
CA ARG D 544 9.22 -32.32 -63.21
C ARG D 544 8.77 -32.79 -61.84
N GLN D 545 8.70 -34.11 -61.64
CA GLN D 545 8.30 -34.64 -60.34
C GLN D 545 9.28 -34.21 -59.25
N LEU D 546 10.57 -34.27 -59.53
CA LEU D 546 11.57 -33.86 -58.55
C LEU D 546 11.45 -32.38 -58.21
N GLU D 547 11.27 -31.54 -59.24
CA GLU D 547 11.15 -30.10 -59.00
C GLU D 547 9.90 -29.77 -58.18
N VAL D 548 8.77 -30.42 -58.51
CA VAL D 548 7.54 -30.13 -57.79
C VAL D 548 7.63 -30.62 -56.34
N ALA D 549 8.26 -31.77 -56.12
CA ALA D 549 8.47 -32.25 -54.75
C ALA D 549 9.33 -31.28 -53.95
N SER D 550 10.41 -30.79 -54.56
CA SER D 550 11.28 -29.83 -53.87
C SER D 550 10.52 -28.56 -53.52
N GLY D 551 9.68 -28.07 -54.43
CA GLY D 551 8.87 -26.90 -54.12
C GLY D 551 7.84 -27.14 -53.04
N ASN D 552 7.22 -28.32 -53.05
CA ASN D 552 6.18 -28.63 -52.08
C ASN D 552 6.74 -28.77 -50.68
N LEU D 553 7.98 -29.26 -50.54
CA LEU D 553 8.59 -29.30 -49.21
C LEU D 553 8.75 -27.90 -48.62
N LEU D 554 9.21 -26.95 -49.44
CA LEU D 554 9.33 -25.57 -48.98
C LEU D 554 7.97 -24.97 -48.64
N VAL D 555 6.96 -25.28 -49.45
CA VAL D 555 5.59 -24.81 -49.15
C VAL D 555 5.12 -25.36 -47.80
N PHE D 556 5.42 -26.64 -47.53
CA PHE D 556 5.04 -27.25 -46.27
C PHE D 556 5.71 -26.52 -45.10
N VAL D 557 7.00 -26.25 -45.22
CA VAL D 557 7.71 -25.56 -44.13
C VAL D 557 7.13 -24.16 -43.91
N ALA D 558 6.83 -23.46 -45.01
CA ALA D 558 6.26 -22.12 -44.90
C ALA D 558 4.90 -22.15 -44.19
N PHE D 559 4.05 -23.11 -44.55
CA PHE D 559 2.76 -23.22 -43.87
C PHE D 559 2.94 -23.56 -42.39
N ASN D 560 3.90 -24.45 -42.08
CA ASN D 560 4.13 -24.83 -40.70
C ASN D 560 4.50 -23.61 -39.85
N PHE D 561 5.43 -22.79 -40.34
CA PHE D 561 5.80 -21.62 -39.54
C PHE D 561 4.71 -20.56 -39.58
N THR D 562 3.85 -20.58 -40.59
CA THR D 562 2.70 -19.66 -40.60
C THR D 562 1.69 -20.02 -39.51
N ILE D 563 1.50 -21.31 -39.24
CA ILE D 563 0.58 -21.73 -38.19
C ILE D 563 1.29 -21.89 -36.85
N SER D 564 2.60 -21.65 -36.80
CA SER D 564 3.34 -21.71 -35.54
C SER D 564 2.69 -20.91 -34.43
N GLY D 565 1.86 -19.91 -34.76
CA GLY D 565 1.19 -19.13 -33.74
C GLY D 565 0.18 -19.90 -32.91
N ASP D 566 -0.47 -20.91 -33.51
CA ASP D 566 -1.41 -21.77 -32.79
C ASP D 566 -0.74 -23.02 -32.24
N LEU D 567 0.56 -22.95 -31.96
CA LEU D 567 1.32 -24.11 -31.50
C LEU D 567 1.96 -23.76 -30.16
N PRO D 568 1.29 -24.07 -29.06
CA PRO D 568 1.82 -23.70 -27.74
C PRO D 568 3.15 -24.40 -27.45
N ARG D 569 4.04 -23.68 -26.79
CA ARG D 569 5.36 -24.20 -26.42
C ARG D 569 5.29 -24.62 -24.96
N LEU D 570 5.11 -25.92 -24.72
CA LEU D 570 4.94 -26.45 -23.39
C LEU D 570 6.14 -27.25 -22.89
N GLY D 571 7.04 -27.65 -23.77
CA GLY D 571 8.15 -28.51 -23.40
C GLY D 571 7.89 -29.99 -23.55
N TYR D 572 6.73 -30.38 -24.07
CA TYR D 572 6.42 -31.79 -24.32
C TYR D 572 5.48 -31.88 -25.50
N LEU D 573 5.42 -33.07 -26.09
CA LEU D 573 4.74 -33.26 -27.37
C LEU D 573 3.24 -33.43 -27.20
N THR D 574 2.48 -32.79 -28.10
CA THR D 574 1.05 -33.01 -28.22
C THR D 574 0.75 -33.82 -29.48
N VAL D 575 -0.54 -34.05 -29.74
CA VAL D 575 -0.95 -34.80 -30.93
C VAL D 575 -0.58 -34.04 -32.20
N LEU D 576 -0.83 -32.73 -32.21
CA LEU D 576 -0.59 -31.93 -33.41
C LEU D 576 0.88 -31.92 -33.79
N ASP D 577 1.76 -31.81 -32.79
CA ASP D 577 3.20 -31.82 -33.07
C ASP D 577 3.62 -33.14 -33.72
N ARG D 578 3.12 -34.26 -33.19
CA ARG D 578 3.45 -35.56 -33.76
C ARG D 578 2.97 -35.67 -35.21
N PHE D 579 1.74 -35.20 -35.48
CA PHE D 579 1.24 -35.26 -36.84
C PHE D 579 2.08 -34.40 -37.78
N MET D 580 2.47 -33.20 -37.34
CA MET D 580 3.32 -32.34 -38.16
C MET D 580 4.66 -32.99 -38.46
N ILE D 581 5.27 -33.61 -37.45
CA ILE D 581 6.56 -34.27 -37.67
C ILE D 581 6.44 -35.42 -38.67
N VAL D 582 5.40 -36.25 -38.53
CA VAL D 582 5.22 -37.37 -39.45
C VAL D 582 5.01 -36.86 -40.87
N SER D 583 4.19 -35.82 -41.04
CA SER D 583 3.93 -35.28 -42.37
C SER D 583 5.19 -34.71 -43.00
N PHE D 584 6.01 -33.99 -42.22
CA PHE D 584 7.26 -33.46 -42.75
C PHE D 584 8.20 -34.59 -43.19
N CYS D 585 8.30 -35.64 -42.36
CA CYS D 585 9.18 -36.74 -42.71
C CYS D 585 8.76 -37.41 -44.01
N LEU D 586 7.45 -37.65 -44.17
CA LEU D 586 6.98 -38.26 -45.41
C LEU D 586 7.21 -37.35 -46.61
N THR D 587 7.02 -36.04 -46.43
CA THR D 587 7.26 -35.11 -47.53
C THR D 587 8.72 -35.13 -47.98
N ALA D 588 9.65 -35.22 -47.03
CA ALA D 588 11.07 -35.31 -47.41
C ALA D 588 11.41 -36.66 -48.07
N ILE D 589 10.81 -37.74 -47.58
CA ILE D 589 11.03 -39.04 -48.20
C ILE D 589 10.55 -39.04 -49.65
N VAL D 590 9.51 -38.27 -49.94
CA VAL D 590 9.05 -38.15 -51.33
C VAL D 590 10.16 -37.60 -52.22
N VAL D 591 10.88 -36.57 -51.75
CA VAL D 591 11.97 -35.99 -52.52
C VAL D 591 13.09 -37.01 -52.72
N LEU D 592 13.42 -37.75 -51.65
CA LEU D 592 14.46 -38.77 -51.79
C LEU D 592 14.10 -39.82 -52.85
N ILE D 593 12.85 -40.30 -52.81
CA ILE D 593 12.40 -41.29 -53.78
C ILE D 593 12.42 -40.71 -55.19
N SER D 594 12.06 -39.43 -55.33
CA SER D 594 12.10 -38.78 -56.64
C SER D 594 13.51 -38.75 -57.20
N VAL D 595 14.50 -38.44 -56.36
CA VAL D 595 15.89 -38.44 -56.82
C VAL D 595 16.29 -39.84 -57.28
N CYS D 596 15.94 -40.86 -56.50
CA CYS D 596 16.28 -42.22 -56.88
C CYS D 596 15.64 -42.61 -58.21
N GLN D 597 14.37 -42.24 -58.41
CA GLN D 597 13.69 -42.55 -59.67
C GLN D 597 14.31 -41.82 -60.84
N LYS D 598 14.73 -40.57 -60.64
CA LYS D 598 15.41 -39.83 -61.69
C LYS D 598 16.70 -40.53 -62.10
N ARG D 599 17.47 -40.99 -61.13
CA ARG D 599 18.69 -41.72 -61.46
C ARG D 599 18.39 -43.02 -62.21
N LEU D 600 17.38 -43.76 -61.75
CA LEU D 600 17.02 -45.02 -62.42
C LEU D 600 16.61 -44.77 -63.85
N GLY D 601 15.83 -43.72 -64.10
CA GLY D 601 15.47 -43.37 -65.46
C GLY D 601 16.68 -42.96 -66.29
N ALA D 602 17.64 -42.29 -65.67
CA ALA D 602 18.86 -41.92 -66.39
C ALA D 602 19.65 -43.14 -66.82
N VAL D 603 19.74 -44.17 -65.97
CA VAL D 603 20.52 -45.36 -66.33
C VAL D 603 19.77 -46.30 -67.27
N GLY D 604 18.50 -46.05 -67.54
CA GLY D 604 17.76 -46.87 -68.49
C GLY D 604 16.96 -48.01 -67.91
N LYS D 605 16.43 -47.84 -66.70
CA LYS D 605 15.61 -48.84 -66.03
C LYS D 605 14.21 -48.31 -65.72
N GLN D 606 13.55 -47.72 -66.73
CA GLN D 606 12.28 -47.04 -66.52
C GLN D 606 11.21 -47.95 -65.94
N ALA D 607 11.29 -49.26 -66.21
CA ALA D 607 10.28 -50.18 -65.68
C ALA D 607 10.30 -50.21 -64.16
N VAL D 608 11.48 -50.22 -63.56
CA VAL D 608 11.59 -50.21 -62.10
C VAL D 608 11.02 -48.91 -61.55
N ALA D 609 11.26 -47.80 -62.24
CA ALA D 609 10.71 -46.52 -61.80
C ALA D 609 9.19 -46.53 -61.83
N ALA D 610 8.60 -47.11 -62.87
CA ALA D 610 7.14 -47.22 -62.93
C ALA D 610 6.59 -48.10 -61.82
N GLN D 611 7.27 -49.22 -61.54
CA GLN D 611 6.85 -50.08 -60.44
C GLN D 611 6.92 -49.34 -59.09
N ILE D 612 7.97 -48.54 -58.89
CA ILE D 612 8.08 -47.76 -57.66
C ILE D 612 6.95 -46.74 -57.57
N ASP D 613 6.60 -46.13 -58.71
CA ASP D 613 5.48 -45.19 -58.72
C ASP D 613 4.19 -45.86 -58.26
N THR D 614 3.89 -47.04 -58.82
CA THR D 614 2.67 -47.74 -58.41
C THR D 614 2.71 -48.09 -56.93
N TRP D 615 3.86 -48.57 -56.44
CA TRP D 615 3.98 -48.94 -55.04
C TRP D 615 3.73 -47.73 -54.13
N VAL D 616 4.33 -46.59 -54.46
CA VAL D 616 4.16 -45.39 -53.62
C VAL D 616 2.71 -44.95 -53.63
N LEU D 617 2.08 -44.90 -54.82
CA LEU D 617 0.69 -44.48 -54.92
C LEU D 617 -0.23 -45.38 -54.10
N VAL D 618 0.07 -46.67 -54.03
CA VAL D 618 -0.76 -47.54 -53.21
C VAL D 618 -0.46 -47.37 -51.73
N ILE D 619 0.82 -47.21 -51.37
CA ILE D 619 1.22 -47.36 -49.97
C ILE D 619 0.92 -46.11 -49.15
N TYR D 620 1.33 -44.94 -49.64
CA TYR D 620 1.21 -43.69 -48.82
C TYR D 620 -0.11 -43.41 -48.06
N PRO D 621 -1.27 -43.45 -48.74
CA PRO D 621 -2.51 -43.26 -47.97
C PRO D 621 -2.75 -44.32 -46.91
N LEU D 622 -2.32 -45.56 -47.16
CA LEU D 622 -2.43 -46.60 -46.15
C LEU D 622 -1.60 -46.26 -44.92
N VAL D 623 -0.38 -45.75 -45.12
CA VAL D 623 0.46 -45.36 -44.00
C VAL D 623 -0.19 -44.24 -43.19
N TYR D 624 -0.75 -43.23 -43.90
CA TYR D 624 -1.40 -42.15 -43.17
C TYR D 624 -2.59 -42.65 -42.36
N SER D 625 -3.43 -43.51 -42.97
CA SER D 625 -4.60 -44.02 -42.26
C SER D 625 -4.18 -44.86 -41.05
N LEU D 626 -3.15 -45.69 -41.20
CA LEU D 626 -2.69 -46.51 -40.08
C LEU D 626 -2.14 -45.63 -38.95
N TYR D 627 -1.42 -44.56 -39.29
CA TYR D 627 -0.94 -43.66 -38.24
C TYR D 627 -2.09 -42.99 -37.50
N ILE D 628 -3.12 -42.58 -38.23
CA ILE D 628 -4.28 -41.96 -37.58
C ILE D 628 -4.96 -42.95 -36.65
N ILE D 629 -5.13 -44.21 -37.09
CA ILE D 629 -5.74 -45.22 -36.25
C ILE D 629 -4.91 -45.46 -34.99
N TRP D 630 -3.59 -45.54 -35.15
CA TRP D 630 -2.72 -45.77 -34.00
C TRP D 630 -2.82 -44.63 -33.00
N VAL D 631 -2.83 -43.39 -33.49
CA VAL D 631 -2.94 -42.23 -32.60
C VAL D 631 -4.26 -42.27 -31.84
N TYR D 632 -5.35 -42.58 -32.54
CA TYR D 632 -6.65 -42.68 -31.89
C TYR D 632 -6.64 -43.74 -30.80
N LEU D 633 -6.05 -44.90 -31.09
CA LEU D 633 -6.00 -45.97 -30.10
C LEU D 633 -5.17 -45.58 -28.88
N ARG D 634 -4.03 -44.93 -29.09
CA ARG D 634 -3.11 -44.68 -27.99
C ARG D 634 -3.41 -43.42 -27.20
N PHE D 635 -4.25 -42.51 -27.71
CA PHE D 635 -4.52 -41.27 -26.99
C PHE D 635 -5.97 -41.05 -26.57
N PHE D 636 -6.92 -41.79 -27.14
CA PHE D 636 -8.33 -41.50 -26.89
C PHE D 636 -9.13 -42.71 -26.45
N THR D 637 -8.48 -43.79 -26.00
CA THR D 637 -9.20 -44.95 -25.48
C THR D 637 -8.29 -45.81 -24.62
N ARG E 37 -2.16 -9.84 61.60
CA ARG E 37 -0.86 -10.43 61.29
C ARG E 37 -0.87 -11.02 59.87
N VAL E 38 -0.30 -10.27 58.92
CA VAL E 38 -0.32 -10.63 57.52
C VAL E 38 1.10 -10.60 56.98
N GLN E 39 1.45 -11.59 56.16
CA GLN E 39 2.78 -11.70 55.58
C GLN E 39 2.66 -12.11 54.12
N HIS E 40 3.58 -11.60 53.29
CA HIS E 40 3.59 -11.90 51.86
C HIS E 40 4.83 -12.72 51.49
N PHE E 41 4.65 -13.58 50.49
CA PHE E 41 5.74 -14.39 49.95
C PHE E 41 5.56 -14.52 48.44
N THR E 42 6.68 -14.68 47.74
CA THR E 42 6.67 -14.89 46.30
C THR E 42 7.69 -15.97 45.96
N GLY E 43 7.35 -16.82 44.99
CA GLY E 43 8.22 -17.91 44.62
C GLY E 43 7.98 -18.37 43.20
N TYR E 44 8.61 -19.49 42.85
CA TYR E 44 8.51 -20.09 41.53
C TYR E 44 8.44 -21.60 41.68
N ILE E 45 7.56 -22.24 40.90
CA ILE E 45 7.37 -23.68 40.93
C ILE E 45 7.83 -24.25 39.60
N GLU E 46 8.64 -25.31 39.67
CA GLU E 46 9.19 -25.96 38.48
C GLU E 46 8.83 -27.43 38.50
N ASP E 47 7.98 -27.85 37.55
CA ASP E 47 7.66 -29.26 37.32
C ASP E 47 7.17 -29.94 38.59
N GLY E 48 6.30 -29.26 39.33
CA GLY E 48 5.71 -29.84 40.52
C GLY E 48 6.68 -30.09 41.66
N ARG E 49 7.57 -29.13 41.92
CA ARG E 49 8.47 -29.18 43.06
C ARG E 49 8.04 -28.08 44.03
N GLY E 50 7.46 -28.48 45.16
CA GLY E 50 6.85 -27.54 46.07
C GLY E 50 7.85 -26.84 46.98
N ILE E 51 7.33 -25.87 47.73
CA ILE E 51 8.10 -25.08 48.68
C ILE E 51 7.45 -25.17 50.04
N PHE E 52 8.26 -25.47 51.05
CA PHE E 52 7.79 -25.56 52.43
C PHE E 52 8.01 -24.24 53.16
N TYR E 53 7.03 -23.87 53.99
CA TYR E 53 7.14 -22.71 54.86
C TYR E 53 6.86 -23.15 56.29
N SER E 54 7.67 -22.64 57.22
CA SER E 54 7.61 -23.06 58.62
C SER E 54 6.83 -22.05 59.45
N LEU E 55 5.94 -22.55 60.30
CA LEU E 55 5.17 -21.75 61.23
C LEU E 55 5.55 -22.12 62.66
N PRO E 56 6.60 -21.48 63.20
CA PRO E 56 7.13 -21.93 64.50
C PRO E 56 6.20 -21.59 65.66
N ASP E 57 5.93 -22.59 66.50
CA ASP E 57 5.24 -22.43 67.77
C ASP E 57 3.92 -21.69 67.68
N MET E 58 2.96 -22.23 66.94
CA MET E 58 1.60 -21.72 67.03
C MET E 58 0.95 -22.20 68.32
N LYS E 59 -0.08 -21.48 68.74
CA LYS E 59 -0.81 -21.80 69.97
C LYS E 59 -2.18 -22.34 69.62
N GLN E 60 -2.67 -23.26 70.48
CA GLN E 60 -4.01 -23.81 70.30
C GLN E 60 -5.07 -22.71 70.35
N GLY E 61 -6.02 -22.78 69.43
CA GLY E 61 -7.04 -21.77 69.30
C GLY E 61 -6.81 -20.75 68.21
N ASP E 62 -5.61 -20.71 67.63
CA ASP E 62 -5.33 -19.80 66.54
C ASP E 62 -5.99 -20.26 65.25
N ILE E 63 -6.25 -19.31 64.36
CA ILE E 63 -6.85 -19.58 63.05
C ILE E 63 -5.86 -19.17 61.97
N ILE E 64 -5.49 -20.10 61.11
CA ILE E 64 -4.60 -19.82 59.99
C ILE E 64 -5.43 -19.55 58.74
N TYR E 65 -4.97 -18.60 57.94
CA TYR E 65 -5.58 -18.30 56.64
C TYR E 65 -4.52 -18.33 55.56
N ALA E 66 -4.87 -18.85 54.39
CA ALA E 66 -3.96 -18.95 53.27
C ALA E 66 -4.66 -18.62 51.97
N SER E 67 -3.90 -18.03 51.04
CA SER E 67 -4.40 -17.73 49.70
C SER E 67 -3.22 -17.72 48.74
N MET E 68 -3.40 -18.35 47.58
CA MET E 68 -2.34 -18.49 46.59
C MET E 68 -2.90 -18.18 45.22
N GLN E 69 -2.28 -17.23 44.52
CA GLN E 69 -2.74 -16.77 43.23
C GLN E 69 -1.65 -16.91 42.18
N ASN E 70 -2.06 -17.19 40.95
CA ASN E 70 -1.13 -17.32 39.84
C ASN E 70 -0.77 -15.94 39.29
N THR E 71 0.53 -15.70 39.12
CA THR E 71 1.02 -14.42 38.60
C THR E 71 1.80 -14.56 37.30
N GLY E 72 1.85 -15.75 36.71
CA GLY E 72 2.56 -15.96 35.47
C GLY E 72 2.68 -17.44 35.13
N GLY E 73 2.56 -17.77 33.84
CA GLY E 73 2.58 -19.15 33.44
C GLY E 73 1.23 -19.83 33.58
N ASN E 74 1.26 -21.16 33.57
CA ASN E 74 0.07 -21.98 33.65
C ASN E 74 -0.10 -22.66 35.01
N LEU E 75 0.51 -22.11 36.06
CA LEU E 75 0.47 -22.74 37.37
C LEU E 75 -0.95 -22.85 37.91
N ASP E 76 -1.25 -24.00 38.52
CA ASP E 76 -2.52 -24.23 39.19
C ASP E 76 -2.26 -24.41 40.69
N PRO E 77 -2.53 -23.41 41.52
CA PRO E 77 -2.10 -23.45 42.93
C PRO E 77 -2.75 -24.58 43.73
N LEU E 78 -1.99 -25.07 44.71
CA LEU E 78 -2.46 -26.01 45.72
C LEU E 78 -1.75 -25.71 47.03
N VAL E 79 -2.48 -25.77 48.15
CA VAL E 79 -1.95 -25.46 49.47
C VAL E 79 -2.37 -26.53 50.45
N GLY E 80 -1.46 -26.92 51.33
CA GLY E 80 -1.76 -27.89 52.37
C GLY E 80 -0.95 -27.60 53.62
N ILE E 81 -1.47 -28.05 54.77
CA ILE E 81 -0.87 -27.79 56.07
C ILE E 81 -0.69 -29.11 56.79
N MET E 82 0.44 -29.25 57.49
CA MET E 82 0.78 -30.50 58.17
C MET E 82 1.75 -30.21 59.30
N ALA E 83 1.87 -31.17 60.22
CA ALA E 83 2.75 -31.03 61.37
C ALA E 83 4.20 -31.39 61.03
N GLU E 84 4.42 -32.66 60.66
CA GLU E 84 5.78 -33.11 60.36
C GLU E 84 6.08 -32.92 58.87
N GLU E 85 7.24 -32.32 58.58
CA GLU E 85 7.61 -32.00 57.22
C GLU E 85 8.07 -33.26 56.49
N ILE E 86 7.29 -33.68 55.50
CA ILE E 86 7.65 -34.80 54.62
C ILE E 86 7.37 -34.38 53.18
N ASP E 87 8.24 -34.78 52.27
CA ASP E 87 8.09 -34.39 50.87
C ASP E 87 6.92 -35.16 50.24
N PRO E 88 5.90 -34.48 49.73
CA PRO E 88 4.77 -35.20 49.12
C PRO E 88 5.07 -35.77 47.74
N ALA E 89 6.26 -35.54 47.20
CA ALA E 89 6.55 -35.91 45.82
C ALA E 89 6.37 -37.41 45.59
N VAL E 90 6.87 -38.24 46.49
CA VAL E 90 6.79 -39.68 46.31
C VAL E 90 5.34 -40.16 46.31
N SER E 91 4.51 -39.61 47.19
CA SER E 91 3.12 -40.04 47.26
C SER E 91 2.31 -39.50 46.09
N LEU E 92 2.50 -38.23 45.73
CA LEU E 92 1.75 -37.64 44.63
C LEU E 92 2.13 -38.24 43.29
N GLY E 93 3.37 -38.72 43.15
CA GLY E 93 3.79 -39.33 41.89
C GLY E 93 2.98 -40.56 41.54
N GLN E 94 2.60 -41.35 42.55
CA GLN E 94 1.80 -42.54 42.29
C GLN E 94 0.42 -42.21 41.72
N VAL E 95 -0.10 -41.01 42.03
CA VAL E 95 -1.37 -40.59 41.45
C VAL E 95 -1.22 -40.37 39.95
N LEU E 96 -0.12 -39.73 39.54
CA LEU E 96 0.15 -39.58 38.11
C LEU E 96 0.45 -40.93 37.46
N GLU E 97 1.03 -41.86 38.22
CA GLU E 97 1.32 -43.19 37.67
C GLU E 97 0.05 -43.98 37.37
N LYS E 98 -1.06 -43.67 38.05
CA LYS E 98 -2.31 -44.40 37.84
C LYS E 98 -3.14 -43.69 36.76
N ALA E 99 -2.48 -43.35 35.67
CA ALA E 99 -3.14 -42.67 34.56
C ALA E 99 -3.51 -43.66 33.45
N ASN E 104 -13.49 -42.70 38.89
CA ASN E 104 -13.00 -41.34 39.18
C ASN E 104 -11.49 -41.36 39.27
N ASP E 105 -10.83 -41.67 38.14
CA ASP E 105 -9.42 -42.04 38.13
C ASP E 105 -8.50 -40.91 38.60
N LEU E 106 -8.98 -39.67 38.62
CA LEU E 106 -8.10 -38.57 39.01
C LEU E 106 -8.58 -37.88 40.28
N ILE E 107 -9.83 -37.42 40.29
CA ILE E 107 -10.31 -36.59 41.39
C ILE E 107 -10.40 -37.39 42.69
N SER E 108 -10.98 -38.59 42.64
CA SER E 108 -11.11 -39.40 43.84
C SER E 108 -9.75 -39.80 44.38
N GLU E 109 -8.83 -40.20 43.50
CA GLU E 109 -7.50 -40.60 43.94
C GLU E 109 -6.76 -39.43 44.57
N LEU E 110 -6.83 -38.24 43.95
CA LEU E 110 -6.17 -37.08 44.52
C LEU E 110 -6.76 -36.72 45.87
N THR E 111 -8.09 -36.78 46.00
CA THR E 111 -8.72 -36.46 47.27
C THR E 111 -8.31 -37.46 48.36
N ALA E 112 -8.29 -38.74 48.01
CA ALA E 112 -7.93 -39.77 48.99
C ALA E 112 -6.47 -39.60 49.44
N VAL E 113 -5.57 -39.30 48.51
CA VAL E 113 -4.18 -39.12 48.89
C VAL E 113 -3.99 -37.84 49.70
N ALA E 114 -4.67 -36.77 49.32
CA ALA E 114 -4.53 -35.50 50.04
C ALA E 114 -5.08 -35.60 51.46
N ASP E 115 -6.20 -36.29 51.64
CA ASP E 115 -6.77 -36.45 52.97
C ASP E 115 -5.88 -37.26 53.89
N ARG E 116 -4.88 -37.96 53.35
CA ARG E 116 -3.90 -38.67 54.16
C ARG E 116 -2.65 -37.83 54.38
N ILE E 117 -2.15 -37.18 53.33
CA ILE E 117 -0.91 -36.42 53.45
C ILE E 117 -1.10 -35.20 54.35
N PHE E 118 -2.19 -34.45 54.16
CA PHE E 118 -2.37 -33.17 54.81
C PHE E 118 -3.49 -33.23 55.85
N LEU E 119 -3.37 -32.40 56.87
CA LEU E 119 -4.48 -32.21 57.79
C LEU E 119 -5.56 -31.31 57.21
N GLY E 120 -5.18 -30.42 56.30
CA GLY E 120 -6.13 -29.53 55.64
C GLY E 120 -5.57 -28.99 54.34
N TRP E 121 -6.44 -28.75 53.36
CA TRP E 121 -5.99 -28.38 52.03
C TRP E 121 -7.14 -27.75 51.26
N ASP E 122 -6.80 -27.12 50.15
CA ASP E 122 -7.79 -26.52 49.26
C ASP E 122 -7.20 -26.39 47.87
N ASP E 123 -8.01 -26.68 46.86
CA ASP E 123 -7.58 -26.63 45.47
C ASP E 123 -8.06 -25.37 44.76
N ASP E 124 -9.38 -25.15 44.68
CA ASP E 124 -9.97 -24.12 43.83
C ASP E 124 -10.98 -23.26 44.58
N GLY E 125 -10.72 -22.98 45.86
CA GLY E 125 -11.68 -22.25 46.66
C GLY E 125 -11.76 -20.76 46.39
N GLY E 126 -10.85 -20.22 45.59
CA GLY E 126 -10.81 -18.80 45.33
C GLY E 126 -11.31 -18.43 43.95
N LYS E 127 -10.93 -17.24 43.51
CA LYS E 127 -11.35 -16.73 42.20
C LYS E 127 -10.58 -17.49 41.13
N GLY E 128 -11.29 -18.27 40.33
CA GLY E 128 -10.65 -19.08 39.33
C GLY E 128 -10.08 -20.36 39.94
N TYR E 129 -8.82 -20.66 39.63
CA TYR E 129 -8.16 -21.85 40.13
C TYR E 129 -7.34 -21.57 41.39
N SER E 130 -7.48 -20.38 41.97
CA SER E 130 -6.72 -20.01 43.16
C SER E 130 -7.29 -20.70 44.39
N ALA E 131 -6.42 -20.97 45.36
CA ALA E 131 -6.78 -21.67 46.58
C ALA E 131 -6.96 -20.71 47.75
N SER E 132 -7.81 -21.11 48.69
CA SER E 132 -8.01 -20.36 49.93
C SER E 132 -8.35 -21.35 51.03
N LEU E 133 -7.74 -21.17 52.20
CA LEU E 133 -7.81 -22.17 53.25
C LEU E 133 -7.98 -21.52 54.62
N GLU E 134 -8.88 -22.08 55.43
CA GLU E 134 -9.03 -21.73 56.83
C GLU E 134 -8.77 -22.98 57.67
N PHE E 135 -7.93 -22.84 58.70
CA PHE E 135 -7.51 -24.00 59.48
C PHE E 135 -7.35 -23.57 60.94
N THR E 136 -8.13 -24.19 61.82
CA THR E 136 -8.02 -23.94 63.26
C THR E 136 -6.91 -24.80 63.84
N ILE E 137 -5.96 -24.18 64.54
CA ILE E 137 -4.80 -24.86 65.10
C ILE E 137 -5.26 -25.87 66.15
N PRO E 138 -5.06 -27.18 65.92
CA PRO E 138 -5.61 -28.20 66.82
C PRO E 138 -5.08 -28.13 68.24
N ARG E 139 -3.77 -28.31 68.39
CA ARG E 139 -3.08 -28.30 69.67
C ARG E 139 -1.93 -27.29 69.62
N ASP E 140 -1.09 -27.28 70.64
CA ASP E 140 0.04 -26.36 70.73
C ASP E 140 1.28 -27.00 70.10
N GLY E 141 1.99 -26.25 69.28
CA GLY E 141 3.18 -26.73 68.62
C GLY E 141 3.44 -25.95 67.35
N THR E 142 4.31 -26.51 66.51
CA THR E 142 4.67 -25.91 65.23
C THR E 142 4.12 -26.75 64.08
N TYR E 143 3.92 -26.11 62.93
CA TYR E 143 3.37 -26.76 61.77
C TYR E 143 4.08 -26.28 60.51
N HIS E 144 3.79 -26.94 59.38
CA HIS E 144 4.38 -26.63 58.09
C HIS E 144 3.30 -26.37 57.06
N ILE E 145 3.56 -25.41 56.17
CA ILE E 145 2.68 -25.06 55.06
C ILE E 145 3.36 -25.47 53.77
N PHE E 146 2.62 -26.16 52.91
CA PHE E 146 3.15 -26.68 51.65
C PHE E 146 2.45 -25.99 50.50
N ALA E 147 3.22 -25.36 49.62
CA ALA E 147 2.71 -24.72 48.40
C ALA E 147 3.29 -25.42 47.19
N GLY E 148 2.47 -25.60 46.16
CA GLY E 148 2.90 -26.36 45.00
C GLY E 148 1.85 -26.38 43.92
N SER E 149 1.93 -27.42 43.09
CA SER E 149 1.06 -27.57 41.92
C SER E 149 0.21 -28.83 42.06
N THR E 150 -1.06 -28.71 41.70
CA THR E 150 -1.94 -29.87 41.66
C THR E 150 -1.80 -30.60 40.32
N ILE E 151 -2.52 -31.70 40.17
CA ILE E 151 -2.54 -32.50 38.95
C ILE E 151 -3.82 -32.16 38.19
N THR E 152 -3.66 -31.66 36.97
CA THR E 152 -4.80 -31.18 36.19
C THR E 152 -4.61 -31.56 34.73
N ASN E 153 -5.72 -31.45 33.98
CA ASN E 153 -5.71 -31.58 32.52
C ASN E 153 -6.06 -30.24 31.90
N GLN E 154 -5.37 -29.88 30.82
CA GLN E 154 -5.55 -28.59 30.16
C GLN E 154 -5.70 -28.73 28.66
N ARG E 155 -6.29 -29.83 28.19
CA ARG E 155 -6.46 -30.07 26.77
C ARG E 155 -7.85 -30.62 26.50
N LEU E 156 -8.35 -30.39 25.28
CA LEU E 156 -9.64 -30.90 24.86
C LEU E 156 -9.54 -31.95 23.75
N ASP E 157 -8.37 -32.12 23.13
CA ASP E 157 -8.22 -33.14 22.11
C ASP E 157 -7.94 -34.52 22.70
N LYS E 158 -7.21 -34.57 23.82
CA LYS E 158 -6.94 -35.82 24.51
C LYS E 158 -6.78 -35.53 25.99
N PHE E 159 -6.87 -36.58 26.80
CA PHE E 159 -6.77 -36.46 28.25
C PHE E 159 -5.37 -36.85 28.68
N GLN E 160 -4.68 -35.94 29.37
CA GLN E 160 -3.31 -36.17 29.84
C GLN E 160 -3.07 -35.35 31.09
N PRO E 161 -3.17 -35.95 32.27
CA PRO E 161 -2.88 -35.22 33.50
C PRO E 161 -1.39 -34.92 33.65
N THR E 162 -1.09 -33.70 34.09
CA THR E 162 0.29 -33.23 34.20
C THR E 162 0.39 -32.23 35.34
N TYR E 163 1.63 -31.88 35.69
CA TYR E 163 1.89 -30.80 36.63
C TYR E 163 1.88 -29.45 35.92
N THR E 164 2.15 -28.39 36.66
CA THR E 164 2.13 -27.03 36.13
C THR E 164 3.32 -26.26 36.67
N THR E 165 3.69 -25.20 35.94
CA THR E 165 4.85 -24.38 36.28
C THR E 165 4.48 -22.90 36.20
N GLY E 166 5.10 -22.09 37.04
CA GLY E 166 4.88 -20.67 37.01
C GLY E 166 5.23 -20.01 38.33
N SER E 167 5.01 -18.70 38.37
CA SER E 167 5.23 -17.90 39.57
C SER E 167 3.93 -17.74 40.34
N PHE E 168 4.06 -17.43 41.64
CA PHE E 168 2.88 -17.35 42.50
C PHE E 168 3.09 -16.30 43.58
N GLN E 169 1.97 -15.83 44.13
CA GLN E 169 1.94 -14.93 45.27
C GLN E 169 1.17 -15.60 46.39
N LEU E 170 1.77 -15.66 47.58
CA LEU E 170 1.19 -16.34 48.73
C LEU E 170 0.98 -15.34 49.86
N ILE E 171 -0.24 -15.28 50.39
CA ILE E 171 -0.59 -14.42 51.50
C ILE E 171 -1.02 -15.29 52.67
N LEU E 172 -0.33 -15.16 53.80
CA LEU E 172 -0.63 -15.91 55.00
C LEU E 172 -1.09 -14.97 56.11
N GLY E 173 -2.10 -15.39 56.87
CA GLY E 173 -2.64 -14.60 57.96
C GLY E 173 -2.82 -15.43 59.21
N LEU E 174 -2.75 -14.77 60.35
CA LEU E 174 -2.98 -15.40 61.66
C LEU E 174 -4.05 -14.60 62.38
N ASN E 175 -5.21 -15.22 62.60
CA ASN E 175 -6.36 -14.57 63.23
C ASN E 175 -6.72 -13.27 62.52
N ALA E 176 -6.66 -13.32 61.18
CA ALA E 176 -6.99 -12.17 60.32
C ALA E 176 -8.00 -12.66 59.28
N PRO E 177 -9.30 -12.58 59.59
CA PRO E 177 -10.31 -13.17 58.69
C PRO E 177 -10.41 -12.49 57.34
N GLN E 178 -9.74 -11.36 57.12
CA GLN E 178 -9.81 -10.69 55.82
C GLN E 178 -8.87 -11.32 54.79
N VAL E 179 -8.05 -12.28 55.20
CA VAL E 179 -7.10 -12.90 54.26
C VAL E 179 -7.82 -13.72 53.20
N ILE E 180 -8.92 -14.39 53.56
CA ILE E 180 -9.60 -15.28 52.63
C ILE E 180 -10.24 -14.49 51.50
N SER E 181 -10.36 -13.17 51.67
CA SER E 181 -10.79 -12.32 50.57
C SER E 181 -9.69 -12.13 49.54
N GLY E 182 -8.44 -12.44 49.88
CA GLY E 182 -7.32 -12.28 48.97
C GLY E 182 -6.73 -10.90 48.90
N GLU E 183 -7.16 -9.97 49.75
CA GLU E 183 -6.72 -8.58 49.70
C GLU E 183 -6.04 -8.13 50.99
N GLY E 184 -5.54 -9.06 51.81
CA GLY E 184 -4.94 -8.69 53.08
C GLY E 184 -3.61 -7.97 52.89
N GLU E 185 -3.51 -6.75 53.43
CA GLU E 185 -2.29 -5.97 53.43
C GLU E 185 -1.40 -6.37 54.61
N PRO E 186 -0.08 -6.35 54.44
CA PRO E 186 0.80 -6.77 55.55
C PRO E 186 0.60 -5.91 56.79
N GLU E 187 0.60 -6.56 57.95
CA GLU E 187 0.37 -5.88 59.22
C GLU E 187 0.99 -6.69 60.34
N GLY E 188 1.22 -6.03 61.48
CA GLY E 188 1.69 -6.73 62.66
C GLY E 188 3.13 -7.19 62.54
N GLU E 189 3.47 -8.16 63.39
CA GLU E 189 4.82 -8.72 63.46
C GLU E 189 4.82 -10.12 62.86
N VAL E 190 5.85 -10.42 62.08
CA VAL E 190 5.94 -11.64 61.29
C VAL E 190 5.84 -12.88 62.19
N PHE E 191 5.41 -14.00 61.61
CA PHE E 191 5.23 -15.24 62.35
C PHE E 191 5.72 -16.48 61.60
N ALA E 192 5.95 -16.41 60.30
CA ALA E 192 6.40 -17.55 59.51
C ALA E 192 7.60 -17.14 58.66
N SER E 193 8.39 -18.14 58.29
CA SER E 193 9.62 -17.90 57.54
C SER E 193 9.87 -19.04 56.57
N LEU E 194 10.76 -18.81 55.62
CA LEU E 194 11.14 -19.83 54.66
C LEU E 194 11.83 -21.00 55.37
N ALA E 195 11.42 -22.22 55.01
CA ALA E 195 11.99 -23.40 55.62
C ALA E 195 13.36 -23.76 55.04
N SER E 196 13.58 -23.49 53.76
CA SER E 196 14.81 -23.91 53.11
C SER E 196 16.03 -23.22 53.70
N LEU E 197 15.85 -22.05 54.32
CA LEU E 197 16.96 -21.32 54.90
C LEU E 197 17.60 -22.03 56.09
N GLU E 198 16.95 -23.05 56.63
CA GLU E 198 17.47 -23.74 57.81
C GLU E 198 18.59 -24.72 57.49
N ILE E 199 18.75 -25.07 56.21
CA ILE E 199 19.75 -26.06 55.81
C ILE E 199 20.61 -25.61 54.63
N LYS E 200 21.46 -26.52 54.13
CA LYS E 200 22.31 -26.20 52.99
C LYS E 200 21.52 -26.20 51.67
N PRO E 201 21.82 -25.25 50.78
CA PRO E 201 21.12 -25.17 49.48
C PRO E 201 21.46 -26.30 48.52
N GLU E 202 20.57 -26.58 47.57
CA GLU E 202 20.78 -27.66 46.62
C GLU E 202 21.76 -27.23 45.54
N ALA E 203 22.77 -28.07 45.31
CA ALA E 203 23.81 -27.76 44.33
C ALA E 203 23.39 -28.17 42.92
N HIS E 204 23.89 -27.43 41.94
CA HIS E 204 23.76 -27.76 40.53
C HIS E 204 25.15 -27.81 39.92
N VAL E 205 25.43 -28.86 39.15
CA VAL E 205 26.75 -29.04 38.54
C VAL E 205 26.56 -29.41 37.07
N GLN E 206 27.36 -28.80 36.21
CA GLN E 206 27.30 -29.07 34.78
C GLN E 206 28.70 -29.06 34.21
N GLU E 207 28.95 -29.96 33.26
CA GLU E 207 30.25 -30.10 32.63
C GLU E 207 30.09 -29.97 31.11
N LEU E 208 31.01 -29.26 30.49
CA LEU E 208 31.00 -29.05 29.04
C LEU E 208 32.41 -29.23 28.47
N GLU E 209 32.48 -29.76 27.26
CA GLU E 209 33.73 -29.86 26.51
C GLU E 209 33.72 -28.82 25.41
N ILE E 210 34.78 -27.99 25.37
CA ILE E 210 34.86 -26.89 24.43
C ILE E 210 36.18 -26.95 23.69
N ARG E 211 36.18 -26.43 22.46
CA ARG E 211 37.35 -26.45 21.60
C ARG E 211 37.56 -25.07 21.01
N LEU E 212 38.80 -24.60 21.03
CA LEU E 212 39.16 -23.28 20.52
C LEU E 212 39.86 -23.45 19.17
N ASP E 213 39.08 -23.35 18.10
CA ASP E 213 39.64 -23.44 16.75
C ASP E 213 40.52 -22.22 16.45
N LYS E 214 41.13 -22.24 15.26
CA LYS E 214 42.03 -21.16 14.87
C LYS E 214 41.32 -19.82 14.82
N ASP E 215 40.11 -19.80 14.27
CA ASP E 215 39.33 -18.58 14.13
C ASP E 215 38.32 -18.36 15.26
N THR E 216 38.28 -19.26 16.25
CA THR E 216 37.28 -19.20 17.32
C THR E 216 37.98 -19.32 18.67
N ARG E 217 39.00 -18.48 18.88
CA ARG E 217 39.79 -18.51 20.09
C ARG E 217 39.09 -17.87 21.29
N TYR E 218 37.92 -17.26 21.12
CA TYR E 218 37.19 -16.61 22.19
C TYR E 218 35.81 -17.22 22.31
N LEU E 219 35.40 -17.55 23.55
CA LEU E 219 34.13 -18.20 23.79
C LEU E 219 33.47 -17.59 25.02
N THR E 220 32.15 -17.42 24.96
CA THR E 220 31.36 -16.86 26.06
C THR E 220 30.10 -17.69 26.27
N GLN E 221 29.67 -17.79 27.53
CA GLN E 221 28.47 -18.52 27.90
C GLN E 221 27.70 -17.73 28.94
N HIS E 222 26.37 -17.80 28.87
CA HIS E 222 25.49 -17.09 29.79
C HIS E 222 24.91 -18.05 30.82
N THR E 223 24.81 -17.58 32.06
CA THR E 223 24.31 -18.37 33.17
C THR E 223 22.88 -17.96 33.52
N ARG E 224 22.16 -18.85 34.20
CA ARG E 224 20.86 -18.52 34.73
C ARG E 224 21.00 -17.53 35.89
N ASN E 225 19.86 -16.94 36.27
CA ASN E 225 19.87 -15.94 37.32
C ASN E 225 20.27 -16.55 38.67
N LEU E 226 21.00 -15.77 39.46
CA LEU E 226 21.41 -16.16 40.79
C LEU E 226 20.72 -15.28 41.84
N GLN E 227 20.23 -15.91 42.90
CA GLN E 227 19.61 -15.20 44.01
C GLN E 227 20.67 -14.68 44.97
N PRO E 228 20.36 -13.64 45.75
CA PRO E 228 21.34 -13.11 46.69
C PRO E 228 21.75 -14.17 47.72
N GLY E 229 23.03 -14.15 48.07
CA GLY E 229 23.59 -15.13 48.97
C GLY E 229 24.15 -16.38 48.31
N ASP E 230 23.89 -16.57 47.02
CA ASP E 230 24.38 -17.75 46.32
C ASP E 230 25.87 -17.61 46.02
N THR E 231 26.47 -18.71 45.58
CA THR E 231 27.88 -18.74 45.25
C THR E 231 28.08 -19.44 43.92
N PHE E 232 29.16 -19.09 43.23
CA PHE E 232 29.46 -19.59 41.90
C PHE E 232 30.89 -20.10 41.85
N HIS E 233 31.09 -21.26 41.24
CA HIS E 233 32.40 -21.87 41.10
C HIS E 233 32.59 -22.37 39.67
N ALA E 234 33.83 -22.27 39.19
CA ALA E 234 34.15 -22.74 37.84
C ALA E 234 35.62 -23.13 37.80
N LEU E 235 35.94 -24.10 36.93
CA LEU E 235 37.31 -24.55 36.74
C LEU E 235 37.47 -25.10 35.33
N VAL E 236 38.70 -25.06 34.83
CA VAL E 236 39.01 -25.53 33.48
C VAL E 236 40.25 -26.42 33.54
N GLU E 237 40.19 -27.55 32.84
CA GLU E 237 41.31 -28.49 32.76
C GLU E 237 41.42 -28.98 31.32
N PRO E 238 42.60 -28.87 30.71
CA PRO E 238 42.75 -29.28 29.31
C PRO E 238 42.66 -30.79 29.13
N LEU E 244 47.27 -23.67 28.97
CA LEU E 244 46.20 -23.20 29.85
C LEU E 244 45.67 -21.86 29.36
N PRO E 245 44.38 -21.74 29.11
CA PRO E 245 43.80 -20.46 28.68
C PRO E 245 43.46 -19.59 29.88
N ARG E 246 43.09 -18.34 29.57
CA ARG E 246 42.67 -17.40 30.60
C ARG E 246 41.17 -17.51 30.83
N LEU E 247 40.76 -17.30 32.08
CA LEU E 247 39.37 -17.43 32.49
C LEU E 247 38.97 -16.22 33.32
N ARG E 248 37.77 -15.70 33.08
CA ARG E 248 37.27 -14.55 33.83
C ARG E 248 35.75 -14.56 33.84
N LEU E 249 35.18 -13.79 34.77
CA LEU E 249 33.73 -13.72 34.96
C LEU E 249 33.28 -12.28 34.92
N THR E 250 32.26 -11.99 34.12
CA THR E 250 31.68 -10.66 34.02
C THR E 250 30.16 -10.77 34.04
N ASP E 251 29.51 -9.66 34.39
CA ASP E 251 28.05 -9.60 34.33
C ASP E 251 27.60 -9.39 32.89
N SER E 252 26.30 -9.18 32.72
CA SER E 252 25.71 -9.01 31.40
C SER E 252 26.08 -7.71 30.73
N GLY E 253 26.74 -6.83 31.46
CA GLY E 253 27.26 -5.65 30.83
C GLY E 253 28.65 -6.02 30.39
N GLY E 254 29.36 -6.72 31.26
CA GLY E 254 30.72 -7.09 30.96
C GLY E 254 31.58 -6.63 32.12
N LYS E 255 31.02 -5.86 33.06
CA LYS E 255 31.76 -5.37 34.23
C LYS E 255 32.40 -6.54 34.95
N PRO E 256 33.73 -6.53 35.06
CA PRO E 256 34.41 -7.68 35.65
C PRO E 256 34.03 -7.89 37.11
N LEU E 257 33.99 -9.16 37.52
CA LEU E 257 33.63 -9.55 38.87
C LEU E 257 34.67 -10.46 39.52
N ALA E 258 35.28 -11.36 38.75
CA ALA E 258 36.29 -12.25 39.29
C ALA E 258 37.25 -12.65 38.16
N PHE E 259 38.43 -13.11 38.55
CA PHE E 259 39.46 -13.52 37.61
C PHE E 259 40.03 -14.87 38.05
N GLY E 260 40.47 -15.67 37.08
CA GLY E 260 40.90 -17.03 37.38
C GLY E 260 42.31 -17.05 37.96
N LEU E 261 42.51 -17.98 38.90
CA LEU E 261 43.79 -18.17 39.56
C LEU E 261 44.38 -19.52 39.15
N VAL E 269 42.79 -23.86 36.15
CA VAL E 269 42.48 -22.52 36.60
C VAL E 269 41.09 -22.53 37.22
N GLU E 270 40.93 -21.80 38.33
CA GLU E 270 39.68 -21.82 39.08
C GLU E 270 39.24 -20.40 39.41
N LEU E 271 37.95 -20.26 39.71
CA LEU E 271 37.34 -18.96 39.94
C LEU E 271 36.22 -19.10 40.96
N ASN E 272 35.94 -18.02 41.69
CA ASN E 272 34.93 -18.03 42.74
C ASN E 272 34.26 -16.67 42.83
N TYR E 273 32.98 -16.66 43.18
CA TYR E 273 32.23 -15.42 43.32
C TYR E 273 31.05 -15.65 44.25
N THR E 274 30.54 -14.56 44.81
CA THR E 274 29.37 -14.58 45.69
C THR E 274 28.44 -13.43 45.33
N CYS E 275 27.14 -13.68 45.43
CA CYS E 275 26.13 -12.79 44.88
C CYS E 275 25.69 -11.76 45.91
N ASP E 276 25.76 -10.48 45.53
CA ASP E 276 25.33 -9.40 46.41
C ASP E 276 24.02 -8.75 45.97
N GLN E 277 23.79 -8.60 44.66
CA GLN E 277 22.62 -7.90 44.18
C GLN E 277 21.38 -8.77 44.26
N ASP E 278 20.22 -8.15 44.06
CA ASP E 278 18.96 -8.88 44.08
C ASP E 278 18.89 -9.91 42.96
N ILE E 279 19.33 -9.55 41.76
CA ILE E 279 19.41 -10.49 40.65
C ILE E 279 20.76 -10.31 39.96
N CYS E 280 21.49 -11.41 39.81
CA CYS E 280 22.79 -11.41 39.16
C CYS E 280 22.74 -12.28 37.92
N GLU E 281 23.13 -11.71 36.78
CA GLU E 281 23.25 -12.44 35.52
C GLU E 281 24.73 -12.43 35.14
N LEU E 282 25.30 -13.63 34.96
CA LEU E 282 26.74 -13.77 34.83
C LEU E 282 27.09 -14.33 33.46
N VAL E 283 28.30 -13.97 33.00
CA VAL E 283 28.85 -14.46 31.73
C VAL E 283 30.25 -14.98 32.00
N VAL E 284 30.53 -16.20 31.55
CA VAL E 284 31.82 -16.84 31.73
C VAL E 284 32.62 -16.68 30.45
N HIS E 285 33.82 -16.14 30.56
CA HIS E 285 34.72 -15.93 29.42
C HIS E 285 35.86 -16.94 29.50
N VAL E 286 36.09 -17.65 28.40
CA VAL E 286 37.26 -18.51 28.24
C VAL E 286 37.93 -18.15 26.93
N ASP E 287 39.20 -17.75 27.00
CA ASP E 287 39.90 -17.29 25.82
C ASP E 287 41.32 -17.81 25.82
N GLY E 288 41.83 -18.11 24.63
CA GLY E 288 43.21 -18.52 24.46
C GLY E 288 43.95 -17.64 23.46
N ALA E 298 43.01 -27.35 19.93
CA ALA E 298 43.05 -27.45 21.39
C ALA E 298 41.65 -27.61 21.95
N VAL E 299 41.51 -28.51 22.92
CA VAL E 299 40.22 -28.86 23.49
C VAL E 299 40.35 -28.91 25.00
N TYR E 300 39.36 -28.36 25.70
CA TYR E 300 39.40 -28.19 27.14
C TYR E 300 38.10 -28.69 27.76
N ARG E 301 38.19 -29.03 29.05
CA ARG E 301 37.02 -29.40 29.84
C ARG E 301 36.66 -28.28 30.79
N LEU E 302 35.41 -27.84 30.76
CA LEU E 302 34.92 -26.77 31.61
C LEU E 302 33.90 -27.34 32.58
N LEU E 303 34.12 -27.11 33.87
CA LEU E 303 33.22 -27.57 34.93
C LEU E 303 32.69 -26.35 35.67
N VAL E 304 31.38 -26.32 35.91
CA VAL E 304 30.72 -25.18 36.51
C VAL E 304 29.68 -25.67 37.51
N GLY E 305 29.51 -24.92 38.59
CA GLY E 305 28.55 -25.29 39.61
C GLY E 305 28.01 -24.10 40.37
N ILE E 306 26.78 -24.26 40.86
CA ILE E 306 26.12 -23.28 41.71
C ILE E 306 25.89 -23.92 43.08
N ASN E 307 26.34 -23.24 44.14
CA ASN E 307 26.26 -23.74 45.51
C ASN E 307 26.94 -25.11 45.63
N ALA E 308 28.04 -25.29 44.90
CA ALA E 308 28.78 -26.55 44.87
C ALA E 308 30.26 -26.27 45.01
N PRO E 309 30.75 -26.08 46.23
CA PRO E 309 32.20 -25.87 46.41
C PRO E 309 33.03 -27.11 46.19
N ASN E 310 32.41 -28.28 46.02
CA ASN E 310 33.13 -29.54 45.87
C ASN E 310 33.41 -29.89 44.41
N LEU E 311 33.51 -28.90 43.53
CA LEU E 311 33.76 -29.18 42.12
C LEU E 311 35.10 -29.87 41.90
N ARG E 312 36.05 -29.73 42.83
CA ARG E 312 37.32 -30.43 42.69
C ARG E 312 37.12 -31.94 42.63
N GLU E 313 36.30 -32.48 43.55
CA GLU E 313 35.94 -33.89 43.56
C GLU E 313 34.43 -33.98 43.69
N SER E 314 33.73 -33.90 42.56
CA SER E 314 32.28 -33.94 42.57
C SER E 314 31.78 -35.33 42.98
N GLY E 315 32.19 -36.36 42.24
CA GLY E 315 31.74 -37.71 42.51
C GLY E 315 30.47 -38.05 41.77
N GLN E 316 29.38 -37.35 42.10
CA GLN E 316 28.10 -37.57 41.44
C GLN E 316 28.15 -37.09 39.99
N THR E 317 27.40 -37.77 39.13
CA THR E 317 27.20 -37.28 37.78
C THR E 317 26.45 -35.94 37.84
N PRO E 318 26.64 -35.04 36.85
CA PRO E 318 26.01 -33.71 36.90
C PRO E 318 24.56 -33.72 37.40
N VAL E 319 24.31 -33.02 38.50
CA VAL E 319 23.02 -33.02 39.14
C VAL E 319 22.31 -31.70 38.88
N GLY E 320 21.03 -31.65 39.28
CA GLY E 320 20.26 -30.43 39.16
C GLY E 320 19.96 -29.91 37.78
N SER E 321 19.58 -28.64 37.70
CA SER E 321 19.28 -28.04 36.42
C SER E 321 20.54 -27.54 35.75
N SER E 322 20.48 -27.33 34.44
CA SER E 322 21.64 -26.80 33.72
C SER E 322 22.01 -25.43 34.23
N VAL E 323 23.31 -25.18 34.34
CA VAL E 323 23.81 -23.88 34.79
C VAL E 323 23.75 -22.85 33.67
N PHE E 324 24.18 -23.22 32.48
CA PHE E 324 24.16 -22.32 31.33
C PHE E 324 22.80 -22.36 30.65
N LEU E 325 22.38 -21.22 30.10
CA LEU E 325 21.13 -21.14 29.36
C LEU E 325 21.21 -21.98 28.10
N GLU E 326 20.07 -22.50 27.68
CA GLU E 326 19.97 -23.36 26.51
C GLU E 326 19.14 -22.69 25.41
N SER E 327 19.51 -22.96 24.16
CA SER E 327 18.76 -22.44 23.03
C SER E 327 17.44 -23.18 22.87
N ASP E 328 16.43 -22.47 22.38
CA ASP E 328 15.13 -23.07 22.12
C ASP E 328 15.16 -23.84 20.80
N LEU E 329 14.57 -25.03 20.80
CA LEU E 329 14.65 -25.95 19.67
C LEU E 329 13.42 -25.79 18.78
N VAL E 330 13.65 -25.68 17.47
CA VAL E 330 12.58 -25.44 16.49
C VAL E 330 12.52 -26.62 15.52
N THR E 331 11.30 -27.06 15.21
CA THR E 331 11.06 -28.08 14.20
C THR E 331 10.53 -27.40 12.93
N VAL E 332 11.06 -27.81 11.78
CA VAL E 332 10.77 -27.14 10.51
C VAL E 332 10.41 -28.18 9.45
N GLY E 333 9.57 -27.77 8.52
CA GLY E 333 9.23 -28.62 7.38
C GLY E 333 8.73 -27.78 6.22
N LEU E 334 8.98 -28.27 5.01
CA LEU E 334 8.60 -27.55 3.80
C LEU E 334 8.17 -28.54 2.72
N ALA E 335 7.16 -28.15 1.93
CA ALA E 335 6.67 -28.95 0.82
C ALA E 335 6.49 -28.07 -0.41
N VAL E 336 6.78 -28.64 -1.58
CA VAL E 336 6.67 -27.94 -2.86
C VAL E 336 5.46 -28.49 -3.60
N ASP E 337 4.58 -27.59 -4.06
CA ASP E 337 3.38 -27.99 -4.78
C ASP E 337 3.55 -27.89 -6.29
N GLN E 338 4.08 -26.77 -6.78
CA GLN E 338 4.16 -26.55 -8.22
C GLN E 338 5.27 -25.54 -8.53
N ILE E 339 6.08 -25.83 -9.54
CA ILE E 339 7.00 -24.86 -10.12
C ILE E 339 6.24 -24.11 -11.20
N VAL E 340 6.10 -22.80 -11.04
CA VAL E 340 5.20 -22.02 -11.90
C VAL E 340 5.93 -21.17 -12.93
N GLY E 341 7.25 -21.15 -12.93
CA GLY E 341 7.96 -20.39 -13.95
C GLY E 341 9.46 -20.42 -13.72
N VAL E 342 10.19 -20.31 -14.83
CA VAL E 342 11.64 -20.22 -14.85
C VAL E 342 12.03 -19.15 -15.84
N ASP E 343 12.89 -18.22 -15.41
CA ASP E 343 13.40 -17.14 -16.26
C ASP E 343 14.86 -17.41 -16.56
N GLN E 344 15.16 -17.74 -17.82
CA GLN E 344 16.50 -18.16 -18.18
C GLN E 344 17.45 -17.01 -18.48
N ARG E 345 16.93 -15.80 -18.67
CA ARG E 345 17.80 -14.65 -18.89
C ARG E 345 18.18 -13.94 -17.59
N SER E 346 17.23 -13.78 -16.69
CA SER E 346 17.50 -13.16 -15.39
C SER E 346 17.87 -14.17 -14.32
N GLU E 347 17.78 -15.47 -14.62
CA GLU E 347 18.19 -16.55 -13.73
C GLU E 347 17.44 -16.50 -12.40
N ASN E 348 16.13 -16.70 -12.48
CA ASN E 348 15.28 -16.83 -11.31
C ASN E 348 14.11 -17.75 -11.63
N PHE E 349 13.47 -18.28 -10.58
CA PHE E 349 12.33 -19.17 -10.74
C PHE E 349 11.32 -18.90 -9.63
N SER E 350 10.09 -19.35 -9.85
CA SER E 350 8.98 -19.14 -8.93
C SER E 350 8.36 -20.48 -8.54
N VAL E 351 7.94 -20.60 -7.28
CA VAL E 351 7.48 -21.87 -6.72
C VAL E 351 6.34 -21.62 -5.74
N VAL E 352 5.43 -22.59 -5.64
CA VAL E 352 4.31 -22.56 -4.72
C VAL E 352 4.47 -23.72 -3.73
N GLY E 353 4.29 -23.43 -2.44
CA GLY E 353 4.48 -24.47 -1.45
C GLY E 353 3.93 -24.09 -0.09
N THR E 354 4.27 -24.90 0.91
CA THR E 354 3.78 -24.78 2.27
C THR E 354 4.94 -24.89 3.27
N LEU E 355 4.89 -24.11 4.33
CA LEU E 355 5.93 -24.08 5.36
C LEU E 355 5.31 -24.22 6.75
N LYS E 356 6.02 -24.92 7.64
CA LYS E 356 5.54 -25.17 8.99
C LYS E 356 6.68 -25.04 10.00
N LEU E 357 6.41 -24.39 11.14
CA LEU E 357 7.36 -24.25 12.23
C LEU E 357 6.68 -24.61 13.54
N SER E 358 7.44 -25.16 14.48
CA SER E 358 6.92 -25.55 15.79
C SER E 358 8.01 -25.47 16.84
N TRP E 359 7.67 -24.93 18.01
CA TRP E 359 8.63 -24.79 19.10
C TRP E 359 7.90 -24.73 20.44
N HIS E 360 8.67 -24.72 21.52
CA HIS E 360 8.13 -24.74 22.88
C HIS E 360 8.73 -23.59 23.68
N ASP E 361 7.88 -22.81 24.34
CA ASP E 361 8.33 -21.67 25.13
C ASP E 361 7.43 -21.48 26.35
N PRO E 362 7.92 -21.74 27.56
CA PRO E 362 7.07 -21.59 28.76
C PRO E 362 6.61 -20.16 29.02
N LYS E 363 7.30 -19.15 28.50
CA LYS E 363 6.87 -17.77 28.70
C LYS E 363 5.56 -17.46 27.98
N LEU E 364 5.21 -18.24 26.96
CA LEU E 364 3.97 -18.04 26.22
C LEU E 364 2.78 -18.71 26.87
N GLY E 365 2.98 -19.47 27.93
CA GLY E 365 1.88 -20.20 28.55
C GLY E 365 0.89 -19.26 29.20
N PHE E 366 -0.36 -19.72 29.30
CA PHE E 366 -1.43 -18.97 29.94
C PHE E 366 -2.27 -19.92 30.78
N SER E 367 -3.20 -19.34 31.54
CA SER E 367 -4.10 -20.12 32.39
C SER E 367 -5.49 -20.13 31.77
N PRO E 368 -6.07 -21.30 31.51
CA PRO E 368 -7.36 -21.37 30.81
C PRO E 368 -8.50 -20.64 31.51
N ASP E 369 -8.48 -20.63 32.85
CA ASP E 369 -9.60 -20.08 33.62
C ASP E 369 -9.75 -18.58 33.44
N GLN E 370 -8.85 -17.94 32.70
CA GLN E 370 -8.92 -16.51 32.45
C GLN E 370 -9.49 -16.22 31.06
N CYS E 371 -9.68 -17.26 30.25
CA CYS E 371 -10.22 -17.06 28.90
C CYS E 371 -11.27 -18.11 28.57
N GLY E 372 -11.32 -19.17 29.36
CA GLY E 372 -12.23 -20.27 29.07
C GLY E 372 -11.94 -20.97 27.77
N CYS E 373 -10.69 -20.98 27.33
CA CYS E 373 -10.32 -21.57 26.05
C CYS E 373 -9.03 -22.35 26.20
N THR E 374 -8.81 -23.28 25.27
CA THR E 374 -7.60 -24.09 25.24
C THR E 374 -6.60 -23.64 24.16
N VAL E 375 -7.04 -22.86 23.18
CA VAL E 375 -6.16 -22.45 22.08
C VAL E 375 -6.32 -20.95 21.86
N LYS E 376 -5.19 -20.25 21.83
CA LYS E 376 -5.13 -18.83 21.52
C LYS E 376 -4.43 -18.65 20.18
N SER E 377 -4.99 -17.80 19.32
CA SER E 377 -4.54 -17.74 17.94
C SER E 377 -4.32 -16.30 17.49
N PHE E 378 -3.40 -16.16 16.52
CA PHE E 378 -3.14 -14.91 15.82
C PHE E 378 -3.24 -15.20 14.33
N GLU E 379 -3.86 -14.30 13.58
CA GLU E 379 -4.14 -14.55 12.17
C GLU E 379 -3.68 -13.38 11.31
N ASP E 380 -3.25 -13.72 10.09
CA ASP E 380 -2.90 -12.74 9.05
C ASP E 380 -1.80 -11.77 9.50
N ALA E 381 -0.87 -12.25 10.30
CA ALA E 381 0.23 -11.42 10.78
C ALA E 381 1.53 -12.21 10.71
N SER E 382 2.60 -11.50 10.39
CA SER E 382 3.93 -12.11 10.40
C SER E 382 4.40 -12.33 11.84
N ILE E 383 5.41 -13.19 11.97
CA ILE E 383 5.95 -13.48 13.30
C ILE E 383 6.56 -12.22 13.92
N ARG E 384 7.15 -11.35 13.09
CA ARG E 384 7.73 -10.11 13.59
C ARG E 384 6.65 -9.22 14.21
N ALA E 385 5.51 -9.09 13.53
CA ALA E 385 4.44 -8.24 14.04
C ALA E 385 3.89 -8.77 15.35
N VAL E 386 3.69 -10.10 15.44
CA VAL E 386 3.18 -10.68 16.69
C VAL E 386 4.20 -10.51 17.81
N ALA E 387 5.49 -10.70 17.49
CA ALA E 387 6.53 -10.51 18.50
C ALA E 387 6.57 -9.08 19.01
N GLY E 388 6.38 -8.11 18.12
CA GLY E 388 6.32 -6.72 18.54
C GLY E 388 5.07 -6.37 19.32
N GLU E 389 3.96 -7.09 19.06
CA GLU E 389 2.73 -6.84 19.78
C GLU E 389 2.76 -7.42 21.19
N ILE E 390 3.30 -8.64 21.37
CA ILE E 390 3.31 -9.27 22.68
C ILE E 390 4.62 -9.04 23.44
N ASN E 391 5.58 -8.35 22.84
CA ASN E 391 6.85 -7.99 23.49
C ASN E 391 7.60 -9.22 24.00
N LEU E 392 7.64 -10.27 23.19
CA LEU E 392 8.45 -11.45 23.48
C LEU E 392 9.20 -11.88 22.24
N PRO E 393 10.43 -12.38 22.40
CA PRO E 393 11.20 -12.83 21.24
C PRO E 393 10.64 -14.12 20.64
N LEU E 394 10.53 -14.14 19.33
CA LEU E 394 10.01 -15.27 18.57
C LEU E 394 10.93 -15.55 17.39
N PRO E 395 10.94 -16.79 16.88
CA PRO E 395 11.86 -17.15 15.77
C PRO E 395 11.36 -16.71 14.40
N SER E 396 11.63 -15.45 14.06
CA SER E 396 11.30 -14.93 12.74
C SER E 396 12.26 -15.46 11.69
N PHE E 397 11.83 -15.44 10.43
CA PHE E 397 12.58 -16.03 9.34
C PHE E 397 12.41 -15.20 8.07
N SER E 398 13.24 -15.50 7.07
CA SER E 398 13.12 -14.90 5.75
C SER E 398 13.68 -15.85 4.69
N PHE E 399 13.25 -15.65 3.45
CA PHE E 399 13.83 -16.36 2.31
C PHE E 399 15.08 -15.62 1.85
N TYR E 400 16.18 -16.36 1.67
CA TYR E 400 17.46 -15.72 1.43
C TYR E 400 17.50 -15.00 0.08
N ASN E 401 16.99 -15.63 -0.97
CA ASN E 401 17.06 -15.10 -2.32
C ASN E 401 15.73 -14.54 -2.82
N GLN E 402 14.92 -13.98 -1.94
CA GLN E 402 13.61 -13.50 -2.34
C GLN E 402 13.72 -12.27 -3.24
N GLN E 403 12.97 -12.29 -4.34
CA GLN E 403 12.91 -11.19 -5.29
C GLN E 403 11.53 -10.54 -5.17
N GLY E 404 11.49 -9.31 -4.67
CA GLY E 404 10.23 -8.61 -4.51
C GLY E 404 9.40 -9.16 -3.35
N ASN E 405 8.12 -8.80 -3.36
CA ASN E 405 7.22 -9.18 -2.29
C ASN E 405 6.78 -10.63 -2.41
N ARG E 406 6.31 -11.19 -1.30
CA ARG E 406 5.84 -12.56 -1.23
C ARG E 406 4.34 -12.58 -0.96
N TRP E 407 3.62 -13.44 -1.68
CA TRP E 407 2.18 -13.62 -1.48
C TRP E 407 1.95 -14.76 -0.49
N SER E 408 1.11 -14.49 0.51
CA SER E 408 0.88 -15.42 1.61
C SER E 408 -0.61 -15.63 1.84
N GLN E 409 -0.99 -16.88 2.13
CA GLN E 409 -2.36 -17.24 2.45
C GLN E 409 -2.39 -18.15 3.66
N ASN E 410 -3.51 -18.12 4.38
CA ASN E 410 -3.77 -18.99 5.53
C ASN E 410 -2.71 -18.85 6.61
N GLN E 411 -2.25 -17.62 6.85
CA GLN E 411 -1.21 -17.37 7.85
C GLN E 411 -1.81 -17.37 9.25
N VAL E 412 -1.32 -18.25 10.12
CA VAL E 412 -1.89 -18.40 11.46
C VAL E 412 -0.80 -18.84 12.44
N ILE E 413 -0.91 -18.33 13.67
CA ILE E 413 -0.10 -18.78 14.80
C ILE E 413 -1.04 -19.11 15.94
N PHE E 414 -0.88 -20.28 16.55
CA PHE E 414 -1.69 -20.65 17.71
C PHE E 414 -0.83 -21.31 18.77
N VAL E 415 -1.22 -21.09 20.03
CA VAL E 415 -0.43 -21.48 21.20
C VAL E 415 -1.31 -22.24 22.17
N THR E 416 -0.76 -23.28 22.79
CA THR E 416 -1.41 -24.08 23.81
C THR E 416 -1.04 -23.58 25.20
N PRO E 417 -1.83 -23.93 26.22
CA PRO E 417 -1.52 -23.45 27.58
C PRO E 417 -0.16 -23.87 28.09
N ASP E 418 0.35 -25.04 27.68
CA ASP E 418 1.68 -25.46 28.12
C ASP E 418 2.78 -24.60 27.51
N GLY E 419 2.47 -23.87 26.44
CA GLY E 419 3.45 -23.05 25.77
C GLY E 419 3.92 -23.56 24.42
N ARG E 420 3.30 -24.61 23.89
CA ARG E 420 3.66 -25.11 22.57
C ARG E 420 3.03 -24.26 21.48
N ALA E 421 3.86 -23.73 20.59
CA ALA E 421 3.42 -22.82 19.54
C ALA E 421 3.78 -23.39 18.17
N SER E 422 2.99 -23.00 17.16
CA SER E 422 3.22 -23.47 15.80
C SER E 422 2.80 -22.40 14.80
N TYR E 423 3.45 -22.41 13.65
CA TYR E 423 3.22 -21.45 12.58
C TYR E 423 2.93 -22.19 11.27
N PHE E 424 2.00 -21.64 10.48
CA PHE E 424 1.60 -22.23 9.21
C PHE E 424 1.47 -21.14 8.16
N GLU E 425 1.88 -21.44 6.93
CA GLU E 425 1.82 -20.49 5.84
C GLU E 425 1.80 -21.20 4.50
N ARG E 426 1.02 -20.66 3.56
CA ARG E 426 1.05 -21.06 2.16
C ARG E 426 1.59 -19.88 1.35
N PHE E 427 2.64 -20.13 0.57
CA PHE E 427 3.40 -19.06 -0.06
C PHE E 427 3.53 -19.25 -1.56
N THR E 428 3.65 -18.13 -2.27
CA THR E 428 4.09 -18.09 -3.65
C THR E 428 5.19 -17.05 -3.75
N VAL E 429 6.38 -17.47 -4.21
CA VAL E 429 7.57 -16.63 -4.12
C VAL E 429 8.44 -16.81 -5.35
N THR E 430 9.22 -15.78 -5.67
CA THR E 430 10.19 -15.80 -6.75
C THR E 430 11.59 -15.70 -6.16
N LEU E 431 12.47 -16.63 -6.53
CA LEU E 431 13.79 -16.76 -5.93
C LEU E 431 14.87 -16.61 -6.99
N GLN E 432 15.91 -15.83 -6.67
CA GLN E 432 17.06 -15.70 -7.56
C GLN E 432 17.90 -16.98 -7.54
N ALA E 433 18.49 -17.30 -8.70
CA ALA E 433 19.30 -18.50 -8.83
C ALA E 433 20.48 -18.26 -9.76
N PRO E 434 21.51 -17.52 -9.32
CA PRO E 434 22.66 -17.27 -10.20
C PRO E 434 23.49 -18.51 -10.49
N ASP E 435 23.24 -19.64 -9.83
CA ASP E 435 24.01 -20.86 -10.07
C ASP E 435 23.64 -21.57 -11.37
N PHE E 436 22.61 -21.10 -12.07
CA PHE E 436 22.20 -21.73 -13.33
C PHE E 436 23.34 -21.73 -14.35
N ASP E 437 23.43 -22.81 -15.12
CA ASP E 437 24.43 -22.94 -16.19
C ASP E 437 23.78 -23.64 -17.36
N PHE E 438 23.58 -22.91 -18.45
CA PHE E 438 22.88 -23.42 -19.63
C PHE E 438 23.82 -23.75 -20.79
N LEU E 439 25.09 -24.05 -20.50
CA LEU E 439 26.05 -24.31 -21.57
C LEU E 439 25.68 -25.56 -22.36
N ALA E 440 25.26 -26.62 -21.68
CA ALA E 440 24.94 -27.90 -22.31
C ALA E 440 23.50 -27.99 -22.81
N TYR E 441 22.83 -26.86 -23.02
CA TYR E 441 21.44 -26.84 -23.45
C TYR E 441 21.30 -27.59 -24.78
N PRO E 442 20.24 -28.41 -24.96
CA PRO E 442 19.15 -28.68 -24.01
C PRO E 442 19.40 -29.86 -23.07
N PHE E 443 20.62 -30.40 -23.06
CA PHE E 443 20.97 -31.53 -22.23
C PHE E 443 21.43 -31.12 -20.82
N ASP E 444 21.14 -29.88 -20.40
CA ASP E 444 21.61 -29.38 -19.13
C ASP E 444 20.79 -29.95 -17.96
N ARG E 445 21.41 -29.98 -16.79
CA ARG E 445 20.76 -30.34 -15.53
C ARG E 445 20.97 -29.22 -14.53
N GLN E 446 19.93 -28.89 -13.77
CA GLN E 446 19.92 -27.74 -12.90
C GLN E 446 19.50 -28.13 -11.49
N LYS E 447 19.74 -27.22 -10.55
CA LYS E 447 19.34 -27.39 -9.15
C LYS E 447 18.46 -26.22 -8.73
N PHE E 448 17.31 -26.52 -8.13
CA PHE E 448 16.44 -25.51 -7.55
C PHE E 448 16.59 -25.57 -6.04
N SER E 449 17.19 -24.53 -5.45
CA SER E 449 17.50 -24.50 -4.04
C SER E 449 16.64 -23.47 -3.32
N ILE E 450 16.01 -23.88 -2.23
CA ILE E 450 15.17 -23.02 -1.41
C ILE E 450 15.78 -22.95 -0.01
N LYS E 451 16.14 -21.75 0.43
CA LYS E 451 16.85 -21.54 1.69
C LYS E 451 15.99 -20.72 2.63
N VAL E 452 15.79 -21.21 3.85
CA VAL E 452 15.07 -20.51 4.91
C VAL E 452 16.04 -20.25 6.05
N ASP E 453 16.24 -18.97 6.38
CA ASP E 453 17.19 -18.56 7.41
C ASP E 453 16.45 -17.89 8.56
N LEU E 454 16.79 -18.27 9.79
CA LEU E 454 16.27 -17.59 10.96
C LEU E 454 16.93 -16.21 11.08
N ALA E 455 16.14 -15.22 11.50
CA ALA E 455 16.61 -13.85 11.67
C ALA E 455 17.08 -13.57 13.10
N VAL E 456 17.50 -14.60 13.83
CA VAL E 456 17.93 -14.45 15.22
C VAL E 456 19.21 -15.22 15.45
N PRO E 457 20.01 -14.80 16.44
CA PRO E 457 21.26 -15.51 16.73
C PRO E 457 21.02 -16.94 17.18
N THR E 458 22.04 -17.78 16.96
CA THR E 458 21.90 -19.20 17.23
C THR E 458 21.76 -19.50 18.71
N ASN E 459 22.18 -18.59 19.59
CA ASN E 459 22.04 -18.81 21.02
C ASN E 459 20.61 -18.57 21.50
N MET E 460 19.73 -18.03 20.65
CA MET E 460 18.33 -17.84 21.00
C MET E 460 17.46 -18.98 20.46
N PHE E 461 17.48 -19.19 19.15
CA PHE E 461 16.71 -20.26 18.51
C PHE E 461 17.59 -20.97 17.50
N ILE E 462 17.34 -22.27 17.32
CA ILE E 462 18.11 -23.08 16.38
C ILE E 462 17.22 -24.17 15.82
N PHE E 463 17.34 -24.43 14.52
CA PHE E 463 16.67 -25.57 13.92
C PHE E 463 17.28 -26.87 14.41
N ASN E 464 16.44 -27.81 14.81
CA ASN E 464 16.89 -29.05 15.43
C ASN E 464 16.37 -30.30 14.74
N GLU E 465 15.16 -30.29 14.20
CA GLU E 465 14.57 -31.48 13.59
C GLU E 465 13.86 -31.09 12.31
N ILE E 466 13.70 -32.08 11.42
CA ILE E 466 13.00 -31.90 10.14
C ILE E 466 11.74 -32.76 10.17
N GLU E 467 10.61 -32.13 9.89
CA GLU E 467 9.32 -32.80 9.87
C GLU E 467 8.81 -32.93 8.44
N ARG E 468 8.40 -34.14 8.06
CA ARG E 468 7.82 -34.39 6.73
C ARG E 468 6.31 -34.53 6.88
N PHE E 469 5.63 -33.38 6.89
CA PHE E 469 4.18 -33.38 7.03
C PHE E 469 3.46 -33.79 5.75
N GLN E 470 4.10 -33.63 4.60
CA GLN E 470 3.56 -34.06 3.31
C GLN E 470 4.71 -34.58 2.46
N GLN E 471 4.38 -35.04 1.25
CA GLN E 471 5.41 -35.32 0.26
C GLN E 471 6.12 -34.02 -0.09
N VAL E 472 7.46 -34.08 -0.11
CA VAL E 472 8.24 -32.87 -0.39
C VAL E 472 7.95 -32.36 -1.80
N VAL E 473 7.86 -33.26 -2.77
CA VAL E 473 7.54 -32.91 -4.15
C VAL E 473 6.19 -33.53 -4.48
N GLY E 474 5.21 -32.69 -4.79
CA GLY E 474 3.86 -33.16 -5.04
C GLY E 474 3.63 -33.52 -6.51
N ASP E 475 2.82 -34.56 -6.71
CA ASP E 475 2.47 -35.00 -8.05
C ASP E 475 1.25 -34.23 -8.56
N GLN E 476 1.27 -33.91 -9.85
CA GLN E 476 0.19 -33.17 -10.49
C GLN E 476 -0.19 -33.87 -11.79
N LEU E 477 -1.46 -33.72 -12.19
CA LEU E 477 -1.91 -34.30 -13.45
C LEU E 477 -1.28 -33.58 -14.63
N GLY E 478 -1.05 -34.32 -15.71
CA GLY E 478 -0.44 -33.76 -16.90
C GLY E 478 1.07 -33.76 -16.84
N GLU E 479 1.67 -33.31 -17.93
CA GLU E 479 3.12 -33.21 -18.03
C GLU E 479 3.60 -31.84 -17.56
N GLU E 480 4.89 -31.79 -17.22
CA GLU E 480 5.56 -30.56 -16.80
C GLU E 480 6.80 -30.35 -17.64
N GLU E 481 7.23 -29.10 -17.76
CA GLU E 481 8.42 -28.77 -18.52
C GLU E 481 9.69 -29.32 -17.86
N TRP E 482 9.75 -29.29 -16.53
CA TRP E 482 10.89 -29.78 -15.77
C TRP E 482 10.49 -31.03 -14.99
N VAL E 483 11.34 -32.05 -15.04
CA VAL E 483 11.11 -33.32 -14.37
C VAL E 483 12.08 -33.43 -13.19
N VAL E 484 11.55 -33.65 -12.00
CA VAL E 484 12.37 -33.75 -10.79
C VAL E 484 12.90 -35.18 -10.66
N THR E 485 14.21 -35.32 -10.53
CA THR E 485 14.84 -36.63 -10.40
C THR E 485 15.05 -37.03 -8.94
N SER E 486 15.46 -36.10 -8.08
CA SER E 486 15.69 -36.39 -6.67
C SER E 486 15.66 -35.09 -5.88
N TYR E 487 15.62 -35.23 -4.56
CA TYR E 487 15.60 -34.08 -3.66
C TYR E 487 16.32 -34.43 -2.36
N SER E 488 16.66 -33.38 -1.60
CA SER E 488 17.30 -33.55 -0.31
C SER E 488 16.95 -32.36 0.58
N GLN E 489 17.10 -32.55 1.89
CA GLN E 489 16.87 -31.53 2.90
C GLN E 489 17.96 -31.60 3.96
N GLU E 490 18.45 -30.44 4.40
CA GLU E 490 19.61 -30.38 5.28
C GLU E 490 19.57 -29.11 6.12
N ILE E 491 20.17 -29.20 7.31
CA ILE E 491 20.32 -28.07 8.22
C ILE E 491 21.80 -27.75 8.40
N THR E 492 22.14 -26.47 8.31
CA THR E 492 23.52 -26.01 8.44
C THR E 492 23.55 -24.72 9.25
N GLU E 493 24.75 -24.15 9.41
CA GLU E 493 24.96 -22.89 10.11
C GLU E 493 25.75 -21.94 9.23
N VAL E 494 25.37 -20.67 9.24
CA VAL E 494 26.02 -19.66 8.38
C VAL E 494 26.31 -18.41 9.20
N PRO E 495 27.35 -17.68 8.82
CA PRO E 495 27.70 -16.45 9.56
C PRO E 495 26.57 -15.42 9.53
N PHE E 496 26.44 -14.70 10.63
CA PHE E 496 25.32 -13.80 10.87
C PHE E 496 25.83 -12.38 11.10
N GLU E 497 25.03 -11.39 10.72
CA GLU E 497 25.39 -10.01 10.97
C GLU E 497 25.42 -9.73 12.47
N ARG E 498 26.29 -8.80 12.87
CA ARG E 498 26.63 -8.59 14.28
C ARG E 498 27.13 -9.89 14.90
N GLY E 499 28.00 -10.59 14.18
CA GLY E 499 28.64 -11.77 14.71
C GLY E 499 27.69 -12.93 14.91
N SER E 500 28.14 -13.88 15.71
CA SER E 500 27.40 -15.08 16.08
C SER E 500 27.06 -15.85 14.80
N THR E 501 25.93 -16.57 14.81
CA THR E 501 25.59 -17.49 13.73
C THR E 501 24.07 -17.63 13.70
N ASN E 502 23.54 -17.98 12.53
CA ASN E 502 22.11 -18.24 12.37
C ASN E 502 21.92 -19.55 11.62
N SER E 503 20.80 -20.21 11.90
CA SER E 503 20.50 -21.50 11.29
C SER E 503 19.90 -21.34 9.90
N ARG E 504 20.09 -22.36 9.07
CA ARG E 504 19.59 -22.38 7.71
C ARG E 504 18.99 -23.74 7.39
N PHE E 505 17.83 -23.73 6.74
CA PHE E 505 17.15 -24.94 6.28
C PHE E 505 17.06 -24.88 4.75
N THR E 506 17.60 -25.89 4.08
CA THR E 506 17.75 -25.89 2.63
C THR E 506 17.02 -27.08 2.02
N THR E 507 16.25 -26.82 0.95
CA THR E 507 15.64 -27.85 0.13
C THR E 507 16.16 -27.71 -1.30
N THR E 508 16.63 -28.82 -1.87
CA THR E 508 17.24 -28.82 -3.19
C THR E 508 16.55 -29.84 -4.08
N LEU E 509 16.17 -29.41 -5.28
CA LEU E 509 15.53 -30.27 -6.28
C LEU E 509 16.43 -30.40 -7.49
N LEU E 510 16.69 -31.63 -7.93
CA LEU E 510 17.43 -31.88 -9.15
C LEU E 510 16.45 -32.13 -10.30
N VAL E 511 16.59 -31.34 -11.37
CA VAL E 511 15.62 -31.33 -12.44
C VAL E 511 16.30 -31.49 -13.79
N LYS E 512 15.55 -31.99 -14.78
CA LYS E 512 16.00 -32.10 -16.15
C LYS E 512 14.82 -31.80 -17.09
N ARG E 513 15.15 -31.51 -18.34
CA ARG E 513 14.14 -31.21 -19.35
C ARG E 513 13.62 -32.50 -20.00
N ASN E 514 12.57 -32.35 -20.79
CA ASN E 514 12.01 -33.47 -21.56
C ASN E 514 12.80 -33.62 -22.85
N LEU E 515 13.52 -34.74 -22.98
CA LEU E 515 14.43 -34.92 -24.10
C LEU E 515 13.71 -35.30 -25.40
N GLU E 516 12.62 -36.06 -25.29
CA GLU E 516 11.90 -36.50 -26.48
C GLU E 516 11.39 -35.30 -27.29
N TYR E 517 10.91 -34.27 -26.59
CA TYR E 517 10.42 -33.08 -27.26
C TYR E 517 11.47 -32.49 -28.19
N TYR E 518 12.66 -32.21 -27.65
CA TYR E 518 13.72 -31.61 -28.46
C TYR E 518 14.19 -32.56 -29.55
N ILE E 519 14.39 -33.84 -29.22
CA ILE E 519 14.90 -34.79 -30.22
C ILE E 519 13.95 -34.85 -31.41
N LEU E 520 12.67 -35.16 -31.15
CA LEU E 520 11.72 -35.33 -32.24
C LEU E 520 11.45 -34.02 -32.97
N ARG E 521 11.47 -32.89 -32.26
CA ARG E 521 11.09 -31.63 -32.90
C ARG E 521 12.23 -31.05 -33.74
N ILE E 522 13.48 -31.28 -33.36
CA ILE E 522 14.62 -30.62 -34.00
C ILE E 522 15.49 -31.60 -34.79
N PHE E 523 15.97 -32.67 -34.13
CA PHE E 523 17.12 -33.38 -34.67
C PHE E 523 16.77 -34.26 -35.86
N VAL E 524 15.62 -34.93 -35.83
CA VAL E 524 15.22 -35.78 -36.96
C VAL E 524 15.00 -34.97 -38.24
N PRO E 525 14.22 -33.88 -38.24
CA PRO E 525 14.13 -33.08 -39.47
C PRO E 525 15.46 -32.55 -39.96
N LEU E 526 16.35 -32.16 -39.03
CA LEU E 526 17.67 -31.70 -39.43
C LEU E 526 18.46 -32.81 -40.10
N PHE E 527 18.36 -34.03 -39.58
CA PHE E 527 19.04 -35.17 -40.20
C PHE E 527 18.51 -35.41 -41.60
N LEU E 528 17.19 -35.33 -41.81
CA LEU E 528 16.65 -35.53 -43.15
C LEU E 528 17.11 -34.44 -44.11
N ILE E 529 17.16 -33.19 -43.64
CA ILE E 529 17.63 -32.10 -44.47
C ILE E 529 19.08 -32.31 -44.88
N ILE E 530 19.93 -32.74 -43.93
CA ILE E 530 21.33 -33.04 -44.25
C ILE E 530 21.42 -34.18 -45.25
N SER E 531 20.58 -35.20 -45.08
CA SER E 531 20.59 -36.33 -46.00
C SER E 531 20.22 -35.91 -47.42
N VAL E 532 19.31 -34.94 -47.56
CA VAL E 532 18.95 -34.48 -48.91
C VAL E 532 20.17 -33.90 -49.61
N SER E 533 20.95 -33.07 -48.91
CA SER E 533 22.15 -32.49 -49.50
C SER E 533 23.25 -33.53 -49.71
N TRP E 534 23.25 -34.61 -48.93
CA TRP E 534 24.24 -35.67 -49.15
C TRP E 534 23.92 -36.54 -50.36
N VAL E 535 22.64 -36.85 -50.57
CA VAL E 535 22.29 -37.87 -51.56
C VAL E 535 22.48 -37.37 -52.99
N ILE E 536 22.46 -36.06 -53.21
CA ILE E 536 22.46 -35.52 -54.57
C ILE E 536 23.77 -35.77 -55.32
N PHE E 537 24.84 -36.16 -54.62
CA PHE E 537 26.12 -36.39 -55.27
C PHE E 537 26.16 -37.68 -56.08
N PHE E 538 25.14 -38.53 -55.99
CA PHE E 538 25.07 -39.69 -56.87
C PHE E 538 24.72 -39.29 -58.29
N LEU E 539 24.07 -38.15 -58.48
CA LEU E 539 23.69 -37.69 -59.80
C LEU E 539 24.92 -37.34 -60.63
N LYS E 540 24.81 -37.57 -61.94
CA LYS E 540 25.86 -37.20 -62.89
C LYS E 540 25.48 -36.01 -63.75
N ASP E 541 24.26 -35.49 -63.61
CA ASP E 541 23.85 -34.24 -64.25
C ASP E 541 24.06 -33.12 -63.24
N TYR E 542 25.15 -32.36 -63.40
CA TYR E 542 25.56 -31.43 -62.36
C TYR E 542 24.68 -30.18 -62.29
N GLY E 543 23.93 -29.87 -63.34
CA GLY E 543 22.96 -28.78 -63.24
C GLY E 543 21.84 -29.08 -62.27
N ARG E 544 21.29 -30.30 -62.34
CA ARG E 544 20.27 -30.71 -61.38
C ARG E 544 20.81 -30.71 -59.97
N GLN E 545 22.05 -31.19 -59.79
CA GLN E 545 22.66 -31.20 -58.47
C GLN E 545 22.80 -29.79 -57.92
N LEU E 546 23.25 -28.85 -58.77
CA LEU E 546 23.40 -27.47 -58.34
C LEU E 546 22.06 -26.86 -57.95
N GLU E 547 21.02 -27.09 -58.75
CA GLU E 547 19.71 -26.54 -58.45
C GLU E 547 19.15 -27.10 -57.14
N VAL E 548 19.29 -28.41 -56.94
CA VAL E 548 18.76 -29.03 -55.73
C VAL E 548 19.53 -28.55 -54.49
N ALA E 549 20.84 -28.38 -54.62
CA ALA E 549 21.62 -27.84 -53.50
C ALA E 549 21.18 -26.43 -53.16
N SER E 550 20.97 -25.59 -54.18
CA SER E 550 20.52 -24.23 -53.93
C SER E 550 19.16 -24.21 -53.24
N GLY E 551 18.25 -25.09 -53.66
CA GLY E 551 16.96 -25.16 -52.99
C GLY E 551 17.06 -25.67 -51.56
N ASN E 552 17.93 -26.65 -51.32
CA ASN E 552 18.05 -27.23 -49.99
C ASN E 552 18.65 -26.25 -49.00
N LEU E 553 19.54 -25.36 -49.45
CA LEU E 553 20.05 -24.33 -48.55
C LEU E 553 18.93 -23.41 -48.06
N LEU E 554 18.04 -23.00 -48.97
CA LEU E 554 16.91 -22.17 -48.58
C LEU E 554 15.97 -22.92 -47.64
N VAL E 555 15.75 -24.22 -47.92
CA VAL E 555 14.92 -25.03 -47.02
C VAL E 555 15.54 -25.08 -45.62
N PHE E 556 16.86 -25.23 -45.55
CA PHE E 556 17.55 -25.25 -44.26
C PHE E 556 17.34 -23.95 -43.51
N VAL E 557 17.50 -22.82 -44.19
CA VAL E 557 17.31 -21.52 -43.52
C VAL E 557 15.88 -21.36 -43.04
N ALA E 558 14.91 -21.79 -43.85
CA ALA E 558 13.51 -21.70 -43.45
C ALA E 558 13.23 -22.53 -42.22
N PHE E 559 13.75 -23.77 -42.17
CA PHE E 559 13.56 -24.58 -40.98
C PHE E 559 14.22 -23.96 -39.76
N ASN E 560 15.42 -23.41 -39.95
CA ASN E 560 16.12 -22.78 -38.83
C ASN E 560 15.30 -21.66 -38.21
N PHE E 561 14.76 -20.78 -39.05
CA PHE E 561 13.97 -19.69 -38.47
C PHE E 561 12.60 -20.19 -37.98
N THR E 562 12.13 -21.33 -38.49
CA THR E 562 10.91 -21.91 -37.96
C THR E 562 11.10 -22.44 -36.54
N ILE E 563 12.27 -22.98 -36.24
CA ILE E 563 12.56 -23.49 -34.89
C ILE E 563 13.22 -22.42 -34.03
N SER E 564 13.45 -21.22 -34.58
CA SER E 564 14.01 -20.12 -33.80
C SER E 564 13.27 -19.88 -32.48
N GLY E 565 12.02 -20.32 -32.37
CA GLY E 565 11.26 -20.14 -31.14
C GLY E 565 11.80 -20.95 -29.97
N ASP E 566 12.38 -22.11 -30.23
CA ASP E 566 13.00 -22.93 -29.19
C ASP E 566 14.49 -22.64 -29.03
N LEU E 567 14.93 -21.44 -29.38
CA LEU E 567 16.34 -21.07 -29.34
C LEU E 567 16.49 -19.86 -28.44
N PRO E 568 16.77 -20.08 -27.15
CA PRO E 568 16.88 -18.96 -26.21
C PRO E 568 18.02 -18.02 -26.57
N ARG E 569 17.80 -16.73 -26.37
CA ARG E 569 18.78 -15.70 -26.64
C ARG E 569 19.44 -15.31 -25.33
N LEU E 570 20.62 -15.88 -25.07
CA LEU E 570 21.32 -15.67 -23.81
C LEU E 570 22.56 -14.81 -23.93
N GLY E 571 23.06 -14.57 -25.14
CA GLY E 571 24.29 -13.84 -25.33
C GLY E 571 25.54 -14.69 -25.39
N TYR E 572 25.41 -16.01 -25.34
CA TYR E 572 26.55 -16.91 -25.45
C TYR E 572 26.09 -18.21 -26.08
N LEU E 573 27.04 -18.97 -26.62
CA LEU E 573 26.73 -20.13 -27.45
C LEU E 573 26.41 -21.36 -26.62
N THR E 574 25.39 -22.11 -27.05
CA THR E 574 25.09 -23.43 -26.53
C THR E 574 25.49 -24.50 -27.53
N VAL E 575 25.21 -25.76 -27.19
CA VAL E 575 25.52 -26.88 -28.08
C VAL E 575 24.70 -26.79 -29.35
N LEU E 576 23.41 -26.50 -29.21
CA LEU E 576 22.51 -26.48 -30.36
C LEU E 576 22.91 -25.41 -31.37
N ASP E 577 23.32 -24.23 -30.90
CA ASP E 577 23.76 -23.17 -31.80
C ASP E 577 24.98 -23.60 -32.59
N ARG E 578 25.95 -24.23 -31.92
CA ARG E 578 27.15 -24.71 -32.61
C ARG E 578 26.80 -25.73 -33.68
N PHE E 579 25.90 -26.66 -33.36
CA PHE E 579 25.51 -27.66 -34.36
C PHE E 579 24.82 -27.02 -35.56
N MET E 580 23.93 -26.05 -35.29
CA MET E 580 23.26 -25.36 -36.40
C MET E 580 24.26 -24.63 -37.29
N ILE E 581 25.24 -23.94 -36.69
CA ILE E 581 26.23 -23.23 -37.48
C ILE E 581 27.05 -24.18 -38.34
N VAL E 582 27.49 -25.31 -37.76
CA VAL E 582 28.27 -26.27 -38.54
C VAL E 582 27.45 -26.83 -39.70
N SER E 583 26.19 -27.17 -39.44
CA SER E 583 25.34 -27.71 -40.49
C SER E 583 25.12 -26.71 -41.62
N PHE E 584 24.88 -25.44 -41.27
CA PHE E 584 24.71 -24.42 -42.30
C PHE E 584 25.98 -24.27 -43.14
N CYS E 585 27.14 -24.25 -42.48
CA CYS E 585 28.39 -24.09 -43.21
C CYS E 585 28.60 -25.23 -44.20
N LEU E 586 28.35 -26.46 -43.76
CA LEU E 586 28.51 -27.60 -44.66
C LEU E 586 27.51 -27.54 -45.82
N THR E 587 26.27 -27.12 -45.54
CA THR E 587 25.28 -27.01 -46.59
C THR E 587 25.70 -25.99 -47.65
N ALA E 588 26.29 -24.87 -47.25
CA ALA E 588 26.78 -23.89 -48.22
C ALA E 588 27.99 -24.41 -49.00
N ILE E 589 28.88 -25.13 -48.32
CA ILE E 589 30.04 -25.70 -49.00
C ILE E 589 29.59 -26.69 -50.07
N VAL E 590 28.47 -27.37 -49.85
CA VAL E 590 27.93 -28.26 -50.87
C VAL E 590 27.62 -27.49 -52.16
N VAL E 591 27.01 -26.32 -52.03
CA VAL E 591 26.69 -25.50 -53.21
C VAL E 591 27.97 -25.05 -53.92
N LEU E 592 28.98 -24.63 -53.14
CA LEU E 592 30.24 -24.24 -53.76
C LEU E 592 30.86 -25.37 -54.56
N ILE E 593 30.89 -26.57 -53.97
CA ILE E 593 31.46 -27.73 -54.67
C ILE E 593 30.65 -28.07 -55.91
N SER E 594 29.33 -27.91 -55.84
CA SER E 594 28.49 -28.18 -57.00
C SER E 594 28.82 -27.22 -58.15
N VAL E 595 29.04 -25.94 -57.83
CA VAL E 595 29.41 -24.98 -58.88
C VAL E 595 30.75 -25.38 -59.50
N CYS E 596 31.72 -25.76 -58.67
CA CYS E 596 33.01 -26.17 -59.20
C CYS E 596 32.89 -27.38 -60.11
N GLN E 597 32.08 -28.37 -59.70
CA GLN E 597 31.89 -29.57 -60.51
C GLN E 597 31.19 -29.24 -61.83
N LYS E 598 30.22 -28.33 -61.80
CA LYS E 598 29.56 -27.92 -63.02
C LYS E 598 30.55 -27.29 -64.00
N ARG E 599 31.44 -26.44 -63.49
CA ARG E 599 32.46 -25.84 -64.37
C ARG E 599 33.39 -26.91 -64.92
N LEU E 600 33.83 -27.85 -64.08
CA LEU E 600 34.73 -28.91 -64.54
C LEU E 600 34.08 -29.74 -65.63
N GLY E 601 32.80 -30.07 -65.47
CA GLY E 601 32.09 -30.78 -66.52
C GLY E 601 31.96 -29.97 -67.79
N ALA E 602 31.78 -28.65 -67.65
CA ALA E 602 31.72 -27.79 -68.83
C ALA E 602 33.02 -27.80 -69.61
N VAL E 603 34.17 -27.78 -68.93
CA VAL E 603 35.46 -27.75 -69.62
C VAL E 603 35.88 -29.11 -70.15
N GLY E 604 35.18 -30.18 -69.80
CA GLY E 604 35.49 -31.49 -70.34
C GLY E 604 36.38 -32.36 -69.48
N LYS E 605 36.28 -32.24 -68.16
CA LYS E 605 37.07 -33.02 -67.22
C LYS E 605 36.17 -33.85 -66.30
N GLN E 606 35.21 -34.58 -66.88
CA GLN E 606 34.19 -35.27 -66.10
C GLN E 606 34.77 -36.28 -65.12
N ALA E 607 35.95 -36.84 -65.43
CA ALA E 607 36.57 -37.81 -64.53
C ALA E 607 36.91 -37.19 -63.18
N VAL E 608 37.44 -35.96 -63.19
CA VAL E 608 37.75 -35.28 -61.93
C VAL E 608 36.48 -35.01 -61.15
N ALA E 609 35.39 -34.67 -61.84
CA ALA E 609 34.12 -34.44 -61.17
C ALA E 609 33.60 -35.71 -60.51
N ALA E 610 33.73 -36.85 -61.19
CA ALA E 610 33.33 -38.12 -60.58
C ALA E 610 34.18 -38.46 -59.36
N GLN E 611 35.49 -38.22 -59.45
CA GLN E 611 36.36 -38.46 -58.30
C GLN E 611 35.98 -37.57 -57.12
N ILE E 612 35.64 -36.29 -57.39
CA ILE E 612 35.19 -35.39 -56.33
C ILE E 612 33.90 -35.90 -55.71
N ASP E 613 32.99 -36.42 -56.54
CA ASP E 613 31.74 -36.97 -56.02
C ASP E 613 32.01 -38.12 -55.04
N THR E 614 32.88 -39.05 -55.44
CA THR E 614 33.21 -40.16 -54.55
C THR E 614 33.84 -39.66 -53.25
N TRP E 615 34.76 -38.71 -53.35
CA TRP E 615 35.41 -38.17 -52.16
C TRP E 615 34.40 -37.54 -51.21
N VAL E 616 33.49 -36.73 -51.73
CA VAL E 616 32.50 -36.07 -50.89
C VAL E 616 31.59 -37.10 -50.22
N LEU E 617 31.11 -38.07 -51.00
CA LEU E 617 30.22 -39.10 -50.44
C LEU E 617 30.90 -39.87 -49.33
N VAL E 618 32.22 -40.11 -49.43
CA VAL E 618 32.90 -40.80 -48.35
C VAL E 618 33.13 -39.88 -47.15
N ILE E 619 33.48 -38.61 -47.41
CA ILE E 619 34.04 -37.76 -46.35
C ILE E 619 32.95 -37.19 -45.46
N TYR E 620 31.90 -36.60 -46.04
CA TYR E 620 30.89 -35.88 -45.23
C TYR E 620 30.33 -36.55 -43.95
N PRO E 621 29.86 -37.80 -44.02
CA PRO E 621 29.41 -38.43 -42.77
C PRO E 621 30.52 -38.60 -41.75
N LEU E 622 31.74 -38.83 -42.20
CA LEU E 622 32.87 -38.92 -41.27
C LEU E 622 33.08 -37.60 -40.54
N VAL E 623 32.97 -36.49 -41.26
CA VAL E 623 33.13 -35.17 -40.64
C VAL E 623 32.04 -34.95 -39.60
N TYR E 624 30.79 -35.29 -39.94
CA TYR E 624 29.70 -35.12 -38.98
C TYR E 624 29.93 -35.97 -37.73
N SER E 625 30.31 -37.24 -37.90
CA SER E 625 30.54 -38.12 -36.76
C SER E 625 31.69 -37.61 -35.89
N LEU E 626 32.77 -37.14 -36.51
CA LEU E 626 33.89 -36.61 -35.75
C LEU E 626 33.49 -35.37 -34.96
N TYR E 627 32.69 -34.48 -35.56
CA TYR E 627 32.24 -33.31 -34.83
C TYR E 627 31.38 -33.70 -33.64
N ILE E 628 30.50 -34.70 -33.81
CA ILE E 628 29.68 -35.14 -32.68
C ILE E 628 30.54 -35.71 -31.55
N ILE E 629 31.55 -36.51 -31.92
CA ILE E 629 32.45 -37.08 -30.91
C ILE E 629 33.20 -35.96 -30.17
N TRP E 630 33.68 -34.97 -30.92
CA TRP E 630 34.42 -33.87 -30.30
C TRP E 630 33.53 -33.11 -29.33
N VAL E 631 32.28 -32.83 -29.73
CA VAL E 631 31.36 -32.10 -28.86
C VAL E 631 31.10 -32.90 -27.59
N TYR E 632 30.89 -34.21 -27.73
CA TYR E 632 30.66 -35.05 -26.54
C TYR E 632 31.87 -35.01 -25.61
N LEU E 633 33.07 -35.09 -26.18
CA LEU E 633 34.27 -35.06 -25.33
C LEU E 633 34.43 -33.73 -24.62
N ARG E 634 34.17 -32.62 -25.31
CA ARG E 634 34.47 -31.32 -24.74
C ARG E 634 33.36 -30.75 -23.86
N PHE E 635 32.14 -31.29 -23.91
CA PHE E 635 31.06 -30.73 -23.12
C PHE E 635 30.46 -31.67 -22.09
N PHE E 636 30.70 -32.98 -22.16
CA PHE E 636 30.01 -33.93 -21.30
C PHE E 636 30.94 -34.89 -20.58
N THR E 637 32.23 -34.59 -20.50
CA THR E 637 33.17 -35.42 -19.75
C THR E 637 34.44 -34.65 -19.42
CA CA F . 30.92 1.71 39.64
C1 OCT G . 36.80 -17.79 -38.26
C2 OCT G . 37.21 -17.95 -36.76
C3 OCT G . 36.54 -16.90 -35.84
C4 OCT G . 36.88 -17.08 -34.33
C5 OCT G . 36.24 -16.00 -33.42
C6 OCT G . 36.69 -16.04 -31.93
C7 OCT G . 36.69 -14.65 -31.24
C8 OCT G . 36.89 -14.69 -29.71
C1 D12 H . 37.68 -7.24 -31.93
C2 D12 H . 36.76 -7.33 -33.17
C3 D12 H . 37.22 -8.42 -34.17
C4 D12 H . 36.28 -8.56 -35.39
C5 D12 H . 36.64 -9.76 -36.30
C6 D12 H . 35.57 -10.12 -37.36
C7 D12 H . 35.85 -11.47 -38.02
C8 D12 H . 34.94 -11.84 -39.23
C9 D12 H . 35.20 -13.29 -39.71
C10 D12 H . 34.80 -13.58 -41.17
C11 D12 H . 35.37 -14.94 -41.67
C12 D12 H . 34.91 -15.29 -43.10
C1 D12 I . 31.13 -4.27 -39.31
C2 D12 I . 32.65 -4.21 -39.57
C3 D12 I . 33.42 -3.38 -38.52
C4 D12 I . 34.96 -3.42 -38.71
C5 D12 I . 35.74 -2.62 -37.64
C6 D12 I . 35.92 -3.35 -36.28
C7 D12 I . 36.62 -2.45 -35.22
C8 D12 I . 36.71 -3.10 -33.81
C9 D12 I . 37.43 -2.19 -32.78
C10 D12 I . 37.54 -2.78 -31.36
C11 D12 I . 38.14 -1.78 -30.33
C12 D12 I . 38.31 -2.36 -28.91
C1 D10 J . 38.94 -9.67 -49.29
C2 D10 J . 37.42 -9.45 -49.40
C3 D10 J . 36.70 -9.60 -48.03
C4 D10 J . 35.15 -9.65 -48.13
C5 D10 J . 34.46 -9.60 -46.74
C6 D10 J . 32.92 -9.48 -46.79
C7 D10 J . 32.30 -9.04 -45.43
C8 D10 J . 32.26 -10.12 -44.32
C9 D10 J . 31.89 -9.54 -42.93
C10 D10 J . 31.62 -10.61 -41.85
C01 C14 K . 39.96 -12.67 -61.88
C02 C14 K . 40.31 -13.34 -60.54
C03 C14 K . 40.30 -12.34 -59.35
C04 C14 K . 40.60 -13.06 -58.01
C05 C14 K . 40.56 -12.16 -56.74
C06 C14 K . 40.62 -13.02 -55.44
C07 C14 K . 40.43 -12.23 -54.11
C08 C14 K . 39.76 -13.09 -52.98
C09 C14 K . 38.21 -13.12 -53.06
C10 C14 K . 37.54 -14.27 -52.26
C11 C14 K . 35.98 -14.16 -52.20
C12 C14 K . 35.45 -13.24 -51.08
C13 C14 K . 34.00 -12.73 -51.26
C14 C14 K . 33.89 -11.49 -52.16
CA CA L . 22.27 7.36 -23.68
C1 OCT M . 27.07 0.46 -52.85
C2 OCT M . 25.64 0.87 -52.40
C3 OCT M . 25.58 1.30 -50.92
C4 OCT M . 24.22 1.92 -50.51
C5 OCT M . 24.03 2.11 -48.98
C6 OCT M . 25.08 3.04 -48.29
C7 OCT M . 24.93 3.03 -46.74
C8 OCT M . 26.02 3.87 -46.03
O1 PX6 N . 19.35 -3.88 -76.00
O2 PX6 N . 21.76 -3.38 -76.67
P1 PX6 N . 20.45 -2.85 -76.10
O3 PX6 N . 20.01 -1.52 -76.67
O4 PX6 N . 20.81 -2.49 -74.58
C1 PX6 N . 21.88 -3.16 -73.90
C2 PX6 N . 21.97 -2.61 -72.47
C3 PX6 N . 20.59 -2.70 -71.83
O5 PX6 N . 20.58 -3.18 -70.50
C4 PX6 N . 20.52 -2.29 -69.37
O6 PX6 N . 20.51 -2.80 -68.27
C5 PX6 N . 20.50 -0.79 -69.52
C6 PX6 N . 21.29 -0.13 -68.40
C7 PX6 N . 20.38 0.51 -67.36
C8 PX6 N . 20.61 -0.06 -65.96
C9 PX6 N . 20.05 0.88 -64.89
C10 PX6 N . 20.00 0.24 -63.50
C11 PX6 N . 18.77 0.64 -62.70
C12 PX6 N . 18.97 1.85 -61.81
C13 PX6 N . 19.44 1.47 -60.41
C14 PX6 N . 20.87 1.94 -60.22
C15 PX6 N . 21.35 1.80 -58.78
C16 PX6 N . 22.68 1.07 -58.67
C17 PX6 N . 23.81 1.87 -59.31
C18 PX6 N . 24.73 2.45 -58.24
O7 PX6 N . 22.99 -3.34 -71.79
C20 PX6 N . 24.26 -2.63 -71.86
O8 PX6 N . 25.14 -3.11 -72.54
C21 PX6 N . 24.52 -1.35 -71.12
C22 PX6 N . 25.96 -1.35 -70.57
C23 PX6 N . 25.99 -1.04 -69.08
C24 PX6 N . 27.22 -1.60 -68.38
C25 PX6 N . 26.92 -2.07 -66.96
C26 PX6 N . 28.08 -2.89 -66.38
C27 PX6 N . 28.90 -2.08 -65.39
C28 PX6 N . 30.12 -2.84 -64.88
C29 PX6 N . 30.82 -2.02 -63.82
C30 PX6 N . 31.57 -2.87 -62.80
C31 PX6 N . 30.67 -3.19 -61.62
C32 PX6 N . 30.45 -1.99 -60.72
C33 PX6 N . 30.44 -2.41 -59.25
C34 PX6 N . 29.60 -1.45 -58.42
C35 PX6 N . 29.66 -1.79 -56.95
CA CA O . 15.87 41.50 21.79
C1 OCT P . 21.43 7.99 -51.20
C2 OCT P . 21.99 8.84 -50.04
C3 OCT P . 20.96 9.06 -48.89
C4 OCT P . 21.53 9.88 -47.70
C5 OCT P . 20.49 10.13 -46.57
C6 OCT P . 20.96 11.08 -45.43
C7 OCT P . 19.80 11.89 -44.79
C8 OCT P . 20.19 12.64 -43.50
C1 D12 Q . 13.21 15.36 -45.72
C2 D12 Q . 12.74 14.07 -46.44
C3 D12 Q . 13.72 13.63 -47.55
C4 D12 Q . 13.29 12.31 -48.24
C5 D12 Q . 14.35 11.78 -49.24
C6 D12 Q . 14.10 10.32 -49.73
C7 D12 Q . 15.34 9.77 -50.48
C8 D12 Q . 15.13 8.40 -51.17
C9 D12 Q . 16.46 7.85 -51.75
C10 D12 Q . 16.33 6.82 -52.89
C11 D12 Q . 17.67 6.56 -53.61
C12 D12 Q . 17.59 5.47 -54.70
C1 D12 R . 6.83 8.18 -49.46
C2 D12 R . 7.26 9.35 -50.37
C3 D12 R . 6.97 10.74 -49.73
C4 D12 R . 7.49 11.92 -50.57
C5 D12 R . 7.23 13.32 -49.94
C6 D12 R . 8.22 13.70 -48.81
C7 D12 R . 7.84 15.05 -48.14
C8 D12 R . 8.71 15.44 -46.93
C9 D12 R . 8.32 16.80 -46.29
C10 D12 R . 9.16 17.22 -45.07
C11 D12 R . 8.64 18.52 -44.39
C12 D12 R . 9.50 18.99 -43.19
C1 D10 S . 12.67 8.61 -61.93
C2 D10 S . 11.92 7.37 -61.37
C3 D10 S . 12.06 7.26 -59.83
C4 D10 S . 11.55 5.91 -59.24
C5 D10 S . 11.52 5.91 -57.68
C6 D10 S . 10.86 4.66 -57.06
C7 D10 S . 10.49 4.85 -55.56
C8 D10 S . 11.68 4.83 -54.55
C9 D10 S . 11.27 5.30 -53.13
C10 D10 S . 12.36 5.09 -52.06
C01 C14 T . 13.45 3.28 -73.76
C02 C14 T . 14.43 3.84 -72.72
C03 C14 T . 13.74 4.70 -71.62
C04 C14 T . 14.74 5.21 -70.56
C05 C14 T . 14.14 6.02 -69.39
C06 C14 T . 15.19 6.24 -68.25
C07 C14 T . 14.65 6.92 -66.96
C08 C14 T . 15.41 6.48 -65.67
C09 C14 T . 14.89 5.14 -65.06
C10 C14 T . 15.86 4.45 -64.07
C11 C14 T . 15.22 3.22 -63.34
C12 C14 T . 14.41 3.59 -62.08
C13 C14 T . 13.40 2.51 -61.60
C14 C14 T . 12.06 2.56 -62.35
CA CA U . -4.01 11.69 -31.06
C1 OCT V . -1.83 1.03 -59.40
C2 OCT V . -2.58 0.20 -58.34
C3 OCT V . -2.71 0.92 -56.98
C4 OCT V . -3.66 0.21 -55.97
C5 OCT V . -3.60 0.77 -54.52
C6 OCT V . -3.97 2.27 -54.37
C7 OCT V . -3.70 2.77 -52.92
C8 OCT V . -3.97 4.29 -52.75
CA CA W . -28.59 38.31 13.23
C1 OCT X . -10.32 0.00 -55.18
C2 OCT X . -10.69 1.26 -54.38
C3 OCT X . -11.02 0.97 -52.88
C4 OCT X . -11.34 2.24 -52.05
C5 OCT X . -11.70 1.93 -50.57
C6 OCT X . -12.19 3.17 -49.74
C7 OCT X . -13.20 2.79 -48.62
C8 OCT X . -13.50 3.94 -47.64
C1 D12 Y . -18.79 -1.67 -46.37
C2 D12 Y . -17.91 -2.85 -46.84
C3 D12 Y . -17.39 -2.68 -48.29
C4 D12 Y . -16.47 -3.83 -48.74
C5 D12 Y . -15.81 -3.56 -50.13
C6 D12 Y . -14.65 -4.54 -50.49
C7 D12 Y . -13.87 -4.04 -51.73
C8 D12 Y . -12.82 -5.03 -52.29
C9 D12 Y . -11.98 -4.38 -53.41
C10 D12 Y . -11.31 -5.36 -54.40
C11 D12 Y . -10.75 -4.64 -55.66
C12 D12 Y . -10.00 -5.59 -56.62
C1 D12 Z . -15.07 -11.27 -47.01
C2 D12 Z . -16.19 -10.82 -47.98
C3 D12 Z . -17.44 -10.26 -47.24
C4 D12 Z . -18.52 -9.71 -48.19
C5 D12 Z . -19.77 -9.13 -47.48
C6 D12 Z . -19.57 -7.70 -46.91
C7 D12 Z . -20.81 -7.21 -46.11
C8 D12 Z . -20.62 -5.84 -45.41
C9 D12 Z . -21.89 -5.39 -44.63
C10 D12 Z . -21.74 -4.02 -43.91
C11 D12 Z . -22.98 -3.66 -43.04
C12 D12 Z . -22.89 -2.29 -42.36
C1 D10 AA . -15.97 -11.38 -60.75
C2 D10 AA . -14.98 -12.24 -59.94
C3 D10 AA . -14.53 -11.55 -58.63
C4 D10 AA . -13.34 -12.25 -57.91
C5 D10 AA . -13.04 -11.65 -56.51
C6 D10 AA . -11.98 -12.42 -55.69
C7 D10 AA . -11.98 -12.04 -54.19
C8 D10 AA . -11.38 -10.65 -53.83
C9 D10 AA . -11.66 -10.22 -52.36
C10 D10 AA . -10.88 -8.97 -51.91
C01 C14 BA . -13.16 -17.64 -71.78
C02 C14 BA . -13.14 -16.19 -71.28
C03 C14 BA . -13.94 -15.98 -69.97
C04 C14 BA . -13.85 -14.52 -69.47
C05 C14 BA . -14.57 -14.22 -68.13
C06 C14 BA . -14.20 -12.80 -67.58
C07 C14 BA . -14.75 -12.46 -66.17
C08 C14 BA . -13.84 -11.47 -65.37
C09 C14 BA . -12.66 -12.18 -64.63
C10 C14 BA . -11.49 -11.24 -64.20
C11 C14 BA . -10.44 -11.94 -63.30
C12 C14 BA . -10.80 -11.97 -61.80
C13 C14 BA . -10.04 -13.02 -60.94
C14 C14 BA . -10.69 -14.42 -61.00
O1 PX6 CA . -5.03 -16.48 -76.64
O2 PX6 CA . -4.79 -14.57 -78.31
P1 PX6 CA . -5.61 -15.21 -77.20
O3 PX6 CA . -7.10 -15.29 -77.48
O4 PX6 CA . -5.53 -14.15 -76.00
C1 PX6 CA . -4.42 -13.26 -75.89
C2 PX6 CA . -4.60 -12.38 -74.65
C3 PX6 CA . -4.86 -13.31 -73.44
O5 PX6 CA . -4.15 -12.96 -72.27
C4 PX6 CA . -4.77 -12.19 -71.21
O6 PX6 CA . -4.08 -11.95 -70.25
C5 PX6 CA . -6.19 -11.69 -71.30
C6 PX6 CA . -6.31 -10.31 -70.65
C7 PX6 CA . -7.01 -10.38 -69.29
C8 PX6 CA . -6.12 -9.86 -68.16
C9 PX6 CA . -6.97 -9.51 -66.93
C10 PX6 CA . -6.11 -9.22 -65.70
C11 PX6 CA . -6.74 -9.76 -64.41
C12 PX6 CA . -7.61 -8.77 -63.68
C13 PX6 CA . -6.82 -7.95 -62.65
C14 PX6 CA . -6.73 -6.51 -63.12
C15 PX6 CA . -6.17 -5.58 -62.06
C16 PX6 CA . -5.02 -4.73 -62.58
C17 PX6 CA . -5.49 -3.74 -63.64
C18 PX6 CA . -5.51 -2.32 -63.08
O7 PX6 CA . -3.45 -11.55 -74.52
C20 PX6 CA . -3.69 -10.26 -75.14
O8 PX6 CA . -3.09 -9.99 -76.16
C21 PX6 CA . -4.64 -9.23 -74.57
C22 PX6 CA . -4.05 -7.83 -74.73
C23 PX6 CA . -4.02 -7.07 -73.41
C24 PX6 CA . -2.95 -5.98 -73.36
C25 PX6 CA . -2.34 -5.83 -71.97
C26 PX6 CA . -1.08 -4.96 -72.00
C27 PX6 CA . -1.36 -3.56 -71.46
C28 PX6 CA . -0.14 -2.64 -71.58
C29 PX6 CA . -0.45 -1.31 -70.94
C30 PX6 CA . 0.78 -0.62 -70.39
C31 PX6 CA . 1.01 -1.00 -68.94
C32 PX6 CA . 0.02 -0.34 -68.00
C33 PX6 CA . 0.68 0.09 -66.70
C34 PX6 CA . -0.32 0.11 -65.56
C35 PX6 CA . 0.31 0.62 -64.28
CA CA DA . -18.32 -11.33 -25.60
C1 OCT EA . -13.39 -25.28 -52.11
C2 OCT EA . -12.67 -25.79 -50.86
C3 OCT EA . -13.12 -25.07 -49.56
C4 OCT EA . -12.58 -25.71 -48.26
C5 OCT EA . -12.78 -24.86 -46.98
C6 OCT EA . -14.26 -24.51 -46.63
C7 OCT EA . -14.35 -23.49 -45.45
C8 OCT EA . -15.79 -23.05 -45.14
CA CA FA . -42.31 -3.11 25.69
C1 OCT GA . -14.47 -30.97 -44.52
C2 OCT GA . -15.60 -30.45 -43.61
C3 OCT GA . -15.14 -30.21 -42.14
C4 OCT GA . -16.25 -29.65 -41.22
C5 OCT GA . -15.80 -29.45 -39.75
C6 OCT GA . -16.93 -29.04 -38.76
C7 OCT GA . -16.70 -29.57 -37.31
C8 OCT GA . -17.67 -28.97 -36.26
C1 D12 HA . -14.03 -35.00 -32.89
C2 D12 HA . -12.75 -34.92 -33.72
C3 D12 HA . -13.02 -35.03 -35.25
C4 D12 HA . -11.74 -34.89 -36.11
C5 D12 HA . -12.04 -34.81 -37.63
C6 D12 HA . -10.82 -34.39 -38.50
C7 D12 HA . -11.26 -34.06 -39.95
C8 D12 HA . -10.11 -33.80 -40.95
C9 D12 HA . -10.65 -33.32 -42.32
C10 D12 HA . -9.71 -33.55 -43.53
C11 D12 HA . -10.44 -33.33 -44.88
C12 D12 HA . -9.50 -33.47 -46.10
C1 D12 IA . -4.07 -35.94 -35.38
C2 D12 IA . -5.06 -37.07 -35.72
C3 D12 IA . -5.84 -37.59 -34.49
C4 D12 IA . -6.91 -38.65 -34.84
C5 D12 IA . -7.72 -39.17 -33.62
C6 D12 IA . -8.86 -38.21 -33.17
C7 D12 IA . -9.57 -38.72 -31.87
C8 D12 IA . -10.62 -37.74 -31.30
C9 D12 IA . -11.32 -38.29 -30.03
C10 D12 IA . -12.38 -37.34 -29.41
C11 D12 IA . -12.95 -37.87 -28.07
C12 D12 IA . -14.05 -36.97 -27.45
C1 D10 JA . -7.01 -42.34 -47.22
C2 D10 JA . -5.71 -41.52 -46.97
C3 D10 JA . -5.94 -40.35 -45.99
C4 D10 JA . -4.75 -39.35 -45.91
C5 D10 JA . -4.93 -38.30 -44.78
C6 D10 JA . -3.70 -37.39 -44.55
C7 D10 JA . -3.75 -36.62 -43.20
C8 D10 JA . -4.75 -35.43 -43.12
C9 D10 JA . -4.95 -34.90 -41.67
C10 D10 JA . -5.76 -33.58 -41.59
C01 C14 KA . -2.48 -46.98 -58.48
C02 C14 KA . -3.71 -46.19 -58.00
C03 C14 KA . -3.91 -46.23 -56.46
C04 C14 KA . -5.13 -45.38 -56.02
C05 C14 KA . -5.38 -45.31 -54.50
C06 C14 KA . -6.44 -44.23 -54.14
C07 C14 KA . -6.68 -43.98 -52.63
C08 C14 KA . -7.12 -42.50 -52.31
C09 C14 KA . -5.93 -41.51 -52.20
C10 C14 KA . -6.31 -40.01 -52.33
C11 C14 KA . -5.13 -39.03 -52.02
C12 C14 KA . -4.93 -38.73 -50.51
C13 C14 KA . -3.53 -38.18 -50.12
C14 C14 KA . -2.48 -39.27 -49.92
O1 PX6 LA . -1.77 -41.80 -66.47
O2 PX6 LA . -3.78 -41.55 -68.01
P1 PX6 LA . -3.25 -42.02 -66.67
O3 PX6 LA . -3.73 -43.38 -66.25
O4 PX6 LA . -3.95 -41.04 -65.61
C1 PX6 LA . -4.38 -39.73 -66.00
C2 PX6 LA . -5.00 -39.04 -64.79
C3 PX6 LA . -4.01 -39.12 -63.62
O5 PX6 LA . -3.86 -37.92 -62.89
C4 PX6 LA . -4.56 -37.69 -61.65
O6 PX6 LA . -4.37 -36.64 -61.09
C5 PX6 LA . -5.52 -38.70 -61.07
C6 PX6 LA . -6.70 -38.00 -60.40
C7 PX6 LA . -6.59 -38.05 -58.87
C8 PX6 LA . -6.55 -36.66 -58.25
C9 PX6 LA . -6.91 -36.71 -56.76
C10 PX6 LA . -6.64 -35.39 -56.04
C11 PX6 LA . -6.10 -35.58 -54.63
C12 PX6 LA . -7.18 -35.62 -53.56
C13 PX6 LA . -7.45 -34.23 -52.98
C14 PX6 LA . -8.84 -33.78 -53.40
C15 PX6 LA . -9.30 -32.52 -52.68
C16 PX6 LA . -9.80 -31.46 -53.65
C17 PX6 LA . -11.08 -31.90 -54.35
C18 PX6 LA . -12.28 -31.12 -53.81
O7 PX6 LA . -5.35 -37.71 -65.17
C20 PX6 LA . -6.76 -37.66 -65.58
O8 PX6 LA . -7.00 -37.47 -66.75
C21 PX6 LA . -7.90 -37.80 -64.61
C22 PX6 LA . -9.04 -36.84 -64.99
C23 PX6 LA . -9.46 -35.98 -63.80
C24 PX6 LA . -10.09 -34.65 -64.22
C25 PX6 LA . -9.74 -33.52 -63.25
C26 PX6 LA . -10.12 -32.16 -63.83
C27 PX6 LA . -11.40 -31.62 -63.20
C28 PX6 LA . -11.86 -30.30 -63.82
C29 PX6 LA . -13.07 -29.78 -63.08
C30 PX6 LA . -13.18 -28.26 -63.13
C31 PX6 LA . -12.46 -27.64 -61.96
C32 PX6 LA . -13.21 -27.82 -60.65
C33 PX6 LA . -13.13 -26.56 -59.78
C34 PX6 LA . -13.25 -26.92 -58.30
C35 PX6 LA . -13.27 -25.68 -57.45
CA CA MA . -0.87 -29.89 -14.84
C1 OCT NA . 8.37 -42.10 -41.06
C2 OCT NA . 9.33 -41.18 -40.27
C3 OCT NA . 8.77 -40.73 -38.90
C4 OCT NA . 9.81 -40.01 -38.00
C5 OCT NA . 9.21 -39.32 -36.75
C6 OCT NA . 8.46 -40.25 -35.76
C7 OCT NA . 7.73 -39.46 -34.64
C8 OCT NA . 6.89 -40.36 -33.70
CA CA OA . 24.60 -18.36 -13.56
C1 OCT PA . 33.24 -25.95 -41.67
C2 OCT PA . 32.87 -24.48 -41.36
C3 OCT PA . 32.57 -24.23 -39.86
C4 OCT PA . 32.43 -22.73 -39.51
C5 OCT PA . 31.87 -22.45 -38.08
C6 OCT PA . 32.70 -23.04 -36.90
C7 OCT PA . 31.97 -22.89 -35.54
C8 OCT PA . 32.73 -23.54 -34.37
O1 PX6 QA . 37.04 -20.96 -65.64
O2 PX6 QA . 38.57 -22.98 -65.59
P1 PX6 QA . 38.31 -21.56 -65.11
O3 PX6 QA . 39.52 -20.65 -65.19
O4 PX6 QA . 38.08 -21.72 -63.54
C1 PX6 QA . 37.59 -22.95 -62.99
C2 PX6 QA . 37.46 -22.80 -61.48
C3 PX6 QA . 36.62 -21.55 -61.19
O5 PX6 QA . 35.64 -21.72 -60.18
C4 PX6 QA . 35.87 -21.29 -58.82
O6 PX6 QA . 34.96 -21.47 -58.04
C5 PX6 QA . 37.17 -20.69 -58.37
C6 PX6 QA . 37.51 -21.14 -56.96
C7 PX6 QA . 37.27 -20.03 -55.93
C8 PX6 QA . 36.27 -20.44 -54.87
C9 PX6 QA . 36.38 -19.54 -53.63
C10 PX6 QA . 35.24 -19.73 -52.64
C11 PX6 QA . 34.79 -18.42 -52.00
C12 PX6 QA . 35.48 -18.12 -50.68
C13 PX6 QA . 34.71 -18.68 -49.49
C14 PX6 QA . 35.52 -19.81 -48.86
C15 PX6 QA . 34.94 -20.27 -47.53
C16 PX6 QA . 34.75 -21.78 -47.47
C17 PX6 QA . 36.08 -22.52 -47.53
C18 PX6 QA . 36.42 -23.11 -46.16
O7 PX6 QA . 36.90 -24.01 -60.97
C20 PX6 QA . 37.97 -24.90 -60.51
O8 PX6 QA . 38.17 -25.92 -61.14
C21 PX6 QA . 38.80 -24.64 -59.28
C22 PX6 QA . 39.07 -25.93 -58.53
C23 PX6 QA . 38.68 -25.82 -57.06
C24 PX6 QA . 38.34 -27.17 -56.42
C25 PX6 QA . 37.22 -27.05 -55.38
C26 PX6 QA . 36.69 -28.43 -54.97
C27 PX6 QA . 37.23 -28.84 -53.61
C28 PX6 QA . 36.80 -30.27 -53.23
C29 PX6 QA . 37.26 -30.57 -51.81
C30 PX6 QA . 36.37 -31.57 -51.10
C31 PX6 QA . 35.27 -30.85 -50.34
C32 PX6 QA . 35.80 -30.16 -49.08
C33 PX6 QA . 34.81 -30.29 -47.93
C34 PX6 QA . 34.95 -29.12 -46.96
C35 PX6 QA . 34.05 -29.29 -45.76
CA CA RA . -6.35 -25.51 41.95
C1 OCT SA . 14.75 -42.10 -33.96
C2 OCT SA . 14.07 -42.45 -32.62
C3 OCT SA . 14.30 -41.38 -31.52
C4 OCT SA . 13.58 -41.71 -30.17
C5 OCT SA . 13.86 -40.66 -29.06
C6 OCT SA . 13.28 -41.02 -27.66
C7 OCT SA . 14.14 -40.44 -26.48
C8 OCT SA . 13.47 -40.59 -25.10
C1 D12 TA . 20.91 -38.55 -23.89
C2 D12 TA . 21.12 -37.80 -25.22
C3 D12 TA . 20.81 -38.69 -26.46
C4 D12 TA . 20.95 -37.93 -27.81
C5 D12 TA . 20.48 -38.77 -29.01
C6 D12 TA . 20.32 -37.96 -30.34
C7 D12 TA . 19.58 -38.79 -31.42
C8 D12 TA . 19.54 -38.14 -32.83
C9 D12 TA . 18.64 -38.96 -33.79
C10 D12 TA . 18.92 -38.76 -35.29
C11 D12 TA . 18.21 -39.83 -36.16
C12 D12 TA . 18.41 -39.61 -37.67
C1 D12 UA . 24.63 -31.72 -30.66
C2 D12 UA . 25.29 -33.12 -30.55
C3 D12 UA . 25.74 -33.46 -29.10
C4 D12 UA . 26.29 -34.89 -28.96
C5 D12 UA . 26.73 -35.26 -27.51
C6 D12 UA . 25.55 -35.65 -26.57
C7 D12 UA . 26.04 -35.90 -25.12
C8 D12 UA . 24.90 -36.16 -24.10
C9 D12 UA . 25.42 -36.43 -22.66
C10 D12 UA . 24.32 -36.68 -21.61
C11 D12 UA . 24.87 -36.81 -20.17
C12 D12 UA . 23.81 -37.12 -19.10
C1 D10 VA . 27.20 -41.47 -40.04
C2 D10 VA . 26.93 -39.99 -40.38
C3 D10 VA . 25.96 -39.32 -39.38
C4 D10 VA . 25.46 -37.91 -39.82
C5 D10 VA . 24.65 -37.19 -38.71
C6 D10 VA . 24.27 -35.72 -39.04
C7 D10 VA . 23.83 -34.92 -37.78
C8 D10 VA . 22.41 -35.25 -37.23
C9 D10 VA . 22.14 -34.61 -35.84
C10 D10 VA . 20.68 -34.72 -35.36
C01 C14 WA . 30.74 -44.15 -52.25
C02 C14 WA . 29.70 -44.66 -51.25
C03 C14 WA . 29.98 -44.22 -49.78
C04 C14 WA . 28.88 -44.71 -48.82
C05 C14 WA . 29.03 -44.27 -47.33
C06 C14 WA . 27.75 -44.58 -46.52
C07 C14 WA . 27.74 -44.05 -45.05
C08 C14 WA . 26.30 -43.70 -44.53
C09 C14 WA . 25.80 -42.29 -44.94
C10 C14 WA . 24.26 -42.08 -44.84
C11 C14 WA . 23.83 -40.59 -45.09
C12 C14 WA . 23.91 -39.70 -43.82
C13 C14 WA . 23.95 -38.17 -44.09
C14 C14 WA . 25.35 -37.64 -44.41
O1 PX6 XA . 24.64 -44.81 -59.55
O2 PX6 XA . 23.43 -47.00 -60.00
P1 PX6 XA . 24.30 -46.19 -59.06
O3 PX6 XA . 25.49 -46.96 -58.51
O4 PX6 XA . 23.37 -45.97 -57.77
C1 PX6 XA . 21.95 -45.97 -57.89
C2 PX6 XA . 21.35 -45.71 -56.51
C3 PX6 XA . 21.99 -44.45 -55.93
O5 PX6 XA . 21.07 -43.56 -55.31
C4 PX6 XA . 20.88 -43.54 -53.87
O6 PX6 XA . 20.08 -42.73 -53.44
C5 PX6 XA . 21.60 -44.48 -52.95
C6 PX6 XA . 20.69 -44.92 -51.80
C7 PX6 XA . 21.06 -44.22 -50.49
C8 PX6 XA . 19.92 -43.40 -49.92
C9 PX6 XA . 20.15 -43.10 -48.44
C10 PX6 XA . 19.17 -42.07 -47.89
C11 PX6 XA . 19.82 -41.12 -46.88
C12 PX6 XA . 19.70 -41.58 -45.43
C13 PX6 XA . 18.44 -41.03 -44.76
C14 PX6 XA . 17.47 -42.19 -44.49
C15 PX6 XA . 16.30 -41.76 -43.62
C16 PX6 XA . 14.97 -42.16 -44.22
C17 PX6 XA . 14.80 -43.67 -44.27
C18 PX6 XA . 13.80 -44.15 -43.23
O7 PX6 XA . 19.93 -45.64 -56.65
C20 PX6 XA . 19.32 -46.94 -56.39
O8 PX6 XA . 18.84 -47.55 -57.31
C21 PX6 XA . 19.26 -47.55 -55.01
C22 PX6 XA . 17.92 -48.26 -54.81
C23 PX6 XA . 17.22 -47.79 -53.53
C24 PX6 XA . 15.70 -47.96 -53.59
C25 PX6 XA . 14.98 -46.84 -52.86
C26 PX6 XA . 13.48 -46.86 -53.16
C27 PX6 XA . 12.68 -47.45 -52.00
C28 PX6 XA . 11.19 -47.57 -52.32
C29 PX6 XA . 10.44 -48.06 -51.10
C30 PX6 XA . 9.00 -47.58 -51.05
C31 PX6 XA . 8.90 -46.26 -50.31
C32 PX6 XA . 9.06 -46.42 -48.81
C33 PX6 XA . 8.12 -45.50 -48.05
C34 PX6 XA . 8.69 -45.14 -46.69
C35 PX6 XA . 7.71 -44.32 -45.88
#